data_5JXF
#
_entry.id   5JXF
#
_cell.length_a   126.051
_cell.length_b   70.689
_cell.length_c   191.598
_cell.angle_alpha   90.000
_cell.angle_beta   97.260
_cell.angle_gamma   90.000
#
_symmetry.space_group_name_H-M   'P 1 21 1'
#
loop_
_entity.id
_entity.type
_entity.pdbx_description
1 polymer 'Asp/Glu-specific dipeptidyl-peptidase'
2 non-polymer ARGININE
3 non-polymer 'ASPARTIC ACID'
4 non-polymer 'CHLORIDE ION'
5 non-polymer 'SODIUM ION'
6 water water
#
_entity_poly.entity_id   1
_entity_poly.type   'polypeptide(L)'
_entity_poly.pdbx_seq_one_letter_code
;MGGSHHHHHHGMASMTGGQQMGRDLYDDDDKDPTLQQGGMWIPSLLSGMNETEMKNLGMKISADDIYSVNHSSLKDAVPH
FNGGCTSEVISPKGLILTNHHCGFDAIQNHSSVDHDYLTNGFWAMKMEDELPNENLVVTFIVSINDVTAQILDGVASITS
ETEKQNKIQENITKVTASFAKEAWQENKVRTFFEGNQYILFVTEVFKDVRLVGAPPSLIGKFGSDTDNWVWPRHTGDFSM
FRVYANKNNHPAAYSKDNVPYIPKHFLPVSLDGVQEDDFTMVMGYPGKTQEYLPSFAVAQIVNETNPAKIEIREAALKVQ
DGFMRKDNAIKIQYASKYAGVANYWKKWIGESQGLKKSNAIGLKQNFEKDFQQKVIAAGKQNEYGNLLADFQKYYTEITP
YAVSRDYFNEVVVKNTELLSLGYKLYQLEQVFITKGEQAFNDRKENLIKSQADFFKDFNSTVDEKVFEQLVALYATKAPK
EFLPISLLNVEYKKFAPSIYSKSKLVDYANFKALLSGDAKAVLKKISLDKGYAFVKSLADNYSKNIAPRYDEINLKINAL
QRIYMKAQLELYPNSRIFPDANSTLRVTYGKVKGYSPKDAIYYNPTTYLDGAIEKYIPGDYEFDVPKKLIDLYNNKDYGQ
YGENGKLPVCFIGTNHTTGGNSGSPAVDAQGNLIGLNFDRVWEGTMSDIHYDPSICRNVMVDMRYVLFIVDKFAGAKHLI
NEMKLVHPKKK
;
_entity_poly.pdbx_strand_id   A,B,C,D
#
loop_
_chem_comp.id
_chem_comp.type
_chem_comp.name
_chem_comp.formula
CL non-polymer 'CHLORIDE ION' 'Cl -1'
NA non-polymer 'SODIUM ION' 'Na 1'
#
# COMPACT_ATOMS: atom_id res chain seq x y z
N THR A 34 15.20 -18.14 43.79
CA THR A 34 14.29 -18.78 42.85
C THR A 34 13.40 -17.78 42.14
N LEU A 35 13.83 -16.52 42.11
CA LEU A 35 13.17 -15.53 41.24
C LEU A 35 13.76 -15.73 39.85
N GLN A 36 12.89 -15.93 38.85
CA GLN A 36 13.35 -16.40 37.55
C GLN A 36 14.00 -15.29 36.71
N GLN A 37 15.22 -15.57 36.28
CA GLN A 37 16.04 -14.59 35.57
C GLN A 37 15.84 -14.72 34.07
N GLY A 38 16.09 -13.63 33.34
CA GLY A 38 15.88 -13.56 31.90
C GLY A 38 14.41 -13.34 31.53
N GLY A 39 13.95 -14.02 30.48
CA GLY A 39 12.52 -14.01 30.18
C GLY A 39 12.13 -13.72 28.73
N MET A 40 11.03 -14.34 28.29
CA MET A 40 10.52 -14.13 26.95
C MET A 40 9.00 -13.89 27.04
N TRP A 41 8.60 -12.65 26.86
CA TRP A 41 7.26 -12.20 27.26
C TRP A 41 6.27 -12.08 26.11
N ILE A 42 5.03 -12.47 26.37
CA ILE A 42 3.96 -12.29 25.41
C ILE A 42 3.70 -10.81 25.26
N PRO A 43 3.82 -10.30 24.03
CA PRO A 43 3.92 -8.86 23.82
C PRO A 43 2.65 -8.10 24.21
N SER A 44 1.52 -8.79 24.33
CA SER A 44 0.28 -8.14 24.73
C SER A 44 0.17 -8.05 26.26
N LEU A 45 1.17 -8.56 26.98
CA LEU A 45 1.08 -8.56 28.43
C LEU A 45 2.17 -7.75 29.09
N LEU A 46 2.69 -6.75 28.40
CA LEU A 46 3.87 -6.06 28.87
C LEU A 46 3.56 -5.05 29.96
N SER A 47 2.31 -4.59 30.01
CA SER A 47 1.93 -3.57 30.98
C SER A 47 2.09 -4.12 32.40
N GLY A 48 2.46 -3.26 33.34
CA GLY A 48 2.76 -3.69 34.69
C GLY A 48 4.24 -3.97 34.87
N MET A 49 4.55 -5.19 35.32
CA MET A 49 5.90 -5.56 35.71
C MET A 49 6.93 -5.31 34.61
N ASN A 50 6.68 -5.86 33.44
CA ASN A 50 7.57 -5.73 32.29
C ASN A 50 7.90 -4.30 31.89
N GLU A 51 6.87 -3.50 31.71
CA GLU A 51 7.02 -2.11 31.29
C GLU A 51 7.83 -1.28 32.30
N THR A 52 7.52 -1.43 33.58
CA THR A 52 8.33 -0.83 34.65
C THR A 52 9.80 -1.21 34.48
N GLU A 53 10.08 -2.51 34.31
CA GLU A 53 11.45 -2.96 34.13
C GLU A 53 12.13 -2.34 32.90
N MET A 54 11.38 -2.19 31.81
CA MET A 54 11.97 -1.65 30.59
C MET A 54 12.29 -0.16 30.73
N LYS A 55 11.35 0.62 31.27
CA LYS A 55 11.53 2.06 31.44
C LYS A 55 12.67 2.40 32.39
N ASN A 56 12.71 1.61 33.46
CA ASN A 56 13.83 1.53 34.39
C ASN A 56 15.17 1.26 33.69
N LEU A 57 15.17 0.44 32.63
CA LEU A 57 16.38 0.26 31.81
C LEU A 57 16.63 1.39 30.80
N GLY A 58 15.61 2.23 30.58
CA GLY A 58 15.75 3.38 29.70
C GLY A 58 14.82 3.44 28.49
N MET A 59 13.87 2.52 28.42
CA MET A 59 12.94 2.53 27.30
C MET A 59 12.10 3.82 27.40
N LYS A 60 11.90 4.46 26.26
CA LYS A 60 11.19 5.72 26.20
C LYS A 60 9.80 5.52 25.64
N ILE A 61 9.64 4.56 24.73
CA ILE A 61 8.32 4.19 24.21
C ILE A 61 7.55 3.35 25.22
N SER A 62 6.34 2.97 24.83
CA SER A 62 5.41 2.32 25.77
C SER A 62 4.92 0.97 25.27
N ALA A 63 4.27 0.23 26.15
CA ALA A 63 3.66 -1.05 25.80
C ALA A 63 2.75 -0.94 24.55
N ASP A 64 1.96 0.12 24.49
CA ASP A 64 1.05 0.28 23.36
C ASP A 64 1.76 0.54 22.03
N ASP A 65 3.00 1.02 22.10
CA ASP A 65 3.84 1.17 20.91
C ASP A 65 4.33 -0.18 20.40
N ILE A 66 4.44 -1.14 21.29
CA ILE A 66 4.99 -2.45 20.97
C ILE A 66 3.91 -3.37 20.45
N TYR A 67 2.76 -3.35 21.12
CA TYR A 67 1.60 -4.15 20.72
C TYR A 67 0.28 -3.37 20.89
N SER A 68 -0.55 -3.38 19.85
CA SER A 68 -1.85 -2.73 19.89
C SER A 68 -2.79 -3.33 18.85
N VAL A 69 -4.09 -3.33 19.12
CA VAL A 69 -5.07 -3.72 18.11
C VAL A 69 -5.84 -2.51 17.62
N ASN A 70 -5.57 -1.36 18.24
CA ASN A 70 -6.19 -0.12 17.86
C ASN A 70 -5.46 0.58 16.73
N HIS A 71 -4.14 0.41 16.67
CA HIS A 71 -3.34 1.13 15.70
C HIS A 71 -2.04 0.37 15.38
N SER A 72 -1.23 0.90 14.48
CA SER A 72 0.02 0.18 14.15
C SER A 72 0.91 0.10 15.36
N SER A 73 1.80 -0.89 15.38
CA SER A 73 2.76 -1.05 16.47
C SER A 73 3.99 -1.84 16.00
N LEU A 74 4.94 -2.09 16.90
CA LEU A 74 6.17 -2.79 16.52
C LEU A 74 5.89 -4.16 15.92
N LYS A 75 4.86 -4.84 16.44
CA LYS A 75 4.58 -6.22 16.03
C LYS A 75 4.31 -6.31 14.53
N ASP A 76 3.75 -5.25 13.96
CA ASP A 76 3.51 -5.16 12.52
C ASP A 76 4.78 -5.14 11.68
N ALA A 77 5.91 -4.88 12.32
CA ALA A 77 7.17 -4.84 11.59
C ALA A 77 8.02 -6.10 11.82
N VAL A 78 7.50 -7.05 12.60
CA VAL A 78 8.28 -8.26 12.93
C VAL A 78 7.55 -9.57 12.59
N PRO A 79 7.67 -9.99 11.33
CA PRO A 79 7.01 -11.26 10.97
C PRO A 79 7.88 -12.51 11.21
N HIS A 80 7.18 -13.63 11.34
CA HIS A 80 7.75 -14.96 11.40
C HIS A 80 8.32 -15.29 10.03
N PHE A 81 9.58 -15.72 9.97
CA PHE A 81 10.23 -16.02 8.70
C PHE A 81 10.31 -17.52 8.46
N ASN A 82 9.45 -18.00 7.56
CA ASN A 82 9.30 -19.42 7.27
C ASN A 82 9.06 -20.31 8.47
N GLY A 83 8.46 -19.77 9.53
CA GLY A 83 8.15 -20.56 10.72
C GLY A 83 9.31 -21.06 11.61
N GLY A 84 10.54 -20.68 11.30
CA GLY A 84 11.67 -21.11 12.11
C GLY A 84 12.59 -19.97 12.55
N CYS A 85 12.46 -18.81 11.90
CA CYS A 85 13.29 -17.65 12.22
C CYS A 85 12.46 -16.40 12.33
N THR A 86 13.12 -15.31 12.67
CA THR A 86 12.48 -14.01 12.75
C THR A 86 13.03 -13.13 11.64
N SER A 87 12.24 -12.14 11.20
CA SER A 87 12.66 -11.15 10.23
C SER A 87 12.02 -9.83 10.64
N GLU A 88 12.44 -8.73 10.03
CA GLU A 88 11.88 -7.44 10.39
C GLU A 88 11.73 -6.55 9.17
N VAL A 89 10.62 -5.83 9.08
CA VAL A 89 10.37 -4.92 7.97
C VAL A 89 11.16 -3.63 8.16
N ILE A 90 11.97 -3.23 7.16
CA ILE A 90 12.81 -2.05 7.34
C ILE A 90 12.57 -1.03 6.23
N SER A 91 11.45 -1.17 5.54
CA SER A 91 11.07 -0.25 4.49
C SER A 91 9.59 -0.24 4.21
N PRO A 92 9.07 0.90 3.73
CA PRO A 92 7.63 0.82 3.41
C PRO A 92 7.29 0.08 2.11
N LYS A 93 8.23 -0.65 1.51
CA LYS A 93 7.88 -1.43 0.32
C LYS A 93 8.20 -2.93 0.49
N GLY A 94 8.10 -3.42 1.73
CA GLY A 94 8.23 -4.83 2.02
C GLY A 94 9.63 -5.39 2.20
N LEU A 95 10.64 -4.53 2.19
CA LEU A 95 12.02 -4.96 2.41
C LEU A 95 12.13 -5.48 3.81
N ILE A 96 12.49 -6.76 3.93
CA ILE A 96 12.71 -7.36 5.25
C ILE A 96 14.14 -7.82 5.44
N LEU A 97 14.57 -7.78 6.68
CA LEU A 97 15.93 -8.10 7.04
C LEU A 97 15.92 -9.34 7.93
N THR A 98 16.82 -10.28 7.68
CA THR A 98 16.96 -11.44 8.55
C THR A 98 18.46 -11.89 8.57
N ASN A 99 18.74 -13.05 9.13
CA ASN A 99 20.14 -13.57 9.16
C ASN A 99 20.56 -14.20 7.84
N HIS A 100 21.86 -14.28 7.61
CA HIS A 100 22.36 -15.03 6.48
C HIS A 100 22.06 -16.53 6.60
N HIS A 101 22.13 -17.08 7.80
CA HIS A 101 21.84 -18.50 7.88
C HIS A 101 20.31 -18.79 7.85
N CYS A 102 19.47 -17.78 8.03
CA CYS A 102 18.01 -17.94 7.77
C CYS A 102 17.72 -17.93 6.28
N GLY A 103 18.35 -17.01 5.56
CA GLY A 103 18.28 -16.99 4.11
C GLY A 103 19.08 -18.10 3.43
N PHE A 104 19.91 -18.79 4.21
CA PHE A 104 20.91 -19.74 3.67
C PHE A 104 20.30 -20.81 2.76
N ASP A 105 19.26 -21.48 3.25
CA ASP A 105 18.62 -22.54 2.49
C ASP A 105 18.11 -22.01 1.15
N ALA A 106 17.55 -20.80 1.15
CA ALA A 106 17.16 -20.13 -0.09
C ALA A 106 18.37 -19.78 -0.97
N ILE A 107 19.45 -19.30 -0.38
CA ILE A 107 20.64 -19.00 -1.16
C ILE A 107 21.23 -20.28 -1.79
N GLN A 108 21.38 -21.34 -0.98
CA GLN A 108 21.93 -22.61 -1.47
C GLN A 108 21.04 -23.15 -2.56
N ASN A 109 19.74 -22.97 -2.36
CA ASN A 109 18.79 -23.46 -3.34
C ASN A 109 18.95 -22.74 -4.69
N HIS A 110 19.29 -21.45 -4.75
CA HIS A 110 19.53 -20.98 -6.12
C HIS A 110 21.02 -20.92 -6.46
N SER A 111 21.88 -21.61 -5.71
CA SER A 111 23.28 -21.59 -6.10
C SER A 111 23.60 -22.81 -6.97
N SER A 112 24.66 -22.67 -7.77
CA SER A 112 25.17 -23.73 -8.62
C SER A 112 26.65 -23.45 -8.89
N VAL A 113 27.25 -24.16 -9.84
CA VAL A 113 28.67 -23.97 -10.12
C VAL A 113 28.92 -22.66 -10.89
N ASP A 114 27.97 -22.27 -11.72
CA ASP A 114 28.15 -21.11 -12.58
C ASP A 114 27.61 -19.86 -11.87
N HIS A 115 26.65 -20.07 -10.98
CA HIS A 115 26.11 -19.00 -10.15
C HIS A 115 26.16 -19.31 -8.66
N ASP A 116 27.36 -19.29 -8.09
CA ASP A 116 27.61 -19.67 -6.69
C ASP A 116 27.33 -18.52 -5.74
N TYR A 117 26.06 -18.29 -5.43
CA TYR A 117 25.65 -17.21 -4.54
C TYR A 117 26.08 -17.47 -3.10
N LEU A 118 26.19 -18.74 -2.73
CA LEU A 118 26.77 -19.10 -1.43
C LEU A 118 28.12 -18.40 -1.30
N THR A 119 29.00 -18.58 -2.27
CA THR A 119 30.34 -17.98 -2.24
C THR A 119 30.30 -16.48 -2.52
N ASN A 120 29.60 -16.08 -3.58
CA ASN A 120 29.69 -14.72 -4.11
C ASN A 120 28.69 -13.72 -3.54
N GLY A 121 27.69 -14.21 -2.82
CA GLY A 121 26.60 -13.36 -2.42
C GLY A 121 25.70 -13.11 -3.60
N PHE A 122 24.71 -12.24 -3.41
CA PHE A 122 23.73 -11.96 -4.44
C PHE A 122 23.06 -10.63 -4.14
N TRP A 123 22.80 -9.85 -5.19
CA TRP A 123 22.24 -8.51 -5.03
C TRP A 123 21.34 -8.09 -6.19
N ALA A 124 20.02 -8.08 -5.92
CA ALA A 124 19.04 -7.64 -6.89
C ALA A 124 19.15 -6.14 -7.12
N MET A 125 19.69 -5.76 -8.27
CA MET A 125 19.94 -4.35 -8.58
C MET A 125 18.66 -3.57 -8.89
N LYS A 126 17.60 -4.30 -9.20
CA LYS A 126 16.28 -3.71 -9.33
C LYS A 126 15.24 -4.80 -9.02
N MET A 127 14.04 -4.38 -8.66
CA MET A 127 13.09 -5.27 -8.00
C MET A 127 12.71 -6.51 -8.81
N GLU A 128 12.88 -6.46 -10.13
CA GLU A 128 12.45 -7.57 -10.97
C GLU A 128 13.49 -8.69 -11.02
N ASP A 129 14.70 -8.37 -10.55
CA ASP A 129 15.78 -9.36 -10.49
C ASP A 129 15.67 -10.20 -9.23
N GLU A 130 14.76 -9.83 -8.34
CA GLU A 130 14.66 -10.52 -7.08
C GLU A 130 14.19 -11.94 -7.33
N LEU A 131 14.74 -12.90 -6.58
CA LEU A 131 14.51 -14.30 -6.89
C LEU A 131 13.36 -14.91 -6.07
N PRO A 132 12.31 -15.34 -6.77
CA PRO A 132 11.18 -16.06 -6.19
C PRO A 132 11.60 -17.28 -5.41
N ASN A 133 10.94 -17.54 -4.29
CA ASN A 133 11.27 -18.72 -3.51
C ASN A 133 10.06 -19.61 -3.26
N GLU A 134 10.03 -20.78 -3.89
CA GLU A 134 8.95 -21.71 -3.62
C GLU A 134 9.05 -22.19 -2.18
N ASN A 135 7.89 -22.28 -1.53
CA ASN A 135 7.77 -22.81 -0.19
C ASN A 135 8.43 -21.94 0.86
N LEU A 136 8.43 -20.63 0.63
CA LEU A 136 8.93 -19.70 1.62
C LEU A 136 7.81 -18.76 1.99
N VAL A 137 7.41 -18.79 3.25
CA VAL A 137 6.37 -17.89 3.72
C VAL A 137 6.87 -16.99 4.85
N VAL A 138 6.18 -15.87 5.01
CA VAL A 138 6.47 -14.88 6.03
C VAL A 138 5.14 -14.52 6.66
N THR A 139 5.05 -14.65 7.98
CA THR A 139 3.78 -14.52 8.68
C THR A 139 3.71 -13.33 9.62
N PHE A 140 2.74 -12.45 9.40
CA PHE A 140 2.49 -11.33 10.30
C PHE A 140 1.43 -11.64 11.36
N ILE A 141 1.66 -11.16 12.57
CA ILE A 141 0.67 -11.34 13.63
C ILE A 141 -0.35 -10.18 13.67
N VAL A 142 -1.62 -10.52 13.48
CA VAL A 142 -2.70 -9.53 13.53
C VAL A 142 -3.11 -9.29 14.98
N SER A 143 -3.31 -10.38 15.72
CA SER A 143 -3.83 -10.26 17.08
C SER A 143 -3.53 -11.51 17.89
N ILE A 144 -3.50 -11.35 19.21
CA ILE A 144 -3.15 -12.39 20.16
C ILE A 144 -4.32 -12.62 21.12
N ASN A 145 -4.93 -13.80 21.04
CA ASN A 145 -6.22 -14.02 21.71
C ASN A 145 -6.27 -15.25 22.60
N ASP A 146 -6.43 -15.02 23.90
CA ASP A 146 -6.54 -16.13 24.83
C ASP A 146 -7.82 -16.94 24.58
N VAL A 147 -7.67 -18.25 24.47
CA VAL A 147 -8.80 -19.14 24.22
C VAL A 147 -8.73 -20.39 25.10
N THR A 148 -8.12 -20.24 26.27
CA THR A 148 -7.97 -21.34 27.23
C THR A 148 -9.31 -22.00 27.55
N ALA A 149 -10.26 -21.21 28.06
CA ALA A 149 -11.59 -21.71 28.41
C ALA A 149 -12.21 -22.54 27.30
N GLN A 150 -12.14 -22.03 26.07
CA GLN A 150 -12.71 -22.72 24.93
C GLN A 150 -11.99 -24.03 24.62
N ILE A 151 -10.70 -24.09 24.93
CA ILE A 151 -9.90 -25.27 24.59
C ILE A 151 -10.03 -26.35 25.66
N LEU A 152 -9.98 -25.97 26.93
CA LEU A 152 -10.10 -26.94 28.03
C LEU A 152 -11.54 -27.25 28.38
N ASP A 153 -12.46 -26.82 27.51
CA ASP A 153 -13.88 -27.06 27.73
C ASP A 153 -14.17 -28.57 27.71
N GLY A 154 -14.36 -29.13 28.90
CA GLY A 154 -14.78 -30.51 29.04
C GLY A 154 -13.65 -31.51 29.24
N VAL A 155 -12.45 -31.02 29.49
CA VAL A 155 -11.33 -31.92 29.70
C VAL A 155 -11.00 -32.08 31.18
N ALA A 156 -11.71 -31.33 32.03
CA ALA A 156 -11.50 -31.29 33.49
C ALA A 156 -11.03 -32.59 34.13
N SER A 157 -11.84 -33.65 33.99
CA SER A 157 -11.49 -35.01 34.42
C SER A 157 -12.38 -36.01 33.75
N ILE A 158 -13.23 -35.53 32.84
CA ILE A 158 -14.16 -36.42 32.16
C ILE A 158 -13.44 -37.48 31.32
N THR A 159 -12.10 -37.39 31.20
CA THR A 159 -11.37 -38.44 30.44
C THR A 159 -10.14 -39.15 31.01
N SER A 160 -9.11 -39.34 30.16
CA SER A 160 -8.14 -40.44 30.28
C SER A 160 -6.83 -39.95 29.72
N GLU A 161 -6.34 -38.87 30.35
CA GLU A 161 -5.20 -38.07 29.90
C GLU A 161 -4.88 -37.98 28.39
N THR A 162 -4.78 -39.11 27.69
CA THR A 162 -4.48 -39.09 26.26
C THR A 162 -5.73 -38.82 25.42
N GLU A 163 -6.90 -39.31 25.86
CA GLU A 163 -8.09 -38.97 25.12
C GLU A 163 -8.62 -37.63 25.61
N LYS A 164 -7.96 -37.13 26.64
CA LYS A 164 -8.07 -35.73 27.04
C LYS A 164 -7.38 -34.83 25.98
N GLN A 165 -6.20 -35.27 25.53
CA GLN A 165 -5.43 -34.57 24.48
C GLN A 165 -6.15 -34.65 23.15
N ASN A 166 -6.75 -35.81 22.96
CA ASN A 166 -7.69 -36.13 21.90
C ASN A 166 -8.88 -35.19 21.85
N LYS A 167 -9.47 -34.86 23.01
CA LYS A 167 -10.57 -33.89 23.04
C LYS A 167 -10.04 -32.46 22.84
N ILE A 168 -8.87 -32.20 23.42
CA ILE A 168 -8.18 -30.93 23.23
C ILE A 168 -8.02 -30.62 21.74
N GLN A 169 -7.54 -31.60 20.97
CA GLN A 169 -7.36 -31.41 19.53
C GLN A 169 -8.67 -31.10 18.79
N GLU A 170 -9.79 -31.53 19.33
CA GLU A 170 -11.07 -31.24 18.67
C GLU A 170 -11.53 -29.82 18.97
N ASN A 171 -11.34 -29.37 20.21
CA ASN A 171 -11.59 -27.97 20.56
C ASN A 171 -10.69 -27.01 19.80
N ILE A 172 -9.41 -27.39 19.64
CA ILE A 172 -8.47 -26.58 18.88
C ILE A 172 -8.99 -26.42 17.45
N THR A 173 -9.25 -27.54 16.79
CA THR A 173 -9.78 -27.49 15.44
C THR A 173 -11.12 -26.73 15.40
N LYS A 174 -11.85 -26.83 16.50
CA LYS A 174 -13.15 -26.20 16.65
C LYS A 174 -12.97 -24.66 16.69
N VAL A 175 -12.09 -24.18 17.55
CA VAL A 175 -11.84 -22.74 17.62
C VAL A 175 -11.16 -22.18 16.37
N THR A 176 -10.19 -22.91 15.85
CA THR A 176 -9.40 -22.43 14.70
C THR A 176 -10.34 -22.11 13.52
N ALA A 177 -11.36 -22.93 13.36
CA ALA A 177 -12.32 -22.80 12.27
C ALA A 177 -13.30 -21.66 12.55
N SER A 178 -13.55 -21.44 13.83
CA SER A 178 -14.63 -20.59 14.29
C SER A 178 -14.22 -19.14 14.56
N PHE A 179 -13.05 -18.94 15.17
CA PHE A 179 -12.62 -17.60 15.56
C PHE A 179 -12.67 -16.63 14.39
N ALA A 180 -13.10 -15.41 14.66
CA ALA A 180 -13.31 -14.42 13.61
C ALA A 180 -11.99 -13.87 13.06
N LYS A 181 -11.89 -13.88 11.75
CA LYS A 181 -10.73 -13.42 11.01
C LYS A 181 -11.24 -12.88 9.69
N GLU A 182 -10.41 -12.13 8.98
CA GLU A 182 -10.73 -11.77 7.60
C GLU A 182 -10.50 -12.98 6.70
N ALA A 183 -10.97 -12.91 5.46
CA ALA A 183 -10.87 -14.01 4.52
C ALA A 183 -9.43 -14.38 4.15
N TRP A 184 -8.53 -13.41 4.22
CA TRP A 184 -7.18 -13.62 3.72
C TRP A 184 -6.28 -14.07 4.87
N GLN A 185 -6.86 -14.12 6.05
CA GLN A 185 -6.13 -14.44 7.25
C GLN A 185 -6.33 -15.87 7.68
N GLU A 186 -5.48 -16.29 8.62
CA GLU A 186 -5.47 -17.65 9.15
C GLU A 186 -5.35 -17.65 10.68
N ASN A 187 -6.02 -18.60 11.30
CA ASN A 187 -5.91 -18.81 12.73
C ASN A 187 -4.96 -19.96 13.03
N LYS A 188 -4.26 -19.84 14.16
CA LYS A 188 -3.33 -20.86 14.66
C LYS A 188 -3.37 -20.84 16.18
N VAL A 189 -3.75 -21.95 16.80
CA VAL A 189 -3.81 -22.05 18.24
C VAL A 189 -2.52 -22.67 18.78
N ARG A 190 -1.92 -22.04 19.79
CA ARG A 190 -0.67 -22.50 20.35
C ARG A 190 -0.80 -22.82 21.81
N THR A 191 0.02 -23.77 22.27
CA THR A 191 -0.05 -24.21 23.64
C THR A 191 0.99 -23.50 24.50
N PHE A 192 0.58 -23.01 25.66
CA PHE A 192 1.48 -22.33 26.58
C PHE A 192 1.52 -23.00 27.96
N PHE A 193 2.64 -22.81 28.66
CA PHE A 193 2.80 -23.31 30.03
C PHE A 193 2.48 -24.80 30.11
N GLU A 194 2.92 -25.55 29.10
CA GLU A 194 2.83 -27.01 29.11
C GLU A 194 1.38 -27.51 29.03
N GLY A 195 0.46 -26.60 28.73
CA GLY A 195 -0.93 -26.98 28.55
C GLY A 195 -1.90 -26.27 29.49
N ASN A 196 -1.37 -25.41 30.36
CA ASN A 196 -2.19 -24.64 31.28
C ASN A 196 -2.87 -23.44 30.61
N GLN A 197 -2.46 -23.14 29.38
CA GLN A 197 -3.01 -21.98 28.69
C GLN A 197 -2.99 -22.19 27.18
N TYR A 198 -4.03 -21.69 26.50
CA TYR A 198 -4.10 -21.80 25.05
C TYR A 198 -4.42 -20.45 24.43
N ILE A 199 -3.58 -20.04 23.47
CA ILE A 199 -3.73 -18.74 22.83
C ILE A 199 -3.82 -18.89 21.33
N LEU A 200 -4.79 -18.20 20.73
CA LEU A 200 -4.98 -18.18 19.28
C LEU A 200 -4.42 -16.92 18.65
N PHE A 201 -3.69 -17.13 17.56
CA PHE A 201 -3.09 -16.06 16.79
C PHE A 201 -3.78 -15.93 15.46
N VAL A 202 -4.38 -14.78 15.23
CA VAL A 202 -4.85 -14.41 13.90
C VAL A 202 -3.64 -13.91 13.14
N THR A 203 -3.47 -14.38 11.91
CA THR A 203 -2.26 -14.09 11.17
C THR A 203 -2.54 -13.89 9.72
N GLU A 204 -1.58 -13.24 9.07
CA GLU A 204 -1.55 -13.11 7.61
C GLU A 204 -0.29 -13.79 7.09
N VAL A 205 -0.48 -14.81 6.26
CA VAL A 205 0.64 -15.56 5.72
C VAL A 205 0.97 -15.16 4.30
N PHE A 206 2.05 -14.43 4.12
CA PHE A 206 2.44 -14.09 2.75
C PHE A 206 3.26 -15.24 2.14
N LYS A 207 3.10 -15.49 0.85
CA LYS A 207 3.64 -16.70 0.24
C LYS A 207 4.49 -16.41 -0.99
N ASP A 208 4.69 -15.13 -1.26
CA ASP A 208 5.54 -14.70 -2.36
C ASP A 208 6.64 -13.81 -1.80
N VAL A 209 7.68 -14.44 -1.25
CA VAL A 209 8.84 -13.74 -0.64
C VAL A 209 10.11 -14.00 -1.46
N ARG A 210 10.66 -12.94 -2.04
CA ARG A 210 11.77 -13.06 -2.99
C ARG A 210 13.10 -12.59 -2.38
N LEU A 211 14.19 -13.23 -2.79
CA LEU A 211 15.54 -12.88 -2.32
C LEU A 211 16.02 -11.57 -2.91
N VAL A 212 16.46 -10.66 -2.05
CA VAL A 212 16.88 -9.33 -2.47
C VAL A 212 18.40 -9.13 -2.36
N GLY A 213 18.98 -9.57 -1.25
CA GLY A 213 20.41 -9.39 -1.04
C GLY A 213 21.02 -10.36 -0.05
N ALA A 214 22.26 -10.78 -0.33
CA ALA A 214 23.04 -11.54 0.64
C ALA A 214 24.52 -11.34 0.42
N PRO A 215 25.28 -11.19 1.51
CA PRO A 215 26.74 -11.09 1.46
C PRO A 215 27.35 -12.44 1.12
N PRO A 216 28.61 -12.44 0.64
CA PRO A 216 29.33 -13.72 0.52
C PRO A 216 29.33 -14.47 1.85
N SER A 217 29.39 -15.79 1.77
CA SER A 217 29.41 -16.63 2.97
C SER A 217 30.57 -16.29 3.88
N LEU A 218 31.66 -15.79 3.32
CA LEU A 218 32.82 -15.49 4.15
C LEU A 218 32.49 -14.32 5.06
N ILE A 219 31.57 -13.45 4.64
CA ILE A 219 31.05 -12.44 5.58
C ILE A 219 29.83 -12.99 6.32
N GLY A 220 28.93 -13.66 5.60
CA GLY A 220 27.69 -14.22 6.16
C GLY A 220 27.89 -15.22 7.30
N LYS A 221 28.94 -16.04 7.20
CA LYS A 221 29.27 -16.93 8.30
C LYS A 221 30.79 -16.96 8.52
N PHE A 222 31.38 -15.77 8.60
CA PHE A 222 32.79 -15.63 8.93
C PHE A 222 33.17 -16.46 10.14
N GLY A 223 34.10 -17.40 9.96
CA GLY A 223 34.50 -18.27 11.05
C GLY A 223 33.76 -19.60 11.10
N SER A 224 32.69 -19.69 10.32
CA SER A 224 31.88 -20.92 10.21
C SER A 224 31.65 -21.57 11.57
N ASP A 225 32.08 -22.82 11.69
CA ASP A 225 31.84 -23.59 12.89
C ASP A 225 32.82 -23.29 14.03
N THR A 226 34.01 -22.80 13.70
CA THR A 226 34.94 -22.40 14.76
C THR A 226 34.33 -21.31 15.64
N ASP A 227 33.81 -20.27 14.99
CA ASP A 227 33.20 -19.14 15.70
C ASP A 227 31.70 -19.28 16.05
N ASN A 228 31.05 -20.35 15.59
CA ASN A 228 29.63 -20.55 15.94
C ASN A 228 29.46 -20.67 17.46
N TRP A 229 28.43 -20.00 17.98
CA TRP A 229 28.17 -19.92 19.44
C TRP A 229 29.31 -19.25 20.23
N VAL A 230 30.14 -18.46 19.57
CA VAL A 230 31.32 -17.88 20.23
C VAL A 230 31.36 -16.36 20.19
N TRP A 231 31.62 -15.74 21.34
CA TRP A 231 31.97 -14.34 21.44
C TRP A 231 33.47 -14.24 21.88
N PRO A 232 34.24 -13.27 21.36
CA PRO A 232 34.00 -12.24 20.33
C PRO A 232 33.67 -12.84 18.96
N ARG A 233 32.81 -12.13 18.24
CA ARG A 233 32.36 -12.58 16.94
C ARG A 233 32.43 -11.40 15.97
N HIS A 234 32.82 -11.69 14.74
CA HIS A 234 32.96 -10.65 13.74
C HIS A 234 32.24 -11.02 12.45
N THR A 235 31.03 -11.56 12.58
CA THR A 235 30.24 -12.09 11.46
C THR A 235 29.11 -11.17 11.00
N GLY A 236 29.11 -10.82 9.71
CA GLY A 236 28.02 -10.03 9.15
C GLY A 236 26.84 -10.91 8.77
N ASP A 237 26.17 -11.45 9.77
CA ASP A 237 25.21 -12.52 9.55
C ASP A 237 23.85 -11.94 9.14
N PHE A 238 23.66 -11.62 7.86
CA PHE A 238 22.39 -11.09 7.40
C PHE A 238 22.04 -11.44 5.95
N SER A 239 20.75 -11.33 5.62
CA SER A 239 20.31 -11.38 4.22
C SER A 239 19.00 -10.61 4.10
N MET A 240 18.63 -10.23 2.89
CA MET A 240 17.47 -9.38 2.67
C MET A 240 16.49 -10.01 1.71
N PHE A 241 15.22 -9.89 2.06
CA PHE A 241 14.14 -10.43 1.24
C PHE A 241 13.12 -9.33 1.03
N ARG A 242 12.16 -9.54 0.13
CA ARG A 242 11.08 -8.56 -0.03
C ARG A 242 9.73 -9.27 -0.09
N VAL A 243 8.79 -8.83 0.74
CA VAL A 243 7.49 -9.46 0.82
C VAL A 243 6.63 -8.89 -0.33
N TYR A 244 5.96 -9.76 -1.06
CA TYR A 244 5.11 -9.31 -2.16
C TYR A 244 3.65 -9.65 -1.87
N ALA A 245 2.72 -8.85 -2.41
CA ALA A 245 1.30 -9.03 -2.15
C ALA A 245 0.46 -8.79 -3.41
N ASN A 246 -0.82 -9.18 -3.42
CA ASN A 246 -1.65 -8.88 -4.60
C ASN A 246 -2.12 -7.43 -4.60
N LYS A 247 -3.01 -7.07 -5.53
CA LYS A 247 -3.37 -5.66 -5.67
C LYS A 247 -4.19 -5.11 -4.50
N ASN A 248 -4.58 -5.99 -3.59
CA ASN A 248 -5.27 -5.59 -2.38
C ASN A 248 -4.36 -5.60 -1.16
N ASN A 249 -3.05 -5.55 -1.39
CA ASN A 249 -2.07 -5.61 -0.32
C ASN A 249 -2.25 -6.82 0.57
N HIS A 250 -2.62 -7.94 -0.04
CA HIS A 250 -2.99 -9.16 0.67
C HIS A 250 -2.09 -10.31 0.21
N PRO A 251 -1.97 -11.34 1.04
CA PRO A 251 -1.21 -12.55 0.67
C PRO A 251 -1.63 -13.13 -0.68
N ALA A 252 -0.63 -13.52 -1.45
CA ALA A 252 -0.84 -14.14 -2.74
C ALA A 252 0.30 -15.09 -3.04
N ALA A 253 -0.04 -16.24 -3.62
CA ALA A 253 0.97 -17.14 -4.16
C ALA A 253 1.73 -16.35 -5.21
N TYR A 254 2.89 -16.86 -5.60
CA TYR A 254 3.77 -16.15 -6.52
C TYR A 254 3.10 -15.78 -7.84
N SER A 255 3.38 -14.56 -8.30
CA SER A 255 2.87 -14.11 -9.59
C SER A 255 3.63 -12.89 -10.05
N LYS A 256 3.97 -12.85 -11.34
CA LYS A 256 4.69 -11.71 -11.89
C LYS A 256 3.90 -10.40 -11.73
N ASP A 257 2.64 -10.52 -11.36
CA ASP A 257 1.78 -9.35 -11.21
C ASP A 257 1.62 -8.96 -9.74
N ASN A 258 2.17 -9.75 -8.82
CA ASN A 258 2.20 -9.31 -7.43
C ASN A 258 3.03 -8.06 -7.31
N VAL A 259 2.72 -7.21 -6.33
CA VAL A 259 3.52 -6.00 -6.09
C VAL A 259 4.07 -5.95 -4.65
N PRO A 260 5.07 -5.10 -4.39
CA PRO A 260 5.60 -4.98 -3.03
C PRO A 260 4.52 -4.75 -1.98
N TYR A 261 4.59 -5.53 -0.92
CA TYR A 261 3.70 -5.39 0.21
C TYR A 261 3.96 -4.12 0.95
N ILE A 262 2.90 -3.38 1.25
CA ILE A 262 3.04 -2.16 2.03
C ILE A 262 2.69 -2.46 3.48
N PRO A 263 3.67 -2.32 4.38
CA PRO A 263 3.40 -2.73 5.76
C PRO A 263 2.67 -1.67 6.58
N LYS A 264 2.09 -2.11 7.69
CA LYS A 264 1.50 -1.21 8.66
C LYS A 264 2.55 -0.41 9.45
N HIS A 265 3.77 -0.92 9.50
CA HIS A 265 4.84 -0.27 10.24
C HIS A 265 6.18 -0.85 9.78
N PHE A 266 7.21 -0.03 9.77
CA PHE A 266 8.52 -0.53 9.43
C PHE A 266 9.50 0.16 10.35
N LEU A 267 10.65 -0.47 10.58
CA LEU A 267 11.59 0.01 11.57
C LEU A 267 12.54 0.99 10.92
N PRO A 268 12.61 2.20 11.46
CA PRO A 268 13.71 3.06 11.01
C PRO A 268 15.02 2.44 11.52
N VAL A 269 16.12 2.69 10.82
CA VAL A 269 17.42 2.14 11.15
C VAL A 269 18.34 3.23 11.68
N SER A 270 18.82 3.05 12.90
CA SER A 270 19.71 4.02 13.53
C SER A 270 21.14 4.03 12.96
N LEU A 271 21.76 5.21 12.87
CA LEU A 271 23.16 5.35 12.45
C LEU A 271 24.04 5.84 13.59
N ASP A 272 23.48 5.95 14.79
CA ASP A 272 24.16 6.53 15.95
C ASP A 272 24.73 5.45 16.83
N GLY A 273 24.61 4.19 16.40
CA GLY A 273 25.21 3.06 17.08
C GLY A 273 24.78 2.73 18.49
N VAL A 274 25.54 1.84 19.12
CA VAL A 274 25.26 1.36 20.47
C VAL A 274 26.44 1.55 21.41
N GLN A 275 26.14 1.95 22.64
CA GLN A 275 27.15 2.03 23.68
C GLN A 275 26.67 1.14 24.82
N GLU A 276 27.63 0.63 25.60
CA GLU A 276 27.38 -0.15 26.80
C GLU A 276 26.28 0.49 27.67
N ASP A 277 25.43 -0.35 28.25
CA ASP A 277 24.26 0.03 29.04
C ASP A 277 23.08 0.56 28.21
N ASP A 278 23.22 0.67 26.90
CA ASP A 278 22.07 1.03 26.07
C ASP A 278 20.97 0.00 26.25
N PHE A 279 19.76 0.47 26.53
CA PHE A 279 18.59 -0.38 26.48
C PHE A 279 18.52 -1.06 25.12
N THR A 280 18.16 -2.34 25.15
CA THR A 280 17.87 -3.09 23.92
C THR A 280 16.63 -3.94 24.12
N MET A 281 15.82 -4.06 23.08
CA MET A 281 14.67 -4.93 23.09
C MET A 281 14.69 -5.82 21.86
N VAL A 282 14.55 -7.12 22.10
CA VAL A 282 14.52 -8.06 21.01
C VAL A 282 13.13 -8.74 20.91
N MET A 283 12.53 -8.65 19.73
CA MET A 283 11.22 -9.26 19.48
C MET A 283 11.41 -10.38 18.46
N GLY A 284 10.87 -11.56 18.73
CA GLY A 284 11.04 -12.63 17.77
C GLY A 284 10.21 -13.85 18.07
N TYR A 285 10.56 -14.95 17.40
CA TYR A 285 9.81 -16.18 17.55
C TYR A 285 10.67 -17.35 18.06
N PRO A 286 11.09 -17.26 19.33
CA PRO A 286 11.89 -18.33 19.94
C PRO A 286 11.14 -19.65 19.90
N GLY A 287 11.83 -20.68 19.40
CA GLY A 287 11.25 -21.98 19.18
C GLY A 287 10.90 -22.74 20.44
N LYS A 288 11.90 -23.05 21.25
CA LYS A 288 11.66 -23.90 22.40
C LYS A 288 12.53 -23.54 23.60
N THR A 289 11.94 -23.67 24.79
CA THR A 289 12.63 -23.42 26.04
C THR A 289 12.04 -24.34 27.11
N GLN A 290 12.86 -24.74 28.09
CA GLN A 290 12.40 -25.62 29.17
C GLN A 290 12.98 -25.18 30.51
N GLU A 291 12.58 -24.01 31.01
CA GLU A 291 13.22 -23.46 32.20
C GLU A 291 12.76 -24.15 33.47
N TYR A 292 11.70 -24.93 33.38
CA TYR A 292 11.05 -25.42 34.57
C TYR A 292 11.11 -26.93 34.75
N LEU A 293 12.16 -27.53 34.21
CA LEU A 293 12.32 -28.98 34.28
C LEU A 293 12.67 -29.42 35.69
N PRO A 294 12.40 -30.70 36.01
CA PRO A 294 12.85 -31.34 37.23
C PRO A 294 14.34 -31.66 37.15
N SER A 295 14.96 -31.98 38.28
CA SER A 295 16.36 -32.39 38.33
C SER A 295 16.65 -33.52 37.36
N PHE A 296 15.72 -34.46 37.29
CA PHE A 296 15.95 -35.71 36.60
C PHE A 296 15.96 -35.53 35.09
N ALA A 297 15.34 -34.45 34.63
CA ALA A 297 15.31 -34.13 33.21
C ALA A 297 16.67 -33.62 32.78
N VAL A 298 17.23 -32.72 33.59
CA VAL A 298 18.54 -32.17 33.34
C VAL A 298 19.60 -33.28 33.33
N ALA A 299 19.49 -34.21 34.28
CA ALA A 299 20.47 -35.30 34.37
C ALA A 299 20.42 -36.19 33.13
N GLN A 300 19.23 -36.42 32.59
CA GLN A 300 19.09 -37.24 31.39
C GLN A 300 19.72 -36.54 30.18
N ILE A 301 19.56 -35.23 30.13
CA ILE A 301 20.13 -34.45 29.04
C ILE A 301 21.63 -34.57 29.11
N VAL A 302 22.17 -34.20 30.26
CA VAL A 302 23.60 -34.13 30.44
C VAL A 302 24.25 -35.52 30.34
N ASN A 303 23.67 -36.50 31.04
CA ASN A 303 24.28 -37.81 31.17
C ASN A 303 24.09 -38.76 29.99
N GLU A 304 22.98 -38.66 29.25
CA GLU A 304 22.79 -39.68 28.22
C GLU A 304 22.23 -39.27 26.86
N THR A 305 21.27 -38.35 26.81
CA THR A 305 20.76 -37.96 25.50
C THR A 305 21.79 -37.14 24.71
N ASN A 306 22.31 -36.07 25.31
CA ASN A 306 23.30 -35.24 24.62
C ASN A 306 24.57 -35.98 24.18
N PRO A 307 25.19 -36.77 25.09
CA PRO A 307 26.42 -37.44 24.64
C PRO A 307 26.20 -38.35 23.44
N ALA A 308 25.10 -39.09 23.44
CA ALA A 308 24.74 -39.95 22.32
C ALA A 308 24.68 -39.16 21.00
N LYS A 309 23.79 -38.16 20.96
CA LYS A 309 23.58 -37.34 19.77
C LYS A 309 24.83 -36.57 19.35
N ILE A 310 25.62 -36.12 20.30
CA ILE A 310 26.88 -35.47 20.01
C ILE A 310 27.83 -36.41 19.26
N GLU A 311 28.04 -37.60 19.81
CA GLU A 311 28.93 -38.58 19.17
C GLU A 311 28.45 -38.96 17.77
N ILE A 312 27.14 -39.11 17.61
CA ILE A 312 26.59 -39.46 16.30
C ILE A 312 26.81 -38.36 15.27
N ARG A 313 26.49 -37.12 15.61
CA ARG A 313 26.65 -36.02 14.66
C ARG A 313 28.13 -35.74 14.34
N GLU A 314 29.00 -35.93 15.32
CA GLU A 314 30.42 -35.68 15.10
C GLU A 314 30.99 -36.58 14.00
N ALA A 315 30.65 -37.86 14.06
CA ALA A 315 31.10 -38.81 13.05
C ALA A 315 30.55 -38.41 11.67
N ALA A 316 29.26 -38.07 11.61
CA ALA A 316 28.63 -37.64 10.34
C ALA A 316 29.29 -36.41 9.75
N LEU A 317 29.51 -35.39 10.59
CA LEU A 317 30.09 -34.14 10.15
C LEU A 317 31.53 -34.30 9.68
N LYS A 318 32.31 -35.13 10.38
CA LYS A 318 33.71 -35.31 10.02
C LYS A 318 33.80 -35.84 8.59
N VAL A 319 32.97 -36.84 8.29
CA VAL A 319 32.89 -37.40 6.95
C VAL A 319 32.51 -36.34 5.92
N GLN A 320 31.50 -35.55 6.24
CA GLN A 320 31.00 -34.56 5.30
C GLN A 320 32.00 -33.44 5.08
N ASP A 321 32.57 -32.92 6.16
CA ASP A 321 33.59 -31.87 6.07
C ASP A 321 34.69 -32.24 5.07
N GLY A 322 35.18 -33.48 5.14
CA GLY A 322 36.21 -33.95 4.25
C GLY A 322 35.87 -33.75 2.78
N PHE A 323 34.72 -34.25 2.36
CA PHE A 323 34.30 -34.14 0.97
C PHE A 323 34.05 -32.72 0.51
N MET A 324 33.61 -31.87 1.44
CA MET A 324 33.25 -30.48 1.10
C MET A 324 34.48 -29.57 1.00
N ARG A 325 35.54 -29.85 1.75
CA ARG A 325 36.76 -29.05 1.66
C ARG A 325 37.56 -29.42 0.40
N LYS A 326 37.18 -30.52 -0.23
CA LYS A 326 37.91 -31.04 -1.39
C LYS A 326 37.14 -30.91 -2.71
N ASP A 327 35.92 -30.36 -2.65
CA ASP A 327 35.04 -30.26 -3.81
C ASP A 327 33.95 -29.21 -3.55
N ASN A 328 33.96 -28.13 -4.33
CA ASN A 328 32.97 -27.07 -4.15
C ASN A 328 31.55 -27.52 -4.54
N ALA A 329 31.45 -28.36 -5.56
CA ALA A 329 30.17 -28.87 -6.04
C ALA A 329 29.46 -29.66 -4.94
N ILE A 330 30.24 -30.42 -4.19
CA ILE A 330 29.75 -31.16 -3.03
C ILE A 330 29.47 -30.20 -1.88
N LYS A 331 30.23 -29.11 -1.80
CA LYS A 331 29.97 -28.07 -0.82
C LYS A 331 28.64 -27.33 -1.08
N ILE A 332 28.30 -27.13 -2.35
CA ILE A 332 27.03 -26.48 -2.69
C ILE A 332 25.87 -27.42 -2.38
N GLN A 333 26.10 -28.72 -2.56
CA GLN A 333 25.13 -29.74 -2.22
C GLN A 333 24.85 -29.82 -0.72
N TYR A 334 25.89 -29.71 0.08
CA TYR A 334 25.78 -30.06 1.48
C TYR A 334 25.79 -28.87 2.43
N ALA A 335 25.99 -27.67 1.89
CA ALA A 335 26.16 -26.46 2.69
C ALA A 335 25.09 -26.32 3.74
N SER A 336 23.83 -26.32 3.29
CA SER A 336 22.70 -26.11 4.18
C SER A 336 22.52 -27.29 5.12
N LYS A 337 22.60 -28.48 4.56
CA LYS A 337 22.42 -29.70 5.36
C LYS A 337 23.52 -29.84 6.41
N TYR A 338 24.75 -29.46 6.07
CA TYR A 338 25.86 -29.53 7.03
C TYR A 338 25.68 -28.51 8.17
N ALA A 339 25.42 -27.25 7.81
CA ALA A 339 25.27 -26.18 8.80
C ALA A 339 24.17 -26.45 9.85
N GLY A 340 23.04 -26.98 9.40
CA GLY A 340 21.98 -27.35 10.32
C GLY A 340 22.43 -28.36 11.35
N VAL A 341 22.96 -29.47 10.87
CA VAL A 341 23.49 -30.55 11.73
C VAL A 341 24.58 -30.06 12.67
N ALA A 342 25.53 -29.30 12.12
CA ALA A 342 26.70 -28.80 12.85
C ALA A 342 26.33 -27.84 13.99
N ASN A 343 25.33 -27.01 13.74
CA ASN A 343 24.87 -26.01 14.71
C ASN A 343 24.42 -26.61 16.03
N TYR A 344 23.58 -27.65 15.97
CA TYR A 344 23.13 -28.32 17.20
C TYR A 344 24.21 -29.23 17.81
N TRP A 345 25.06 -29.80 16.96
CA TRP A 345 26.18 -30.62 17.46
C TRP A 345 27.03 -29.79 18.41
N LYS A 346 27.37 -28.58 17.99
CA LYS A 346 28.16 -27.73 18.85
C LYS A 346 27.33 -27.16 19.99
N LYS A 347 26.06 -26.83 19.73
CA LYS A 347 25.20 -26.30 20.79
C LYS A 347 25.19 -27.25 21.97
N TRP A 348 25.04 -28.53 21.68
CA TRP A 348 24.85 -29.55 22.69
C TRP A 348 26.14 -29.72 23.52
N ILE A 349 27.28 -29.58 22.88
CA ILE A 349 28.57 -29.59 23.59
C ILE A 349 28.55 -28.48 24.65
N GLY A 350 28.28 -27.25 24.22
CA GLY A 350 28.20 -26.11 25.12
C GLY A 350 27.15 -26.24 26.19
N GLU A 351 25.99 -26.76 25.82
CA GLU A 351 24.89 -26.90 26.75
C GLU A 351 25.25 -27.88 27.87
N SER A 352 25.77 -29.05 27.49
CA SER A 352 26.21 -30.02 28.49
C SER A 352 27.35 -29.43 29.33
N GLN A 353 28.22 -28.66 28.69
CA GLN A 353 29.36 -28.02 29.38
C GLN A 353 28.87 -27.03 30.44
N GLY A 354 27.99 -26.10 30.05
CA GLY A 354 27.48 -25.10 30.98
C GLY A 354 26.59 -25.63 32.09
N LEU A 355 25.84 -26.68 31.82
CA LEU A 355 24.97 -27.30 32.84
C LEU A 355 25.80 -27.99 33.92
N LYS A 356 26.86 -28.66 33.52
CA LYS A 356 27.76 -29.29 34.47
C LYS A 356 28.48 -28.22 35.28
N LYS A 357 29.19 -27.35 34.56
CA LYS A 357 30.00 -26.29 35.16
C LYS A 357 29.23 -25.46 36.20
N SER A 358 27.95 -25.22 35.93
CA SER A 358 27.13 -24.37 36.80
C SER A 358 26.38 -25.21 37.82
N ASN A 359 26.51 -26.53 37.70
CA ASN A 359 25.80 -27.51 38.52
C ASN A 359 24.29 -27.24 38.52
N ALA A 360 23.69 -27.23 37.34
CA ALA A 360 22.26 -26.96 37.23
C ALA A 360 21.49 -28.02 37.98
N ILE A 361 22.00 -29.25 37.93
CA ILE A 361 21.33 -30.39 38.54
C ILE A 361 21.20 -30.21 40.05
N GLY A 362 22.25 -29.71 40.69
CA GLY A 362 22.20 -29.45 42.11
C GLY A 362 21.33 -28.25 42.40
N LEU A 363 21.45 -27.24 41.55
CA LEU A 363 20.67 -26.02 41.68
C LEU A 363 19.18 -26.29 41.71
N LYS A 364 18.75 -27.23 40.88
CA LYS A 364 17.34 -27.59 40.82
C LYS A 364 16.96 -28.48 41.99
N GLN A 365 17.86 -29.41 42.35
CA GLN A 365 17.67 -30.25 43.53
C GLN A 365 17.41 -29.38 44.75
N ASN A 366 18.19 -28.33 44.90
CA ASN A 366 17.99 -27.37 45.98
C ASN A 366 16.65 -26.64 45.89
N PHE A 367 16.21 -26.35 44.67
CA PHE A 367 14.92 -25.70 44.49
C PHE A 367 13.80 -26.69 44.84
N GLU A 368 13.97 -27.92 44.39
CA GLU A 368 12.95 -28.95 44.57
C GLU A 368 12.75 -29.35 46.03
N LYS A 369 13.79 -29.20 46.84
CA LYS A 369 13.69 -29.46 48.27
C LYS A 369 12.96 -28.31 48.96
N ASP A 370 12.80 -27.19 48.25
CA ASP A 370 12.02 -26.06 48.75
C ASP A 370 10.63 -26.04 48.12
N PHE A 371 10.51 -26.71 46.97
CA PHE A 371 9.25 -26.80 46.25
C PHE A 371 8.20 -27.48 47.11
N GLN A 372 8.48 -28.73 47.46
CA GLN A 372 7.60 -29.54 48.28
C GLN A 372 7.43 -28.99 49.68
N GLN A 373 8.42 -28.26 50.16
CA GLN A 373 8.31 -27.55 51.43
C GLN A 373 7.28 -26.44 51.31
N LYS A 374 6.91 -26.14 50.06
CA LYS A 374 5.91 -25.13 49.78
C LYS A 374 4.58 -25.77 49.37
N VAL A 375 4.57 -27.07 49.07
CA VAL A 375 3.30 -27.73 48.76
C VAL A 375 2.63 -28.17 50.05
N ILE A 376 3.41 -28.33 51.11
CA ILE A 376 2.83 -28.69 52.39
C ILE A 376 2.29 -27.42 53.04
N ALA A 377 2.99 -26.31 52.83
CA ALA A 377 2.60 -25.03 53.40
C ALA A 377 1.30 -24.54 52.77
N ALA A 378 0.97 -25.07 51.60
CA ALA A 378 -0.23 -24.68 50.89
C ALA A 378 -1.33 -25.75 51.00
N GLY A 379 -1.01 -26.85 51.65
CA GLY A 379 -1.96 -27.93 51.87
C GLY A 379 -2.40 -28.56 50.56
N LYS A 380 -1.44 -28.88 49.70
CA LYS A 380 -1.74 -29.42 48.39
C LYS A 380 -0.84 -30.60 48.03
N GLN A 381 -0.70 -31.53 48.97
CA GLN A 381 0.16 -32.70 48.76
C GLN A 381 -0.48 -33.74 47.86
N ASN A 382 -1.78 -33.61 47.63
CA ASN A 382 -2.54 -34.63 46.92
C ASN A 382 -2.44 -34.38 45.43
N GLU A 383 -2.49 -33.12 45.03
CA GLU A 383 -2.24 -32.77 43.63
C GLU A 383 -0.74 -32.81 43.34
N TYR A 384 0.04 -32.17 44.21
CA TYR A 384 1.48 -32.03 43.99
C TYR A 384 2.25 -33.01 44.88
N GLY A 385 3.44 -32.60 45.31
CA GLY A 385 4.19 -33.37 46.28
C GLY A 385 4.83 -34.62 45.68
N ASN A 386 3.98 -35.61 45.45
CA ASN A 386 4.38 -36.87 44.82
C ASN A 386 5.08 -36.67 43.48
N LEU A 387 4.67 -35.64 42.73
CA LEU A 387 5.28 -35.25 41.44
C LEU A 387 6.76 -35.57 41.30
N LEU A 388 7.57 -35.00 42.18
CA LEU A 388 9.02 -35.21 42.13
C LEU A 388 9.40 -36.69 42.21
N ALA A 389 8.67 -37.45 43.03
CA ALA A 389 8.93 -38.88 43.15
C ALA A 389 8.53 -39.62 41.88
N ASP A 390 7.37 -39.26 41.32
CA ASP A 390 6.92 -39.86 40.07
C ASP A 390 7.90 -39.59 38.94
N PHE A 391 8.36 -38.35 38.84
CA PHE A 391 9.34 -37.98 37.83
C PHE A 391 10.55 -38.90 37.85
N GLN A 392 11.13 -39.06 39.04
CA GLN A 392 12.32 -39.88 39.20
C GLN A 392 12.06 -41.29 38.74
N LYS A 393 10.87 -41.79 39.07
CA LYS A 393 10.43 -43.10 38.63
C LYS A 393 10.46 -43.21 37.11
N TYR A 394 9.66 -42.38 36.44
CA TYR A 394 9.51 -42.48 34.99
C TYR A 394 10.77 -42.08 34.22
N TYR A 395 11.48 -41.06 34.68
CA TYR A 395 12.69 -40.63 34.00
C TYR A 395 13.76 -41.71 34.04
N THR A 396 13.80 -42.48 35.12
CA THR A 396 14.73 -43.60 35.22
C THR A 396 14.28 -44.73 34.28
N GLU A 397 12.99 -45.05 34.31
CA GLU A 397 12.45 -46.13 33.51
C GLU A 397 12.57 -45.89 32.00
N ILE A 398 12.29 -44.66 31.55
CA ILE A 398 12.29 -44.33 30.13
C ILE A 398 13.70 -44.30 29.53
N THR A 399 14.70 -44.07 30.39
CA THR A 399 16.10 -43.87 30.00
C THR A 399 16.62 -44.70 28.80
N PRO A 400 16.47 -46.04 28.81
CA PRO A 400 17.08 -46.80 27.72
C PRO A 400 16.31 -46.68 26.40
N TYR A 401 15.01 -46.42 26.49
CA TYR A 401 14.21 -46.20 25.30
C TYR A 401 14.57 -44.88 24.66
N ALA A 402 14.61 -43.82 25.49
CA ALA A 402 14.94 -42.48 25.03
C ALA A 402 16.28 -42.45 24.30
N VAL A 403 17.27 -43.10 24.90
CA VAL A 403 18.57 -43.23 24.28
C VAL A 403 18.48 -43.96 22.94
N SER A 404 17.89 -45.16 22.96
CA SER A 404 17.76 -45.99 21.77
C SER A 404 16.95 -45.24 20.70
N ARG A 405 15.99 -44.45 21.14
CA ARG A 405 15.23 -43.60 20.25
C ARG A 405 16.15 -42.57 19.58
N ASP A 406 16.99 -41.93 20.38
CA ASP A 406 17.91 -40.92 19.86
C ASP A 406 18.80 -41.50 18.78
N TYR A 407 19.30 -42.70 19.04
CA TYR A 407 20.12 -43.40 18.07
C TYR A 407 19.31 -43.68 16.79
N PHE A 408 18.03 -44.01 16.92
CA PHE A 408 17.23 -44.28 15.73
C PHE A 408 16.94 -43.01 14.92
N ASN A 409 16.40 -41.98 15.55
CA ASN A 409 16.19 -40.70 14.88
C ASN A 409 17.47 -40.12 14.24
N GLU A 410 18.59 -40.20 14.94
CA GLU A 410 19.80 -39.53 14.46
C GLU A 410 20.42 -40.29 13.31
N VAL A 411 20.31 -41.62 13.34
CA VAL A 411 21.03 -42.43 12.39
C VAL A 411 20.19 -42.77 11.17
N VAL A 412 18.92 -43.08 11.39
CA VAL A 412 18.05 -43.48 10.30
C VAL A 412 17.26 -42.30 9.71
N VAL A 413 16.75 -41.43 10.58
CA VAL A 413 15.88 -40.34 10.14
C VAL A 413 16.63 -39.09 9.63
N LYS A 414 17.74 -38.72 10.28
CA LYS A 414 18.34 -37.42 10.03
C LYS A 414 19.69 -37.43 9.31
N ASN A 415 20.65 -38.24 9.76
CA ASN A 415 22.02 -38.08 9.25
C ASN A 415 22.42 -38.94 8.04
N THR A 416 21.86 -40.14 7.94
CA THR A 416 22.10 -41.00 6.78
C THR A 416 20.97 -40.84 5.77
N GLU A 417 21.28 -40.22 4.63
CA GLU A 417 20.25 -39.73 3.72
C GLU A 417 19.51 -40.86 3.01
N LEU A 418 20.16 -42.00 2.82
CA LEU A 418 19.50 -43.13 2.18
C LEU A 418 18.52 -43.81 3.13
N LEU A 419 18.93 -43.99 4.38
CA LEU A 419 18.07 -44.53 5.41
C LEU A 419 16.89 -43.59 5.64
N SER A 420 17.15 -42.30 5.48
CA SER A 420 16.15 -41.27 5.62
C SER A 420 15.05 -41.46 4.59
N LEU A 421 15.44 -41.65 3.33
CA LEU A 421 14.45 -41.79 2.26
C LEU A 421 13.69 -43.12 2.43
N GLY A 422 14.42 -44.15 2.85
CA GLY A 422 13.83 -45.45 3.11
C GLY A 422 12.78 -45.37 4.19
N TYR A 423 13.07 -44.65 5.26
CA TYR A 423 12.13 -44.51 6.36
C TYR A 423 10.86 -43.74 5.99
N LYS A 424 10.93 -42.90 4.96
CA LYS A 424 9.74 -42.21 4.49
C LYS A 424 8.84 -43.16 3.71
N LEU A 425 9.44 -44.11 3.01
CA LEU A 425 8.69 -45.13 2.31
C LEU A 425 7.99 -46.00 3.34
N TYR A 426 8.67 -46.20 4.46
CA TYR A 426 8.12 -46.94 5.57
C TYR A 426 6.83 -46.31 6.06
N GLN A 427 6.83 -45.00 6.22
CA GLN A 427 5.66 -44.31 6.74
C GLN A 427 4.54 -44.32 5.71
N LEU A 428 4.87 -43.92 4.48
CA LEU A 428 3.98 -43.99 3.33
C LEU A 428 3.32 -45.37 3.20
N GLU A 429 4.04 -46.43 3.56
CA GLU A 429 3.47 -47.78 3.65
C GLU A 429 2.24 -47.85 4.54
N GLN A 430 2.26 -47.19 5.69
CA GLN A 430 1.16 -47.29 6.62
C GLN A 430 0.04 -46.27 6.34
N VAL A 431 0.28 -45.31 5.46
CA VAL A 431 -0.81 -44.48 4.95
C VAL A 431 -1.79 -45.37 4.18
N PHE A 432 -1.23 -46.25 3.34
CA PHE A 432 -2.02 -47.20 2.57
C PHE A 432 -2.90 -48.05 3.48
N ILE A 433 -2.26 -48.62 4.51
CA ILE A 433 -2.93 -49.43 5.51
C ILE A 433 -4.05 -48.67 6.23
N THR A 434 -3.81 -47.40 6.55
CA THR A 434 -4.71 -46.59 7.39
C THR A 434 -5.76 -45.81 6.63
N LYS A 435 -5.28 -45.07 5.65
CA LYS A 435 -6.03 -44.01 5.03
C LYS A 435 -6.48 -44.40 3.62
N GLY A 436 -5.94 -45.51 3.12
CA GLY A 436 -6.42 -46.13 1.90
C GLY A 436 -5.54 -45.98 0.68
N GLU A 437 -5.91 -46.67 -0.40
CA GLU A 437 -5.12 -46.69 -1.63
C GLU A 437 -4.98 -45.32 -2.29
N GLN A 438 -6.05 -44.52 -2.25
CA GLN A 438 -6.02 -43.21 -2.88
C GLN A 438 -5.14 -42.25 -2.09
N ALA A 439 -5.18 -42.38 -0.77
CA ALA A 439 -4.33 -41.61 0.11
C ALA A 439 -2.86 -41.97 -0.10
N PHE A 440 -2.61 -43.27 -0.31
CA PHE A 440 -1.27 -43.76 -0.60
C PHE A 440 -0.69 -43.07 -1.82
N ASN A 441 -1.40 -43.18 -2.93
CA ASN A 441 -0.94 -42.63 -4.20
C ASN A 441 -0.89 -41.11 -4.22
N ASP A 442 -1.70 -40.47 -3.38
CA ASP A 442 -1.63 -39.02 -3.26
C ASP A 442 -0.32 -38.61 -2.58
N ARG A 443 -0.03 -39.23 -1.44
CA ARG A 443 1.17 -38.90 -0.69
C ARG A 443 2.42 -39.52 -1.31
N LYS A 444 2.26 -40.54 -2.13
CA LYS A 444 3.40 -41.11 -2.86
C LYS A 444 3.85 -40.13 -3.96
N GLU A 445 2.89 -39.62 -4.72
CA GLU A 445 3.18 -38.69 -5.81
C GLU A 445 3.70 -37.37 -5.25
N ASN A 446 3.23 -37.02 -4.07
CA ASN A 446 3.72 -35.82 -3.40
C ASN A 446 5.13 -36.05 -2.86
N LEU A 447 5.41 -37.27 -2.42
CA LEU A 447 6.74 -37.63 -1.95
C LEU A 447 7.76 -37.60 -3.08
N ILE A 448 7.34 -38.06 -4.27
CA ILE A 448 8.21 -38.06 -5.43
C ILE A 448 8.57 -36.66 -5.91
N LYS A 449 7.60 -35.75 -5.94
CA LYS A 449 7.88 -34.40 -6.40
C LYS A 449 8.71 -33.62 -5.37
N SER A 450 8.72 -34.10 -4.14
CA SER A 450 9.46 -33.42 -3.08
C SER A 450 10.87 -33.98 -2.98
N GLN A 451 11.10 -35.15 -3.57
CA GLN A 451 12.45 -35.73 -3.54
C GLN A 451 13.31 -35.15 -4.64
N ALA A 452 12.79 -34.17 -5.36
CA ALA A 452 13.52 -33.49 -6.42
C ALA A 452 14.80 -32.88 -5.86
N ASP A 453 14.65 -31.88 -5.01
CA ASP A 453 15.81 -31.21 -4.42
C ASP A 453 16.59 -32.11 -3.47
N PHE A 454 15.97 -33.20 -2.99
CA PHE A 454 16.69 -34.18 -2.19
C PHE A 454 17.85 -34.77 -2.97
N PHE A 455 17.57 -35.16 -4.21
CA PHE A 455 18.59 -35.78 -5.06
C PHE A 455 19.52 -34.76 -5.71
N LYS A 456 19.08 -33.50 -5.81
CA LYS A 456 19.97 -32.43 -6.27
C LYS A 456 21.13 -32.27 -5.27
N ASP A 457 20.84 -32.51 -3.99
CA ASP A 457 21.80 -32.28 -2.93
C ASP A 457 22.37 -33.61 -2.39
N PHE A 458 21.90 -34.72 -2.95
CA PHE A 458 22.34 -36.03 -2.50
C PHE A 458 23.58 -36.47 -3.26
N ASN A 459 24.60 -36.87 -2.50
CA ASN A 459 25.80 -37.42 -3.10
C ASN A 459 25.98 -38.85 -2.60
N SER A 460 25.80 -39.81 -3.51
CA SER A 460 25.91 -41.23 -3.17
C SER A 460 27.24 -41.57 -2.47
N THR A 461 28.35 -41.07 -3.01
CA THR A 461 29.68 -41.31 -2.42
C THR A 461 29.75 -40.85 -0.98
N VAL A 462 29.30 -39.62 -0.72
CA VAL A 462 29.28 -39.09 0.65
C VAL A 462 28.42 -39.91 1.60
N ASP A 463 27.18 -40.17 1.20
CA ASP A 463 26.19 -40.73 2.12
C ASP A 463 26.56 -42.13 2.57
N GLU A 464 27.31 -42.82 1.74
CA GLU A 464 27.73 -44.18 2.05
C GLU A 464 28.87 -44.22 3.06
N LYS A 465 29.78 -43.27 2.98
CA LYS A 465 30.84 -43.21 3.97
C LYS A 465 30.26 -42.84 5.33
N VAL A 466 29.34 -41.87 5.37
CA VAL A 466 28.68 -41.54 6.63
C VAL A 466 27.76 -42.70 7.08
N PHE A 467 27.19 -43.43 6.12
CA PHE A 467 26.40 -44.64 6.45
C PHE A 467 27.27 -45.68 7.13
N GLU A 468 28.49 -45.82 6.63
CA GLU A 468 29.41 -46.83 7.14
C GLU A 468 29.83 -46.49 8.57
N GLN A 469 29.91 -45.20 8.88
CA GLN A 469 30.35 -44.76 10.19
C GLN A 469 29.24 -44.72 11.24
N LEU A 470 28.01 -44.42 10.81
CA LEU A 470 26.89 -44.26 11.75
C LEU A 470 26.26 -45.59 12.14
N VAL A 471 26.17 -46.51 11.19
CA VAL A 471 25.67 -47.84 11.47
C VAL A 471 26.60 -48.56 12.45
N ALA A 472 27.90 -48.29 12.32
CA ALA A 472 28.88 -48.80 13.28
C ALA A 472 28.55 -48.31 14.70
N LEU A 473 28.22 -47.03 14.84
CA LEU A 473 27.96 -46.48 16.16
C LEU A 473 26.69 -47.06 16.80
N TYR A 474 25.65 -47.22 16.01
CA TYR A 474 24.37 -47.76 16.48
C TYR A 474 24.55 -49.17 17.03
N ALA A 475 25.33 -49.99 16.33
CA ALA A 475 25.55 -51.35 16.80
C ALA A 475 26.38 -51.37 18.08
N THR A 476 27.47 -50.61 18.10
CA THR A 476 28.45 -50.75 19.16
C THR A 476 28.13 -49.96 20.43
N LYS A 477 27.48 -48.81 20.31
CA LYS A 477 27.27 -47.95 21.48
C LYS A 477 25.83 -47.76 21.94
N ALA A 478 24.87 -48.20 21.13
CA ALA A 478 23.47 -48.17 21.56
C ALA A 478 23.20 -49.26 22.60
N PRO A 479 22.15 -49.08 23.43
CA PRO A 479 21.75 -50.10 24.41
C PRO A 479 21.41 -51.42 23.74
N LYS A 480 22.12 -52.47 24.14
CA LYS A 480 22.10 -53.73 23.40
C LYS A 480 20.77 -54.48 23.52
N GLU A 481 20.00 -54.23 24.57
CA GLU A 481 18.75 -54.98 24.80
C GLU A 481 17.60 -54.59 23.86
N PHE A 482 17.83 -53.60 23.00
CA PHE A 482 16.81 -53.22 22.01
C PHE A 482 17.40 -53.15 20.59
N LEU A 483 18.65 -53.59 20.44
CA LEU A 483 19.32 -53.59 19.14
C LEU A 483 18.51 -54.43 18.15
N PRO A 484 18.48 -54.04 16.87
CA PRO A 484 17.78 -54.87 15.89
C PRO A 484 18.65 -55.99 15.31
N ILE A 485 18.63 -56.13 13.99
CA ILE A 485 19.38 -57.16 13.29
C ILE A 485 20.87 -56.87 13.35
N SER A 486 21.21 -55.61 13.68
CA SER A 486 22.58 -55.12 13.77
C SER A 486 23.44 -55.57 12.59
N VAL A 490 24.85 -61.63 12.60
CA VAL A 490 23.84 -60.94 13.37
C VAL A 490 24.46 -59.87 14.31
N GLU A 491 25.60 -60.15 14.93
CA GLU A 491 26.15 -59.19 15.93
C GLU A 491 27.16 -58.28 15.24
N TYR A 492 27.65 -58.70 14.07
CA TYR A 492 28.53 -57.87 13.24
C TYR A 492 27.95 -57.75 11.84
N LYS A 493 27.63 -56.52 11.43
CA LYS A 493 27.18 -56.23 10.08
C LYS A 493 28.31 -56.35 9.06
N LYS A 494 29.52 -56.45 9.58
CA LYS A 494 30.74 -56.25 8.82
C LYS A 494 30.64 -54.91 8.06
N PHE A 495 30.97 -54.94 6.79
CA PHE A 495 30.72 -53.81 5.90
C PHE A 495 29.76 -54.26 4.83
N ALA A 496 28.61 -53.61 4.76
CA ALA A 496 27.75 -53.73 3.59
C ALA A 496 27.80 -52.38 2.87
N PRO A 497 28.94 -52.07 2.21
CA PRO A 497 29.07 -50.74 1.61
C PRO A 497 28.03 -50.57 0.51
N SER A 498 28.23 -51.22 -0.62
CA SER A 498 27.22 -51.29 -1.66
C SER A 498 25.94 -52.00 -1.20
N ILE A 499 25.21 -51.39 -0.28
CA ILE A 499 23.75 -51.47 -0.27
C ILE A 499 23.35 -50.27 -1.11
N TYR A 500 24.35 -49.41 -1.36
CA TYR A 500 24.26 -48.32 -2.33
C TYR A 500 24.55 -48.90 -3.72
N SER A 501 24.77 -50.22 -3.75
CA SER A 501 24.93 -50.98 -4.98
C SER A 501 23.77 -50.75 -5.91
N LYS A 502 22.63 -51.28 -5.51
CA LYS A 502 21.47 -51.30 -6.36
C LYS A 502 20.19 -51.23 -5.55
N SER A 503 20.31 -50.59 -4.38
CA SER A 503 19.17 -49.88 -3.83
C SER A 503 18.86 -48.84 -4.86
N LYS A 504 17.58 -48.61 -5.07
CA LYS A 504 17.12 -47.74 -6.13
C LYS A 504 16.75 -46.40 -5.46
N LEU A 505 17.22 -46.24 -4.23
CA LEU A 505 17.05 -45.01 -3.47
C LEU A 505 18.24 -44.07 -3.69
N VAL A 506 19.33 -44.60 -4.27
CA VAL A 506 20.51 -43.78 -4.54
C VAL A 506 20.26 -42.72 -5.62
N ASP A 507 19.39 -43.04 -6.58
CA ASP A 507 19.20 -42.21 -7.76
C ASP A 507 17.73 -41.81 -7.94
N TYR A 508 17.49 -40.60 -8.47
CA TYR A 508 16.14 -40.09 -8.62
C TYR A 508 15.36 -40.81 -9.71
N ALA A 509 16.00 -41.01 -10.86
CA ALA A 509 15.42 -41.74 -11.97
C ALA A 509 15.08 -43.14 -11.49
N ASN A 510 16.03 -43.72 -10.75
CA ASN A 510 15.78 -44.96 -10.04
C ASN A 510 14.54 -44.82 -9.15
N PHE A 511 14.60 -43.97 -8.14
CA PHE A 511 13.52 -43.79 -7.16
C PHE A 511 12.11 -43.69 -7.78
N LYS A 512 11.98 -42.99 -8.90
CA LYS A 512 10.68 -42.87 -9.59
C LYS A 512 10.20 -44.24 -10.11
N ALA A 513 11.13 -45.05 -10.59
CA ALA A 513 10.79 -46.36 -11.18
C ALA A 513 10.28 -47.31 -10.11
N LEU A 514 10.86 -47.21 -8.92
CA LEU A 514 10.46 -48.04 -7.79
C LEU A 514 9.00 -47.75 -7.39
N LEU A 515 8.59 -46.50 -7.57
CA LEU A 515 7.26 -46.05 -7.13
C LEU A 515 6.31 -45.86 -8.32
N SER A 516 6.66 -46.48 -9.44
CA SER A 516 5.86 -46.37 -10.66
C SER A 516 4.83 -47.50 -10.71
N GLY A 517 3.55 -47.13 -10.71
CA GLY A 517 2.48 -48.12 -10.79
C GLY A 517 1.40 -48.00 -9.73
N ASP A 518 0.57 -49.04 -9.62
CA ASP A 518 -0.52 -49.06 -8.64
C ASP A 518 -0.01 -49.24 -7.22
N ALA A 519 -0.91 -49.12 -6.25
CA ALA A 519 -0.52 -49.01 -4.84
C ALA A 519 0.16 -50.23 -4.27
N LYS A 520 -0.36 -51.42 -4.60
CA LYS A 520 0.31 -52.66 -4.25
C LYS A 520 1.63 -52.74 -5.03
N ALA A 521 1.91 -53.83 -5.74
CA ALA A 521 3.10 -53.97 -6.63
C ALA A 521 4.29 -53.05 -6.30
N VAL A 522 4.03 -51.74 -6.35
CA VAL A 522 4.91 -50.69 -5.83
C VAL A 522 5.31 -50.99 -4.38
N LEU A 523 4.33 -51.36 -3.56
CA LEU A 523 4.60 -51.71 -2.16
C LEU A 523 5.42 -52.99 -2.00
N LYS A 524 5.35 -53.86 -3.00
CA LYS A 524 6.17 -55.07 -3.00
C LYS A 524 7.48 -54.85 -3.75
N LYS A 525 7.47 -53.94 -4.73
CA LYS A 525 8.71 -53.51 -5.35
C LYS A 525 9.62 -52.94 -4.27
N ILE A 526 9.05 -52.07 -3.44
CA ILE A 526 9.77 -51.43 -2.33
C ILE A 526 10.25 -52.48 -1.32
N SER A 527 9.43 -53.51 -1.07
CA SER A 527 9.78 -54.51 -0.07
C SER A 527 10.97 -55.36 -0.49
N LEU A 528 11.24 -55.39 -1.81
CA LEU A 528 12.33 -56.20 -2.36
C LEU A 528 13.66 -55.46 -2.39
N ASP A 529 13.61 -54.14 -2.45
CA ASP A 529 14.81 -53.32 -2.50
C ASP A 529 15.69 -53.57 -1.27
N LYS A 530 16.97 -53.83 -1.51
CA LYS A 530 17.89 -54.15 -0.42
C LYS A 530 18.06 -52.99 0.56
N GLY A 531 17.91 -51.77 0.06
CA GLY A 531 17.98 -50.61 0.92
C GLY A 531 16.80 -50.52 1.86
N TYR A 532 15.60 -50.46 1.31
CA TYR A 532 14.40 -50.35 2.14
C TYR A 532 14.25 -51.58 3.04
N ALA A 533 14.70 -52.74 2.57
CA ALA A 533 14.69 -53.94 3.39
C ALA A 533 15.48 -53.70 4.67
N PHE A 534 16.66 -53.10 4.54
CA PHE A 534 17.50 -52.86 5.71
C PHE A 534 16.83 -51.87 6.66
N VAL A 535 16.33 -50.76 6.13
CA VAL A 535 15.65 -49.78 6.98
C VAL A 535 14.46 -50.43 7.69
N LYS A 536 13.79 -51.36 7.00
CA LYS A 536 12.64 -52.04 7.56
C LYS A 536 13.02 -52.79 8.84
N SER A 537 14.17 -53.45 8.84
CA SER A 537 14.63 -54.18 10.02
C SER A 537 14.85 -53.24 11.20
N LEU A 538 15.29 -52.02 10.93
CA LEU A 538 15.56 -51.05 11.97
C LEU A 538 14.27 -50.36 12.39
N ALA A 539 13.39 -50.12 11.42
CA ALA A 539 12.16 -49.36 11.66
C ALA A 539 11.13 -50.12 12.48
N ASP A 540 10.71 -51.31 12.02
CA ASP A 540 9.68 -52.01 12.77
C ASP A 540 10.26 -52.54 14.09
N ASN A 541 11.58 -52.67 14.17
CA ASN A 541 12.23 -52.94 15.45
C ASN A 541 12.01 -51.78 16.41
N TYR A 542 12.15 -50.56 15.89
CA TYR A 542 11.89 -49.36 16.68
C TYR A 542 10.40 -49.22 17.00
N SER A 543 9.58 -49.25 15.96
CA SER A 543 8.16 -48.95 16.10
C SER A 543 7.41 -49.97 16.94
N LYS A 544 8.00 -51.16 17.11
CA LYS A 544 7.33 -52.19 17.87
C LYS A 544 7.99 -52.45 19.22
N ASN A 545 9.31 -52.28 19.31
CA ASN A 545 10.02 -52.70 20.51
C ASN A 545 10.64 -51.57 21.34
N ILE A 546 10.44 -50.33 20.91
CA ILE A 546 10.96 -49.18 21.65
C ILE A 546 9.90 -48.09 21.75
N ALA A 547 9.37 -47.72 20.60
CA ALA A 547 8.37 -46.65 20.48
C ALA A 547 7.10 -46.83 21.35
N PRO A 548 6.50 -48.04 21.39
CA PRO A 548 5.32 -48.15 22.24
C PRO A 548 5.59 -47.75 23.68
N ARG A 549 6.62 -48.33 24.29
CA ARG A 549 6.91 -48.07 25.69
C ARG A 549 7.31 -46.62 25.93
N TYR A 550 8.24 -46.10 25.12
CA TYR A 550 8.66 -44.69 25.23
C TYR A 550 7.48 -43.71 25.21
N ASP A 551 6.55 -43.91 24.28
CA ASP A 551 5.35 -43.07 24.19
C ASP A 551 4.55 -43.09 25.49
N GLU A 552 4.27 -44.29 25.97
CA GLU A 552 3.53 -44.48 27.21
C GLU A 552 4.11 -43.65 28.36
N ILE A 553 5.42 -43.78 28.55
CA ILE A 553 6.08 -43.12 29.66
C ILE A 553 6.18 -41.61 29.45
N ASN A 554 6.40 -41.21 28.21
CA ASN A 554 6.56 -39.80 27.88
C ASN A 554 5.24 -39.06 28.09
N LEU A 555 4.14 -39.70 27.72
CA LEU A 555 2.83 -39.13 27.98
C LEU A 555 2.65 -38.87 29.48
N LYS A 556 3.09 -39.80 30.31
CA LYS A 556 2.99 -39.63 31.75
C LYS A 556 3.90 -38.52 32.25
N ILE A 557 5.12 -38.47 31.73
CA ILE A 557 6.05 -37.40 32.07
C ILE A 557 5.52 -36.03 31.64
N ASN A 558 5.01 -35.94 30.42
CA ASN A 558 4.42 -34.70 29.93
C ASN A 558 3.26 -34.22 30.78
N ALA A 559 2.35 -35.13 31.09
CA ALA A 559 1.21 -34.81 31.92
C ALA A 559 1.67 -34.33 33.28
N LEU A 560 2.63 -35.04 33.84
CA LEU A 560 3.21 -34.66 35.11
C LEU A 560 3.86 -33.28 35.00
N GLN A 561 4.53 -33.03 33.87
CA GLN A 561 5.19 -31.75 33.61
C GLN A 561 4.16 -30.61 33.52
N ARG A 562 3.01 -30.90 32.92
CA ARG A 562 1.91 -29.94 32.86
C ARG A 562 1.50 -29.50 34.28
N ILE A 563 1.45 -30.46 35.21
CA ILE A 563 1.03 -30.19 36.59
C ILE A 563 2.14 -29.51 37.37
N TYR A 564 3.37 -29.95 37.13
CA TYR A 564 4.54 -29.34 37.75
C TYR A 564 4.61 -27.86 37.40
N MET A 565 4.28 -27.53 36.16
CA MET A 565 4.27 -26.15 35.68
C MET A 565 3.23 -25.33 36.45
N LYS A 566 2.00 -25.83 36.50
CA LYS A 566 0.91 -25.19 37.22
C LYS A 566 1.24 -25.00 38.70
N ALA A 567 1.92 -25.99 39.28
CA ALA A 567 2.30 -25.94 40.68
C ALA A 567 3.21 -24.74 40.94
N GLN A 568 4.20 -24.58 40.07
CA GLN A 568 5.17 -23.50 40.24
C GLN A 568 4.51 -22.15 40.02
N LEU A 569 3.54 -22.11 39.12
CA LEU A 569 2.78 -20.89 38.87
C LEU A 569 2.00 -20.47 40.13
N GLU A 570 1.53 -21.44 40.90
CA GLU A 570 0.72 -21.15 42.08
C GLU A 570 1.57 -20.70 43.26
N LEU A 571 2.58 -21.48 43.58
CA LEU A 571 3.35 -21.30 44.81
C LEU A 571 4.43 -20.23 44.69
N TYR A 572 4.51 -19.59 43.53
CA TYR A 572 5.48 -18.52 43.29
C TYR A 572 4.87 -17.49 42.34
N PRO A 573 3.92 -16.68 42.84
CA PRO A 573 3.07 -15.85 41.98
C PRO A 573 3.74 -14.57 41.47
N ASN A 574 4.68 -14.02 42.22
CA ASN A 574 5.38 -12.81 41.80
C ASN A 574 6.87 -13.06 41.64
N SER A 575 7.22 -14.07 40.84
CA SER A 575 8.62 -14.45 40.70
C SER A 575 9.11 -14.39 39.25
N ARG A 576 8.50 -13.49 38.48
CA ARG A 576 8.83 -13.28 37.07
C ARG A 576 8.75 -14.55 36.23
N ILE A 577 7.67 -15.32 36.40
CA ILE A 577 7.53 -16.54 35.63
C ILE A 577 6.99 -16.24 34.24
N PHE A 578 7.73 -16.69 33.24
CA PHE A 578 7.36 -16.50 31.84
C PHE A 578 7.12 -17.86 31.22
N PRO A 579 6.22 -17.92 30.23
CA PRO A 579 5.94 -19.18 29.54
C PRO A 579 7.14 -19.65 28.72
N ASP A 580 7.34 -20.95 28.62
CA ASP A 580 8.43 -21.52 27.83
C ASP A 580 8.22 -21.05 26.40
N ALA A 581 9.29 -20.93 25.62
CA ALA A 581 9.13 -20.57 24.22
C ALA A 581 8.37 -21.69 23.51
N ASN A 582 7.57 -21.30 22.51
CA ASN A 582 6.79 -22.26 21.74
C ASN A 582 6.55 -21.76 20.33
N SER A 583 7.58 -21.15 19.76
CA SER A 583 7.56 -20.58 18.42
C SER A 583 6.45 -19.53 18.21
N THR A 584 6.14 -18.76 19.26
CA THR A 584 5.25 -17.61 19.13
C THR A 584 5.97 -16.29 19.42
N LEU A 585 5.36 -15.19 18.98
CA LEU A 585 5.95 -13.86 19.09
C LEU A 585 6.20 -13.47 20.54
N ARG A 586 7.44 -13.14 20.88
CA ARG A 586 7.78 -12.76 22.25
C ARG A 586 8.67 -11.55 22.24
N VAL A 587 8.69 -10.85 23.36
CA VAL A 587 9.57 -9.74 23.54
C VAL A 587 10.53 -10.09 24.68
N THR A 588 11.80 -9.70 24.53
CA THR A 588 12.76 -9.74 25.63
C THR A 588 13.58 -8.45 25.55
N TYR A 589 14.10 -8.00 26.69
CA TYR A 589 14.84 -6.76 26.74
C TYR A 589 16.04 -6.87 27.66
N GLY A 590 16.90 -5.86 27.62
CA GLY A 590 18.04 -5.83 28.51
C GLY A 590 18.93 -4.69 28.10
N LYS A 591 20.24 -4.93 28.11
CA LYS A 591 21.17 -3.88 27.76
C LYS A 591 22.45 -4.42 27.13
N VAL A 592 23.10 -3.58 26.34
CA VAL A 592 24.41 -3.87 25.81
C VAL A 592 25.39 -4.04 26.99
N LYS A 593 25.93 -5.24 27.15
CA LYS A 593 26.73 -5.57 28.32
C LYS A 593 27.70 -6.70 28.01
N GLY A 594 28.98 -6.49 28.32
CA GLY A 594 29.95 -7.58 28.21
C GLY A 594 29.77 -8.61 29.30
N TYR A 595 30.78 -9.49 29.45
CA TYR A 595 30.78 -10.47 30.53
C TYR A 595 32.17 -11.09 30.75
N SER A 596 32.29 -11.89 31.82
CA SER A 596 33.54 -12.55 32.19
C SER A 596 33.41 -14.07 32.15
N PRO A 597 34.05 -14.70 31.16
CA PRO A 597 33.96 -16.14 30.99
C PRO A 597 34.79 -16.93 32.02
N LYS A 598 35.85 -16.29 32.54
CA LYS A 598 36.85 -16.94 33.39
C LYS A 598 37.65 -15.93 34.22
N ASP A 599 38.36 -16.40 35.25
CA ASP A 599 39.15 -15.53 36.12
C ASP A 599 40.01 -14.59 35.30
N ALA A 600 39.96 -13.29 35.64
CA ALA A 600 40.81 -12.23 35.05
C ALA A 600 40.52 -11.89 33.58
N ILE A 601 39.47 -12.49 33.02
CA ILE A 601 39.17 -12.29 31.62
C ILE A 601 37.85 -11.55 31.44
N TYR A 602 37.86 -10.45 30.72
CA TYR A 602 36.61 -9.76 30.46
C TYR A 602 36.37 -9.63 28.96
N TYR A 603 35.14 -9.90 28.54
CA TYR A 603 34.78 -9.72 27.15
C TYR A 603 33.98 -8.43 27.02
N ASN A 604 34.48 -7.52 26.19
CA ASN A 604 33.81 -6.26 25.98
C ASN A 604 32.56 -6.47 25.12
N PRO A 605 31.57 -5.58 25.23
CA PRO A 605 30.28 -5.75 24.53
C PRO A 605 30.26 -5.47 23.02
N THR A 606 31.35 -4.96 22.44
CA THR A 606 31.34 -4.63 21.01
C THR A 606 32.59 -5.12 20.27
N THR A 607 32.44 -5.48 18.99
CA THR A 607 33.58 -5.86 18.17
C THR A 607 33.75 -4.90 16.98
N TYR A 608 34.91 -4.94 16.34
CA TYR A 608 35.23 -4.06 15.20
C TYR A 608 35.88 -4.84 14.06
N LEU A 609 35.91 -4.25 12.86
CA LEU A 609 36.41 -4.93 11.67
C LEU A 609 37.88 -5.31 11.80
N ASP A 610 38.63 -4.56 12.60
CA ASP A 610 40.05 -4.90 12.72
C ASP A 610 40.16 -6.22 13.51
N GLY A 611 39.14 -6.53 14.30
CA GLY A 611 39.06 -7.81 14.97
C GLY A 611 38.84 -8.95 13.99
N ALA A 612 38.13 -8.66 12.92
CA ALA A 612 37.94 -9.63 11.85
C ALA A 612 39.27 -9.85 11.12
N ILE A 613 39.99 -8.75 10.93
CA ILE A 613 41.30 -8.80 10.29
C ILE A 613 42.28 -9.64 11.11
N GLU A 614 42.25 -9.49 12.43
CA GLU A 614 43.10 -10.30 13.32
C GLU A 614 42.89 -11.80 13.07
N LYS A 615 41.66 -12.18 12.73
CA LYS A 615 41.31 -13.59 12.50
C LYS A 615 41.55 -14.05 11.05
N TYR A 616 41.87 -13.09 10.18
CA TYR A 616 42.04 -13.37 8.74
C TYR A 616 43.12 -14.41 8.49
N ILE A 617 42.76 -15.43 7.70
CA ILE A 617 43.74 -16.40 7.22
C ILE A 617 43.51 -16.55 5.73
N PRO A 618 44.49 -16.11 4.92
CA PRO A 618 44.36 -16.12 3.47
C PRO A 618 43.96 -17.48 2.92
N GLY A 619 42.89 -17.49 2.12
CA GLY A 619 42.43 -18.69 1.44
C GLY A 619 41.93 -19.81 2.35
N ASP A 620 41.71 -19.48 3.62
CA ASP A 620 41.19 -20.46 4.58
C ASP A 620 39.70 -20.77 4.37
N TYR A 621 39.34 -22.04 4.59
CA TYR A 621 37.96 -22.53 4.51
C TYR A 621 36.98 -21.62 5.28
N GLU A 622 37.34 -21.28 6.51
CA GLU A 622 36.48 -20.51 7.40
C GLU A 622 36.84 -19.03 7.51
N PHE A 623 38.12 -18.71 7.65
CA PHE A 623 38.48 -17.33 7.98
C PHE A 623 39.12 -16.55 6.84
N ASP A 624 38.94 -16.98 5.59
CA ASP A 624 39.32 -16.14 4.46
C ASP A 624 38.41 -14.90 4.42
N VAL A 625 38.92 -13.79 3.88
CA VAL A 625 38.15 -12.56 3.75
C VAL A 625 38.08 -12.18 2.29
N PRO A 626 36.91 -11.69 1.82
CA PRO A 626 36.84 -11.20 0.45
C PRO A 626 37.82 -10.06 0.18
N LYS A 627 38.17 -9.89 -1.09
CA LYS A 627 39.20 -8.95 -1.48
C LYS A 627 38.71 -7.52 -1.26
N LYS A 628 37.45 -7.27 -1.63
CA LYS A 628 36.87 -5.93 -1.54
C LYS A 628 36.79 -5.43 -0.10
N LEU A 629 36.54 -6.34 0.84
CA LEU A 629 36.42 -5.96 2.24
C LEU A 629 37.79 -5.58 2.80
N ILE A 630 38.81 -6.34 2.42
CA ILE A 630 40.17 -6.02 2.85
C ILE A 630 40.61 -4.64 2.37
N ASP A 631 40.29 -4.32 1.10
CA ASP A 631 40.53 -2.97 0.56
C ASP A 631 39.82 -1.88 1.34
N LEU A 632 38.56 -2.13 1.66
CA LEU A 632 37.76 -1.14 2.37
C LEU A 632 38.38 -0.91 3.73
N TYR A 633 38.82 -1.98 4.38
CA TYR A 633 39.48 -1.88 5.67
C TYR A 633 40.77 -1.07 5.54
N ASN A 634 41.55 -1.35 4.51
CA ASN A 634 42.84 -0.66 4.32
C ASN A 634 42.66 0.81 4.02
N ASN A 635 41.58 1.14 3.30
CA ASN A 635 41.22 2.53 3.02
C ASN A 635 40.45 3.20 4.16
N LYS A 636 39.90 2.39 5.06
CA LYS A 636 39.07 2.88 6.16
C LYS A 636 37.90 3.68 5.57
N ASP A 637 37.47 3.24 4.41
CA ASP A 637 36.36 3.86 3.69
C ASP A 637 35.04 3.39 4.32
N TYR A 638 34.65 4.04 5.41
CA TYR A 638 33.52 3.60 6.21
C TYR A 638 32.31 4.48 6.01
N GLY A 639 32.56 5.70 5.50
CA GLY A 639 31.52 6.69 5.33
C GLY A 639 30.73 6.94 6.59
N GLN A 640 29.43 7.17 6.43
CA GLN A 640 28.56 7.49 7.56
C GLN A 640 28.34 6.30 8.48
N TYR A 641 28.95 5.16 8.17
CA TYR A 641 28.78 3.99 9.01
C TYR A 641 29.91 3.83 10.02
N GLY A 642 30.94 4.67 9.91
CA GLY A 642 32.07 4.59 10.80
C GLY A 642 31.93 5.37 12.09
N GLU A 643 32.79 5.06 13.05
CA GLU A 643 32.75 5.69 14.36
C GLU A 643 34.17 6.02 14.79
N ASN A 644 34.60 7.26 14.57
CA ASN A 644 35.97 7.65 14.87
C ASN A 644 37.00 6.79 14.15
N GLY A 645 36.75 6.42 12.89
CA GLY A 645 37.71 5.66 12.12
C GLY A 645 37.67 4.14 12.28
N LYS A 646 36.70 3.66 13.07
CA LYS A 646 36.53 2.22 13.29
C LYS A 646 35.14 1.76 12.77
N LEU A 647 35.03 0.50 12.33
CA LEU A 647 33.75 -0.03 11.88
C LEU A 647 33.23 -1.08 12.85
N PRO A 648 32.19 -0.72 13.60
CA PRO A 648 31.55 -1.69 14.48
C PRO A 648 31.07 -2.88 13.67
N VAL A 649 31.07 -4.06 14.27
CA VAL A 649 30.65 -5.21 13.52
C VAL A 649 29.56 -5.98 14.28
N CYS A 650 29.80 -6.32 15.54
CA CYS A 650 28.83 -7.05 16.35
C CYS A 650 28.77 -6.45 17.75
N PHE A 651 27.70 -6.76 18.47
CA PHE A 651 27.65 -6.49 19.91
C PHE A 651 26.76 -7.49 20.63
N ILE A 652 26.76 -7.42 21.96
CA ILE A 652 26.06 -8.41 22.78
C ILE A 652 25.30 -7.74 23.91
N GLY A 653 24.21 -8.37 24.34
CA GLY A 653 23.43 -7.86 25.46
C GLY A 653 22.82 -8.94 26.34
N THR A 654 22.12 -8.49 27.36
CA THR A 654 21.50 -9.39 28.31
C THR A 654 20.08 -9.83 27.89
N ASN A 655 19.80 -9.84 26.60
CA ASN A 655 18.51 -10.32 26.13
C ASN A 655 18.45 -11.85 26.13
N HIS A 656 17.32 -12.41 26.52
CA HIS A 656 17.18 -13.85 26.58
C HIS A 656 16.58 -14.36 25.27
N THR A 657 17.38 -15.10 24.51
CA THR A 657 16.97 -15.65 23.22
C THR A 657 17.18 -17.15 23.11
N THR A 658 16.71 -17.74 22.02
CA THR A 658 16.97 -19.15 21.73
C THR A 658 16.79 -19.33 20.23
N GLY A 659 16.96 -20.55 19.71
CA GLY A 659 16.76 -20.79 18.29
C GLY A 659 15.32 -20.36 17.89
N GLY A 660 15.19 -19.67 16.77
CA GLY A 660 13.95 -19.00 16.41
C GLY A 660 14.10 -17.50 16.43
N ASN A 661 14.98 -17.02 17.32
CA ASN A 661 15.27 -15.60 17.46
C ASN A 661 16.28 -15.17 16.44
N SER A 662 16.82 -16.12 15.68
CA SER A 662 17.63 -15.78 14.52
C SER A 662 16.90 -14.80 13.64
N GLY A 663 17.55 -13.69 13.38
CA GLY A 663 17.00 -12.65 12.55
C GLY A 663 16.10 -11.65 13.27
N SER A 664 15.98 -11.77 14.59
CA SER A 664 15.16 -10.84 15.38
C SER A 664 15.78 -9.46 15.41
N PRO A 665 14.94 -8.43 15.36
CA PRO A 665 15.44 -7.06 15.45
C PRO A 665 15.83 -6.72 16.86
N ALA A 666 16.96 -6.03 17.04
CA ALA A 666 17.18 -5.38 18.31
C ALA A 666 16.91 -3.90 18.12
N VAL A 667 16.01 -3.36 18.95
CA VAL A 667 15.66 -1.96 18.88
C VAL A 667 16.07 -1.23 20.13
N ASP A 668 16.33 0.06 19.97
CA ASP A 668 16.78 0.93 21.05
C ASP A 668 15.58 1.45 21.85
N ALA A 669 15.84 2.45 22.69
CA ALA A 669 14.82 3.03 23.56
C ALA A 669 13.65 3.66 22.81
N GLN A 670 13.91 4.19 21.61
CA GLN A 670 12.86 4.84 20.83
C GLN A 670 12.24 3.92 19.78
N GLY A 671 12.67 2.67 19.73
CA GLY A 671 12.10 1.74 18.78
C GLY A 671 12.78 1.71 17.42
N ASN A 672 13.96 2.30 17.34
CA ASN A 672 14.82 2.22 16.16
C ASN A 672 15.67 0.97 16.12
N LEU A 673 15.82 0.41 14.93
CA LEU A 673 16.66 -0.77 14.73
C LEU A 673 18.13 -0.44 14.93
N ILE A 674 18.78 -1.13 15.88
CA ILE A 674 20.21 -0.93 16.15
C ILE A 674 21.05 -2.22 15.98
N GLY A 675 20.39 -3.37 16.04
CA GLY A 675 21.07 -4.64 15.90
C GLY A 675 20.20 -5.71 15.24
N LEU A 676 20.87 -6.75 14.76
CA LEU A 676 20.21 -7.92 14.21
C LEU A 676 20.67 -9.18 14.94
N ASN A 677 19.77 -9.78 15.74
CA ASN A 677 20.14 -10.93 16.55
C ASN A 677 20.50 -12.14 15.73
N PHE A 678 21.50 -12.91 16.17
CA PHE A 678 21.87 -14.09 15.40
C PHE A 678 22.54 -15.24 16.13
N ASP A 679 22.88 -15.06 17.41
CA ASP A 679 23.47 -16.16 18.15
C ASP A 679 23.44 -15.93 19.64
N ARG A 680 23.99 -16.89 20.38
CA ARG A 680 24.28 -16.74 21.80
C ARG A 680 25.75 -17.03 22.04
N VAL A 681 26.30 -16.51 23.13
CA VAL A 681 27.70 -16.77 23.44
C VAL A 681 27.88 -18.17 24.05
N TRP A 682 29.11 -18.69 23.97
CA TRP A 682 29.41 -20.07 24.37
C TRP A 682 28.91 -20.43 25.76
N GLU A 683 29.18 -19.54 26.70
CA GLU A 683 28.83 -19.76 28.09
C GLU A 683 27.34 -19.86 28.35
N GLY A 684 26.52 -19.35 27.43
CA GLY A 684 25.09 -19.35 27.66
C GLY A 684 24.35 -20.28 26.74
N THR A 685 25.04 -21.26 26.18
CA THR A 685 24.39 -22.20 25.28
C THR A 685 23.45 -23.11 26.06
N MET A 686 23.54 -23.00 27.38
CA MET A 686 22.68 -23.74 28.30
C MET A 686 21.35 -23.04 28.57
N SER A 687 21.18 -21.84 28.03
CA SER A 687 20.11 -20.96 28.54
C SER A 687 18.67 -21.42 28.32
N ASP A 688 18.44 -22.46 27.52
CA ASP A 688 17.10 -23.04 27.36
C ASP A 688 16.69 -23.85 28.58
N ILE A 689 17.68 -24.24 29.38
CA ILE A 689 17.48 -25.14 30.52
C ILE A 689 17.76 -24.40 31.83
N HIS A 690 18.77 -23.53 31.79
CA HIS A 690 19.13 -22.72 32.94
C HIS A 690 19.68 -21.38 32.47
N TYR A 691 19.05 -20.29 32.90
CA TYR A 691 19.50 -18.95 32.54
C TYR A 691 20.34 -18.35 33.68
N ASP A 692 21.57 -17.96 33.38
CA ASP A 692 22.44 -17.29 34.34
C ASP A 692 22.77 -15.92 33.75
N PRO A 693 22.31 -14.85 34.40
CA PRO A 693 22.40 -13.48 33.86
C PRO A 693 23.81 -12.92 33.77
N SER A 694 24.75 -13.50 34.51
CA SER A 694 26.07 -12.93 34.51
C SER A 694 26.85 -13.40 33.29
N ILE A 695 26.42 -14.50 32.66
CA ILE A 695 27.12 -15.03 31.49
C ILE A 695 26.23 -15.33 30.25
N CYS A 696 24.92 -15.14 30.34
CA CYS A 696 24.08 -15.35 29.17
C CYS A 696 23.96 -14.06 28.38
N ARG A 697 24.40 -14.10 27.13
CA ARG A 697 24.32 -12.92 26.28
C ARG A 697 23.83 -13.32 24.90
N ASN A 698 23.14 -12.40 24.23
CA ASN A 698 22.80 -12.66 22.85
C ASN A 698 23.75 -11.89 21.96
N VAL A 699 24.00 -12.40 20.76
CA VAL A 699 24.90 -11.75 19.81
C VAL A 699 24.13 -11.15 18.64
N MET A 700 24.42 -9.89 18.35
CA MET A 700 23.75 -9.09 17.33
C MET A 700 24.70 -8.50 16.31
N VAL A 701 24.30 -8.50 15.05
CA VAL A 701 25.07 -7.75 14.07
C VAL A 701 24.71 -6.29 14.26
N ASP A 702 25.72 -5.43 14.34
CA ASP A 702 25.53 -3.98 14.39
C ASP A 702 24.93 -3.49 13.07
N MET A 703 23.86 -2.69 13.09
CA MET A 703 23.18 -2.28 11.83
C MET A 703 24.12 -1.40 10.98
N ARG A 704 25.03 -0.68 11.63
CA ARG A 704 26.06 0.04 10.88
C ARG A 704 26.89 -0.88 9.96
N TYR A 705 27.23 -2.08 10.42
CA TYR A 705 27.95 -3.05 9.58
C TYR A 705 27.08 -3.63 8.47
N VAL A 706 25.81 -3.92 8.79
CA VAL A 706 24.88 -4.37 7.76
C VAL A 706 24.82 -3.36 6.61
N LEU A 707 24.56 -2.11 6.94
CA LEU A 707 24.43 -1.09 5.90
C LEU A 707 25.75 -0.87 5.15
N PHE A 708 26.85 -0.85 5.88
CA PHE A 708 28.19 -0.82 5.27
C PHE A 708 28.35 -1.93 4.22
N ILE A 709 27.91 -3.14 4.55
CA ILE A 709 28.11 -4.23 3.62
C ILE A 709 27.18 -4.06 2.40
N VAL A 710 25.92 -3.72 2.64
CA VAL A 710 24.99 -3.43 1.57
C VAL A 710 25.53 -2.33 0.64
N ASP A 711 26.13 -1.33 1.25
CA ASP A 711 26.50 -0.12 0.56
C ASP A 711 27.92 -0.15 -0.01
N LYS A 712 28.91 -0.08 0.87
CA LYS A 712 30.31 0.07 0.42
C LYS A 712 30.81 -1.19 -0.29
N PHE A 713 30.33 -2.35 0.17
CA PHE A 713 30.85 -3.60 -0.35
C PHE A 713 30.10 -4.02 -1.62
N ALA A 714 28.77 -4.05 -1.55
CA ALA A 714 27.98 -4.56 -2.67
C ALA A 714 27.59 -3.48 -3.66
N GLY A 715 27.54 -2.23 -3.22
CA GLY A 715 27.15 -1.14 -4.08
C GLY A 715 25.65 -1.10 -4.25
N ALA A 716 24.94 -1.63 -3.26
CA ALA A 716 23.48 -1.71 -3.32
C ALA A 716 22.83 -0.57 -2.57
N LYS A 717 23.36 0.63 -2.74
CA LYS A 717 22.82 1.85 -2.12
C LYS A 717 21.30 2.03 -2.33
N HIS A 718 20.78 1.52 -3.45
CA HIS A 718 19.36 1.70 -3.78
C HIS A 718 18.48 1.04 -2.71
N LEU A 719 18.94 -0.06 -2.12
CA LEU A 719 18.17 -0.68 -1.05
C LEU A 719 18.17 0.20 0.18
N ILE A 720 19.25 0.96 0.37
CA ILE A 720 19.33 1.85 1.51
C ILE A 720 18.40 3.04 1.36
N ASN A 721 18.30 3.56 0.14
CA ASN A 721 17.44 4.71 -0.14
C ASN A 721 16.01 4.43 0.26
N GLU A 722 15.68 3.14 0.31
CA GLU A 722 14.37 2.63 0.69
C GLU A 722 14.14 2.76 2.18
N MET A 723 15.20 2.82 2.97
CA MET A 723 15.04 2.80 4.42
C MET A 723 14.89 4.21 4.98
N LYS A 724 14.49 4.30 6.24
CA LYS A 724 14.52 5.58 6.93
C LYS A 724 15.68 5.57 7.94
N LEU A 725 16.79 6.20 7.57
CA LEU A 725 17.97 6.28 8.42
C LEU A 725 17.79 7.41 9.42
N VAL A 726 17.98 7.13 10.70
CA VAL A 726 17.72 8.16 11.73
C VAL A 726 18.90 8.31 12.71
N HIS A 727 18.88 9.43 13.44
CA HIS A 727 19.93 9.77 14.41
C HIS A 727 19.39 10.05 15.81
N PRO A 728 18.96 9.00 16.53
CA PRO A 728 18.34 9.14 17.85
C PRO A 728 19.24 9.67 18.95
N LYS A 729 20.56 9.65 18.76
CA LYS A 729 21.44 10.08 19.84
C LYS A 729 21.83 11.55 19.66
N LYS A 730 21.30 12.16 18.60
CA LYS A 730 21.60 13.56 18.31
C LYS A 730 20.58 14.49 18.92
N GLN B 36 -43.56 -10.82 -13.39
CA GLN B 36 -43.62 -12.25 -13.01
C GLN B 36 -44.92 -12.65 -12.31
N GLN B 37 -45.46 -13.84 -12.66
CA GLN B 37 -46.68 -14.30 -12.04
C GLN B 37 -46.48 -15.32 -10.92
N GLY B 38 -47.55 -15.46 -10.11
CA GLY B 38 -47.54 -16.41 -8.98
C GLY B 38 -46.73 -15.84 -7.82
N GLY B 39 -45.92 -16.65 -7.15
CA GLY B 39 -45.08 -16.04 -6.17
C GLY B 39 -45.06 -16.77 -4.86
N MET B 40 -43.84 -16.97 -4.36
CA MET B 40 -43.69 -17.67 -3.12
C MET B 40 -42.74 -16.84 -2.29
N TRP B 41 -43.25 -16.21 -1.24
CA TRP B 41 -42.59 -15.07 -0.65
C TRP B 41 -42.00 -15.38 0.73
N ILE B 42 -40.83 -14.82 0.96
CA ILE B 42 -40.19 -14.99 2.26
C ILE B 42 -40.98 -14.21 3.29
N PRO B 43 -41.46 -14.88 4.34
CA PRO B 43 -42.43 -14.32 5.29
C PRO B 43 -41.98 -13.03 6.02
N SER B 44 -40.67 -12.81 6.14
CA SER B 44 -40.13 -11.62 6.82
C SER B 44 -40.04 -10.40 5.89
N LEU B 45 -40.27 -10.62 4.60
CA LEU B 45 -40.20 -9.58 3.58
C LEU B 45 -41.59 -9.24 2.98
N LEU B 46 -42.65 -9.42 3.77
CA LEU B 46 -44.02 -9.21 3.27
C LEU B 46 -44.45 -7.75 3.29
N SER B 47 -43.80 -6.92 4.10
CA SER B 47 -44.12 -5.48 4.15
C SER B 47 -44.10 -4.85 2.78
N GLY B 48 -44.98 -3.87 2.57
CA GLY B 48 -45.02 -3.13 1.31
C GLY B 48 -45.73 -3.87 0.20
N MET B 49 -44.97 -4.29 -0.81
CA MET B 49 -45.58 -4.75 -2.05
C MET B 49 -46.51 -5.93 -1.82
N ASN B 50 -46.01 -6.97 -1.16
CA ASN B 50 -46.83 -8.13 -0.90
C ASN B 50 -48.04 -7.83 -0.06
N GLU B 51 -47.85 -7.09 1.03
CA GLU B 51 -48.94 -6.86 1.98
C GLU B 51 -50.04 -5.99 1.33
N THR B 52 -49.66 -5.07 0.45
CA THR B 52 -50.63 -4.28 -0.31
C THR B 52 -51.49 -5.18 -1.24
N GLU B 53 -50.84 -6.16 -1.88
CA GLU B 53 -51.53 -7.11 -2.76
C GLU B 53 -52.51 -7.95 -1.96
N MET B 54 -52.03 -8.43 -0.81
CA MET B 54 -52.83 -9.27 0.06
C MET B 54 -54.03 -8.53 0.61
N LYS B 55 -53.81 -7.32 1.11
CA LYS B 55 -54.93 -6.53 1.60
C LYS B 55 -55.93 -6.17 0.48
N ASN B 56 -55.46 -5.98 -0.74
CA ASN B 56 -56.32 -5.69 -1.86
C ASN B 56 -57.19 -6.92 -2.22
N LEU B 57 -56.71 -8.10 -1.86
CA LEU B 57 -57.42 -9.35 -2.07
C LEU B 57 -58.34 -9.65 -0.90
N GLY B 58 -58.31 -8.83 0.14
CA GLY B 58 -59.24 -9.04 1.24
C GLY B 58 -58.59 -9.45 2.55
N MET B 59 -57.27 -9.63 2.57
CA MET B 59 -56.64 -10.00 3.84
C MET B 59 -56.91 -8.94 4.90
N LYS B 60 -57.25 -9.37 6.11
CA LYS B 60 -57.51 -8.45 7.21
C LYS B 60 -56.39 -8.45 8.28
N ILE B 61 -55.62 -9.53 8.36
CA ILE B 61 -54.51 -9.53 9.32
C ILE B 61 -53.33 -8.76 8.72
N SER B 62 -52.25 -8.58 9.46
CA SER B 62 -51.12 -7.80 8.94
C SER B 62 -49.84 -8.65 8.77
N ALA B 63 -48.79 -8.04 8.22
CA ALA B 63 -47.51 -8.75 8.04
C ALA B 63 -46.98 -9.31 9.37
N ASP B 64 -47.07 -8.49 10.41
CA ASP B 64 -46.58 -8.86 11.74
C ASP B 64 -47.36 -9.98 12.40
N ASP B 65 -48.63 -10.17 12.01
CA ASP B 65 -49.42 -11.33 12.45
C ASP B 65 -48.88 -12.61 11.86
N ILE B 66 -48.39 -12.49 10.64
CA ILE B 66 -47.87 -13.62 9.86
C ILE B 66 -46.44 -13.98 10.29
N TYR B 67 -45.59 -12.95 10.40
CA TYR B 67 -44.19 -13.17 10.80
C TYR B 67 -43.74 -12.10 11.79
N SER B 68 -43.30 -12.53 12.96
CA SER B 68 -42.65 -11.62 13.94
C SER B 68 -41.54 -12.34 14.72
N VAL B 69 -40.48 -11.61 15.09
CA VAL B 69 -39.47 -12.15 16.03
C VAL B 69 -39.77 -11.63 17.43
N ASN B 70 -40.68 -10.67 17.50
CA ASN B 70 -41.00 -10.02 18.77
C ASN B 70 -42.22 -10.59 19.52
N HIS B 71 -43.11 -11.25 18.80
CA HIS B 71 -44.23 -11.93 19.44
C HIS B 71 -44.69 -13.12 18.61
N SER B 72 -45.58 -13.93 19.16
CA SER B 72 -46.08 -15.09 18.41
C SER B 72 -46.75 -14.61 17.13
N SER B 73 -46.69 -15.44 16.10
CA SER B 73 -47.26 -15.10 14.82
C SER B 73 -47.59 -16.41 14.09
N LEU B 74 -48.18 -16.33 12.92
CA LEU B 74 -48.63 -17.54 12.21
C LEU B 74 -47.57 -18.59 12.00
N LYS B 75 -46.33 -18.13 11.77
CA LYS B 75 -45.22 -19.03 11.52
C LYS B 75 -45.02 -20.03 12.66
N ASP B 76 -45.39 -19.62 13.87
CA ASP B 76 -45.23 -20.50 15.03
C ASP B 76 -46.17 -21.68 15.02
N ALA B 77 -47.13 -21.68 14.09
CA ALA B 77 -48.09 -22.77 13.96
C ALA B 77 -47.85 -23.58 12.71
N VAL B 78 -46.81 -23.22 11.95
CA VAL B 78 -46.59 -23.88 10.68
C VAL B 78 -45.17 -24.50 10.58
N PRO B 79 -44.99 -25.71 11.14
CA PRO B 79 -43.69 -26.37 11.09
C PRO B 79 -43.43 -27.22 9.85
N HIS B 80 -42.14 -27.36 9.54
CA HIS B 80 -41.70 -28.23 8.46
C HIS B 80 -41.95 -29.68 8.86
N PHE B 81 -42.49 -30.50 7.97
CA PHE B 81 -42.82 -31.87 8.34
C PHE B 81 -41.85 -32.83 7.68
N ASN B 82 -40.95 -33.40 8.50
CA ASN B 82 -39.85 -34.28 8.05
C ASN B 82 -39.03 -33.77 6.86
N GLY B 83 -38.73 -32.47 6.85
CA GLY B 83 -37.97 -31.87 5.76
C GLY B 83 -38.55 -31.90 4.35
N GLY B 84 -39.74 -32.45 4.15
CA GLY B 84 -40.29 -32.54 2.79
C GLY B 84 -41.75 -32.10 2.64
N CYS B 85 -42.37 -31.74 3.75
CA CYS B 85 -43.79 -31.45 3.75
C CYS B 85 -44.11 -30.29 4.68
N THR B 86 -45.36 -29.88 4.69
CA THR B 86 -45.80 -28.87 5.63
C THR B 86 -46.83 -29.52 6.54
N SER B 87 -46.99 -28.96 7.73
CA SER B 87 -48.05 -29.37 8.64
C SER B 87 -48.48 -28.13 9.40
N GLU B 88 -49.56 -28.20 10.16
CA GLU B 88 -49.92 -27.04 10.96
C GLU B 88 -50.43 -27.47 12.30
N VAL B 89 -50.16 -26.63 13.30
CA VAL B 89 -50.62 -26.84 14.66
C VAL B 89 -52.07 -26.38 14.80
N ILE B 90 -52.94 -27.24 15.34
CA ILE B 90 -54.35 -26.90 15.38
C ILE B 90 -54.92 -27.14 16.78
N SER B 91 -54.02 -27.26 17.75
CA SER B 91 -54.44 -27.39 19.15
C SER B 91 -53.29 -27.03 20.08
N PRO B 92 -53.62 -26.53 21.29
CA PRO B 92 -52.55 -26.15 22.23
C PRO B 92 -51.86 -27.33 22.91
N LYS B 93 -52.13 -28.55 22.45
CA LYS B 93 -51.40 -29.71 22.92
C LYS B 93 -50.70 -30.40 21.76
N GLY B 94 -50.29 -29.60 20.79
CA GLY B 94 -49.34 -30.04 19.78
C GLY B 94 -49.89 -30.92 18.70
N LEU B 95 -51.21 -30.94 18.58
CA LEU B 95 -51.85 -31.63 17.47
C LEU B 95 -51.52 -30.92 16.18
N ILE B 96 -50.96 -31.64 15.21
CA ILE B 96 -50.68 -31.04 13.93
C ILE B 96 -51.40 -31.80 12.85
N LEU B 97 -51.75 -31.06 11.80
CA LEU B 97 -52.47 -31.61 10.68
C LEU B 97 -51.55 -31.61 9.49
N THR B 98 -51.58 -32.67 8.67
CA THR B 98 -50.89 -32.59 7.38
C THR B 98 -51.64 -33.48 6.38
N ASN B 99 -51.06 -33.76 5.23
CA ASN B 99 -51.75 -34.63 4.28
C ASN B 99 -51.64 -36.11 4.66
N HIS B 100 -52.57 -36.88 4.11
CA HIS B 100 -52.47 -38.31 4.13
C HIS B 100 -51.17 -38.74 3.46
N HIS B 101 -50.92 -38.25 2.26
CA HIS B 101 -49.70 -38.76 1.61
C HIS B 101 -48.41 -38.25 2.27
N CYS B 102 -48.51 -37.26 3.16
CA CYS B 102 -47.38 -36.86 4.01
C CYS B 102 -47.12 -37.83 5.15
N GLY B 103 -48.19 -38.37 5.70
CA GLY B 103 -48.10 -39.32 6.79
C GLY B 103 -48.06 -40.73 6.26
N PHE B 104 -48.18 -40.87 4.94
CA PHE B 104 -48.35 -42.17 4.29
C PHE B 104 -47.20 -43.12 4.61
N ASP B 105 -45.99 -42.58 4.65
CA ASP B 105 -44.82 -43.41 4.92
C ASP B 105 -44.81 -43.94 6.35
N ALA B 106 -45.21 -43.09 7.30
CA ALA B 106 -45.37 -43.53 8.70
C ALA B 106 -46.52 -44.52 8.80
N ILE B 107 -47.59 -44.30 8.05
CA ILE B 107 -48.70 -45.24 8.09
C ILE B 107 -48.29 -46.58 7.50
N GLN B 108 -47.61 -46.54 6.35
CA GLN B 108 -47.10 -47.75 5.70
C GLN B 108 -46.18 -48.52 6.65
N ASN B 109 -45.33 -47.79 7.35
CA ASN B 109 -44.34 -48.37 8.26
C ASN B 109 -45.02 -49.17 9.36
N HIS B 110 -46.12 -48.64 9.90
CA HIS B 110 -46.80 -49.28 11.01
C HIS B 110 -47.84 -50.29 10.57
N SER B 111 -47.88 -50.60 9.28
CA SER B 111 -48.92 -51.49 8.76
C SER B 111 -48.42 -52.92 8.58
N SER B 112 -49.37 -53.85 8.64
CA SER B 112 -49.14 -55.27 8.47
C SER B 112 -50.45 -55.91 8.01
N VAL B 113 -50.41 -57.18 7.60
CA VAL B 113 -51.63 -57.84 7.14
C VAL B 113 -52.64 -58.06 8.27
N ASP B 114 -52.25 -57.81 9.51
CA ASP B 114 -53.21 -57.84 10.62
C ASP B 114 -53.23 -56.56 11.46
N HIS B 115 -52.82 -55.46 10.85
CA HIS B 115 -53.10 -54.14 11.37
C HIS B 115 -52.84 -53.22 10.21
N ASP B 116 -53.63 -53.42 9.16
CA ASP B 116 -53.50 -52.72 7.90
C ASP B 116 -54.04 -51.29 8.01
N TYR B 117 -53.20 -50.41 8.54
CA TYR B 117 -53.60 -49.02 8.74
C TYR B 117 -53.71 -48.27 7.42
N LEU B 118 -52.96 -48.70 6.42
CA LEU B 118 -53.12 -48.14 5.07
C LEU B 118 -54.56 -48.32 4.59
N THR B 119 -55.08 -49.53 4.74
CA THR B 119 -56.44 -49.80 4.29
C THR B 119 -57.51 -49.24 5.25
N ASN B 120 -57.34 -49.45 6.55
CA ASN B 120 -58.45 -49.17 7.49
C ASN B 120 -58.41 -47.81 8.15
N GLY B 121 -57.26 -47.15 8.07
CA GLY B 121 -57.06 -45.91 8.80
C GLY B 121 -56.60 -46.26 10.21
N PHE B 122 -56.43 -45.26 11.06
CA PHE B 122 -55.94 -45.48 12.42
C PHE B 122 -56.45 -44.33 13.26
N TRP B 123 -56.97 -44.62 14.45
CA TRP B 123 -57.42 -43.55 15.33
C TRP B 123 -57.04 -43.85 16.77
N ALA B 124 -56.16 -43.01 17.31
CA ALA B 124 -55.75 -43.13 18.69
C ALA B 124 -56.81 -42.51 19.57
N MET B 125 -57.55 -43.35 20.28
CA MET B 125 -58.66 -42.90 21.11
C MET B 125 -58.17 -42.25 22.40
N LYS B 126 -56.97 -42.59 22.81
CA LYS B 126 -56.33 -41.89 23.92
C LYS B 126 -54.88 -41.60 23.54
N MET B 127 -54.27 -40.58 24.14
CA MET B 127 -52.93 -40.15 23.74
C MET B 127 -51.86 -41.24 23.83
N GLU B 128 -52.02 -42.17 24.77
CA GLU B 128 -51.06 -43.26 24.95
C GLU B 128 -51.03 -44.20 23.76
N ASP B 129 -52.05 -44.11 22.91
CA ASP B 129 -52.16 -45.03 21.79
C ASP B 129 -51.53 -44.49 20.52
N GLU B 130 -51.11 -43.24 20.56
CA GLU B 130 -50.43 -42.64 19.43
C GLU B 130 -49.12 -43.37 19.13
N LEU B 131 -48.88 -43.67 17.85
CA LEU B 131 -47.75 -44.50 17.47
C LEU B 131 -46.50 -43.68 17.29
N PRO B 132 -45.44 -44.01 18.04
CA PRO B 132 -44.17 -43.29 17.88
C PRO B 132 -43.59 -43.53 16.50
N ASN B 133 -42.88 -42.55 15.98
CA ASN B 133 -42.23 -42.73 14.69
C ASN B 133 -40.75 -42.42 14.75
N GLU B 134 -39.94 -43.40 14.39
CA GLU B 134 -38.50 -43.19 14.30
C GLU B 134 -38.20 -42.37 13.05
N ASN B 135 -37.16 -41.55 13.12
CA ASN B 135 -36.68 -40.72 12.01
C ASN B 135 -37.69 -39.68 11.53
N LEU B 136 -38.69 -39.37 12.35
CA LEU B 136 -39.67 -38.37 11.96
C LEU B 136 -39.43 -37.10 12.76
N VAL B 137 -39.06 -36.02 12.10
CA VAL B 137 -38.89 -34.76 12.82
C VAL B 137 -39.87 -33.67 12.32
N VAL B 138 -40.03 -32.64 13.14
CA VAL B 138 -40.90 -31.52 12.85
C VAL B 138 -40.18 -30.27 13.33
N THR B 139 -40.01 -29.30 12.42
CA THR B 139 -39.15 -28.15 12.64
C THR B 139 -39.88 -26.81 12.62
N PHE B 140 -39.78 -26.06 13.71
CA PHE B 140 -40.39 -24.75 13.80
C PHE B 140 -39.35 -23.71 13.46
N ILE B 141 -39.79 -22.63 12.83
CA ILE B 141 -38.92 -21.55 12.47
C ILE B 141 -38.97 -20.46 13.52
N VAL B 142 -37.81 -20.17 14.11
CA VAL B 142 -37.70 -19.11 15.12
C VAL B 142 -37.46 -17.75 14.47
N SER B 143 -36.55 -17.68 13.50
CA SER B 143 -36.23 -16.39 12.87
C SER B 143 -35.54 -16.59 11.52
N ILE B 144 -35.58 -15.55 10.71
CA ILE B 144 -35.09 -15.58 9.33
C ILE B 144 -34.07 -14.43 9.19
N ASN B 145 -32.83 -14.78 8.84
CA ASN B 145 -31.68 -13.88 9.00
C ASN B 145 -30.75 -13.85 7.78
N ASP B 146 -30.72 -12.72 7.10
CA ASP B 146 -29.90 -12.58 5.89
C ASP B 146 -28.43 -12.60 6.30
N VAL B 147 -27.63 -13.48 5.70
CA VAL B 147 -26.19 -13.51 5.99
C VAL B 147 -25.38 -13.63 4.71
N THR B 148 -25.93 -13.07 3.64
CA THR B 148 -25.27 -13.14 2.33
C THR B 148 -23.79 -12.73 2.38
N ALA B 149 -23.51 -11.58 2.97
CA ALA B 149 -22.16 -11.01 2.94
C ALA B 149 -21.16 -11.92 3.67
N GLN B 150 -21.59 -12.55 4.76
CA GLN B 150 -20.73 -13.48 5.50
C GLN B 150 -20.47 -14.76 4.73
N ILE B 151 -21.47 -15.26 4.01
CA ILE B 151 -21.28 -16.48 3.26
C ILE B 151 -20.38 -16.23 2.04
N LEU B 152 -20.48 -15.05 1.43
CA LEU B 152 -19.67 -14.72 0.24
C LEU B 152 -18.31 -14.06 0.59
N ASP B 153 -18.05 -13.91 1.88
CA ASP B 153 -16.80 -13.31 2.37
C ASP B 153 -15.60 -14.04 1.76
N GLY B 154 -14.86 -13.35 0.91
CA GLY B 154 -13.71 -13.93 0.26
C GLY B 154 -14.00 -14.74 -1.01
N VAL B 155 -15.27 -14.91 -1.36
CA VAL B 155 -15.58 -15.76 -2.52
C VAL B 155 -15.23 -15.11 -3.86
N ALA B 156 -15.40 -13.79 -3.96
CA ALA B 156 -15.18 -13.09 -5.23
C ALA B 156 -13.75 -13.22 -5.75
N SER B 157 -12.76 -13.15 -4.86
CA SER B 157 -11.35 -13.21 -5.29
C SER B 157 -10.92 -14.62 -5.72
N ILE B 158 -11.75 -15.61 -5.45
CA ILE B 158 -11.44 -16.98 -5.85
C ILE B 158 -11.87 -17.19 -7.29
N THR B 159 -11.04 -17.88 -8.08
CA THR B 159 -11.33 -18.08 -9.50
C THR B 159 -12.10 -19.37 -9.79
N SER B 160 -11.66 -20.46 -9.18
CA SER B 160 -12.25 -21.76 -9.46
C SER B 160 -13.66 -21.92 -8.90
N GLU B 161 -14.56 -22.41 -9.73
CA GLU B 161 -15.95 -22.60 -9.30
C GLU B 161 -16.05 -23.65 -8.19
N THR B 162 -15.15 -24.63 -8.22
CA THR B 162 -15.08 -25.61 -7.14
C THR B 162 -14.55 -24.99 -5.87
N GLU B 163 -13.63 -24.02 -5.99
CA GLU B 163 -13.03 -23.40 -4.82
C GLU B 163 -13.90 -22.30 -4.23
N LYS B 164 -14.67 -21.63 -5.07
CA LYS B 164 -15.70 -20.73 -4.59
C LYS B 164 -16.65 -21.51 -3.69
N GLN B 165 -17.11 -22.65 -4.18
CA GLN B 165 -18.06 -23.46 -3.44
C GLN B 165 -17.46 -23.98 -2.14
N ASN B 166 -16.14 -24.22 -2.16
CA ASN B 166 -15.42 -24.66 -0.98
C ASN B 166 -15.42 -23.58 0.09
N LYS B 167 -15.06 -22.37 -0.32
CA LYS B 167 -15.09 -21.22 0.58
C LYS B 167 -16.50 -21.02 1.15
N ILE B 168 -17.50 -21.05 0.29
CA ILE B 168 -18.90 -20.87 0.71
C ILE B 168 -19.27 -21.88 1.80
N GLN B 169 -18.94 -23.15 1.55
CA GLN B 169 -19.30 -24.17 2.50
C GLN B 169 -18.56 -23.99 3.82
N GLU B 170 -17.37 -23.40 3.77
CA GLU B 170 -16.60 -23.11 4.99
C GLU B 170 -17.21 -21.95 5.77
N ASN B 171 -17.67 -20.93 5.04
CA ASN B 171 -18.31 -19.79 5.68
C ASN B 171 -19.62 -20.23 6.32
N ILE B 172 -20.32 -21.13 5.65
CA ILE B 172 -21.57 -21.69 6.16
C ILE B 172 -21.38 -22.40 7.51
N THR B 173 -20.38 -23.29 7.56
CA THR B 173 -20.05 -24.01 8.80
C THR B 173 -19.69 -23.05 9.93
N LYS B 174 -18.88 -22.05 9.63
CA LYS B 174 -18.55 -20.98 10.57
C LYS B 174 -19.79 -20.18 11.02
N VAL B 175 -20.52 -19.60 10.05
CA VAL B 175 -21.72 -18.83 10.39
C VAL B 175 -22.74 -19.70 11.15
N THR B 176 -22.91 -20.95 10.73
CA THR B 176 -23.86 -21.86 11.40
C THR B 176 -23.52 -22.04 12.87
N ALA B 177 -22.22 -22.12 13.15
CA ALA B 177 -21.76 -22.32 14.51
C ALA B 177 -21.82 -21.06 15.35
N SER B 178 -21.61 -19.89 14.73
CA SER B 178 -21.40 -18.67 15.52
C SER B 178 -22.64 -17.78 15.67
N PHE B 179 -23.65 -18.00 14.84
CA PHE B 179 -24.84 -17.14 14.88
C PHE B 179 -25.63 -17.39 16.17
N ALA B 180 -26.01 -16.32 16.86
CA ALA B 180 -26.58 -16.47 18.20
C ALA B 180 -27.94 -17.20 18.20
N LYS B 181 -28.13 -18.07 19.20
CA LYS B 181 -29.31 -18.92 19.28
C LYS B 181 -29.41 -19.52 20.67
N GLU B 182 -30.57 -20.07 21.01
CA GLU B 182 -30.72 -20.79 22.27
C GLU B 182 -30.06 -22.17 22.14
N ALA B 183 -29.71 -22.77 23.28
CA ALA B 183 -29.00 -24.05 23.30
C ALA B 183 -29.80 -25.18 22.64
N TRP B 184 -31.12 -25.16 22.77
CA TRP B 184 -31.94 -26.26 22.24
C TRP B 184 -32.28 -26.03 20.78
N GLN B 185 -31.77 -24.94 20.21
CA GLN B 185 -32.11 -24.55 18.85
C GLN B 185 -31.04 -24.99 17.87
N GLU B 186 -31.29 -24.77 16.58
CA GLU B 186 -30.42 -25.30 15.52
C GLU B 186 -30.37 -24.32 14.34
N ASN B 187 -29.16 -24.04 13.85
CA ASN B 187 -29.02 -23.09 12.74
C ASN B 187 -28.87 -23.82 11.43
N LYS B 188 -29.54 -23.31 10.39
CA LYS B 188 -29.47 -23.91 9.07
C LYS B 188 -29.35 -22.80 8.04
N VAL B 189 -28.29 -22.82 7.22
CA VAL B 189 -28.16 -21.82 6.18
C VAL B 189 -28.66 -22.35 4.85
N ARG B 190 -29.47 -21.56 4.15
CA ARG B 190 -30.00 -21.98 2.87
C ARG B 190 -29.65 -21.02 1.76
N THR B 191 -29.49 -21.57 0.57
CA THR B 191 -29.11 -20.82 -0.62
C THR B 191 -30.35 -20.29 -1.37
N PHE B 192 -30.36 -19.00 -1.72
CA PHE B 192 -31.48 -18.35 -2.41
C PHE B 192 -31.03 -17.73 -3.73
N PHE B 193 -31.96 -17.49 -4.65
CA PHE B 193 -31.61 -16.86 -5.92
C PHE B 193 -30.34 -17.47 -6.56
N GLU B 194 -30.27 -18.80 -6.56
CA GLU B 194 -29.22 -19.51 -7.28
C GLU B 194 -27.81 -19.15 -6.80
N GLY B 195 -27.64 -18.79 -5.52
CA GLY B 195 -26.32 -18.51 -4.98
C GLY B 195 -26.03 -17.03 -4.83
N ASN B 196 -27.03 -16.21 -5.12
CA ASN B 196 -26.85 -14.78 -4.93
C ASN B 196 -27.25 -14.31 -3.54
N GLN B 197 -27.91 -15.15 -2.76
CA GLN B 197 -28.31 -14.70 -1.42
C GLN B 197 -28.27 -15.90 -0.49
N TYR B 198 -27.93 -15.66 0.78
CA TYR B 198 -27.89 -16.73 1.76
C TYR B 198 -28.60 -16.24 2.98
N ILE B 199 -29.39 -17.12 3.56
CA ILE B 199 -30.22 -16.73 4.66
C ILE B 199 -30.19 -17.82 5.70
N LEU B 200 -30.05 -17.43 6.97
CA LEU B 200 -29.94 -18.37 8.07
C LEU B 200 -31.24 -18.50 8.84
N PHE B 201 -31.69 -19.72 9.04
CA PHE B 201 -32.87 -19.98 9.85
C PHE B 201 -32.48 -20.53 11.20
N VAL B 202 -32.83 -19.81 12.26
CA VAL B 202 -32.78 -20.37 13.59
C VAL B 202 -34.04 -21.19 13.78
N THR B 203 -33.88 -22.47 14.15
CA THR B 203 -34.98 -23.44 14.14
C THR B 203 -35.05 -24.28 15.40
N GLU B 204 -36.19 -24.94 15.60
CA GLU B 204 -36.31 -25.89 16.68
C GLU B 204 -36.83 -27.19 16.08
N VAL B 205 -36.05 -28.26 16.26
CA VAL B 205 -36.32 -29.56 15.66
C VAL B 205 -36.85 -30.56 16.69
N PHE B 206 -38.15 -30.82 16.68
CA PHE B 206 -38.71 -31.79 17.61
C PHE B 206 -38.60 -33.19 17.03
N LYS B 207 -38.16 -34.16 17.83
CA LYS B 207 -37.80 -35.47 17.31
C LYS B 207 -38.71 -36.55 17.84
N ASP B 208 -39.78 -36.15 18.53
CA ASP B 208 -40.79 -37.10 18.97
C ASP B 208 -42.17 -36.70 18.41
N VAL B 209 -42.51 -37.31 17.28
CA VAL B 209 -43.74 -36.98 16.59
C VAL B 209 -44.57 -38.24 16.36
N ARG B 210 -45.74 -38.33 16.97
CA ARG B 210 -46.51 -39.58 16.94
C ARG B 210 -47.77 -39.54 16.08
N LEU B 211 -48.11 -40.69 15.50
CA LEU B 211 -49.29 -40.81 14.66
C LEU B 211 -50.56 -40.74 15.51
N VAL B 212 -51.44 -39.79 15.21
CA VAL B 212 -52.69 -39.65 15.95
C VAL B 212 -53.90 -40.14 15.15
N GLY B 213 -53.98 -39.78 13.88
CA GLY B 213 -55.14 -40.14 13.07
C GLY B 213 -54.93 -40.19 11.57
N ALA B 214 -55.58 -41.15 10.93
CA ALA B 214 -55.49 -41.35 9.48
C ALA B 214 -56.78 -41.99 8.99
N PRO B 215 -57.34 -41.48 7.88
CA PRO B 215 -58.48 -42.11 7.24
C PRO B 215 -58.03 -43.34 6.46
N PRO B 216 -58.97 -44.19 6.04
CA PRO B 216 -58.60 -45.25 5.11
C PRO B 216 -58.03 -44.66 3.82
N SER B 217 -57.24 -45.44 3.08
CA SER B 217 -56.62 -44.95 1.86
C SER B 217 -57.65 -44.62 0.80
N LEU B 218 -58.77 -45.32 0.84
CA LEU B 218 -59.84 -45.05 -0.11
C LEU B 218 -60.38 -43.62 0.02
N ILE B 219 -60.30 -43.08 1.22
CA ILE B 219 -60.64 -41.68 1.44
C ILE B 219 -59.39 -40.80 1.24
N GLY B 220 -58.29 -41.14 1.92
CA GLY B 220 -57.10 -40.32 1.93
C GLY B 220 -56.50 -40.11 0.56
N LYS B 221 -56.71 -41.08 -0.34
CA LYS B 221 -56.24 -40.96 -1.72
C LYS B 221 -57.26 -41.52 -2.70
N PHE B 222 -58.53 -41.12 -2.51
CA PHE B 222 -59.61 -41.47 -3.42
C PHE B 222 -59.27 -41.17 -4.86
N GLY B 223 -59.44 -42.18 -5.71
CA GLY B 223 -59.13 -42.02 -7.11
C GLY B 223 -57.69 -42.36 -7.41
N SER B 224 -56.90 -42.57 -6.35
CA SER B 224 -55.47 -42.92 -6.43
C SER B 224 -54.75 -42.13 -7.52
N ASP B 225 -54.15 -42.83 -8.48
CA ASP B 225 -53.35 -42.15 -9.50
C ASP B 225 -54.17 -41.56 -10.66
N THR B 226 -55.34 -42.12 -10.92
CA THR B 226 -56.28 -41.57 -11.91
C THR B 226 -56.71 -40.14 -11.57
N ASP B 227 -56.96 -39.88 -10.29
CA ASP B 227 -57.32 -38.51 -9.90
C ASP B 227 -56.12 -37.67 -9.41
N ASN B 228 -54.91 -38.21 -9.39
CA ASN B 228 -53.73 -37.42 -8.94
C ASN B 228 -53.47 -36.29 -9.93
N TRP B 229 -53.23 -35.08 -9.42
CA TRP B 229 -52.94 -33.90 -10.23
C TRP B 229 -54.17 -33.46 -11.02
N VAL B 230 -55.37 -33.88 -10.57
CA VAL B 230 -56.61 -33.62 -11.32
C VAL B 230 -57.63 -32.82 -10.53
N TRP B 231 -58.27 -31.90 -11.23
CA TRP B 231 -59.49 -31.25 -10.77
C TRP B 231 -60.57 -31.51 -11.82
N PRO B 232 -61.83 -31.74 -11.42
CA PRO B 232 -62.41 -31.80 -10.07
C PRO B 232 -61.83 -32.93 -9.21
N ARG B 233 -61.83 -32.70 -7.90
CA ARG B 233 -61.15 -33.60 -6.99
C ARG B 233 -61.98 -33.83 -5.76
N HIS B 234 -62.01 -35.08 -5.34
CA HIS B 234 -62.85 -35.50 -4.23
C HIS B 234 -62.09 -36.27 -3.17
N THR B 235 -60.89 -35.80 -2.86
CA THR B 235 -60.01 -36.59 -1.98
C THR B 235 -59.88 -35.97 -0.60
N GLY B 236 -60.12 -36.78 0.43
CA GLY B 236 -59.89 -36.38 1.82
C GLY B 236 -58.43 -36.55 2.29
N ASP B 237 -57.52 -35.80 1.68
CA ASP B 237 -56.07 -36.06 1.86
C ASP B 237 -55.50 -35.44 3.15
N PHE B 238 -55.72 -36.08 4.28
CA PHE B 238 -55.16 -35.58 5.54
C PHE B 238 -54.70 -36.73 6.44
N SER B 239 -53.84 -36.41 7.40
CA SER B 239 -53.58 -37.27 8.54
C SER B 239 -53.22 -36.37 9.71
N MET B 240 -53.27 -36.91 10.92
CA MET B 240 -52.96 -36.13 12.09
C MET B 240 -51.82 -36.73 12.91
N PHE B 241 -51.01 -35.84 13.50
CA PHE B 241 -49.89 -36.24 14.32
C PHE B 241 -49.88 -35.37 15.57
N ARG B 242 -49.03 -35.72 16.53
CA ARG B 242 -48.83 -34.88 17.72
C ARG B 242 -47.35 -34.78 18.05
N VAL B 243 -46.91 -33.57 18.36
CA VAL B 243 -45.52 -33.25 18.64
C VAL B 243 -45.28 -33.32 20.15
N TYR B 244 -44.31 -34.13 20.56
CA TYR B 244 -43.98 -34.24 21.97
C TYR B 244 -42.71 -33.46 22.32
N ALA B 245 -42.59 -33.07 23.58
CA ALA B 245 -41.46 -32.28 24.04
C ALA B 245 -41.02 -32.77 25.42
N ASN B 246 -39.92 -32.22 25.93
CA ASN B 246 -39.53 -32.56 27.30
C ASN B 246 -40.27 -31.68 28.29
N LYS B 247 -39.94 -31.88 29.56
CA LYS B 247 -40.48 -31.10 30.67
C LYS B 247 -40.45 -29.60 30.43
N ASN B 248 -39.39 -29.12 29.79
CA ASN B 248 -39.22 -27.69 29.54
C ASN B 248 -39.83 -27.25 28.21
N ASN B 249 -40.63 -28.13 27.62
CA ASN B 249 -41.29 -27.85 26.34
C ASN B 249 -40.28 -27.68 25.21
N HIS B 250 -39.17 -28.40 25.30
CA HIS B 250 -38.10 -28.31 24.32
C HIS B 250 -38.00 -29.58 23.49
N PRO B 251 -37.29 -29.52 22.35
CA PRO B 251 -37.09 -30.75 21.58
C PRO B 251 -36.41 -31.85 22.40
N ALA B 252 -36.76 -33.10 22.12
CA ALA B 252 -36.23 -34.25 22.83
C ALA B 252 -36.52 -35.49 22.03
N ALA B 253 -35.54 -36.39 21.98
CA ALA B 253 -35.71 -37.70 21.36
C ALA B 253 -36.83 -38.47 22.06
N TYR B 254 -37.30 -39.53 21.40
CA TYR B 254 -38.41 -40.32 21.92
C TYR B 254 -38.19 -40.79 23.37
N SER B 255 -39.27 -40.76 24.14
CA SER B 255 -39.30 -41.22 25.52
C SER B 255 -40.73 -41.19 26.01
N LYS B 256 -41.12 -42.15 26.83
CA LYS B 256 -42.51 -42.16 27.28
C LYS B 256 -42.72 -41.17 28.43
N ASP B 257 -41.66 -40.44 28.75
CA ASP B 257 -41.73 -39.35 29.72
C ASP B 257 -42.01 -38.01 29.03
N ASN B 258 -41.90 -37.98 27.71
CA ASN B 258 -42.24 -36.76 26.99
C ASN B 258 -43.73 -36.46 27.14
N VAL B 259 -44.05 -35.16 27.12
CA VAL B 259 -45.41 -34.65 27.17
C VAL B 259 -45.73 -33.86 25.89
N PRO B 260 -47.02 -33.64 25.60
CA PRO B 260 -47.34 -32.88 24.39
C PRO B 260 -46.72 -31.49 24.35
N TYR B 261 -46.21 -31.13 23.17
CA TYR B 261 -45.63 -29.82 22.98
C TYR B 261 -46.70 -28.74 23.09
N ILE B 262 -46.36 -27.65 23.75
CA ILE B 262 -47.25 -26.48 23.79
C ILE B 262 -46.74 -25.43 22.82
N PRO B 263 -47.52 -25.17 21.77
CA PRO B 263 -47.08 -24.27 20.70
C PRO B 263 -47.27 -22.81 21.11
N LYS B 264 -46.56 -21.89 20.46
CA LYS B 264 -46.73 -20.46 20.72
C LYS B 264 -47.95 -19.89 19.99
N HIS B 265 -48.40 -20.60 18.95
CA HIS B 265 -49.64 -20.28 18.27
C HIS B 265 -50.20 -21.55 17.68
N PHE B 266 -51.51 -21.64 17.58
CA PHE B 266 -52.15 -22.69 16.79
C PHE B 266 -53.31 -22.08 16.01
N LEU B 267 -53.69 -22.71 14.92
CA LEU B 267 -54.71 -22.12 14.07
C LEU B 267 -56.10 -22.52 14.52
N PRO B 268 -56.99 -21.54 14.74
CA PRO B 268 -58.41 -21.88 14.87
C PRO B 268 -58.91 -22.49 13.55
N VAL B 269 -59.89 -23.38 13.63
CA VAL B 269 -60.47 -24.00 12.43
C VAL B 269 -61.86 -23.44 12.15
N SER B 270 -62.07 -22.94 10.93
CA SER B 270 -63.36 -22.32 10.57
C SER B 270 -64.35 -23.39 10.18
N LEU B 271 -65.60 -23.20 10.59
CA LEU B 271 -66.69 -24.06 10.22
C LEU B 271 -67.56 -23.43 9.13
N ASP B 272 -67.22 -22.21 8.71
CA ASP B 272 -68.11 -21.46 7.79
C ASP B 272 -67.74 -21.63 6.31
N GLY B 273 -66.69 -22.39 6.05
CA GLY B 273 -66.33 -22.72 4.67
C GLY B 273 -65.85 -21.57 3.81
N VAL B 274 -65.77 -21.82 2.51
CA VAL B 274 -65.24 -20.86 1.57
C VAL B 274 -66.25 -20.56 0.45
N GLN B 275 -66.19 -19.34 -0.08
CA GLN B 275 -67.00 -18.92 -1.20
C GLN B 275 -66.04 -18.41 -2.24
N GLU B 276 -66.44 -18.47 -3.50
CA GLU B 276 -65.65 -17.90 -4.58
C GLU B 276 -65.17 -16.49 -4.22
N ASP B 277 -63.88 -16.22 -4.46
CA ASP B 277 -63.24 -14.91 -4.25
C ASP B 277 -62.85 -14.62 -2.79
N ASP B 278 -63.15 -15.55 -1.89
CA ASP B 278 -62.54 -15.50 -0.56
C ASP B 278 -61.00 -15.42 -0.65
N PHE B 279 -60.43 -14.45 0.05
CA PHE B 279 -58.97 -14.37 0.18
C PHE B 279 -58.43 -15.66 0.79
N THR B 280 -57.37 -16.20 0.20
CA THR B 280 -56.64 -17.34 0.80
C THR B 280 -55.14 -17.09 0.90
N MET B 281 -54.56 -17.55 2.00
CA MET B 281 -53.11 -17.54 2.15
C MET B 281 -52.59 -18.92 2.51
N VAL B 282 -51.59 -19.35 1.74
CA VAL B 282 -50.95 -20.62 1.97
C VAL B 282 -49.48 -20.43 2.42
N MET B 283 -49.17 -20.96 3.60
CA MET B 283 -47.83 -20.89 4.17
C MET B 283 -47.26 -22.30 4.19
N GLY B 284 -46.07 -22.50 3.65
CA GLY B 284 -45.45 -23.81 3.71
C GLY B 284 -43.98 -23.82 3.29
N TYR B 285 -43.51 -25.01 2.95
CA TYR B 285 -42.12 -25.27 2.63
C TYR B 285 -41.97 -25.82 1.21
N PRO B 286 -42.30 -25.01 0.20
CA PRO B 286 -42.17 -25.48 -1.19
C PRO B 286 -40.72 -25.85 -1.48
N GLY B 287 -40.53 -26.98 -2.15
CA GLY B 287 -39.23 -27.64 -2.26
C GLY B 287 -38.37 -27.05 -3.36
N LYS B 288 -38.89 -27.03 -4.58
CA LYS B 288 -38.12 -26.52 -5.69
C LYS B 288 -38.99 -25.99 -6.85
N THR B 289 -38.63 -24.80 -7.33
CA THR B 289 -39.11 -24.28 -8.60
C THR B 289 -37.88 -23.87 -9.39
N GLN B 290 -38.02 -23.75 -10.71
CA GLN B 290 -36.98 -23.19 -11.58
C GLN B 290 -37.61 -22.23 -12.57
N GLU B 291 -38.09 -21.11 -12.06
CA GLU B 291 -38.88 -20.18 -12.87
C GLU B 291 -38.02 -19.31 -13.78
N TYR B 292 -36.72 -19.27 -13.56
CA TYR B 292 -35.89 -18.33 -14.30
C TYR B 292 -34.94 -19.00 -15.26
N LEU B 293 -35.30 -20.21 -15.73
CA LEU B 293 -34.44 -20.97 -16.64
C LEU B 293 -34.38 -20.35 -18.05
N PRO B 294 -33.27 -20.58 -18.76
CA PRO B 294 -33.19 -20.20 -20.17
C PRO B 294 -33.99 -21.19 -21.02
N SER B 295 -34.40 -20.76 -22.20
CA SER B 295 -35.16 -21.60 -23.14
C SER B 295 -34.56 -22.99 -23.38
N PHE B 296 -33.25 -23.04 -23.52
CA PHE B 296 -32.54 -24.27 -23.82
C PHE B 296 -32.79 -25.33 -22.77
N ALA B 297 -32.99 -24.89 -21.52
CA ALA B 297 -33.19 -25.83 -20.42
C ALA B 297 -34.61 -26.40 -20.43
N VAL B 298 -35.57 -25.59 -20.84
CA VAL B 298 -36.95 -26.05 -20.96
C VAL B 298 -37.03 -27.07 -22.08
N ALA B 299 -36.23 -26.84 -23.12
CA ALA B 299 -36.17 -27.75 -24.24
C ALA B 299 -35.60 -29.10 -23.82
N GLN B 300 -34.57 -29.07 -22.98
CA GLN B 300 -34.04 -30.31 -22.42
C GLN B 300 -35.12 -31.05 -21.60
N ILE B 301 -35.87 -30.32 -20.79
CA ILE B 301 -36.85 -30.96 -19.95
C ILE B 301 -37.90 -31.67 -20.82
N VAL B 302 -38.41 -30.97 -21.83
CA VAL B 302 -39.51 -31.48 -22.61
C VAL B 302 -39.06 -32.49 -23.64
N ASN B 303 -37.89 -32.27 -24.23
CA ASN B 303 -37.46 -33.12 -25.33
C ASN B 303 -36.55 -34.29 -24.94
N GLU B 304 -35.89 -34.22 -23.79
CA GLU B 304 -34.87 -35.23 -23.46
C GLU B 304 -35.06 -35.91 -22.10
N THR B 305 -35.12 -35.14 -21.02
CA THR B 305 -35.11 -35.75 -19.70
C THR B 305 -36.48 -36.25 -19.22
N ASN B 306 -37.55 -35.51 -19.45
CA ASN B 306 -38.86 -36.03 -19.06
C ASN B 306 -39.23 -37.31 -19.86
N PRO B 307 -39.14 -37.27 -21.20
CA PRO B 307 -39.51 -38.48 -21.95
C PRO B 307 -38.80 -39.76 -21.47
N ALA B 308 -37.51 -39.66 -21.14
CA ALA B 308 -36.77 -40.83 -20.66
C ALA B 308 -37.31 -41.28 -19.31
N LYS B 309 -37.48 -40.35 -18.39
CA LYS B 309 -37.83 -40.71 -17.03
C LYS B 309 -39.27 -41.24 -16.96
N ILE B 310 -40.12 -40.71 -17.82
CA ILE B 310 -41.52 -41.12 -17.92
C ILE B 310 -41.68 -42.56 -18.40
N GLU B 311 -41.03 -42.88 -19.53
CA GLU B 311 -41.11 -44.22 -20.11
C GLU B 311 -40.52 -45.28 -19.18
N ILE B 312 -39.46 -44.92 -18.46
CA ILE B 312 -38.87 -45.81 -17.46
C ILE B 312 -39.80 -46.10 -16.29
N ARG B 313 -40.29 -45.05 -15.63
CA ARG B 313 -41.15 -45.22 -14.47
C ARG B 313 -42.45 -45.94 -14.87
N GLU B 314 -42.91 -45.72 -16.11
CA GLU B 314 -44.15 -46.37 -16.54
C GLU B 314 -43.97 -47.89 -16.51
N ALA B 315 -42.82 -48.36 -16.97
CA ALA B 315 -42.49 -49.77 -16.92
C ALA B 315 -42.46 -50.29 -15.48
N ALA B 316 -41.66 -49.66 -14.62
CA ALA B 316 -41.57 -50.14 -13.24
C ALA B 316 -42.96 -50.19 -12.57
N LEU B 317 -43.75 -49.13 -12.75
CA LEU B 317 -45.03 -49.02 -12.07
C LEU B 317 -46.05 -50.04 -12.58
N LYS B 318 -46.10 -50.25 -13.90
CA LYS B 318 -46.95 -51.26 -14.50
C LYS B 318 -46.72 -52.63 -13.84
N VAL B 319 -45.45 -53.00 -13.68
CA VAL B 319 -45.11 -54.28 -13.06
C VAL B 319 -45.59 -54.34 -11.62
N GLN B 320 -45.14 -53.36 -10.81
CA GLN B 320 -45.52 -53.31 -9.40
C GLN B 320 -47.02 -53.27 -9.19
N ASP B 321 -47.73 -52.50 -10.01
CA ASP B 321 -49.17 -52.30 -9.83
C ASP B 321 -49.87 -53.64 -10.03
N GLY B 322 -49.48 -54.37 -11.08
CA GLY B 322 -50.01 -55.71 -11.33
C GLY B 322 -49.93 -56.62 -10.11
N PHE B 323 -48.85 -56.51 -9.34
CA PHE B 323 -48.69 -57.34 -8.17
C PHE B 323 -49.45 -56.78 -6.99
N MET B 324 -49.41 -55.46 -6.82
CA MET B 324 -50.05 -54.85 -5.68
C MET B 324 -51.56 -55.10 -5.68
N ARG B 325 -52.13 -55.26 -6.87
CA ARG B 325 -53.57 -55.44 -7.02
C ARG B 325 -53.98 -56.84 -6.61
N LYS B 326 -53.09 -57.80 -6.79
CA LYS B 326 -53.43 -59.19 -6.53
C LYS B 326 -52.97 -59.70 -5.16
N ASP B 327 -51.97 -59.07 -4.57
CA ASP B 327 -51.50 -59.53 -3.27
C ASP B 327 -51.42 -58.38 -2.28
N ASN B 328 -52.24 -58.43 -1.24
CA ASN B 328 -52.30 -57.33 -0.30
C ASN B 328 -51.04 -57.21 0.55
N ALA B 329 -50.35 -58.31 0.76
CA ALA B 329 -49.10 -58.29 1.51
C ALA B 329 -48.07 -57.46 0.75
N ILE B 330 -48.12 -57.51 -0.58
CA ILE B 330 -47.20 -56.79 -1.44
C ILE B 330 -47.61 -55.33 -1.54
N LYS B 331 -48.92 -55.10 -1.55
CA LYS B 331 -49.47 -53.76 -1.57
C LYS B 331 -48.92 -53.00 -0.38
N ILE B 332 -49.00 -53.62 0.78
CA ILE B 332 -48.50 -53.01 2.01
C ILE B 332 -47.00 -52.74 1.93
N GLN B 333 -46.26 -53.69 1.38
CA GLN B 333 -44.81 -53.54 1.20
C GLN B 333 -44.45 -52.39 0.28
N TYR B 334 -45.20 -52.30 -0.81
CA TYR B 334 -44.87 -51.39 -1.90
C TYR B 334 -45.70 -50.10 -1.94
N ALA B 335 -46.63 -49.94 -1.00
CA ALA B 335 -47.51 -48.77 -1.01
C ALA B 335 -46.75 -47.41 -1.08
N SER B 336 -45.85 -47.19 -0.13
CA SER B 336 -45.10 -45.95 -0.02
C SER B 336 -44.14 -45.74 -1.20
N LYS B 337 -43.35 -46.76 -1.54
CA LYS B 337 -42.48 -46.71 -2.71
C LYS B 337 -43.24 -46.39 -4.00
N TYR B 338 -44.32 -47.14 -4.26
CA TYR B 338 -45.11 -46.96 -5.47
C TYR B 338 -45.64 -45.54 -5.59
N ALA B 339 -46.14 -45.01 -4.48
CA ALA B 339 -46.90 -43.76 -4.53
C ALA B 339 -45.96 -42.61 -4.90
N GLY B 340 -44.78 -42.59 -4.27
CA GLY B 340 -43.78 -41.59 -4.60
C GLY B 340 -43.37 -41.58 -6.07
N VAL B 341 -43.07 -42.76 -6.61
CA VAL B 341 -42.61 -42.85 -7.99
C VAL B 341 -43.74 -42.48 -8.96
N ALA B 342 -44.94 -43.00 -8.73
CA ALA B 342 -46.11 -42.69 -9.56
C ALA B 342 -46.43 -41.20 -9.55
N ASN B 343 -46.24 -40.57 -8.40
CA ASN B 343 -46.58 -39.17 -8.28
C ASN B 343 -45.81 -38.28 -9.27
N TYR B 344 -44.51 -38.54 -9.40
CA TYR B 344 -43.69 -37.71 -10.28
C TYR B 344 -43.83 -38.13 -11.72
N TRP B 345 -44.09 -39.43 -11.92
CA TRP B 345 -44.27 -39.93 -13.26
C TRP B 345 -45.43 -39.18 -13.89
N LYS B 346 -46.53 -39.05 -13.15
CA LYS B 346 -47.70 -38.37 -13.72
C LYS B 346 -47.44 -36.86 -13.81
N LYS B 347 -46.82 -36.29 -12.78
CA LYS B 347 -46.44 -34.88 -12.83
C LYS B 347 -45.67 -34.55 -14.11
N TRP B 348 -44.70 -35.38 -14.43
CA TRP B 348 -43.85 -35.11 -15.59
C TRP B 348 -44.62 -35.20 -16.88
N ILE B 349 -45.61 -36.10 -16.93
CA ILE B 349 -46.47 -36.14 -18.09
C ILE B 349 -47.22 -34.81 -18.19
N GLY B 350 -47.79 -34.36 -17.08
CA GLY B 350 -48.54 -33.12 -17.08
C GLY B 350 -47.65 -31.95 -17.46
N GLU B 351 -46.44 -31.97 -16.93
CA GLU B 351 -45.54 -30.84 -17.06
C GLU B 351 -45.14 -30.65 -18.51
N SER B 352 -44.82 -31.74 -19.19
CA SER B 352 -44.41 -31.67 -20.59
C SER B 352 -45.59 -31.22 -21.45
N GLN B 353 -46.77 -31.73 -21.15
CA GLN B 353 -47.96 -31.39 -21.92
C GLN B 353 -48.29 -29.90 -21.77
N GLY B 354 -48.26 -29.41 -20.53
CA GLY B 354 -48.46 -28.01 -20.26
C GLY B 354 -47.38 -27.13 -20.89
N LEU B 355 -46.13 -27.57 -20.82
CA LEU B 355 -45.02 -26.77 -21.38
C LEU B 355 -45.13 -26.70 -22.89
N LYS B 356 -45.54 -27.80 -23.52
CA LYS B 356 -45.71 -27.77 -24.97
C LYS B 356 -46.93 -26.94 -25.34
N LYS B 357 -48.04 -27.11 -24.60
CA LYS B 357 -49.29 -26.43 -24.94
C LYS B 357 -49.18 -24.91 -24.87
N SER B 358 -48.42 -24.39 -23.90
CA SER B 358 -48.31 -22.94 -23.72
C SER B 358 -47.10 -22.35 -24.46
N ASN B 359 -46.40 -23.19 -25.21
CA ASN B 359 -45.18 -22.78 -25.90
C ASN B 359 -44.17 -22.10 -24.96
N ALA B 360 -43.91 -22.71 -23.81
CA ALA B 360 -43.01 -22.12 -22.82
C ALA B 360 -41.64 -21.81 -23.42
N ILE B 361 -41.15 -22.70 -24.27
CA ILE B 361 -39.91 -22.51 -25.00
C ILE B 361 -39.96 -21.24 -25.85
N GLY B 362 -41.03 -21.10 -26.63
CA GLY B 362 -41.27 -19.91 -27.42
C GLY B 362 -41.29 -18.64 -26.57
N LEU B 363 -41.92 -18.72 -25.39
CA LEU B 363 -42.05 -17.52 -24.57
C LEU B 363 -40.70 -17.14 -23.93
N LYS B 364 -39.84 -18.14 -23.73
CA LYS B 364 -38.53 -17.93 -23.17
C LYS B 364 -37.62 -17.26 -24.20
N GLN B 365 -37.70 -17.74 -25.44
CA GLN B 365 -36.97 -17.16 -26.54
C GLN B 365 -37.34 -15.69 -26.74
N ASN B 366 -38.64 -15.38 -26.67
CA ASN B 366 -39.08 -13.98 -26.72
C ASN B 366 -38.51 -13.16 -25.57
N PHE B 367 -38.53 -13.71 -24.36
CA PHE B 367 -37.94 -12.99 -23.24
C PHE B 367 -36.44 -12.78 -23.45
N GLU B 368 -35.78 -13.80 -24.02
CA GLU B 368 -34.34 -13.76 -24.19
C GLU B 368 -33.89 -12.73 -25.24
N LYS B 369 -34.69 -12.51 -26.27
CA LYS B 369 -34.40 -11.45 -27.24
C LYS B 369 -34.46 -10.08 -26.54
N ASP B 370 -35.45 -9.88 -25.68
CA ASP B 370 -35.55 -8.62 -24.96
C ASP B 370 -34.42 -8.49 -23.93
N PHE B 371 -34.08 -9.59 -23.26
CA PHE B 371 -32.98 -9.64 -22.29
C PHE B 371 -31.68 -9.13 -22.89
N GLN B 372 -31.32 -9.65 -24.06
CA GLN B 372 -30.09 -9.30 -24.72
C GLN B 372 -30.07 -7.81 -25.08
N GLN B 373 -31.24 -7.29 -25.44
CA GLN B 373 -31.34 -5.85 -25.71
C GLN B 373 -31.19 -5.04 -24.42
N LYS B 374 -31.74 -5.51 -23.32
CA LYS B 374 -31.55 -4.76 -22.09
C LYS B 374 -30.10 -4.88 -21.59
N VAL B 375 -29.39 -5.94 -21.98
CA VAL B 375 -28.02 -6.10 -21.53
C VAL B 375 -27.19 -5.03 -22.22
N ILE B 376 -27.46 -4.81 -23.50
CA ILE B 376 -26.76 -3.80 -24.29
C ILE B 376 -27.11 -2.34 -23.85
N ALA B 377 -28.38 -2.07 -23.56
CA ALA B 377 -28.75 -0.73 -23.09
C ALA B 377 -28.04 -0.41 -21.77
N ALA B 378 -27.83 -1.43 -20.94
CA ALA B 378 -27.22 -1.25 -19.63
C ALA B 378 -25.69 -1.22 -19.67
N GLY B 379 -25.11 -1.52 -20.82
CA GLY B 379 -23.67 -1.58 -20.99
C GLY B 379 -23.04 -2.78 -20.26
N LYS B 380 -23.81 -3.85 -20.10
CA LYS B 380 -23.35 -5.00 -19.32
C LYS B 380 -22.92 -6.20 -20.16
N GLN B 381 -22.37 -5.93 -21.35
CA GLN B 381 -21.97 -7.00 -22.26
C GLN B 381 -20.92 -7.91 -21.64
N ASN B 382 -19.97 -7.30 -20.92
CA ASN B 382 -18.88 -8.08 -20.33
C ASN B 382 -19.37 -9.12 -19.34
N GLU B 383 -20.31 -8.71 -18.48
CA GLU B 383 -20.81 -9.62 -17.45
C GLU B 383 -21.92 -10.53 -17.98
N TYR B 384 -22.85 -9.98 -18.75
CA TYR B 384 -24.08 -10.71 -19.07
C TYR B 384 -24.22 -11.08 -20.55
N GLY B 385 -23.36 -10.51 -21.39
CA GLY B 385 -23.56 -10.57 -22.83
C GLY B 385 -23.38 -11.93 -23.50
N ASN B 386 -22.75 -12.87 -22.80
CA ASN B 386 -22.51 -14.19 -23.40
C ASN B 386 -23.33 -15.32 -22.76
N LEU B 387 -24.11 -14.97 -21.74
CA LEU B 387 -24.86 -15.97 -20.99
C LEU B 387 -25.65 -16.90 -21.90
N LEU B 388 -26.40 -16.33 -22.86
CA LEU B 388 -27.32 -17.13 -23.66
C LEU B 388 -26.58 -18.01 -24.64
N ALA B 389 -25.57 -17.47 -25.30
CA ALA B 389 -24.74 -18.27 -26.19
C ALA B 389 -24.06 -19.42 -25.42
N ASP B 390 -23.54 -19.12 -24.23
CA ASP B 390 -22.90 -20.15 -23.40
C ASP B 390 -23.91 -21.22 -22.93
N PHE B 391 -25.04 -20.76 -22.42
CA PHE B 391 -26.15 -21.65 -22.12
C PHE B 391 -26.39 -22.62 -23.26
N GLN B 392 -26.47 -22.10 -24.47
CA GLN B 392 -26.79 -22.93 -25.63
C GLN B 392 -25.71 -23.96 -25.90
N LYS B 393 -24.46 -23.54 -25.76
CA LYS B 393 -23.32 -24.40 -26.01
C LYS B 393 -23.27 -25.55 -25.01
N TYR B 394 -23.49 -25.24 -23.73
CA TYR B 394 -23.35 -26.26 -22.71
C TYR B 394 -24.57 -27.19 -22.61
N TYR B 395 -25.77 -26.68 -22.87
CA TYR B 395 -26.95 -27.55 -22.83
C TYR B 395 -26.88 -28.50 -24.02
N THR B 396 -26.40 -28.01 -25.16
CA THR B 396 -26.22 -28.87 -26.32
C THR B 396 -25.21 -29.98 -26.01
N GLU B 397 -24.09 -29.61 -25.38
CA GLU B 397 -23.01 -30.52 -25.08
C GLU B 397 -23.37 -31.56 -24.01
N ILE B 398 -24.04 -31.12 -22.95
CA ILE B 398 -24.36 -32.02 -21.84
C ILE B 398 -25.40 -33.09 -22.22
N THR B 399 -26.09 -32.89 -23.33
CA THR B 399 -27.31 -33.63 -23.65
C THR B 399 -27.20 -35.15 -23.57
N PRO B 400 -26.20 -35.77 -24.23
CA PRO B 400 -26.15 -37.23 -24.14
C PRO B 400 -25.64 -37.75 -22.79
N TYR B 401 -24.87 -36.95 -22.06
CA TYR B 401 -24.43 -37.34 -20.72
C TYR B 401 -25.58 -37.27 -19.72
N ALA B 402 -26.40 -36.23 -19.86
CA ALA B 402 -27.51 -36.02 -18.95
C ALA B 402 -28.58 -37.10 -19.15
N VAL B 403 -28.82 -37.48 -20.41
CA VAL B 403 -29.78 -38.54 -20.68
C VAL B 403 -29.24 -39.84 -20.10
N SER B 404 -27.96 -40.12 -20.34
CA SER B 404 -27.31 -41.33 -19.84
C SER B 404 -27.39 -41.36 -18.33
N ARG B 405 -27.16 -40.21 -17.70
CA ARG B 405 -27.28 -40.09 -16.26
C ARG B 405 -28.72 -40.36 -15.79
N ASP B 406 -29.71 -39.89 -16.55
CA ASP B 406 -31.09 -40.19 -16.18
C ASP B 406 -31.36 -41.70 -16.22
N TYR B 407 -30.91 -42.39 -17.26
CA TYR B 407 -31.08 -43.85 -17.32
C TYR B 407 -30.44 -44.54 -16.15
N PHE B 408 -29.22 -44.14 -15.82
CA PHE B 408 -28.52 -44.76 -14.71
C PHE B 408 -29.24 -44.55 -13.38
N ASN B 409 -29.66 -43.32 -13.09
CA ASN B 409 -30.31 -43.06 -11.81
C ASN B 409 -31.67 -43.75 -11.71
N GLU B 410 -32.48 -43.67 -12.76
CA GLU B 410 -33.82 -44.24 -12.70
C GLU B 410 -33.78 -45.76 -12.68
N VAL B 411 -32.87 -46.36 -13.45
CA VAL B 411 -32.76 -47.82 -13.48
C VAL B 411 -32.00 -48.37 -12.27
N VAL B 412 -30.80 -47.85 -12.02
CA VAL B 412 -29.95 -48.45 -11.00
C VAL B 412 -30.18 -47.91 -9.60
N VAL B 413 -30.17 -46.58 -9.46
CA VAL B 413 -30.22 -45.97 -8.14
C VAL B 413 -31.62 -45.97 -7.52
N LYS B 414 -32.64 -45.84 -8.35
CA LYS B 414 -33.99 -45.68 -7.82
C LYS B 414 -34.93 -46.88 -7.98
N ASN B 415 -35.24 -47.27 -9.21
CA ASN B 415 -36.39 -48.16 -9.39
C ASN B 415 -36.14 -49.65 -9.23
N THR B 416 -34.95 -50.13 -9.57
CA THR B 416 -34.65 -51.54 -9.36
C THR B 416 -33.89 -51.73 -8.05
N GLU B 417 -34.58 -52.27 -7.06
CA GLU B 417 -34.09 -52.28 -5.70
C GLU B 417 -32.83 -53.12 -5.49
N LEU B 418 -32.70 -54.20 -6.25
CA LEU B 418 -31.51 -55.04 -6.13
C LEU B 418 -30.33 -54.25 -6.64
N LEU B 419 -30.50 -53.62 -7.81
CA LEU B 419 -29.47 -52.76 -8.36
C LEU B 419 -29.17 -51.59 -7.44
N SER B 420 -30.20 -51.06 -6.81
CA SER B 420 -30.02 -49.96 -5.87
C SER B 420 -29.20 -50.37 -4.64
N LEU B 421 -29.48 -51.55 -4.11
CA LEU B 421 -28.71 -52.02 -2.96
C LEU B 421 -27.27 -52.32 -3.40
N GLY B 422 -27.13 -52.84 -4.60
CA GLY B 422 -25.83 -53.16 -5.15
C GLY B 422 -25.00 -51.92 -5.42
N TYR B 423 -25.68 -50.83 -5.76
CA TYR B 423 -25.01 -49.56 -5.93
C TYR B 423 -24.58 -49.00 -4.59
N LYS B 424 -25.35 -49.26 -3.54
CA LYS B 424 -24.92 -48.88 -2.20
C LYS B 424 -23.68 -49.69 -1.84
N LEU B 425 -23.57 -50.91 -2.37
CA LEU B 425 -22.34 -51.67 -2.16
C LEU B 425 -21.18 -51.07 -2.96
N TYR B 426 -21.48 -50.58 -4.17
CA TYR B 426 -20.46 -49.96 -4.99
C TYR B 426 -19.88 -48.73 -4.31
N GLN B 427 -20.73 -47.91 -3.71
CA GLN B 427 -20.26 -46.74 -2.97
C GLN B 427 -19.42 -47.12 -1.76
N LEU B 428 -19.75 -48.27 -1.19
CA LEU B 428 -19.09 -48.77 -0.01
C LEU B 428 -17.66 -49.23 -0.35
N GLU B 429 -17.51 -49.86 -1.51
CA GLU B 429 -16.19 -50.25 -2.01
C GLU B 429 -15.37 -49.00 -2.37
N GLN B 430 -16.07 -47.90 -2.64
CA GLN B 430 -15.41 -46.63 -2.89
C GLN B 430 -14.93 -46.01 -1.57
N VAL B 431 -15.52 -46.44 -0.47
CA VAL B 431 -15.05 -46.05 0.86
C VAL B 431 -13.70 -46.70 1.16
N PHE B 432 -13.55 -47.97 0.77
CA PHE B 432 -12.30 -48.70 0.99
C PHE B 432 -11.12 -47.98 0.32
N ILE B 433 -11.31 -47.51 -0.91
CA ILE B 433 -10.22 -46.90 -1.68
C ILE B 433 -9.86 -45.48 -1.25
N THR B 434 -10.87 -44.71 -0.87
CA THR B 434 -10.70 -43.29 -0.58
C THR B 434 -10.56 -42.96 0.90
N LYS B 435 -10.76 -43.95 1.77
CA LYS B 435 -10.89 -43.67 3.20
C LYS B 435 -10.29 -44.77 4.06
N GLY B 436 -10.08 -45.93 3.47
CA GLY B 436 -9.36 -46.99 4.14
C GLY B 436 -10.21 -48.14 4.64
N GLU B 437 -9.55 -49.04 5.38
CA GLU B 437 -10.17 -50.27 5.87
C GLU B 437 -11.14 -50.04 7.04
N GLN B 438 -10.73 -49.23 8.01
CA GLN B 438 -11.58 -48.98 9.17
C GLN B 438 -12.84 -48.21 8.77
N ALA B 439 -12.68 -47.20 7.92
CA ALA B 439 -13.81 -46.44 7.41
C ALA B 439 -14.84 -47.36 6.75
N PHE B 440 -14.33 -48.23 5.89
CA PHE B 440 -15.12 -49.22 5.17
C PHE B 440 -15.93 -50.09 6.11
N ASN B 441 -15.29 -50.62 7.15
CA ASN B 441 -15.99 -51.50 8.09
C ASN B 441 -17.06 -50.79 8.93
N ASP B 442 -16.85 -49.50 9.22
CA ASP B 442 -17.84 -48.71 9.97
C ASP B 442 -19.04 -48.37 9.12
N ARG B 443 -18.78 -47.95 7.89
CA ARG B 443 -19.83 -47.66 6.94
C ARG B 443 -20.52 -48.94 6.49
N LYS B 444 -19.85 -50.07 6.67
CA LYS B 444 -20.43 -51.35 6.28
C LYS B 444 -21.52 -51.77 7.26
N GLU B 445 -21.30 -51.57 8.55
CA GLU B 445 -22.35 -51.92 9.50
C GLU B 445 -23.37 -50.78 9.63
N ASN B 446 -22.99 -49.59 9.21
CA ASN B 446 -23.95 -48.50 9.10
C ASN B 446 -24.96 -48.82 7.99
N LEU B 447 -24.51 -49.56 6.98
CA LEU B 447 -25.36 -49.96 5.87
C LEU B 447 -26.14 -51.24 6.18
N ILE B 448 -25.51 -52.17 6.89
CA ILE B 448 -26.21 -53.39 7.33
C ILE B 448 -27.38 -53.02 8.24
N LYS B 449 -27.18 -52.06 9.15
CA LYS B 449 -28.26 -51.60 10.02
C LYS B 449 -29.38 -50.93 9.24
N SER B 450 -29.02 -50.18 8.19
CA SER B 450 -29.97 -49.37 7.48
C SER B 450 -30.89 -50.13 6.53
N GLN B 451 -30.63 -51.42 6.32
CA GLN B 451 -31.41 -52.17 5.34
C GLN B 451 -32.47 -53.02 5.98
N ALA B 452 -32.64 -52.86 7.29
CA ALA B 452 -33.67 -53.56 8.03
C ALA B 452 -35.04 -53.31 7.40
N ASP B 453 -35.38 -52.03 7.24
CA ASP B 453 -36.65 -51.64 6.63
C ASP B 453 -36.68 -51.93 5.13
N PHE B 454 -35.54 -51.77 4.47
CA PHE B 454 -35.44 -52.08 3.04
C PHE B 454 -35.90 -53.51 2.73
N PHE B 455 -35.38 -54.49 3.47
CA PHE B 455 -35.69 -55.88 3.19
C PHE B 455 -37.10 -56.20 3.68
N LYS B 456 -37.61 -55.42 4.63
CA LYS B 456 -39.01 -55.59 5.02
C LYS B 456 -39.91 -55.39 3.81
N ASP B 457 -39.59 -54.39 3.00
CA ASP B 457 -40.47 -54.01 1.90
C ASP B 457 -40.02 -54.54 0.55
N PHE B 458 -38.90 -55.26 0.53
CA PHE B 458 -38.39 -55.80 -0.72
C PHE B 458 -39.03 -57.16 -1.05
N ASN B 459 -39.45 -57.31 -2.30
CA ASN B 459 -39.99 -58.58 -2.77
C ASN B 459 -39.29 -58.99 -4.06
N SER B 460 -38.47 -60.03 -3.93
CA SER B 460 -37.66 -60.57 -5.02
C SER B 460 -38.43 -60.88 -6.31
N THR B 461 -39.64 -61.39 -6.15
CA THR B 461 -40.45 -61.77 -7.30
C THR B 461 -40.85 -60.55 -8.13
N VAL B 462 -41.36 -59.53 -7.45
CA VAL B 462 -41.69 -58.27 -8.12
C VAL B 462 -40.44 -57.61 -8.69
N ASP B 463 -39.34 -57.63 -7.94
CA ASP B 463 -38.22 -56.81 -8.36
C ASP B 463 -37.59 -57.41 -9.62
N GLU B 464 -37.73 -58.73 -9.78
CA GLU B 464 -37.18 -59.42 -10.94
C GLU B 464 -37.84 -59.00 -12.25
N LYS B 465 -39.16 -58.82 -12.26
CA LYS B 465 -39.84 -58.44 -13.50
C LYS B 465 -39.66 -56.94 -13.74
N VAL B 466 -39.45 -56.19 -12.66
CA VAL B 466 -39.09 -54.80 -12.80
C VAL B 466 -37.74 -54.74 -13.48
N PHE B 467 -36.78 -55.46 -12.92
CA PHE B 467 -35.42 -55.57 -13.47
C PHE B 467 -35.48 -55.85 -14.96
N GLU B 468 -36.29 -56.84 -15.33
CA GLU B 468 -36.34 -57.33 -16.69
C GLU B 468 -36.87 -56.27 -17.65
N GLN B 469 -37.84 -55.46 -17.20
CA GLN B 469 -38.33 -54.36 -18.03
C GLN B 469 -37.31 -53.23 -18.13
N LEU B 470 -36.76 -52.83 -16.98
CA LEU B 470 -35.93 -51.63 -16.94
C LEU B 470 -34.58 -51.80 -17.65
N VAL B 471 -33.92 -52.93 -17.45
CA VAL B 471 -32.65 -53.18 -18.12
C VAL B 471 -32.83 -53.28 -19.63
N ALA B 472 -33.95 -53.89 -20.06
CA ALA B 472 -34.28 -53.89 -21.49
C ALA B 472 -34.37 -52.47 -22.06
N LEU B 473 -34.96 -51.55 -21.30
CA LEU B 473 -35.14 -50.15 -21.73
C LEU B 473 -33.79 -49.41 -21.74
N TYR B 474 -32.98 -49.66 -20.72
CA TYR B 474 -31.65 -49.10 -20.65
C TYR B 474 -30.88 -49.60 -21.87
N ALA B 475 -31.00 -50.89 -22.16
CA ALA B 475 -30.19 -51.51 -23.21
C ALA B 475 -30.54 -50.97 -24.60
N THR B 476 -31.82 -50.74 -24.83
CA THR B 476 -32.29 -50.44 -26.18
C THR B 476 -32.64 -48.97 -26.44
N LYS B 477 -32.72 -48.14 -25.39
CA LYS B 477 -33.19 -46.78 -25.59
C LYS B 477 -32.25 -45.68 -25.13
N ALA B 478 -31.24 -46.05 -24.34
CA ALA B 478 -30.24 -45.08 -23.89
C ALA B 478 -29.27 -44.73 -25.03
N PRO B 479 -28.66 -43.53 -25.00
CA PRO B 479 -27.74 -43.19 -26.09
C PRO B 479 -26.59 -44.18 -26.16
N LYS B 480 -26.45 -44.84 -27.31
CA LYS B 480 -25.56 -46.00 -27.44
C LYS B 480 -24.10 -45.64 -27.25
N GLU B 481 -23.75 -44.37 -27.46
CA GLU B 481 -22.37 -43.93 -27.36
C GLU B 481 -21.73 -44.23 -25.99
N PHE B 482 -22.50 -44.08 -24.91
CA PHE B 482 -21.96 -44.28 -23.58
C PHE B 482 -22.56 -45.50 -22.92
N LEU B 483 -23.17 -46.35 -23.73
CA LEU B 483 -23.73 -47.59 -23.25
C LEU B 483 -22.61 -48.50 -22.77
N PRO B 484 -22.79 -49.12 -21.60
CA PRO B 484 -21.78 -50.08 -21.11
C PRO B 484 -21.74 -51.33 -21.99
N LEU B 488 -21.53 -54.72 -21.14
CA LEU B 488 -22.82 -55.39 -21.26
C LEU B 488 -23.76 -54.55 -22.07
N ASN B 489 -25.04 -54.97 -22.13
CA ASN B 489 -26.06 -54.08 -22.67
C ASN B 489 -25.90 -53.86 -24.18
N VAL B 490 -24.78 -54.35 -24.73
CA VAL B 490 -24.42 -54.19 -26.14
C VAL B 490 -25.18 -55.16 -27.03
N GLU B 491 -25.52 -56.34 -26.50
CA GLU B 491 -26.37 -57.29 -27.22
C GLU B 491 -26.92 -58.39 -26.33
N TYR B 492 -28.12 -58.85 -26.69
CA TYR B 492 -28.70 -60.09 -26.17
C TYR B 492 -28.65 -60.20 -24.64
N LYS B 493 -29.63 -59.58 -23.97
CA LYS B 493 -29.68 -59.63 -22.52
C LYS B 493 -30.87 -60.47 -22.00
N LYS B 494 -30.58 -61.33 -21.03
CA LYS B 494 -31.61 -62.08 -20.32
C LYS B 494 -31.06 -62.76 -19.06
N PHE B 495 -30.28 -62.01 -18.28
CA PHE B 495 -29.67 -62.52 -17.06
C PHE B 495 -30.54 -62.36 -15.81
N ALA B 496 -31.77 -61.87 -15.97
CA ALA B 496 -32.68 -61.65 -14.83
C ALA B 496 -32.91 -62.91 -13.96
N PRO B 497 -33.26 -64.06 -14.59
CA PRO B 497 -33.53 -65.21 -13.72
C PRO B 497 -32.29 -65.68 -12.96
N SER B 498 -31.12 -65.66 -13.59
CA SER B 498 -29.91 -66.10 -12.90
C SER B 498 -29.60 -65.18 -11.72
N ILE B 499 -29.56 -63.86 -11.98
CA ILE B 499 -29.23 -62.88 -10.94
C ILE B 499 -30.17 -62.93 -9.73
N TYR B 500 -31.47 -62.98 -9.95
CA TYR B 500 -32.38 -63.02 -8.81
C TYR B 500 -32.42 -64.42 -8.18
N SER B 501 -31.86 -65.40 -8.87
CA SER B 501 -31.75 -66.74 -8.34
C SER B 501 -30.53 -66.95 -7.44
N LYS B 502 -29.40 -66.37 -7.82
CA LYS B 502 -28.14 -66.67 -7.15
C LYS B 502 -27.62 -65.56 -6.22
N SER B 503 -27.77 -64.30 -6.63
CA SER B 503 -27.33 -63.17 -5.81
C SER B 503 -27.82 -63.23 -4.34
N LYS B 504 -26.93 -62.89 -3.41
CA LYS B 504 -27.27 -62.87 -1.99
C LYS B 504 -27.74 -61.49 -1.55
N LEU B 505 -28.23 -60.70 -2.50
CA LEU B 505 -28.78 -59.39 -2.21
C LEU B 505 -30.30 -59.50 -2.07
N VAL B 506 -30.84 -60.70 -2.25
CA VAL B 506 -32.29 -60.89 -2.25
C VAL B 506 -32.90 -61.03 -0.86
N ASP B 507 -32.07 -61.14 0.18
CA ASP B 507 -32.58 -61.19 1.55
C ASP B 507 -31.54 -60.78 2.60
N TYR B 508 -32.04 -60.31 3.74
CA TYR B 508 -31.23 -59.68 4.80
C TYR B 508 -30.22 -60.64 5.43
N ALA B 509 -30.60 -61.90 5.58
CA ALA B 509 -29.69 -62.91 6.12
C ALA B 509 -28.52 -63.15 5.18
N ASN B 510 -28.82 -63.63 3.98
CA ASN B 510 -27.85 -63.81 2.90
C ASN B 510 -26.99 -62.57 2.67
N PHE B 511 -27.59 -61.39 2.86
CA PHE B 511 -26.89 -60.11 2.69
C PHE B 511 -25.85 -59.89 3.78
N LYS B 512 -26.20 -60.23 5.03
CA LYS B 512 -25.22 -60.17 6.12
C LYS B 512 -24.11 -61.21 5.97
N ALA B 513 -24.44 -62.36 5.39
CA ALA B 513 -23.47 -63.45 5.18
C ALA B 513 -22.51 -63.09 4.06
N LEU B 514 -23.03 -62.39 3.04
CA LEU B 514 -22.20 -61.82 2.01
C LEU B 514 -21.22 -60.83 2.63
N LEU B 515 -21.74 -59.99 3.52
CA LEU B 515 -20.95 -58.89 4.08
C LEU B 515 -20.22 -59.22 5.39
N SER B 516 -20.09 -60.49 5.73
CA SER B 516 -19.44 -60.87 6.99
C SER B 516 -17.93 -61.06 6.80
N GLY B 517 -17.15 -60.58 7.77
CA GLY B 517 -15.71 -60.77 7.76
C GLY B 517 -14.90 -59.49 7.67
N ASP B 518 -13.64 -59.63 7.30
CA ASP B 518 -12.72 -58.50 7.16
C ASP B 518 -12.88 -57.83 5.80
N ALA B 519 -12.32 -56.62 5.67
CA ALA B 519 -12.49 -55.80 4.46
C ALA B 519 -12.25 -56.60 3.18
N LYS B 520 -10.99 -56.92 2.91
CA LYS B 520 -10.67 -57.82 1.82
C LYS B 520 -11.40 -59.14 2.06
N ALA B 521 -11.67 -59.88 1.00
CA ALA B 521 -12.49 -61.11 1.02
C ALA B 521 -13.99 -60.79 1.04
N VAL B 522 -14.40 -59.78 1.82
CA VAL B 522 -15.77 -59.30 1.72
C VAL B 522 -15.88 -58.66 0.35
N LEU B 523 -14.84 -57.93 0.00
CA LEU B 523 -14.78 -57.29 -1.30
C LEU B 523 -14.68 -58.38 -2.38
N LYS B 524 -14.04 -59.50 -2.04
CA LYS B 524 -13.99 -60.67 -2.93
C LYS B 524 -15.33 -61.40 -3.01
N LYS B 525 -15.99 -61.59 -1.87
CA LYS B 525 -17.28 -62.27 -1.89
C LYS B 525 -18.25 -61.46 -2.74
N ILE B 526 -18.33 -60.14 -2.49
CA ILE B 526 -19.31 -59.33 -3.24
C ILE B 526 -18.96 -59.31 -4.72
N SER B 527 -17.66 -59.36 -5.03
CA SER B 527 -17.23 -59.37 -6.43
C SER B 527 -17.76 -60.61 -7.15
N LEU B 528 -17.99 -61.69 -6.41
CA LEU B 528 -18.49 -62.93 -7.01
C LEU B 528 -20.01 -63.00 -7.13
N ASP B 529 -20.72 -62.08 -6.47
CA ASP B 529 -22.19 -62.08 -6.50
C ASP B 529 -22.67 -61.64 -7.87
N LYS B 530 -23.42 -62.53 -8.54
CA LYS B 530 -23.92 -62.25 -9.89
C LYS B 530 -24.71 -60.94 -9.97
N GLY B 531 -25.38 -60.60 -8.88
CA GLY B 531 -26.08 -59.33 -8.76
C GLY B 531 -25.13 -58.14 -8.71
N TYR B 532 -24.25 -58.12 -7.72
CA TYR B 532 -23.31 -57.00 -7.57
C TYR B 532 -22.38 -56.84 -8.79
N ALA B 533 -22.10 -57.91 -9.49
CA ALA B 533 -21.18 -57.83 -10.61
C ALA B 533 -21.84 -57.11 -11.78
N PHE B 534 -23.16 -57.24 -11.88
CA PHE B 534 -23.88 -56.56 -12.94
C PHE B 534 -23.96 -55.06 -12.67
N VAL B 535 -24.18 -54.69 -11.41
CA VAL B 535 -24.15 -53.29 -10.99
C VAL B 535 -22.79 -52.61 -11.21
N LYS B 536 -21.71 -53.21 -10.70
CA LYS B 536 -20.37 -52.62 -10.80
C LYS B 536 -20.03 -52.30 -12.24
N SER B 537 -20.46 -53.20 -13.12
CA SER B 537 -20.44 -52.99 -14.56
C SER B 537 -21.08 -51.65 -15.00
N LEU B 538 -22.29 -51.38 -14.52
CA LEU B 538 -22.98 -50.17 -14.90
C LEU B 538 -22.39 -48.95 -14.20
N ALA B 539 -22.02 -49.16 -12.93
CA ALA B 539 -21.55 -48.06 -12.09
C ALA B 539 -20.15 -47.61 -12.50
N ASP B 540 -19.32 -48.54 -12.94
CA ASP B 540 -17.99 -48.19 -13.45
C ASP B 540 -18.10 -47.40 -14.74
N ASN B 541 -19.01 -47.81 -15.62
CA ASN B 541 -19.17 -47.11 -16.89
C ASN B 541 -19.65 -45.70 -16.64
N TYR B 542 -20.67 -45.58 -15.81
CA TYR B 542 -21.21 -44.28 -15.46
C TYR B 542 -20.16 -43.39 -14.79
N SER B 543 -19.53 -43.91 -13.74
CA SER B 543 -18.67 -43.09 -12.88
C SER B 543 -17.36 -42.69 -13.56
N LYS B 544 -17.00 -43.38 -14.63
CA LYS B 544 -15.76 -43.12 -15.33
C LYS B 544 -15.97 -42.48 -16.70
N ASN B 545 -17.11 -42.76 -17.34
CA ASN B 545 -17.33 -42.31 -18.73
C ASN B 545 -18.41 -41.27 -18.93
N ILE B 546 -19.28 -41.13 -17.93
CA ILE B 546 -20.40 -40.22 -18.02
C ILE B 546 -20.27 -39.10 -17.00
N ALA B 547 -20.30 -39.47 -15.73
CA ALA B 547 -20.26 -38.52 -14.63
C ALA B 547 -19.18 -37.40 -14.69
N PRO B 548 -17.92 -37.74 -15.03
CA PRO B 548 -16.95 -36.64 -14.92
C PRO B 548 -17.23 -35.50 -15.91
N ARG B 549 -17.67 -35.88 -17.11
CA ARG B 549 -18.03 -34.88 -18.09
C ARG B 549 -19.40 -34.23 -17.75
N TYR B 550 -20.36 -35.00 -17.25
CA TYR B 550 -21.63 -34.42 -16.84
C TYR B 550 -21.40 -33.43 -15.71
N ASP B 551 -20.58 -33.83 -14.73
CA ASP B 551 -20.31 -32.97 -13.59
C ASP B 551 -19.64 -31.69 -14.03
N GLU B 552 -18.74 -31.82 -14.98
CA GLU B 552 -17.95 -30.68 -15.46
C GLU B 552 -18.83 -29.62 -16.13
N ILE B 553 -19.63 -30.07 -17.09
CA ILE B 553 -20.52 -29.16 -17.78
C ILE B 553 -21.58 -28.61 -16.81
N ASN B 554 -22.08 -29.46 -15.94
CA ASN B 554 -23.14 -29.07 -15.03
C ASN B 554 -22.72 -27.92 -14.14
N LEU B 555 -21.45 -27.93 -13.78
CA LEU B 555 -20.89 -26.90 -12.91
C LEU B 555 -20.83 -25.57 -13.64
N LYS B 556 -20.52 -25.60 -14.95
CA LYS B 556 -20.53 -24.39 -15.75
C LYS B 556 -21.98 -23.85 -15.93
N ILE B 557 -22.91 -24.74 -16.25
CA ILE B 557 -24.34 -24.36 -16.41
C ILE B 557 -24.87 -23.72 -15.12
N ASN B 558 -24.64 -24.36 -13.98
CA ASN B 558 -25.00 -23.81 -12.68
C ASN B 558 -24.37 -22.43 -12.39
N ALA B 559 -23.14 -22.22 -12.83
CA ALA B 559 -22.53 -20.91 -12.63
C ALA B 559 -23.20 -19.86 -13.53
N LEU B 560 -23.48 -20.25 -14.77
CA LEU B 560 -24.15 -19.33 -15.67
C LEU B 560 -25.54 -19.01 -15.13
N GLN B 561 -26.18 -19.99 -14.50
CA GLN B 561 -27.53 -19.82 -14.03
C GLN B 561 -27.51 -18.83 -12.86
N ARG B 562 -26.46 -18.85 -12.05
CA ARG B 562 -26.33 -17.89 -10.94
C ARG B 562 -26.28 -16.47 -11.48
N ILE B 563 -25.49 -16.33 -12.53
CA ILE B 563 -25.28 -15.03 -13.15
C ILE B 563 -26.53 -14.53 -13.90
N TYR B 564 -27.21 -15.45 -14.58
CA TYR B 564 -28.42 -15.13 -15.32
C TYR B 564 -29.53 -14.62 -14.37
N MET B 565 -29.60 -15.24 -13.19
CA MET B 565 -30.53 -14.84 -12.15
C MET B 565 -30.18 -13.45 -11.62
N LYS B 566 -28.90 -13.24 -11.38
CA LYS B 566 -28.35 -11.97 -10.92
C LYS B 566 -28.74 -10.87 -11.90
N ALA B 567 -28.52 -11.16 -13.17
CA ALA B 567 -28.85 -10.25 -14.25
C ALA B 567 -30.36 -9.95 -14.38
N GLN B 568 -31.21 -10.95 -14.16
CA GLN B 568 -32.64 -10.73 -14.24
C GLN B 568 -33.10 -9.86 -13.07
N LEU B 569 -32.55 -10.12 -11.88
CA LEU B 569 -32.82 -9.25 -10.74
C LEU B 569 -32.43 -7.80 -11.06
N GLU B 570 -31.25 -7.62 -11.61
CA GLU B 570 -30.72 -6.30 -11.99
C GLU B 570 -31.47 -5.58 -13.12
N LEU B 571 -31.76 -6.28 -14.21
CA LEU B 571 -32.32 -5.64 -15.37
C LEU B 571 -33.85 -5.58 -15.37
N TYR B 572 -34.49 -6.30 -14.48
CA TYR B 572 -35.96 -6.30 -14.38
C TYR B 572 -36.45 -6.02 -12.97
N PRO B 573 -36.11 -4.84 -12.42
CA PRO B 573 -36.56 -4.50 -11.06
C PRO B 573 -38.06 -4.18 -11.07
N ASN B 574 -38.55 -3.85 -12.27
CA ASN B 574 -39.95 -3.83 -12.55
C ASN B 574 -40.69 -4.93 -11.84
N SER B 575 -40.15 -6.12 -12.01
CA SER B 575 -40.96 -7.31 -11.90
C SER B 575 -41.25 -7.66 -10.48
N ARG B 576 -41.99 -8.72 -10.36
CA ARG B 576 -42.32 -9.31 -9.08
C ARG B 576 -41.44 -10.54 -8.96
N ILE B 577 -40.13 -10.37 -9.11
CA ILE B 577 -39.28 -11.54 -9.03
C ILE B 577 -39.30 -12.10 -7.61
N PHE B 578 -39.71 -13.35 -7.45
CA PHE B 578 -39.59 -13.99 -6.14
C PHE B 578 -38.48 -15.03 -6.27
N PRO B 579 -37.85 -15.39 -5.14
CA PRO B 579 -36.82 -16.45 -5.24
C PRO B 579 -37.42 -17.83 -5.44
N ASP B 580 -36.76 -18.64 -6.28
CA ASP B 580 -37.16 -20.04 -6.46
C ASP B 580 -37.36 -20.70 -5.12
N ALA B 581 -38.32 -21.62 -5.04
CA ALA B 581 -38.48 -22.43 -3.84
C ALA B 581 -37.20 -23.18 -3.57
N ASN B 582 -36.96 -23.50 -2.30
CA ASN B 582 -35.70 -24.08 -1.85
C ASN B 582 -35.85 -24.74 -0.49
N SER B 583 -37.06 -25.24 -0.23
CA SER B 583 -37.42 -26.03 0.97
C SER B 583 -37.42 -25.21 2.25
N THR B 584 -37.64 -23.91 2.11
CA THR B 584 -37.75 -23.01 3.27
C THR B 584 -39.14 -22.37 3.31
N LEU B 585 -39.48 -21.81 4.46
CA LEU B 585 -40.79 -21.22 4.70
C LEU B 585 -41.15 -20.11 3.73
N ARG B 586 -42.27 -20.29 3.03
CA ARG B 586 -42.75 -19.22 2.16
C ARG B 586 -44.20 -18.96 2.43
N VAL B 587 -44.66 -17.83 1.91
CA VAL B 587 -46.06 -17.47 1.93
C VAL B 587 -46.49 -17.25 0.49
N THR B 588 -47.57 -17.89 0.06
CA THR B 588 -48.22 -17.51 -1.19
C THR B 588 -49.67 -17.08 -0.90
N TYR B 589 -50.35 -16.48 -1.86
CA TYR B 589 -51.69 -15.94 -1.57
C TYR B 589 -52.48 -15.76 -2.83
N GLY B 590 -53.78 -15.57 -2.66
CA GLY B 590 -54.69 -15.59 -3.80
C GLY B 590 -56.11 -15.66 -3.28
N LYS B 591 -56.98 -16.35 -4.03
CA LYS B 591 -58.38 -16.43 -3.65
C LYS B 591 -59.00 -17.70 -4.20
N VAL B 592 -60.10 -18.11 -3.59
CA VAL B 592 -60.87 -19.22 -4.09
C VAL B 592 -61.41 -18.88 -5.47
N LYS B 593 -61.12 -19.71 -6.46
CA LYS B 593 -61.45 -19.36 -7.82
C LYS B 593 -61.39 -20.55 -8.75
N GLY B 594 -62.44 -20.71 -9.55
CA GLY B 594 -62.47 -21.74 -10.56
C GLY B 594 -61.68 -21.29 -11.76
N TYR B 595 -61.74 -22.06 -12.82
CA TYR B 595 -61.00 -21.73 -14.02
C TYR B 595 -61.56 -22.46 -15.20
N SER B 596 -61.17 -22.04 -16.39
CA SER B 596 -61.57 -22.73 -17.61
C SER B 596 -60.39 -23.39 -18.29
N PRO B 597 -60.42 -24.72 -18.40
CA PRO B 597 -59.29 -25.41 -19.06
C PRO B 597 -59.40 -25.30 -20.57
N LYS B 598 -60.61 -25.03 -21.07
CA LYS B 598 -60.92 -25.05 -22.51
C LYS B 598 -62.16 -24.19 -22.81
N ASP B 599 -62.26 -23.66 -24.01
CA ASP B 599 -63.46 -22.97 -24.47
C ASP B 599 -64.73 -23.72 -24.06
N ALA B 600 -65.60 -23.02 -23.33
CA ALA B 600 -66.97 -23.46 -23.00
C ALA B 600 -66.99 -24.46 -21.88
N ILE B 601 -65.86 -24.67 -21.24
CA ILE B 601 -65.82 -25.52 -20.05
C ILE B 601 -65.41 -24.69 -18.85
N TYR B 602 -66.23 -24.71 -17.82
CA TYR B 602 -65.87 -24.05 -16.59
C TYR B 602 -65.76 -25.05 -15.45
N TYR B 603 -64.62 -25.02 -14.76
CA TYR B 603 -64.49 -25.84 -13.56
C TYR B 603 -64.81 -25.00 -12.35
N ASN B 604 -65.80 -25.45 -11.60
CA ASN B 604 -66.24 -24.76 -10.40
C ASN B 604 -65.18 -24.90 -9.32
N PRO B 605 -65.14 -23.94 -8.39
CA PRO B 605 -64.10 -23.94 -7.35
C PRO B 605 -64.32 -24.92 -6.21
N THR B 606 -65.48 -25.57 -6.12
CA THR B 606 -65.72 -26.46 -4.99
C THR B 606 -66.32 -27.77 -5.47
N THR B 607 -65.98 -28.86 -4.79
CA THR B 607 -66.59 -30.18 -4.96
C THR B 607 -67.40 -30.61 -3.73
N TYR B 608 -68.23 -31.63 -3.91
CA TYR B 608 -69.10 -32.11 -2.84
C TYR B 608 -69.11 -33.61 -2.84
N LEU B 609 -69.68 -34.20 -1.78
CA LEU B 609 -69.55 -35.63 -1.61
C LEU B 609 -70.28 -36.38 -2.69
N ASP B 610 -71.37 -35.79 -3.18
CA ASP B 610 -72.12 -36.43 -4.25
C ASP B 610 -71.23 -36.59 -5.48
N GLY B 611 -70.22 -35.74 -5.62
CA GLY B 611 -69.32 -35.84 -6.76
C GLY B 611 -68.40 -37.04 -6.62
N ALA B 612 -68.16 -37.43 -5.38
CA ALA B 612 -67.36 -38.62 -5.10
C ALA B 612 -68.20 -39.87 -5.34
N ILE B 613 -69.50 -39.79 -5.01
CA ILE B 613 -70.40 -40.92 -5.25
C ILE B 613 -70.56 -41.15 -6.74
N GLU B 614 -70.55 -40.09 -7.54
CA GLU B 614 -70.55 -40.27 -8.99
C GLU B 614 -69.38 -41.12 -9.47
N LYS B 615 -68.24 -41.01 -8.78
CA LYS B 615 -67.00 -41.68 -9.20
C LYS B 615 -66.90 -43.08 -8.62
N TYR B 616 -67.71 -43.35 -7.60
CA TYR B 616 -67.72 -44.62 -6.92
C TYR B 616 -67.88 -45.83 -7.86
N ILE B 617 -66.93 -46.75 -7.78
CA ILE B 617 -67.05 -48.03 -8.43
C ILE B 617 -66.86 -49.09 -7.35
N PRO B 618 -67.90 -49.92 -7.12
CA PRO B 618 -67.85 -50.88 -6.01
C PRO B 618 -66.67 -51.83 -6.11
N GLY B 619 -65.92 -51.93 -5.01
CA GLY B 619 -64.79 -52.84 -4.95
C GLY B 619 -63.53 -52.37 -5.70
N ASP B 620 -63.62 -51.26 -6.42
CA ASP B 620 -62.52 -50.87 -7.31
C ASP B 620 -61.24 -50.49 -6.57
N TYR B 621 -60.10 -50.91 -7.11
CA TYR B 621 -58.80 -50.60 -6.51
C TYR B 621 -58.61 -49.11 -6.19
N GLU B 622 -59.09 -48.24 -7.07
CA GLU B 622 -58.94 -46.81 -6.91
C GLU B 622 -60.18 -46.08 -6.39
N PHE B 623 -61.35 -46.49 -6.87
CA PHE B 623 -62.59 -45.74 -6.65
C PHE B 623 -63.66 -46.43 -5.79
N ASP B 624 -63.24 -47.38 -4.97
CA ASP B 624 -64.14 -47.93 -3.96
C ASP B 624 -64.39 -46.86 -2.91
N VAL B 625 -65.53 -46.95 -2.22
CA VAL B 625 -65.82 -46.06 -1.10
C VAL B 625 -66.19 -46.92 0.12
N PRO B 626 -65.65 -46.59 1.31
CA PRO B 626 -66.01 -47.40 2.50
C PRO B 626 -67.49 -47.36 2.81
N LYS B 627 -68.00 -48.43 3.41
CA LYS B 627 -69.42 -48.57 3.64
C LYS B 627 -69.97 -47.44 4.50
N LYS B 628 -69.27 -47.11 5.59
CA LYS B 628 -69.76 -46.06 6.47
C LYS B 628 -69.92 -44.72 5.74
N LEU B 629 -69.03 -44.42 4.80
CA LEU B 629 -69.17 -43.17 4.06
C LEU B 629 -70.39 -43.17 3.15
N ILE B 630 -70.60 -44.29 2.46
CA ILE B 630 -71.75 -44.43 1.59
C ILE B 630 -73.04 -44.26 2.40
N ASP B 631 -73.07 -44.80 3.61
CA ASP B 631 -74.25 -44.71 4.46
C ASP B 631 -74.46 -43.29 4.97
N LEU B 632 -73.39 -42.65 5.42
CA LEU B 632 -73.45 -41.25 5.81
C LEU B 632 -74.00 -40.39 4.67
N TYR B 633 -73.55 -40.67 3.45
CA TYR B 633 -74.02 -39.96 2.27
C TYR B 633 -75.51 -40.21 2.05
N ASN B 634 -75.90 -41.48 2.18
CA ASN B 634 -77.26 -41.85 1.88
C ASN B 634 -78.23 -41.21 2.88
N ASN B 635 -77.80 -41.04 4.12
CA ASN B 635 -78.64 -40.38 5.12
C ASN B 635 -78.39 -38.86 5.21
N LYS B 636 -77.55 -38.34 4.31
CA LYS B 636 -77.13 -36.92 4.31
C LYS B 636 -76.83 -36.46 5.73
N ASP B 637 -76.10 -37.31 6.45
CA ASP B 637 -75.80 -37.12 7.86
C ASP B 637 -74.51 -36.29 7.97
N TYR B 638 -74.65 -34.98 7.88
CA TYR B 638 -73.51 -34.08 7.70
C TYR B 638 -73.25 -33.18 8.92
N GLY B 639 -74.22 -33.17 9.84
CA GLY B 639 -74.13 -32.40 11.06
C GLY B 639 -73.71 -30.96 10.83
N GLN B 640 -72.78 -30.48 11.64
CA GLN B 640 -72.39 -29.08 11.54
C GLN B 640 -71.46 -28.82 10.35
N TYR B 641 -71.19 -29.86 9.56
CA TYR B 641 -70.23 -29.75 8.45
C TYR B 641 -70.93 -29.60 7.11
N GLY B 642 -72.26 -29.72 7.10
CA GLY B 642 -72.99 -29.65 5.84
C GLY B 642 -73.14 -28.25 5.28
N GLU B 643 -73.60 -28.15 4.04
CA GLU B 643 -73.89 -26.86 3.43
C GLU B 643 -74.99 -27.00 2.36
N ASN B 644 -76.13 -26.35 2.59
CA ASN B 644 -77.26 -26.42 1.66
C ASN B 644 -77.61 -27.84 1.24
N GLY B 645 -77.67 -28.75 2.20
CA GLY B 645 -77.97 -30.14 1.92
C GLY B 645 -76.80 -30.96 1.41
N LYS B 646 -75.64 -30.34 1.20
CA LYS B 646 -74.49 -31.04 0.62
C LYS B 646 -73.28 -31.01 1.56
N LEU B 647 -72.29 -31.85 1.28
CA LEU B 647 -71.05 -31.87 2.07
C LEU B 647 -69.86 -31.44 1.20
N PRO B 648 -69.28 -30.27 1.50
CA PRO B 648 -68.15 -29.86 0.66
C PRO B 648 -66.96 -30.78 0.88
N VAL B 649 -66.19 -31.01 -0.18
CA VAL B 649 -65.05 -31.93 -0.08
C VAL B 649 -63.71 -31.20 -0.34
N CYS B 650 -63.59 -30.60 -1.52
CA CYS B 650 -62.37 -29.89 -1.92
C CYS B 650 -62.68 -28.54 -2.55
N PHE B 651 -61.66 -27.70 -2.62
CA PHE B 651 -61.80 -26.45 -3.31
C PHE B 651 -60.45 -26.03 -3.87
N ILE B 652 -60.48 -25.11 -4.82
CA ILE B 652 -59.25 -24.65 -5.47
C ILE B 652 -59.04 -23.14 -5.34
N GLY B 653 -57.81 -22.73 -5.57
CA GLY B 653 -57.40 -21.37 -5.33
C GLY B 653 -56.32 -20.92 -6.28
N THR B 654 -56.03 -19.63 -6.28
CA THR B 654 -55.01 -19.07 -7.14
C THR B 654 -53.68 -18.93 -6.39
N ASN B 655 -53.49 -19.72 -5.33
CA ASN B 655 -52.21 -19.81 -4.63
C ASN B 655 -51.13 -20.52 -5.44
N HIS B 656 -49.90 -19.99 -5.43
CA HIS B 656 -48.81 -20.63 -6.18
C HIS B 656 -48.07 -21.60 -5.29
N THR B 657 -48.18 -22.90 -5.56
CA THR B 657 -47.62 -23.93 -4.67
C THR B 657 -46.75 -24.90 -5.43
N THR B 658 -46.02 -25.75 -4.72
CA THR B 658 -45.29 -26.82 -5.37
C THR B 658 -45.05 -27.96 -4.37
N GLY B 659 -44.37 -29.02 -4.82
CA GLY B 659 -43.98 -30.10 -3.92
C GLY B 659 -43.31 -29.55 -2.67
N GLY B 660 -43.73 -30.04 -1.52
CA GLY B 660 -43.33 -29.46 -0.25
C GLY B 660 -44.43 -28.63 0.39
N ASN B 661 -45.38 -28.16 -0.42
CA ASN B 661 -46.56 -27.48 0.09
C ASN B 661 -47.67 -28.48 0.49
N SER B 662 -47.50 -29.76 0.19
CA SER B 662 -48.36 -30.79 0.79
C SER B 662 -48.52 -30.59 2.28
N GLY B 663 -49.76 -30.63 2.75
CA GLY B 663 -50.03 -30.41 4.16
C GLY B 663 -50.07 -28.95 4.60
N SER B 664 -49.86 -28.02 3.67
CA SER B 664 -49.88 -26.60 4.02
C SER B 664 -51.27 -26.09 4.40
N PRO B 665 -51.32 -25.22 5.42
CA PRO B 665 -52.59 -24.63 5.80
C PRO B 665 -52.97 -23.58 4.79
N ALA B 666 -54.25 -23.53 4.48
CA ALA B 666 -54.83 -22.39 3.80
C ALA B 666 -55.63 -21.63 4.83
N VAL B 667 -55.22 -20.39 5.11
CA VAL B 667 -55.93 -19.59 6.07
C VAL B 667 -56.75 -18.52 5.39
N ASP B 668 -57.73 -17.99 6.12
CA ASP B 668 -58.62 -16.98 5.57
C ASP B 668 -58.15 -15.56 5.91
N ALA B 669 -58.97 -14.57 5.62
CA ALA B 669 -58.61 -13.17 5.78
C ALA B 669 -58.19 -12.85 7.22
N GLN B 670 -58.64 -13.68 8.15
CA GLN B 670 -58.43 -13.40 9.57
C GLN B 670 -57.44 -14.41 10.21
N GLY B 671 -56.85 -15.27 9.40
CA GLY B 671 -55.86 -16.23 9.92
C GLY B 671 -56.45 -17.54 10.40
N ASN B 672 -57.75 -17.74 10.16
CA ASN B 672 -58.40 -19.01 10.46
C ASN B 672 -58.13 -20.04 9.40
N LEU B 673 -58.04 -21.30 9.81
CA LEU B 673 -57.84 -22.38 8.86
C LEU B 673 -59.11 -22.75 8.11
N ILE B 674 -59.05 -22.75 6.78
CA ILE B 674 -60.21 -23.06 5.96
C ILE B 674 -59.95 -24.22 5.03
N GLY B 675 -58.69 -24.54 4.79
CA GLY B 675 -58.39 -25.64 3.89
C GLY B 675 -57.03 -26.24 4.14
N LEU B 676 -56.77 -27.38 3.51
CA LEU B 676 -55.50 -28.07 3.69
C LEU B 676 -54.94 -28.36 2.31
N ASN B 677 -53.85 -27.69 1.96
CA ASN B 677 -53.31 -27.85 0.62
C ASN B 677 -52.82 -29.25 0.37
N PHE B 678 -53.12 -29.81 -0.80
CA PHE B 678 -52.55 -31.11 -1.10
C PHE B 678 -52.18 -31.34 -2.56
N ASP B 679 -52.61 -30.50 -3.50
CA ASP B 679 -52.27 -30.78 -4.91
C ASP B 679 -52.29 -29.57 -5.82
N ARG B 680 -51.88 -29.75 -7.07
CA ARG B 680 -52.18 -28.79 -8.13
C ARG B 680 -53.12 -29.44 -9.17
N VAL B 681 -53.78 -28.63 -10.00
CA VAL B 681 -54.66 -29.14 -11.06
C VAL B 681 -53.82 -29.48 -12.28
N TRP B 682 -54.41 -30.21 -13.24
CA TRP B 682 -53.62 -30.79 -14.33
C TRP B 682 -52.95 -29.75 -15.20
N GLU B 683 -53.69 -28.70 -15.51
CA GLU B 683 -53.30 -27.69 -16.46
C GLU B 683 -52.14 -26.83 -15.89
N GLY B 684 -51.92 -26.89 -14.58
CA GLY B 684 -50.82 -26.17 -13.94
C GLY B 684 -49.69 -27.04 -13.35
N THR B 685 -49.56 -28.29 -13.81
CA THR B 685 -48.44 -29.14 -13.37
C THR B 685 -47.07 -28.62 -13.86
N MET B 686 -47.09 -27.67 -14.78
CA MET B 686 -45.87 -27.05 -15.35
C MET B 686 -45.42 -25.85 -14.52
N SER B 687 -46.15 -25.55 -13.45
CA SER B 687 -45.99 -24.24 -12.86
C SER B 687 -44.67 -24.01 -12.08
N ASP B 688 -43.83 -25.03 -11.92
CA ASP B 688 -42.46 -24.89 -11.39
C ASP B 688 -41.59 -24.21 -12.44
N ILE B 689 -41.99 -24.40 -13.69
CA ILE B 689 -41.22 -23.90 -14.81
C ILE B 689 -41.91 -22.72 -15.52
N HIS B 690 -43.24 -22.74 -15.59
CA HIS B 690 -43.98 -21.63 -16.21
C HIS B 690 -45.36 -21.48 -15.58
N TYR B 691 -45.61 -20.32 -15.00
CA TYR B 691 -46.82 -20.10 -14.24
C TYR B 691 -47.82 -19.36 -15.10
N ASP B 692 -49.01 -19.91 -15.24
CA ASP B 692 -50.07 -19.22 -15.98
C ASP B 692 -51.23 -19.01 -15.02
N PRO B 693 -51.47 -17.76 -14.62
CA PRO B 693 -52.50 -17.41 -13.63
C PRO B 693 -53.93 -17.87 -14.02
N SER B 694 -54.16 -18.05 -15.32
CA SER B 694 -55.47 -18.44 -15.83
C SER B 694 -55.82 -19.82 -15.44
N ILE B 695 -54.81 -20.69 -15.38
CA ILE B 695 -55.07 -22.12 -15.29
C ILE B 695 -54.32 -22.82 -14.15
N CYS B 696 -53.44 -22.11 -13.45
CA CYS B 696 -52.76 -22.68 -12.30
C CYS B 696 -53.62 -22.50 -11.04
N ARG B 697 -53.90 -23.60 -10.37
CA ARG B 697 -54.70 -23.59 -9.16
C ARG B 697 -54.13 -24.59 -8.17
N ASN B 698 -54.13 -24.26 -6.89
CA ASN B 698 -53.79 -25.25 -5.90
C ASN B 698 -55.06 -25.89 -5.42
N VAL B 699 -54.94 -27.15 -4.98
CA VAL B 699 -56.10 -27.93 -4.56
C VAL B 699 -56.05 -28.13 -3.06
N MET B 700 -57.13 -27.78 -2.39
CA MET B 700 -57.23 -27.92 -0.95
C MET B 700 -58.37 -28.84 -0.50
N VAL B 701 -58.20 -29.49 0.66
CA VAL B 701 -59.30 -30.18 1.32
C VAL B 701 -60.08 -29.15 2.12
N ASP B 702 -61.40 -29.15 1.98
CA ASP B 702 -62.25 -28.26 2.78
C ASP B 702 -62.14 -28.76 4.22
N MET B 703 -61.89 -27.86 5.17
CA MET B 703 -61.74 -28.26 6.56
C MET B 703 -63.04 -28.90 7.06
N ARG B 704 -64.17 -28.57 6.44
CA ARG B 704 -65.42 -29.17 6.85
C ARG B 704 -65.39 -30.68 6.57
N TYR B 705 -64.84 -31.08 5.44
CA TYR B 705 -64.72 -32.51 5.13
C TYR B 705 -63.75 -33.22 6.06
N VAL B 706 -62.63 -32.57 6.39
CA VAL B 706 -61.64 -33.18 7.30
C VAL B 706 -62.32 -33.47 8.63
N LEU B 707 -63.02 -32.47 9.16
CA LEU B 707 -63.63 -32.62 10.46
C LEU B 707 -64.82 -33.60 10.42
N PHE B 708 -65.57 -33.59 9.31
CA PHE B 708 -66.60 -34.60 9.04
C PHE B 708 -66.01 -36.00 9.13
N ILE B 709 -64.84 -36.20 8.52
CA ILE B 709 -64.24 -37.53 8.49
C ILE B 709 -63.79 -37.94 9.90
N VAL B 710 -63.14 -37.03 10.60
CA VAL B 710 -62.71 -37.28 11.96
C VAL B 710 -63.91 -37.56 12.87
N ASP B 711 -65.00 -36.83 12.67
CA ASP B 711 -66.13 -36.89 13.60
C ASP B 711 -67.15 -37.96 13.20
N LYS B 712 -67.82 -37.79 12.06
CA LYS B 712 -68.87 -38.72 11.64
C LYS B 712 -68.36 -40.09 11.18
N PHE B 713 -67.26 -40.11 10.43
CA PHE B 713 -66.83 -41.35 9.79
C PHE B 713 -66.10 -42.23 10.78
N ALA B 714 -65.01 -41.72 11.32
CA ALA B 714 -64.29 -42.32 12.45
C ALA B 714 -65.06 -41.90 13.68
N GLY B 715 -64.62 -42.22 14.87
CA GLY B 715 -65.43 -41.78 16.00
C GLY B 715 -64.67 -40.83 16.86
N ALA B 716 -63.88 -39.97 16.23
CA ALA B 716 -62.75 -39.37 16.90
C ALA B 716 -63.00 -37.92 17.29
N LYS B 717 -64.24 -37.64 17.66
CA LYS B 717 -64.66 -36.29 18.03
C LYS B 717 -63.81 -35.75 19.19
N HIS B 718 -63.23 -36.65 19.98
CA HIS B 718 -62.29 -36.23 21.01
C HIS B 718 -61.14 -35.37 20.44
N LEU B 719 -60.67 -35.65 19.24
CA LEU B 719 -59.61 -34.83 18.67
C LEU B 719 -60.12 -33.43 18.34
N ILE B 720 -61.38 -33.33 17.94
CA ILE B 720 -61.97 -32.04 17.64
C ILE B 720 -62.18 -31.25 18.93
N ASN B 721 -62.45 -31.95 20.02
CA ASN B 721 -62.66 -31.27 21.29
C ASN B 721 -61.43 -30.46 21.69
N GLU B 722 -60.29 -30.86 21.13
CA GLU B 722 -59.00 -30.26 21.37
C GLU B 722 -58.84 -28.98 20.56
N MET B 723 -59.53 -28.91 19.42
CA MET B 723 -59.39 -27.76 18.52
C MET B 723 -60.20 -26.53 18.96
N LYS B 724 -59.97 -25.42 18.28
CA LYS B 724 -60.80 -24.24 18.47
C LYS B 724 -61.62 -23.95 17.21
N LEU B 725 -62.89 -24.34 17.22
CA LEU B 725 -63.78 -24.13 16.08
C LEU B 725 -64.38 -22.73 16.13
N VAL B 726 -64.30 -21.99 15.02
CA VAL B 726 -64.82 -20.63 14.99
C VAL B 726 -65.74 -20.40 13.78
N HIS B 727 -66.48 -19.30 13.82
CA HIS B 727 -67.45 -18.95 12.78
C HIS B 727 -67.17 -17.57 12.26
N PRO B 728 -66.17 -17.42 11.39
CA PRO B 728 -65.79 -16.08 10.95
C PRO B 728 -66.82 -15.39 10.04
N LYS B 729 -67.82 -16.14 9.57
CA LYS B 729 -68.87 -15.55 8.72
C LYS B 729 -70.23 -15.45 9.42
N LYS B 730 -70.56 -16.43 10.27
CA LYS B 730 -71.89 -16.51 10.87
C LYS B 730 -71.86 -16.02 12.32
N GLN C 36 -17.04 21.09 30.38
CA GLN C 36 -16.66 19.96 29.53
C GLN C 36 -16.99 20.25 28.07
N GLN C 37 -17.16 19.19 27.26
CA GLN C 37 -17.68 19.33 25.89
C GLN C 37 -17.08 20.43 24.99
N GLY C 38 -17.89 21.38 24.54
CA GLY C 38 -17.52 22.21 23.41
C GLY C 38 -16.20 23.00 23.43
N GLY C 39 -15.42 22.87 22.36
CA GLY C 39 -14.15 23.55 22.20
C GLY C 39 -13.49 22.90 21.02
N MET C 40 -12.51 23.56 20.42
CA MET C 40 -11.81 23.04 19.26
C MET C 40 -10.32 22.88 19.53
N TRP C 41 -9.91 21.66 19.78
CA TRP C 41 -8.62 21.39 20.35
C TRP C 41 -7.60 20.84 19.37
N ILE C 42 -6.37 21.29 19.54
CA ILE C 42 -5.27 20.84 18.72
C ILE C 42 -5.01 19.40 19.10
N PRO C 43 -5.04 18.50 18.10
CA PRO C 43 -5.09 17.06 18.38
C PRO C 43 -3.86 16.57 19.17
N SER C 44 -2.73 17.25 19.03
CA SER C 44 -1.50 16.84 19.71
C SER C 44 -1.40 17.31 21.16
N LEU C 45 -2.43 18.00 21.64
CA LEU C 45 -2.39 18.66 22.94
C LEU C 45 -3.48 18.16 23.85
N LEU C 46 -3.97 16.95 23.60
CA LEU C 46 -5.15 16.46 24.30
C LEU C 46 -4.87 15.96 25.69
N SER C 47 -3.63 15.53 25.94
CA SER C 47 -3.25 14.95 27.23
C SER C 47 -3.55 15.89 28.37
N GLY C 48 -3.92 15.33 29.51
CA GLY C 48 -4.30 16.13 30.64
C GLY C 48 -5.77 16.46 30.62
N MET C 49 -6.07 17.75 30.58
CA MET C 49 -7.43 18.25 30.74
C MET C 49 -8.44 17.65 29.74
N ASN C 50 -8.09 17.65 28.45
CA ASN C 50 -9.04 17.20 27.46
C ASN C 50 -9.35 15.73 27.68
N GLU C 51 -8.30 14.93 27.69
CA GLU C 51 -8.41 13.49 27.88
C GLU C 51 -9.27 13.14 29.08
N THR C 52 -9.05 13.83 30.18
CA THR C 52 -9.86 13.66 31.37
C THR C 52 -11.35 13.97 31.08
N GLU C 53 -11.60 15.09 30.40
CA GLU C 53 -12.96 15.45 30.02
C GLU C 53 -13.58 14.42 29.06
N MET C 54 -12.84 14.09 28.01
CA MET C 54 -13.28 13.09 27.05
C MET C 54 -13.62 11.77 27.75
N LYS C 55 -12.70 11.28 28.60
CA LYS C 55 -12.93 10.02 29.31
C LYS C 55 -14.11 10.11 30.28
N ASN C 56 -14.33 11.27 30.88
CA ASN C 56 -15.49 11.43 31.74
C ASN C 56 -16.81 11.34 30.95
N LEU C 57 -16.77 11.69 29.66
CA LEU C 57 -17.93 11.58 28.77
C LEU C 57 -18.05 10.19 28.17
N GLY C 58 -17.13 9.29 28.53
CA GLY C 58 -17.19 7.89 28.11
C GLY C 58 -16.15 7.40 27.11
N MET C 59 -15.25 8.26 26.65
CA MET C 59 -14.24 7.81 25.69
C MET C 59 -13.42 6.65 26.27
N LYS C 60 -13.08 5.67 25.43
CA LYS C 60 -12.36 4.47 25.88
C LYS C 60 -10.95 4.42 25.30
N ILE C 61 -10.79 4.98 24.11
CA ILE C 61 -9.46 5.12 23.53
C ILE C 61 -8.71 6.24 24.24
N SER C 62 -7.45 6.43 23.91
CA SER C 62 -6.63 7.43 24.58
C SER C 62 -6.10 8.49 23.63
N ALA C 63 -5.42 9.48 24.21
CA ALA C 63 -4.86 10.59 23.47
C ALA C 63 -3.94 10.10 22.36
N ASP C 64 -3.15 9.08 22.67
CA ASP C 64 -2.16 8.58 21.71
C ASP C 64 -2.81 7.74 20.62
N ASP C 65 -4.05 7.28 20.87
CA ASP C 65 -4.84 6.65 19.81
C ASP C 65 -5.29 7.73 18.82
N ILE C 66 -5.37 8.96 19.30
CA ILE C 66 -5.95 10.05 18.50
C ILE C 66 -4.87 10.75 17.71
N TYR C 67 -3.72 11.00 18.36
CA TYR C 67 -2.61 11.63 17.69
C TYR C 67 -1.30 10.99 18.14
N SER C 68 -0.46 10.59 17.19
CA SER C 68 0.86 10.07 17.52
C SER C 68 1.88 10.32 16.41
N VAL C 69 3.16 10.37 16.78
CA VAL C 69 4.24 10.46 15.80
C VAL C 69 5.01 9.13 15.70
N ASN C 70 4.73 8.21 16.61
CA ASN C 70 5.37 6.90 16.61
C ASN C 70 4.67 5.86 15.76
N HIS C 71 3.35 5.97 15.68
CA HIS C 71 2.57 4.92 15.06
C HIS C 71 1.28 5.51 14.51
N SER C 72 0.45 4.68 13.90
CA SER C 72 -0.75 5.21 13.25
C SER C 72 -1.73 5.73 14.29
N SER C 73 -2.60 6.65 13.90
CA SER C 73 -3.64 7.12 14.79
C SER C 73 -4.76 7.75 14.00
N LEU C 74 -5.76 8.21 14.74
CA LEU C 74 -6.98 8.72 14.12
C LEU C 74 -6.66 9.81 13.14
N LYS C 75 -5.65 10.65 13.45
CA LYS C 75 -5.37 11.79 12.58
C LYS C 75 -5.03 11.34 11.15
N ASP C 76 -4.48 10.15 11.01
CA ASP C 76 -4.08 9.64 9.71
C ASP C 76 -5.28 9.31 8.84
N ALA C 77 -6.46 9.23 9.44
CA ALA C 77 -7.67 8.90 8.68
C ALA C 77 -8.54 10.14 8.47
N VAL C 78 -8.04 11.33 8.81
CA VAL C 78 -8.86 12.54 8.69
C VAL C 78 -8.20 13.67 7.88
N PRO C 79 -8.22 13.55 6.56
CA PRO C 79 -7.57 14.58 5.73
C PRO C 79 -8.45 15.76 5.40
N HIS C 80 -7.77 16.87 5.15
CA HIS C 80 -8.39 18.12 4.68
C HIS C 80 -8.96 17.90 3.27
N PHE C 81 -10.21 18.31 3.01
CA PHE C 81 -10.80 18.08 1.69
C PHE C 81 -10.85 19.42 0.97
N ASN C 82 -10.04 19.53 -0.08
CA ASN C 82 -9.83 20.76 -0.89
C ASN C 82 -9.79 22.07 -0.13
N GLY C 83 -9.04 22.12 0.96
CA GLY C 83 -8.84 23.35 1.70
C GLY C 83 -10.03 23.95 2.44
N GLY C 84 -11.23 23.39 2.27
CA GLY C 84 -12.41 23.98 2.87
C GLY C 84 -13.31 23.00 3.63
N CYS C 85 -13.14 21.71 3.41
CA CYS C 85 -14.00 20.73 4.06
C CYS C 85 -13.16 19.66 4.74
N THR C 86 -13.86 18.73 5.37
CA THR C 86 -13.24 17.62 6.04
C THR C 86 -13.61 16.33 5.31
N SER C 87 -12.80 15.31 5.46
CA SER C 87 -13.20 13.99 5.03
C SER C 87 -12.57 12.95 5.91
N GLU C 88 -12.98 11.70 5.75
CA GLU C 88 -12.37 10.62 6.52
C GLU C 88 -12.15 9.41 5.65
N VAL C 89 -11.10 8.66 5.99
CA VAL C 89 -10.73 7.45 5.27
C VAL C 89 -11.47 6.29 5.88
N ILE C 90 -12.20 5.54 5.06
CA ILE C 90 -13.02 4.44 5.57
C ILE C 90 -12.71 3.08 4.97
N SER C 91 -11.59 2.96 4.27
CA SER C 91 -11.12 1.67 3.79
C SER C 91 -9.58 1.65 3.65
N PRO C 92 -8.96 0.47 3.66
CA PRO C 92 -7.50 0.43 3.48
C PRO C 92 -7.08 0.70 2.03
N LYS C 93 -8.05 1.02 1.18
CA LYS C 93 -7.74 1.37 -0.20
C LYS C 93 -8.01 2.83 -0.51
N GLY C 94 -8.09 3.67 0.51
CA GLY C 94 -8.08 5.12 0.33
C GLY C 94 -9.50 5.66 0.03
N LEU C 95 -10.52 4.86 0.29
CA LEU C 95 -11.90 5.33 0.06
C LEU C 95 -12.18 6.38 1.13
N ILE C 96 -12.60 7.58 0.73
CA ILE C 96 -12.90 8.63 1.71
C ILE C 96 -14.35 9.09 1.61
N LEU C 97 -14.88 9.50 2.75
CA LEU C 97 -16.24 9.97 2.89
C LEU C 97 -16.26 11.44 3.21
N THR C 98 -17.16 12.18 2.55
CA THR C 98 -17.39 13.56 2.88
C THR C 98 -18.87 13.94 2.62
N ASN C 99 -19.20 15.21 2.71
CA ASN C 99 -20.60 15.63 2.47
C ASN C 99 -20.98 15.67 0.99
N HIS C 100 -22.27 15.59 0.71
CA HIS C 100 -22.69 15.80 -0.66
C HIS C 100 -22.33 17.21 -1.13
N HIS C 101 -22.59 18.20 -0.27
CA HIS C 101 -22.34 19.56 -0.68
C HIS C 101 -20.83 19.89 -0.75
N CYS C 102 -19.97 19.07 -0.15
CA CYS C 102 -18.51 19.23 -0.37
C CYS C 102 -18.12 18.66 -1.72
N GLY C 103 -18.78 17.57 -2.11
CA GLY C 103 -18.50 16.92 -3.38
C GLY C 103 -19.28 17.51 -4.53
N PHE C 104 -20.21 18.41 -4.22
CA PHE C 104 -21.17 18.90 -5.21
C PHE C 104 -20.49 19.36 -6.50
N ASP C 105 -19.46 20.21 -6.36
CA ASP C 105 -18.81 20.79 -7.52
C ASP C 105 -18.19 19.74 -8.44
N ALA C 106 -17.61 18.69 -7.84
CA ALA C 106 -17.04 17.60 -8.59
C ALA C 106 -18.13 16.82 -9.34
N ILE C 107 -19.20 16.49 -8.62
CA ILE C 107 -20.35 15.78 -9.20
C ILE C 107 -20.95 16.56 -10.38
N GLN C 108 -21.23 17.83 -10.16
CA GLN C 108 -21.80 18.71 -11.18
C GLN C 108 -20.89 18.79 -12.40
N ASN C 109 -19.60 18.93 -12.14
CA ASN C 109 -18.63 19.03 -13.22
C ASN C 109 -18.62 17.77 -14.10
N HIS C 110 -18.97 16.62 -13.54
CA HIS C 110 -19.06 15.42 -14.35
C HIS C 110 -20.45 15.15 -14.87
N SER C 111 -21.40 15.93 -14.39
CA SER C 111 -22.82 15.78 -14.75
C SER C 111 -23.10 16.36 -16.12
N SER C 112 -23.98 15.71 -16.86
CA SER C 112 -24.44 16.23 -18.15
C SER C 112 -25.80 15.66 -18.48
N VAL C 113 -26.43 16.17 -19.53
CA VAL C 113 -27.72 15.65 -19.94
C VAL C 113 -27.53 14.18 -20.31
N ASP C 114 -26.35 13.81 -20.76
CA ASP C 114 -26.11 12.42 -21.14
C ASP C 114 -25.97 11.46 -19.97
N HIS C 115 -25.46 11.95 -18.86
CA HIS C 115 -25.28 11.15 -17.65
C HIS C 115 -25.42 12.12 -16.51
N ASP C 116 -26.66 12.31 -16.06
CA ASP C 116 -26.99 13.35 -15.08
C ASP C 116 -26.77 12.87 -13.65
N TYR C 117 -25.50 12.88 -13.21
CA TYR C 117 -25.13 12.38 -11.89
C TYR C 117 -25.71 13.25 -10.77
N LEU C 118 -25.83 14.57 -10.98
CA LEU C 118 -26.44 15.40 -9.96
C LEU C 118 -27.83 14.86 -9.58
N THR C 119 -28.61 14.51 -10.60
CA THR C 119 -29.96 14.03 -10.37
C THR C 119 -30.01 12.58 -9.93
N ASN C 120 -29.30 11.70 -10.64
CA ASN C 120 -29.49 10.28 -10.37
C ASN C 120 -28.47 9.71 -9.45
N GLY C 121 -27.48 10.52 -9.10
CA GLY C 121 -26.36 10.02 -8.33
C GLY C 121 -25.39 9.29 -9.24
N PHE C 122 -24.31 8.77 -8.63
CA PHE C 122 -23.23 8.14 -9.38
C PHE C 122 -22.57 7.03 -8.55
N TRP C 123 -22.28 5.89 -9.19
CA TRP C 123 -21.67 4.77 -8.48
C TRP C 123 -20.71 4.06 -9.41
N ALA C 124 -19.42 4.22 -9.12
CA ALA C 124 -18.38 3.52 -9.86
C ALA C 124 -18.42 2.09 -9.42
N MET C 125 -18.82 1.20 -10.30
CA MET C 125 -18.96 -0.22 -9.95
C MET C 125 -17.60 -0.95 -9.97
N LYS C 126 -16.63 -0.38 -10.68
CA LYS C 126 -15.25 -0.86 -10.68
C LYS C 126 -14.37 0.36 -10.48
N MET C 127 -13.20 0.18 -9.85
CA MET C 127 -12.32 1.33 -9.58
C MET C 127 -11.88 2.04 -10.84
N GLU C 128 -11.78 1.27 -11.92
CA GLU C 128 -11.52 1.84 -13.24
C GLU C 128 -12.53 2.94 -13.60
N ASP C 129 -13.74 2.87 -13.03
CA ASP C 129 -14.82 3.76 -13.45
C ASP C 129 -14.84 5.02 -12.62
N GLU C 130 -14.03 5.06 -11.57
CA GLU C 130 -13.97 6.27 -10.74
C GLU C 130 -13.43 7.40 -11.59
N LEU C 131 -13.97 8.59 -11.35
CA LEU C 131 -13.74 9.73 -12.24
C LEU C 131 -12.76 10.71 -11.63
N PRO C 132 -11.71 11.05 -12.38
CA PRO C 132 -10.67 12.02 -12.00
C PRO C 132 -11.23 13.43 -11.82
N ASN C 133 -10.68 14.16 -10.86
CA ASN C 133 -11.10 15.53 -10.65
C ASN C 133 -9.90 16.47 -10.72
N GLU C 134 -9.92 17.40 -11.67
CA GLU C 134 -8.91 18.46 -11.71
C GLU C 134 -9.09 19.42 -10.54
N ASN C 135 -7.98 19.97 -10.05
CA ASN C 135 -8.00 20.98 -9.00
C ASN C 135 -8.66 20.53 -7.72
N LEU C 136 -8.61 19.23 -7.47
CA LEU C 136 -9.07 18.71 -6.20
C LEU C 136 -7.92 18.03 -5.47
N VAL C 137 -7.68 18.45 -4.24
CA VAL C 137 -6.64 17.84 -3.45
C VAL C 137 -7.16 17.50 -2.08
N VAL C 138 -6.49 16.51 -1.48
CA VAL C 138 -6.80 16.04 -0.15
C VAL C 138 -5.45 16.07 0.60
N THR C 139 -5.45 16.59 1.83
CA THR C 139 -4.23 16.78 2.62
C THR C 139 -4.20 16.04 3.97
N PHE C 140 -3.20 15.17 4.14
CA PHE C 140 -2.99 14.45 5.40
C PHE C 140 -1.97 15.19 6.29
N ILE C 141 -2.27 15.26 7.57
CA ILE C 141 -1.37 15.89 8.51
C ILE C 141 -0.32 14.86 9.01
N VAL C 142 0.96 15.11 8.74
CA VAL C 142 2.01 14.18 9.19
C VAL C 142 2.38 14.50 10.63
N SER C 143 2.69 15.76 10.93
CA SER C 143 2.98 16.14 12.30
C SER C 143 2.60 17.57 12.59
N ILE C 144 2.51 17.90 13.87
CA ILE C 144 2.15 19.23 14.33
C ILE C 144 3.26 19.81 15.20
N ASN C 145 3.87 20.90 14.75
CA ASN C 145 5.14 21.39 15.36
C ASN C 145 5.16 22.86 15.74
N ASP C 146 5.20 23.15 17.04
CA ASP C 146 5.24 24.53 17.50
C ASP C 146 6.54 25.15 17.02
N VAL C 147 6.44 26.32 16.39
CA VAL C 147 7.60 27.03 15.86
C VAL C 147 7.54 28.51 16.22
N THR C 148 6.84 28.81 17.32
CA THR C 148 6.54 30.18 17.69
C THR C 148 7.82 31.02 17.83
N ALA C 149 8.83 30.46 18.47
CA ALA C 149 10.12 31.12 18.66
C ALA C 149 10.75 31.56 17.34
N GLN C 150 10.96 30.63 16.41
CA GLN C 150 11.58 30.96 15.12
C GLN C 150 10.83 31.99 14.28
N ILE C 151 9.50 32.04 14.40
CA ILE C 151 8.72 33.01 13.63
C ILE C 151 8.76 34.40 14.25
N LEU C 152 8.85 34.46 15.57
CA LEU C 152 8.85 35.73 16.28
C LEU C 152 10.25 36.15 16.72
N ASP C 153 11.23 36.04 15.82
CA ASP C 153 12.59 36.37 16.20
C ASP C 153 12.83 37.89 16.17
N GLY C 154 13.18 38.43 15.00
CA GLY C 154 13.51 39.83 14.89
C GLY C 154 12.34 40.78 15.07
N VAL C 155 11.38 40.40 15.92
CA VAL C 155 10.17 41.20 16.13
C VAL C 155 10.30 41.97 17.46
N ALA C 156 11.18 42.96 17.46
CA ALA C 156 11.26 43.93 18.54
C ALA C 156 11.23 45.31 17.90
N SER C 157 9.99 45.79 17.69
CA SER C 157 9.60 46.96 16.89
C SER C 157 9.24 46.54 15.46
N THR C 162 4.51 48.30 12.22
CA THR C 162 4.11 46.99 11.71
C THR C 162 4.95 46.58 10.51
N GLU C 163 6.23 46.92 10.55
CA GLU C 163 7.22 46.30 9.68
C GLU C 163 7.62 44.98 10.32
N LYS C 164 6.86 44.60 11.35
CA LYS C 164 6.97 43.30 11.99
C LYS C 164 6.14 42.29 11.21
N GLN C 165 4.93 42.71 10.84
CA GLN C 165 3.95 41.82 10.20
C GLN C 165 4.51 41.18 8.93
N ASN C 166 5.45 41.87 8.32
CA ASN C 166 6.12 41.36 7.12
C ASN C 166 7.43 40.64 7.49
N LYS C 167 8.08 41.04 8.58
CA LYS C 167 9.20 40.27 9.14
C LYS C 167 8.80 38.82 9.52
N ILE C 168 7.72 38.72 10.28
CA ILE C 168 7.08 37.44 10.54
C ILE C 168 6.95 36.67 9.25
N GLN C 169 6.47 37.36 8.24
CA GLN C 169 6.18 36.74 6.95
C GLN C 169 7.45 36.20 6.28
N GLU C 170 8.60 36.84 6.53
CA GLU C 170 9.87 36.37 5.97
C GLU C 170 10.47 35.23 6.79
N ASN C 171 10.17 35.18 8.08
CA ASN C 171 10.59 34.03 8.87
C ASN C 171 9.75 32.79 8.52
N ILE C 172 8.44 32.99 8.29
CA ILE C 172 7.54 31.91 7.91
C ILE C 172 8.11 31.21 6.69
N THR C 173 8.47 31.97 5.67
CA THR C 173 9.02 31.41 4.46
C THR C 173 10.28 30.59 4.75
N LYS C 174 11.08 31.06 5.70
CA LYS C 174 12.37 30.45 5.98
C LYS C 174 12.21 29.14 6.77
N VAL C 175 11.41 29.18 7.83
CA VAL C 175 11.15 27.98 8.62
C VAL C 175 10.48 26.93 7.74
N THR C 176 9.56 27.38 6.91
CA THR C 176 8.90 26.52 5.93
C THR C 176 9.92 25.76 5.07
N ALA C 177 11.02 26.43 4.75
CA ALA C 177 12.01 25.88 3.85
C ALA C 177 13.06 25.04 4.59
N SER C 178 13.30 25.35 5.87
CA SER C 178 14.31 24.62 6.62
C SER C 178 13.76 23.39 7.38
N PHE C 179 12.50 23.47 7.84
CA PHE C 179 11.95 22.40 8.69
C PHE C 179 12.06 21.05 7.98
N ALA C 180 12.52 20.04 8.70
CA ALA C 180 12.86 18.76 8.10
C ALA C 180 11.60 17.96 7.78
N LYS C 181 11.55 17.43 6.57
CA LYS C 181 10.38 16.74 6.03
C LYS C 181 10.88 15.75 4.96
N GLU C 182 10.01 14.86 4.52
CA GLU C 182 10.36 13.98 3.42
C GLU C 182 10.19 14.74 2.12
N ALA C 183 10.80 14.24 1.05
CA ALA C 183 10.81 14.96 -0.22
C ALA C 183 9.41 15.18 -0.79
N TRP C 184 8.53 14.22 -0.55
CA TRP C 184 7.18 14.26 -1.12
C TRP C 184 6.20 14.99 -0.19
N GLN C 185 6.70 15.51 0.94
CA GLN C 185 5.81 16.20 1.87
C GLN C 185 5.92 17.70 1.74
N GLU C 186 5.02 18.39 2.45
CA GLU C 186 4.92 19.83 2.31
C GLU C 186 4.80 20.46 3.70
N ASN C 187 5.48 21.58 3.90
CA ASN C 187 5.37 22.33 5.15
C ASN C 187 4.42 23.52 5.07
N LYS C 188 3.66 23.77 6.13
CA LYS C 188 2.81 24.94 6.09
C LYS C 188 2.69 25.49 7.52
N VAL C 189 3.08 26.75 7.71
CA VAL C 189 2.95 27.42 9.02
C VAL C 189 1.59 28.14 9.15
N ARG C 190 0.98 28.01 10.32
CA ARG C 190 -0.32 28.59 10.61
C ARG C 190 -0.28 29.42 11.86
N THR C 191 -1.16 30.40 11.90
CA THR C 191 -1.20 31.38 12.97
C THR C 191 -2.34 31.07 13.93
N PHE C 192 -1.98 30.99 15.21
CA PHE C 192 -2.93 30.68 16.27
C PHE C 192 -3.00 31.83 17.27
N PHE C 193 -4.09 31.89 18.02
CA PHE C 193 -4.25 32.84 19.11
C PHE C 193 -3.94 34.24 18.66
N GLU C 194 -4.54 34.63 17.54
CA GLU C 194 -4.42 35.98 17.04
C GLU C 194 -2.97 36.41 16.85
N GLY C 195 -2.05 35.46 16.73
CA GLY C 195 -0.68 35.78 16.41
C GLY C 195 0.31 35.63 17.53
N ASN C 196 -0.15 35.11 18.67
CA ASN C 196 0.73 34.83 19.78
C ASN C 196 1.43 33.48 19.61
N GLN C 197 1.06 32.74 18.58
CA GLN C 197 1.65 31.42 18.40
C GLN C 197 1.66 31.00 16.93
N TYR C 198 2.72 30.30 16.53
CA TYR C 198 2.79 29.77 15.18
C TYR C 198 3.13 28.30 15.21
N ILE C 199 2.45 27.54 14.36
CA ILE C 199 2.59 26.10 14.34
C ILE C 199 2.78 25.62 12.92
N LEU C 200 3.80 24.78 12.74
CA LEU C 200 4.12 24.23 11.44
C LEU C 200 3.49 22.84 11.32
N PHE C 201 2.78 22.66 10.23
CA PHE C 201 2.18 21.38 9.89
C PHE C 201 3.00 20.72 8.78
N VAL C 202 3.52 19.53 9.06
CA VAL C 202 4.11 18.74 8.01
C VAL C 202 2.94 17.94 7.39
N THR C 203 2.82 17.97 6.07
CA THR C 203 1.65 17.44 5.41
C THR C 203 2.00 16.66 4.14
N GLU C 204 1.09 15.79 3.73
CA GLU C 204 1.15 15.14 2.42
C GLU C 204 -0.10 15.55 1.63
N VAL C 205 0.12 16.10 0.44
CA VAL C 205 -0.93 16.70 -0.38
C VAL C 205 -1.20 15.85 -1.61
N PHE C 206 -2.27 15.08 -1.56
CA PHE C 206 -2.63 14.19 -2.66
C PHE C 206 -3.49 14.93 -3.70
N LYS C 207 -3.17 14.74 -4.98
CA LYS C 207 -3.67 15.57 -6.06
C LYS C 207 -4.47 14.77 -7.10
N ASP C 208 -4.60 13.48 -6.83
CA ASP C 208 -5.40 12.58 -7.63
C ASP C 208 -6.50 12.00 -6.74
N VAL C 209 -7.68 12.62 -6.80
CA VAL C 209 -8.81 12.24 -5.95
C VAL C 209 -10.02 12.04 -6.84
N ARG C 210 -10.51 10.81 -6.89
CA ARG C 210 -11.49 10.46 -7.90
C ARG C 210 -12.88 10.23 -7.31
N LEU C 211 -13.92 10.56 -8.09
CA LEU C 211 -15.27 10.43 -7.59
C LEU C 211 -15.65 8.97 -7.62
N VAL C 212 -16.17 8.48 -6.50
CA VAL C 212 -16.55 7.09 -6.38
C VAL C 212 -18.05 6.91 -6.27
N GLY C 213 -18.71 7.77 -5.52
CA GLY C 213 -20.13 7.60 -5.27
C GLY C 213 -20.83 8.85 -4.78
N ALA C 214 -22.08 9.03 -5.19
CA ALA C 214 -22.92 10.10 -4.65
C ALA C 214 -24.40 9.69 -4.78
N PRO C 215 -25.17 9.93 -3.72
CA PRO C 215 -26.63 9.76 -3.80
C PRO C 215 -27.21 10.77 -4.78
N PRO C 216 -28.44 10.53 -5.26
CA PRO C 216 -29.12 11.58 -6.03
C PRO C 216 -29.27 12.85 -5.20
N SER C 217 -29.36 14.00 -5.85
CA SER C 217 -29.50 15.28 -5.16
C SER C 217 -30.70 15.35 -4.25
N LEU C 218 -31.74 14.58 -4.59
CA LEU C 218 -32.93 14.59 -3.77
C LEU C 218 -32.63 13.97 -2.41
N ILE C 219 -31.70 13.02 -2.40
CA ILE C 219 -31.28 12.47 -1.12
C ILE C 219 -30.20 13.38 -0.48
N GLY C 220 -29.15 13.70 -1.23
CA GLY C 220 -28.02 14.46 -0.71
C GLY C 220 -28.27 15.89 -0.28
N LYS C 221 -29.28 16.51 -0.89
CA LYS C 221 -29.71 17.84 -0.54
C LYS C 221 -31.20 17.88 -0.14
N PHE C 222 -31.75 16.76 0.32
CA PHE C 222 -33.16 16.71 0.68
C PHE C 222 -33.60 17.89 1.55
N GLY C 223 -34.63 18.61 1.11
CA GLY C 223 -35.11 19.73 1.89
C GLY C 223 -34.44 21.03 1.46
N SER C 224 -33.17 20.92 1.05
CA SER C 224 -32.40 22.02 0.47
C SER C 224 -32.43 23.26 1.36
N ASP C 225 -32.95 24.37 0.85
CA ASP C 225 -33.01 25.64 1.57
C ASP C 225 -33.92 25.58 2.78
N THR C 226 -35.09 24.95 2.61
CA THR C 226 -36.08 24.93 3.68
C THR C 226 -35.52 24.32 4.97
N ASP C 227 -34.71 23.27 4.85
CA ASP C 227 -34.18 22.61 6.04
C ASP C 227 -32.75 23.04 6.38
N ASN C 228 -32.22 24.03 5.66
CA ASN C 228 -30.87 24.53 6.00
C ASN C 228 -30.85 25.10 7.42
N TRP C 229 -29.94 24.55 8.22
CA TRP C 229 -29.77 24.91 9.63
C TRP C 229 -30.90 24.37 10.51
N VAL C 230 -31.71 23.49 9.96
CA VAL C 230 -32.88 23.02 10.70
C VAL C 230 -32.67 21.60 11.29
N TRP C 231 -33.01 21.45 12.57
CA TRP C 231 -33.31 20.16 13.16
C TRP C 231 -34.79 20.16 13.49
N PRO C 232 -35.50 19.02 13.30
CA PRO C 232 -35.19 17.68 12.78
C PRO C 232 -34.67 17.71 11.36
N ARG C 233 -33.76 16.80 11.01
CA ARG C 233 -33.19 16.83 9.66
C ARG C 233 -33.16 15.42 9.10
N HIS C 234 -33.32 15.31 7.79
CA HIS C 234 -33.46 14.00 7.16
C HIS C 234 -32.67 13.93 5.88
N THR C 235 -31.56 14.65 5.84
CA THR C 235 -30.76 14.77 4.62
C THR C 235 -29.66 13.70 4.62
N GLY C 236 -29.54 12.93 3.54
CA GLY C 236 -28.44 11.99 3.37
C GLY C 236 -27.27 12.70 2.68
N ASP C 237 -26.66 13.65 3.39
CA ASP C 237 -25.65 14.55 2.85
C ASP C 237 -24.26 13.88 2.90
N PHE C 238 -23.98 13.00 1.94
CA PHE C 238 -22.66 12.38 1.81
C PHE C 238 -22.31 12.26 0.34
N SER C 239 -21.01 12.11 0.08
CA SER C 239 -20.48 11.65 -1.21
C SER C 239 -19.15 10.92 -0.93
N MET C 240 -18.68 10.12 -1.88
CA MET C 240 -17.51 9.27 -1.70
C MET C 240 -16.49 9.50 -2.78
N PHE C 241 -15.24 9.60 -2.36
CA PHE C 241 -14.12 9.74 -3.29
C PHE C 241 -13.06 8.70 -2.97
N ARG C 242 -12.00 8.67 -3.78
CA ARG C 242 -10.93 7.73 -3.52
C ARG C 242 -9.59 8.41 -3.77
N VAL C 243 -8.71 8.40 -2.77
CA VAL C 243 -7.38 8.97 -2.94
C VAL C 243 -6.48 8.01 -3.74
N TYR C 244 -5.89 8.51 -4.80
CA TYR C 244 -4.90 7.76 -5.56
C TYR C 244 -3.46 8.25 -5.27
N ALA C 245 -2.47 7.41 -5.53
CA ALA C 245 -1.07 7.76 -5.26
C ALA C 245 -0.15 7.07 -6.25
N ASN C 246 1.14 7.48 -6.32
CA ASN C 246 2.00 6.82 -7.29
C ASN C 246 2.40 5.44 -6.72
N LYS C 247 3.22 4.69 -7.45
CA LYS C 247 3.57 3.34 -7.05
C LYS C 247 4.49 3.28 -5.82
N ASN C 248 4.86 4.45 -5.30
CA ASN C 248 5.55 4.53 -4.01
C ASN C 248 4.60 4.89 -2.90
N ASN C 249 3.29 4.87 -3.21
CA ASN C 249 2.29 5.23 -2.21
C ASN C 249 2.42 6.68 -1.80
N HIS C 250 2.99 7.49 -2.68
CA HIS C 250 3.15 8.91 -2.43
C HIS C 250 2.14 9.77 -3.20
N PRO C 251 1.91 11.02 -2.73
CA PRO C 251 1.16 12.03 -3.48
C PRO C 251 1.65 12.13 -4.92
N ALA C 252 0.71 12.25 -5.85
CA ALA C 252 1.06 12.37 -7.25
C ALA C 252 -0.05 13.07 -8.02
N ALA C 253 0.33 13.94 -8.96
CA ALA C 253 -0.65 14.51 -9.89
C ALA C 253 -1.31 13.37 -10.65
N TYR C 254 -2.49 13.62 -11.22
CA TYR C 254 -3.25 12.57 -11.90
C TYR C 254 -2.42 11.76 -12.87
N SER C 255 -2.61 10.45 -12.87
CA SER C 255 -2.01 9.61 -13.89
C SER C 255 -2.74 8.30 -13.96
N LYS C 256 -2.85 7.75 -15.15
CA LYS C 256 -3.56 6.49 -15.35
C LYS C 256 -2.81 5.33 -14.70
N ASP C 257 -1.60 5.62 -14.23
CA ASP C 257 -0.77 4.61 -13.62
C ASP C 257 -0.84 4.65 -12.10
N ASN C 258 -1.50 5.67 -11.56
CA ASN C 258 -1.63 5.76 -10.11
C ASN C 258 -2.48 4.61 -9.61
N VAL C 259 -2.36 4.33 -8.34
CA VAL C 259 -3.04 3.21 -7.76
C VAL C 259 -3.64 3.77 -6.49
N PRO C 260 -4.60 3.05 -5.91
CA PRO C 260 -5.25 3.52 -4.68
C PRO C 260 -4.27 3.68 -3.54
N TYR C 261 -4.37 4.82 -2.86
CA TYR C 261 -3.56 5.11 -1.71
C TYR C 261 -3.88 4.17 -0.55
N ILE C 262 -2.83 3.61 0.06
CA ILE C 262 -3.03 2.84 1.27
C ILE C 262 -2.70 3.76 2.43
N PRO C 263 -3.72 4.13 3.22
CA PRO C 263 -3.53 5.06 4.34
C PRO C 263 -2.88 4.36 5.53
N LYS C 264 -2.40 5.14 6.50
CA LYS C 264 -1.78 4.59 7.70
C LYS C 264 -2.84 4.14 8.69
N HIS C 265 -4.07 4.62 8.50
CA HIS C 265 -5.18 4.26 9.36
C HIS C 265 -6.49 4.53 8.60
N PHE C 266 -7.51 3.74 8.87
CA PHE C 266 -8.82 4.04 8.32
C PHE C 266 -9.83 3.74 9.42
N LEU C 267 -11.01 4.33 9.33
CA LEU C 267 -11.99 4.19 10.39
C LEU C 267 -12.88 3.00 10.12
N PRO C 268 -13.00 2.09 11.09
CA PRO C 268 -14.05 1.08 10.99
C PRO C 268 -15.39 1.78 11.11
N VAL C 269 -16.46 1.23 10.55
CA VAL C 269 -17.81 1.83 10.63
C VAL C 269 -18.70 0.98 11.53
N SER C 270 -19.27 1.59 12.55
CA SER C 270 -20.14 0.86 13.44
C SER C 270 -21.51 0.59 12.73
N LEU C 271 -22.12 -0.55 12.99
CA LEU C 271 -23.49 -0.79 12.57
C LEU C 271 -24.43 -0.78 13.78
N ASP C 272 -23.90 -0.42 14.96
CA ASP C 272 -24.68 -0.56 16.19
C ASP C 272 -25.37 0.72 16.57
N GLY C 273 -25.10 1.78 15.81
CA GLY C 273 -25.87 2.99 15.93
C GLY C 273 -25.63 3.77 17.20
N VAL C 274 -26.47 4.77 17.42
CA VAL C 274 -26.22 5.73 18.47
C VAL C 274 -27.41 5.82 19.38
N GLN C 275 -27.13 6.10 20.64
CA GLN C 275 -28.16 6.34 21.64
C GLN C 275 -27.89 7.66 22.35
N GLU C 276 -28.93 8.20 22.96
CA GLU C 276 -28.79 9.37 23.79
C GLU C 276 -27.70 9.22 24.82
N ASP C 277 -26.85 10.25 24.94
CA ASP C 277 -25.74 10.31 25.87
C ASP C 277 -24.47 9.54 25.44
N ASP C 278 -24.48 8.94 24.25
CA ASP C 278 -23.28 8.29 23.70
C ASP C 278 -22.16 9.31 23.51
N PHE C 279 -20.94 9.00 23.94
CA PHE C 279 -19.78 9.85 23.64
C PHE C 279 -19.60 9.99 22.15
N THR C 280 -19.36 11.21 21.68
CA THR C 280 -19.02 11.44 20.29
C THR C 280 -17.81 12.35 20.23
N MET C 281 -17.03 12.17 19.19
CA MET C 281 -15.90 13.03 18.95
C MET C 281 -15.87 13.35 17.49
N VAL C 282 -15.71 14.63 17.18
CA VAL C 282 -15.65 15.09 15.80
C VAL C 282 -14.27 15.64 15.50
N MET C 283 -13.67 15.19 14.41
CA MET C 283 -12.36 15.71 14.02
C MET C 283 -12.51 16.34 12.66
N GLY C 284 -11.91 17.52 12.47
CA GLY C 284 -11.97 18.19 11.19
C GLY C 284 -11.23 19.50 11.17
N TYR C 285 -11.59 20.37 10.22
CA TYR C 285 -10.88 21.61 9.91
C TYR C 285 -11.79 22.83 9.99
N PRO C 286 -12.24 23.17 11.20
CA PRO C 286 -13.09 24.36 11.36
C PRO C 286 -12.32 25.59 10.90
N GLY C 287 -13.00 26.43 10.12
CA GLY C 287 -12.39 27.52 9.40
C GLY C 287 -12.03 28.72 10.27
N LYS C 288 -13.05 29.35 10.86
CA LYS C 288 -12.79 30.48 11.72
C LYS C 288 -13.88 30.60 12.79
N THR C 289 -13.45 31.07 13.94
CA THR C 289 -14.26 31.24 15.13
C THR C 289 -13.80 32.56 15.77
N GLN C 290 -14.64 33.25 16.55
CA GLN C 290 -14.14 34.42 17.32
C GLN C 290 -14.65 34.49 18.75
N GLU C 291 -14.20 33.58 19.60
CA GLU C 291 -14.75 33.48 20.96
C GLU C 291 -14.26 34.57 21.93
N TYR C 292 -13.14 35.21 21.62
CA TYR C 292 -12.52 36.07 22.61
C TYR C 292 -12.62 37.55 22.25
N LEU C 293 -13.72 37.90 21.57
CA LEU C 293 -14.00 39.29 21.20
C LEU C 293 -14.46 40.12 22.38
N PRO C 294 -14.23 41.44 22.30
CA PRO C 294 -14.77 42.31 23.35
C PRO C 294 -16.26 42.56 23.10
N SER C 295 -17.00 42.92 24.15
CA SER C 295 -18.43 43.20 24.04
C SER C 295 -18.76 44.22 22.95
N PHE C 296 -17.83 45.14 22.71
CA PHE C 296 -18.03 46.18 21.71
C PHE C 296 -18.01 45.56 20.30
N ALA C 297 -17.21 44.50 20.12
CA ALA C 297 -17.23 43.75 18.87
C ALA C 297 -18.59 43.11 18.63
N VAL C 298 -19.17 42.52 19.67
CA VAL C 298 -20.43 41.78 19.52
C VAL C 298 -21.61 42.74 19.27
N ALA C 299 -21.65 43.82 20.04
CA ALA C 299 -22.60 44.92 19.85
C ALA C 299 -22.58 45.41 18.40
N GLN C 300 -21.40 45.59 17.83
CA GLN C 300 -21.27 45.98 16.44
C GLN C 300 -21.91 44.93 15.49
N ILE C 301 -21.73 43.65 15.79
CA ILE C 301 -22.30 42.60 14.97
C ILE C 301 -23.82 42.60 15.06
N VAL C 302 -24.33 42.52 16.28
CA VAL C 302 -25.76 42.47 16.53
C VAL C 302 -26.51 43.72 16.04
N ASN C 303 -25.93 44.90 16.24
CA ASN C 303 -26.66 46.15 16.04
C ASN C 303 -26.40 46.91 14.73
N GLU C 304 -25.31 46.59 14.04
CA GLU C 304 -24.97 47.37 12.85
C GLU C 304 -24.59 46.54 11.62
N THR C 305 -23.64 45.62 11.74
CA THR C 305 -23.19 44.94 10.53
C THR C 305 -24.17 43.84 10.09
N ASN C 306 -24.59 42.95 10.98
CA ASN C 306 -25.59 41.94 10.60
C ASN C 306 -26.94 42.49 10.10
N PRO C 307 -27.57 43.42 10.83
CA PRO C 307 -28.85 43.93 10.29
C PRO C 307 -28.72 44.53 8.89
N ALA C 308 -27.58 45.15 8.58
CA ALA C 308 -27.35 45.67 7.23
C ALA C 308 -27.24 44.55 6.18
N LYS C 309 -26.34 43.60 6.42
CA LYS C 309 -26.18 42.45 5.53
C LYS C 309 -27.49 41.67 5.43
N ILE C 310 -28.18 41.52 6.55
CA ILE C 310 -29.46 40.81 6.56
C ILE C 310 -30.46 41.51 5.64
N GLU C 311 -30.58 42.83 5.81
CA GLU C 311 -31.51 43.67 5.04
C GLU C 311 -31.33 43.51 3.55
N ILE C 312 -30.07 43.49 3.12
CA ILE C 312 -29.74 43.44 1.71
C ILE C 312 -30.17 42.13 1.08
N ARG C 313 -29.82 41.01 1.72
CA ARG C 313 -30.13 39.71 1.15
C ARG C 313 -31.63 39.42 1.19
N GLU C 314 -32.28 39.81 2.27
CA GLU C 314 -33.72 39.66 2.37
C GLU C 314 -34.48 40.42 1.27
N ALA C 315 -34.00 41.60 0.91
CA ALA C 315 -34.55 42.32 -0.24
C ALA C 315 -34.33 41.52 -1.54
N ALA C 316 -33.11 41.01 -1.72
CA ALA C 316 -32.80 40.27 -2.94
C ALA C 316 -33.67 39.02 -3.03
N LEU C 317 -33.83 38.34 -1.90
CA LEU C 317 -34.54 37.07 -1.86
C LEU C 317 -36.03 37.22 -2.14
N LYS C 318 -36.64 38.28 -1.61
CA LYS C 318 -38.07 38.57 -1.81
C LYS C 318 -38.39 38.74 -3.30
N VAL C 319 -37.56 39.51 -3.98
CA VAL C 319 -37.66 39.69 -5.42
C VAL C 319 -37.55 38.36 -6.18
N GLN C 320 -36.49 37.59 -5.90
CA GLN C 320 -36.33 36.30 -6.54
C GLN C 320 -37.50 35.39 -6.16
N ASP C 321 -37.89 35.40 -4.89
CA ASP C 321 -39.01 34.58 -4.42
C ASP C 321 -40.30 34.90 -5.19
N GLY C 322 -40.48 36.17 -5.53
CA GLY C 322 -41.63 36.61 -6.31
C GLY C 322 -41.75 35.98 -7.69
N PHE C 323 -40.68 36.01 -8.47
CA PHE C 323 -40.71 35.44 -9.81
C PHE C 323 -40.84 33.91 -9.74
N MET C 324 -40.15 33.29 -8.79
CA MET C 324 -40.11 31.83 -8.65
C MET C 324 -41.48 31.25 -8.22
N ARG C 325 -42.30 32.06 -7.55
CA ARG C 325 -43.67 31.68 -7.21
C ARG C 325 -44.61 31.74 -8.40
N LYS C 326 -44.40 32.74 -9.26
CA LYS C 326 -45.31 32.99 -10.37
C LYS C 326 -44.82 32.30 -11.65
N ASP C 327 -43.72 31.55 -11.54
CA ASP C 327 -43.10 30.91 -12.70
C ASP C 327 -42.21 29.72 -12.34
N ASN C 328 -42.70 28.52 -12.65
CA ASN C 328 -41.99 27.29 -12.33
C ASN C 328 -40.61 27.20 -13.00
N ALA C 329 -40.53 27.70 -14.23
CA ALA C 329 -39.28 27.74 -14.99
C ALA C 329 -38.23 28.60 -14.27
N ILE C 330 -38.66 29.75 -13.76
CA ILE C 330 -37.76 30.65 -13.03
C ILE C 330 -37.39 30.01 -11.70
N LYS C 331 -38.30 29.23 -11.13
CA LYS C 331 -38.02 28.57 -9.87
C LYS C 331 -36.91 27.56 -10.03
N ILE C 332 -37.09 26.60 -10.94
CA ILE C 332 -36.07 25.59 -11.22
C ILE C 332 -34.75 26.23 -11.65
N GLN C 333 -34.82 27.39 -12.29
CA GLN C 333 -33.61 28.07 -12.73
C GLN C 333 -32.82 28.72 -11.59
N TYR C 334 -33.52 29.32 -10.62
CA TYR C 334 -32.89 30.12 -9.59
C TYR C 334 -32.80 29.43 -8.23
N ALA C 335 -33.32 28.20 -8.15
CA ALA C 335 -33.36 27.42 -6.91
C ALA C 335 -32.03 27.43 -6.15
N SER C 336 -30.93 27.13 -6.85
CA SER C 336 -29.61 27.02 -6.19
C SER C 336 -29.02 28.38 -5.87
N LYS C 337 -29.25 29.34 -6.75
CA LYS C 337 -28.74 30.68 -6.52
C LYS C 337 -29.51 31.33 -5.36
N TYR C 338 -30.81 31.08 -5.30
CA TYR C 338 -31.60 31.51 -4.14
C TYR C 338 -31.09 30.85 -2.85
N ALA C 339 -30.87 29.54 -2.88
CA ALA C 339 -30.43 28.85 -1.67
C ALA C 339 -29.06 29.35 -1.19
N GLY C 340 -28.18 29.69 -2.11
CA GLY C 340 -26.88 30.22 -1.76
C GLY C 340 -26.97 31.57 -1.06
N VAL C 341 -27.79 32.47 -1.60
CA VAL C 341 -28.04 33.74 -0.94
C VAL C 341 -28.69 33.54 0.44
N ALA C 342 -29.79 32.79 0.49
CA ALA C 342 -30.51 32.55 1.74
C ALA C 342 -29.64 31.92 2.83
N ASN C 343 -28.65 31.12 2.43
CA ASN C 343 -27.82 30.39 3.37
C ASN C 343 -27.20 31.28 4.45
N TYR C 344 -26.48 32.31 4.00
CA TYR C 344 -25.86 33.24 4.91
C TYR C 344 -26.88 34.19 5.52
N TRP C 345 -27.93 34.47 4.76
CA TRP C 345 -29.03 35.28 5.27
C TRP C 345 -29.54 34.61 6.54
N LYS C 346 -29.83 33.31 6.45
CA LYS C 346 -30.33 32.57 7.61
C LYS C 346 -29.32 32.47 8.77
N LYS C 347 -28.06 32.15 8.46
CA LYS C 347 -27.08 32.05 9.55
C LYS C 347 -27.02 33.35 10.35
N TRP C 348 -26.92 34.49 9.64
CA TRP C 348 -26.80 35.79 10.31
C TRP C 348 -28.04 36.10 11.14
N ILE C 349 -29.22 35.72 10.65
CA ILE C 349 -30.42 35.95 11.46
C ILE C 349 -30.37 35.08 12.73
N GLY C 350 -30.03 33.80 12.58
CA GLY C 350 -29.96 32.91 13.74
C GLY C 350 -28.90 33.35 14.73
N GLU C 351 -27.81 33.88 14.22
CA GLU C 351 -26.70 34.36 15.04
C GLU C 351 -27.16 35.56 15.88
N SER C 352 -27.65 36.60 15.21
CA SER C 352 -28.17 37.77 15.91
C SER C 352 -29.19 37.34 16.96
N GLN C 353 -30.16 36.52 16.54
CA GLN C 353 -31.22 36.03 17.44
C GLN C 353 -30.66 35.27 18.64
N GLY C 354 -29.69 34.39 18.40
CA GLY C 354 -29.04 33.69 19.48
C GLY C 354 -28.22 34.58 20.40
N LEU C 355 -27.50 35.54 19.80
CA LEU C 355 -26.72 36.45 20.63
C LEU C 355 -27.65 37.24 21.54
N LYS C 356 -28.77 37.72 21.03
CA LYS C 356 -29.68 38.49 21.86
C LYS C 356 -30.35 37.63 22.94
N LYS C 357 -30.93 36.49 22.55
CA LYS C 357 -31.69 35.68 23.50
C LYS C 357 -30.84 35.19 24.66
N SER C 358 -29.55 35.02 24.42
CA SER C 358 -28.65 34.58 25.46
C SER C 358 -27.89 35.76 26.07
N ASN C 359 -28.13 36.94 25.51
CA ASN C 359 -27.46 38.18 25.91
C ASN C 359 -25.96 37.96 26.06
N ALA C 360 -25.28 37.83 24.92
CA ALA C 360 -23.85 37.61 24.94
C ALA C 360 -23.11 38.92 25.18
N ILE C 361 -23.80 40.03 24.94
CA ILE C 361 -23.19 41.33 25.14
C ILE C 361 -22.97 41.59 26.62
N GLY C 362 -24.02 41.36 27.42
CA GLY C 362 -23.92 41.46 28.86
C GLY C 362 -22.88 40.51 29.46
N LEU C 363 -22.93 39.25 29.06
CA LEU C 363 -22.01 38.24 29.57
C LEU C 363 -20.56 38.64 29.32
N LYS C 364 -20.32 39.28 28.18
CA LYS C 364 -18.96 39.69 27.83
C LYS C 364 -18.54 40.95 28.57
N GLN C 365 -19.51 41.74 28.99
CA GLN C 365 -19.22 42.91 29.82
C GLN C 365 -18.80 42.45 31.23
N ASN C 366 -19.54 41.49 31.78
CA ASN C 366 -19.23 40.97 33.11
C ASN C 366 -17.86 40.34 33.14
N PHE C 367 -17.52 39.64 32.06
CA PHE C 367 -16.17 39.15 31.94
C PHE C 367 -15.18 40.30 31.90
N GLU C 368 -15.55 41.37 31.20
CA GLU C 368 -14.66 42.50 31.01
C GLU C 368 -14.41 43.24 32.33
N LYS C 369 -15.44 43.33 33.16
CA LYS C 369 -15.29 43.91 34.49
C LYS C 369 -14.33 43.07 35.33
N ASP C 370 -14.55 41.76 35.34
CA ASP C 370 -13.66 40.83 36.04
C ASP C 370 -12.26 40.88 35.44
N PHE C 371 -12.17 41.12 34.14
CA PHE C 371 -10.89 41.19 33.43
C PHE C 371 -10.03 42.32 33.95
N GLN C 372 -10.50 43.55 33.80
CA GLN C 372 -9.73 44.73 34.16
C GLN C 372 -9.35 44.70 35.64
N GLN C 373 -10.16 44.02 36.45
CA GLN C 373 -9.85 43.82 37.86
C GLN C 373 -8.56 43.05 38.04
N LYS C 374 -8.47 41.89 37.39
CA LYS C 374 -7.30 41.04 37.51
C LYS C 374 -6.09 41.57 36.75
N VAL C 375 -6.28 42.63 35.98
CA VAL C 375 -5.16 43.30 35.32
C VAL C 375 -4.41 44.17 36.33
N ILE C 376 -5.17 44.83 37.19
CA ILE C 376 -4.60 45.65 38.25
C ILE C 376 -3.84 44.78 39.23
N ALA C 377 -4.51 43.72 39.70
CA ALA C 377 -3.93 42.79 40.66
C ALA C 377 -2.62 42.19 40.15
N ALA C 378 -2.57 41.94 38.84
CA ALA C 378 -1.39 41.36 38.22
C ALA C 378 -0.31 42.40 37.99
N GLY C 379 -0.70 43.67 37.97
CA GLY C 379 0.24 44.77 37.78
C GLY C 379 0.62 44.96 36.34
N LYS C 380 -0.36 44.75 35.45
CA LYS C 380 -0.14 44.82 34.02
C LYS C 380 -0.93 45.97 33.38
N GLN C 381 -1.04 47.09 34.08
CA GLN C 381 -1.84 48.21 33.60
C GLN C 381 -1.22 48.84 32.35
N ASN C 382 0.10 48.84 32.28
CA ASN C 382 0.79 49.43 31.16
C ASN C 382 0.50 48.71 29.84
N GLU C 383 0.53 47.38 29.86
CA GLU C 383 0.35 46.62 28.64
C GLU C 383 -1.13 46.37 28.32
N TYR C 384 -1.88 45.94 29.32
CA TYR C 384 -3.25 45.45 29.13
C TYR C 384 -4.31 46.44 29.59
N GLY C 385 -3.87 47.45 30.33
CA GLY C 385 -4.79 48.29 31.08
C GLY C 385 -5.77 49.11 30.28
N ASN C 386 -5.36 49.55 29.09
CA ASN C 386 -6.22 50.38 28.27
C ASN C 386 -7.06 49.63 27.23
N LEU C 387 -6.83 48.33 27.09
CA LEU C 387 -7.44 47.52 26.01
C LEU C 387 -8.92 47.78 25.79
N LEU C 388 -9.71 47.68 26.84
CA LEU C 388 -11.16 47.78 26.71
C LEU C 388 -11.61 49.19 26.34
N ALA C 389 -10.91 50.20 26.85
CA ALA C 389 -11.19 51.57 26.46
C ALA C 389 -10.84 51.78 24.99
N ASP C 390 -9.68 51.27 24.59
CA ASP C 390 -9.22 51.36 23.20
C ASP C 390 -10.15 50.64 22.21
N PHE C 391 -10.61 49.44 22.55
CA PHE C 391 -11.60 48.75 21.73
C PHE C 391 -12.85 49.60 21.56
N GLN C 392 -13.35 50.12 22.68
CA GLN C 392 -14.60 50.87 22.71
C GLN C 392 -14.52 52.10 21.83
N LYS C 393 -13.34 52.72 21.81
CA LYS C 393 -13.11 53.89 20.97
C LYS C 393 -13.08 53.52 19.49
N TYR C 394 -12.25 52.55 19.14
CA TYR C 394 -11.98 52.21 17.73
C TYR C 394 -13.12 51.43 17.06
N TYR C 395 -13.93 50.72 17.85
CA TYR C 395 -15.09 50.05 17.29
C TYR C 395 -16.20 51.07 17.04
N THR C 396 -16.21 52.15 17.83
CA THR C 396 -17.15 53.23 17.60
C THR C 396 -16.82 53.88 16.27
N GLU C 397 -15.55 54.21 16.09
CA GLU C 397 -15.10 54.91 14.89
C GLU C 397 -15.26 54.12 13.60
N ILE C 398 -14.89 52.85 13.63
CA ILE C 398 -14.88 52.04 12.42
C ILE C 398 -16.30 51.75 11.92
N THR C 399 -17.30 51.91 12.79
CA THR C 399 -18.66 51.45 12.50
C THR C 399 -19.27 51.98 11.17
N PRO C 400 -19.24 53.32 10.93
CA PRO C 400 -19.77 53.75 9.62
C PRO C 400 -18.99 53.22 8.42
N TYR C 401 -17.68 53.01 8.57
CA TYR C 401 -16.88 52.48 7.48
C TYR C 401 -17.21 51.00 7.21
N ALA C 402 -17.43 50.23 8.27
CA ALA C 402 -17.71 48.80 8.15
C ALA C 402 -19.07 48.53 7.50
N VAL C 403 -20.07 49.33 7.87
CA VAL C 403 -21.40 49.19 7.31
C VAL C 403 -21.40 49.64 5.84
N SER C 404 -20.65 50.70 5.55
CA SER C 404 -20.52 51.13 4.16
C SER C 404 -19.80 50.06 3.35
N ARG C 405 -18.84 49.39 4.01
CA ARG C 405 -18.16 48.26 3.40
C ARG C 405 -19.10 47.07 3.10
N ASP C 406 -19.92 46.70 4.07
CA ASP C 406 -20.82 45.58 3.85
C ASP C 406 -21.85 45.86 2.75
N TYR C 407 -22.34 47.10 2.65
CA TYR C 407 -23.24 47.43 1.56
C TYR C 407 -22.53 47.26 0.21
N PHE C 408 -21.26 47.65 0.12
CA PHE C 408 -20.57 47.48 -1.15
C PHE C 408 -20.39 46.02 -1.58
N ASN C 409 -19.77 45.21 -0.72
CA ASN C 409 -19.59 43.78 -0.98
C ASN C 409 -20.89 43.05 -1.27
N GLU C 410 -21.93 43.36 -0.51
CA GLU C 410 -23.19 42.63 -0.64
C GLU C 410 -23.93 43.02 -1.91
N VAL C 411 -24.04 44.32 -2.17
CA VAL C 411 -24.83 44.79 -3.31
C VAL C 411 -24.08 44.56 -4.62
N VAL C 412 -22.83 45.01 -4.68
CA VAL C 412 -22.08 45.06 -5.93
C VAL C 412 -21.24 43.82 -6.21
N VAL C 413 -20.59 43.27 -5.20
CA VAL C 413 -19.70 42.13 -5.42
C VAL C 413 -20.45 40.79 -5.46
N LYS C 414 -21.54 40.69 -4.70
CA LYS C 414 -22.20 39.40 -4.51
C LYS C 414 -23.63 39.32 -5.08
N ASN C 415 -24.56 40.04 -4.45
CA ASN C 415 -25.98 39.75 -4.61
C ASN C 415 -26.68 40.27 -5.87
N THR C 416 -26.02 41.13 -6.65
CA THR C 416 -26.61 41.59 -7.92
C THR C 416 -25.83 41.04 -9.10
N GLU C 417 -26.46 40.13 -9.85
CA GLU C 417 -25.76 39.35 -10.88
C GLU C 417 -25.09 40.18 -11.99
N LEU C 418 -25.63 41.35 -12.33
CA LEU C 418 -24.98 42.18 -13.34
C LEU C 418 -23.77 42.92 -12.75
N LEU C 419 -23.95 43.54 -11.58
CA LEU C 419 -22.88 44.28 -10.93
C LEU C 419 -21.72 43.36 -10.57
N SER C 420 -22.08 42.15 -10.10
CA SER C 420 -21.10 41.16 -9.68
C SER C 420 -20.23 40.72 -10.84
N LEU C 421 -20.84 40.61 -12.02
CA LEU C 421 -20.08 40.37 -13.23
C LEU C 421 -19.24 41.62 -13.53
N GLY C 422 -19.84 42.79 -13.35
CA GLY C 422 -19.13 44.06 -13.50
C GLY C 422 -17.88 44.16 -12.64
N TYR C 423 -18.04 43.94 -11.33
CA TYR C 423 -16.92 44.04 -10.38
C TYR C 423 -15.81 43.06 -10.74
N LYS C 424 -16.21 41.87 -11.17
CA LYS C 424 -15.27 40.88 -11.65
C LYS C 424 -14.44 41.44 -12.82
N LEU C 425 -15.07 42.25 -13.66
CA LEU C 425 -14.38 42.89 -14.78
C LEU C 425 -13.58 44.09 -14.29
N TYR C 426 -14.03 44.70 -13.19
CA TYR C 426 -13.28 45.79 -12.58
C TYR C 426 -11.98 45.27 -12.01
N GLN C 427 -12.03 44.07 -11.42
CA GLN C 427 -10.85 43.42 -10.86
C GLN C 427 -9.79 43.19 -11.94
N LEU C 428 -10.25 43.01 -13.17
CA LEU C 428 -9.35 42.85 -14.31
C LEU C 428 -8.77 44.20 -14.74
N GLU C 429 -9.50 45.28 -14.50
CA GLU C 429 -9.05 46.62 -14.86
C GLU C 429 -7.80 46.99 -14.07
N GLN C 430 -7.81 46.66 -12.79
CA GLN C 430 -6.67 46.94 -11.92
C GLN C 430 -5.44 46.15 -12.37
N VAL C 431 -5.67 45.00 -13.01
CA VAL C 431 -4.57 44.13 -13.45
C VAL C 431 -3.56 44.85 -14.35
N PHE C 432 -4.02 45.42 -15.46
CA PHE C 432 -3.14 46.16 -16.35
C PHE C 432 -2.74 47.51 -15.75
N GLN C 438 -0.50 44.09 -19.24
CA GLN C 438 -0.25 43.84 -20.65
C GLN C 438 -0.70 42.44 -21.03
N ALA C 439 0.26 41.56 -21.29
CA ALA C 439 -0.03 40.17 -21.65
C ALA C 439 -0.49 39.37 -20.42
N PHE C 440 -0.51 40.02 -19.26
CA PHE C 440 -0.99 39.41 -18.03
C PHE C 440 -2.51 39.57 -17.92
N ASN C 441 -3.01 40.72 -18.35
CA ASN C 441 -4.44 40.95 -18.42
C ASN C 441 -5.10 40.02 -19.41
N ASP C 442 -4.55 39.99 -20.63
CA ASP C 442 -5.17 39.30 -21.76
C ASP C 442 -5.14 37.78 -21.67
N ARG C 443 -4.54 37.24 -20.61
CA ARG C 443 -4.67 35.82 -20.33
C ARG C 443 -5.73 35.61 -19.24
N LYS C 444 -5.85 36.59 -18.35
CA LYS C 444 -6.90 36.60 -17.35
C LYS C 444 -8.22 37.02 -17.97
N GLU C 445 -8.13 37.79 -19.05
CA GLU C 445 -9.32 38.20 -19.81
C GLU C 445 -9.93 37.02 -20.54
N ASN C 446 -9.09 36.07 -20.94
CA ASN C 446 -9.56 34.83 -21.55
C ASN C 446 -10.24 33.94 -20.52
N LEU C 447 -9.74 33.96 -19.29
CA LEU C 447 -10.27 33.08 -18.26
C LEU C 447 -11.43 33.71 -17.47
N ILE C 448 -11.89 34.89 -17.88
CA ILE C 448 -13.14 35.40 -17.33
C ILE C 448 -14.27 35.16 -18.33
N LYS C 449 -13.90 34.86 -19.57
CA LYS C 449 -14.85 34.30 -20.54
C LYS C 449 -15.09 32.84 -20.15
N SER C 450 -14.75 32.52 -18.90
CA SER C 450 -15.04 31.25 -18.25
C SER C 450 -16.49 31.15 -17.85
N GLN C 451 -17.25 32.19 -18.15
CA GLN C 451 -18.56 32.35 -17.57
C GLN C 451 -19.69 31.77 -18.41
N ALA C 452 -19.39 30.71 -19.16
CA ALA C 452 -20.37 30.02 -20.00
C ALA C 452 -21.59 29.58 -19.21
N ASP C 453 -21.34 29.02 -18.02
CA ASP C 453 -22.43 28.49 -17.21
C ASP C 453 -23.23 29.57 -16.49
N PHE C 454 -22.67 30.76 -16.30
CA PHE C 454 -23.42 31.80 -15.61
C PHE C 454 -24.68 32.26 -16.40
N PHE C 455 -24.49 32.69 -17.66
CA PHE C 455 -25.55 33.20 -18.55
C PHE C 455 -26.50 32.15 -19.18
N LYS C 456 -26.25 30.86 -18.98
CA LYS C 456 -27.25 29.89 -19.44
C LYS C 456 -28.30 29.76 -18.35
N ASP C 457 -27.91 30.26 -17.18
CA ASP C 457 -28.76 30.29 -16.00
C ASP C 457 -29.10 31.71 -15.55
N PHE C 458 -28.62 32.73 -16.27
CA PHE C 458 -28.88 34.13 -15.90
C PHE C 458 -30.18 34.68 -16.50
N ASN C 459 -31.00 35.30 -15.66
CA ASN C 459 -32.27 35.89 -16.06
C ASN C 459 -32.27 37.40 -15.85
N SER C 460 -32.13 38.14 -16.95
CA SER C 460 -31.96 39.58 -16.89
C SER C 460 -33.21 40.32 -16.39
N THR C 461 -34.38 39.70 -16.58
CA THR C 461 -35.63 40.28 -16.12
C THR C 461 -35.69 40.26 -14.59
N VAL C 462 -35.23 39.17 -14.01
CA VAL C 462 -35.22 39.04 -12.57
C VAL C 462 -34.11 39.91 -11.98
N ASP C 463 -32.92 39.84 -12.57
CA ASP C 463 -31.77 40.51 -11.98
C ASP C 463 -31.94 42.03 -11.99
N GLU C 464 -32.65 42.54 -13.00
CA GLU C 464 -32.96 43.96 -13.08
C GLU C 464 -33.78 44.46 -11.89
N LYS C 465 -34.81 43.70 -11.50
CA LYS C 465 -35.64 44.07 -10.35
C LYS C 465 -34.91 43.85 -9.03
N VAL C 466 -33.90 42.98 -9.04
CA VAL C 466 -33.00 42.84 -7.90
C VAL C 466 -32.17 44.12 -7.80
N PHE C 467 -31.62 44.51 -8.95
CA PHE C 467 -30.78 45.69 -9.04
C PHE C 467 -31.53 46.89 -8.50
N GLU C 468 -32.74 47.07 -9.00
CA GLU C 468 -33.58 48.18 -8.61
C GLU C 468 -33.72 48.28 -7.09
N GLN C 469 -33.91 47.14 -6.46
CA GLN C 469 -34.24 47.13 -5.04
C GLN C 469 -32.97 47.27 -4.19
N LEU C 470 -31.86 46.69 -4.64
CA LEU C 470 -30.59 46.74 -3.91
C LEU C 470 -29.92 48.10 -4.00
N VAL C 471 -29.77 48.60 -5.23
CA VAL C 471 -29.18 49.92 -5.43
C VAL C 471 -30.00 50.97 -4.69
N ALA C 472 -31.30 50.76 -4.59
CA ALA C 472 -32.16 51.69 -3.86
C ALA C 472 -31.86 51.63 -2.37
N LEU C 473 -31.73 50.41 -1.86
CA LEU C 473 -31.44 50.18 -0.44
C LEU C 473 -30.11 50.82 -0.07
N TYR C 474 -29.15 50.68 -0.97
CA TYR C 474 -27.82 51.25 -0.83
C TYR C 474 -27.93 52.78 -0.75
N ALA C 475 -28.74 53.37 -1.62
CA ALA C 475 -28.89 54.84 -1.64
C ALA C 475 -29.62 55.39 -0.40
N THR C 476 -30.54 54.63 0.18
CA THR C 476 -31.35 55.17 1.27
C THR C 476 -30.83 54.82 2.67
N LYS C 477 -30.21 53.65 2.82
CA LYS C 477 -29.98 53.09 4.16
C LYS C 477 -28.52 53.05 4.58
N ALA C 478 -27.60 53.14 3.63
CA ALA C 478 -26.17 53.16 3.94
C ALA C 478 -25.76 54.51 4.55
N PRO C 479 -24.66 54.54 5.32
CA PRO C 479 -24.17 55.80 5.90
C PRO C 479 -24.07 56.93 4.87
N LYS C 480 -24.82 58.01 5.10
CA LYS C 480 -24.89 59.12 4.15
C LYS C 480 -23.51 59.72 3.92
N GLU C 481 -22.74 59.84 5.01
CA GLU C 481 -21.42 60.47 4.97
C GLU C 481 -20.46 59.84 3.96
N PHE C 482 -20.70 58.58 3.62
CA PHE C 482 -19.80 57.85 2.73
C PHE C 482 -20.53 57.27 1.53
N LEU C 483 -21.55 57.98 1.07
CA LEU C 483 -22.51 57.45 0.10
C LEU C 483 -22.37 57.94 -1.36
N PRO C 484 -21.19 57.75 -1.98
CA PRO C 484 -21.33 57.99 -3.42
C PRO C 484 -21.63 56.70 -4.20
N LEU C 487 -20.88 60.87 -7.21
CA LEU C 487 -21.97 60.30 -6.43
C LEU C 487 -22.90 59.44 -7.28
N LEU C 488 -22.64 58.15 -7.34
CA LEU C 488 -23.40 57.27 -8.23
C LEU C 488 -24.89 57.24 -7.91
N ASN C 489 -25.23 57.23 -6.62
CA ASN C 489 -26.63 57.25 -6.21
C ASN C 489 -27.17 58.66 -6.37
N VAL C 490 -27.92 58.86 -7.45
CA VAL C 490 -28.24 60.20 -7.99
C VAL C 490 -29.61 60.75 -7.63
N GLU C 491 -30.34 60.03 -6.75
CA GLU C 491 -31.78 60.19 -6.60
C GLU C 491 -32.47 59.75 -7.90
N TYR C 492 -31.88 58.73 -8.53
CA TYR C 492 -32.46 58.15 -9.75
C TYR C 492 -33.10 56.79 -9.45
N LYS C 493 -34.43 56.74 -9.50
CA LYS C 493 -35.19 55.50 -9.36
C LYS C 493 -34.98 54.62 -10.60
N LYS C 494 -34.90 55.27 -11.76
CA LYS C 494 -34.51 54.60 -13.00
C LYS C 494 -33.03 54.18 -12.99
N PHE C 495 -32.48 53.98 -14.19
CA PHE C 495 -31.13 53.44 -14.46
C PHE C 495 -31.13 51.91 -14.46
N ALA C 496 -32.01 51.31 -13.65
CA ALA C 496 -32.18 49.85 -13.70
C ALA C 496 -32.60 49.41 -15.11
N PRO C 497 -33.65 50.05 -15.68
CA PRO C 497 -33.99 49.55 -17.02
C PRO C 497 -33.02 49.98 -18.11
N SER C 498 -32.35 51.12 -17.98
CA SER C 498 -31.43 51.56 -19.03
C SER C 498 -30.15 50.73 -19.02
N ILE C 499 -29.72 50.29 -17.84
CA ILE C 499 -28.54 49.44 -17.75
C ILE C 499 -28.83 48.02 -18.25
N TYR C 500 -29.97 47.45 -17.86
CA TYR C 500 -30.27 46.06 -18.24
C TYR C 500 -30.64 45.93 -19.71
N SER C 501 -30.76 47.05 -20.40
CA SER C 501 -31.03 47.01 -21.83
C SER C 501 -29.80 47.41 -22.66
N LYS C 502 -29.11 48.47 -22.24
CA LYS C 502 -27.99 48.99 -23.03
C LYS C 502 -26.68 48.23 -22.78
N SER C 503 -26.43 47.87 -21.53
CA SER C 503 -25.15 47.27 -21.16
C SER C 503 -24.86 45.96 -21.89
N LYS C 504 -23.64 45.83 -22.40
CA LYS C 504 -23.24 44.61 -23.10
C LYS C 504 -22.67 43.58 -22.14
N LEU C 505 -23.21 43.56 -20.92
CA LEU C 505 -22.95 42.51 -19.94
C LEU C 505 -24.19 41.63 -19.67
N VAL C 506 -25.12 41.58 -20.63
CA VAL C 506 -26.39 40.86 -20.46
C VAL C 506 -26.51 39.63 -21.37
N ASP C 507 -25.69 39.59 -22.42
CA ASP C 507 -25.50 38.38 -23.28
C ASP C 507 -24.00 38.01 -23.44
N TYR C 508 -23.64 37.09 -24.37
CA TYR C 508 -22.24 36.90 -24.74
C TYR C 508 -21.91 37.44 -26.06
N ALA C 509 -22.95 37.65 -26.84
CA ALA C 509 -22.74 38.07 -28.19
C ALA C 509 -22.21 39.49 -28.19
N ASN C 510 -22.35 40.17 -27.05
CA ASN C 510 -21.81 41.51 -26.90
C ASN C 510 -20.90 41.59 -25.68
N PHE C 511 -20.97 40.60 -24.81
CA PHE C 511 -19.98 40.49 -23.74
C PHE C 511 -18.65 40.12 -24.35
N LYS C 512 -18.62 38.96 -25.01
CA LYS C 512 -17.43 38.51 -25.71
C LYS C 512 -16.98 39.53 -26.77
N ALA C 513 -17.94 40.26 -27.33
CA ALA C 513 -17.66 41.29 -28.32
C ALA C 513 -17.17 42.58 -27.66
N LEU C 514 -17.37 42.68 -26.34
CA LEU C 514 -16.86 43.80 -25.57
C LEU C 514 -15.42 43.51 -25.13
N LEU C 515 -15.06 42.23 -25.13
CA LEU C 515 -13.73 41.80 -24.68
C LEU C 515 -12.82 41.46 -25.86
N SER C 516 -13.23 41.83 -27.07
CA SER C 516 -12.50 41.48 -28.28
C SER C 516 -11.32 42.41 -28.56
N GLY C 517 -10.11 41.85 -28.55
CA GLY C 517 -8.90 42.61 -28.77
C GLY C 517 -7.74 42.16 -27.89
N LYS C 520 -6.18 46.72 -24.03
CA LYS C 520 -5.84 48.14 -24.03
C LYS C 520 -6.95 48.97 -24.66
N ALA C 521 -7.24 48.70 -25.93
CA ALA C 521 -8.37 49.32 -26.60
C ALA C 521 -9.66 48.74 -26.03
N VAL C 522 -9.59 47.49 -25.59
CA VAL C 522 -10.70 46.85 -24.88
C VAL C 522 -11.03 47.67 -23.63
N LEU C 523 -9.99 48.11 -22.91
CA LEU C 523 -10.16 48.95 -21.74
C LEU C 523 -10.92 50.23 -22.12
N LYS C 524 -10.58 50.76 -23.29
CA LYS C 524 -11.21 51.97 -23.78
C LYS C 524 -12.51 51.67 -24.51
N LYS C 525 -13.12 50.52 -24.22
CA LYS C 525 -14.37 50.11 -24.84
C LYS C 525 -15.37 49.64 -23.78
N ILE C 526 -14.86 48.94 -22.77
CA ILE C 526 -15.66 48.58 -21.61
C ILE C 526 -15.98 49.87 -20.85
N SER C 527 -15.14 50.89 -21.03
CA SER C 527 -15.43 52.25 -20.59
C SER C 527 -16.69 52.76 -21.29
N LEU C 528 -17.40 53.66 -20.63
CA LEU C 528 -18.65 54.24 -21.16
C LEU C 528 -19.75 53.20 -21.41
N ASP C 529 -19.55 51.97 -20.91
CA ASP C 529 -20.62 50.98 -20.89
C ASP C 529 -21.47 51.24 -19.67
N LYS C 530 -22.74 51.56 -19.90
CA LYS C 530 -23.65 52.02 -18.85
C LYS C 530 -23.64 51.15 -17.59
N GLY C 531 -23.37 49.85 -17.78
CA GLY C 531 -23.33 48.92 -16.66
C GLY C 531 -21.99 48.93 -15.91
N TYR C 532 -20.90 48.76 -16.66
CA TYR C 532 -19.57 48.73 -16.07
C TYR C 532 -19.08 50.09 -15.62
N ALA C 533 -19.61 51.14 -16.23
CA ALA C 533 -19.26 52.49 -15.82
C ALA C 533 -19.82 52.76 -14.42
N PHE C 534 -21.00 52.21 -14.15
CA PHE C 534 -21.64 52.37 -12.86
C PHE C 534 -20.89 51.61 -11.76
N VAL C 535 -20.19 50.54 -12.15
CA VAL C 535 -19.41 49.74 -11.21
C VAL C 535 -18.28 50.56 -10.58
N LYS C 536 -17.45 51.19 -11.40
CA LYS C 536 -16.34 52.01 -10.90
C LYS C 536 -16.83 53.21 -10.10
N SER C 537 -18.00 53.71 -10.45
CA SER C 537 -18.60 54.81 -9.73
C SER C 537 -18.75 54.42 -8.25
N LEU C 538 -18.97 53.12 -8.03
CA LEU C 538 -19.06 52.56 -6.70
C LEU C 538 -17.75 51.90 -6.25
N ALA C 539 -17.03 51.29 -7.20
CA ALA C 539 -15.80 50.55 -6.88
C ALA C 539 -14.60 51.44 -6.58
N ASP C 540 -14.49 52.56 -7.31
CA ASP C 540 -13.43 53.53 -7.08
C ASP C 540 -13.75 54.39 -5.86
N ASN C 541 -15.04 54.54 -5.56
CA ASN C 541 -15.45 55.23 -4.36
C ASN C 541 -15.09 54.45 -3.09
N TYR C 542 -15.28 53.14 -3.12
CA TYR C 542 -14.97 52.30 -1.97
C TYR C 542 -13.49 52.40 -1.62
N SER C 543 -12.64 52.15 -2.61
CA SER C 543 -11.19 52.29 -2.45
C SER C 543 -10.76 53.72 -2.10
N LYS C 544 -11.64 54.69 -2.27
CA LYS C 544 -11.30 56.10 -2.10
C LYS C 544 -11.26 56.57 -0.65
N ASN C 545 -12.41 56.54 0.02
CA ASN C 545 -12.51 57.24 1.30
C ASN C 545 -13.19 56.43 2.41
N ILE C 546 -13.50 55.17 2.12
CA ILE C 546 -13.97 54.23 3.14
C ILE C 546 -12.83 53.28 3.54
N ALA C 547 -12.27 52.59 2.54
CA ALA C 547 -11.27 51.55 2.72
C ALA C 547 -9.99 51.96 3.47
N PRO C 548 -9.37 53.12 3.13
CA PRO C 548 -8.16 53.46 3.89
C PRO C 548 -8.42 53.62 5.38
N ARG C 549 -9.48 54.34 5.74
CA ARG C 549 -9.84 54.46 7.14
C ARG C 549 -10.28 53.12 7.76
N TYR C 550 -10.91 52.25 6.96
CA TYR C 550 -11.35 50.94 7.45
C TYR C 550 -10.17 50.04 7.77
N ASP C 551 -9.34 49.81 6.75
CA ASP C 551 -8.17 48.95 6.90
C ASP C 551 -7.28 49.37 8.04
N GLU C 552 -7.22 50.68 8.29
CA GLU C 552 -6.33 51.25 9.29
C GLU C 552 -6.87 51.15 10.72
N ILE C 553 -8.16 51.40 10.91
CA ILE C 553 -8.72 51.19 12.24
C ILE C 553 -8.71 49.69 12.52
N ASN C 554 -8.97 48.90 11.49
CA ASN C 554 -9.02 47.45 11.60
C ASN C 554 -7.68 46.87 12.01
N LEU C 555 -6.63 47.19 11.26
CA LEU C 555 -5.29 46.71 11.59
C LEU C 555 -4.90 47.14 13.01
N LYS C 556 -5.51 48.23 13.47
CA LYS C 556 -5.34 48.69 14.83
C LYS C 556 -6.19 47.88 15.80
N ILE C 557 -7.39 47.48 15.37
CA ILE C 557 -8.26 46.62 16.17
C ILE C 557 -7.64 45.24 16.35
N ASN C 558 -7.04 44.74 15.26
CA ASN C 558 -6.34 43.48 15.25
C ASN C 558 -5.16 43.44 16.23
N ALA C 559 -4.31 44.45 16.17
CA ALA C 559 -3.22 44.57 17.13
C ALA C 559 -3.77 44.54 18.55
N LEU C 560 -4.93 45.17 18.73
CA LEU C 560 -5.58 45.22 20.04
C LEU C 560 -6.06 43.85 20.47
N GLN C 561 -6.65 43.13 19.53
CA GLN C 561 -7.20 41.80 19.79
C GLN C 561 -6.06 40.82 20.13
N ARG C 562 -4.95 40.94 19.39
CA ARG C 562 -3.80 40.08 19.61
C ARG C 562 -3.23 40.22 21.03
N ILE C 563 -3.28 41.43 21.57
CA ILE C 563 -2.81 41.67 22.93
C ILE C 563 -3.91 41.25 23.92
N TYR C 564 -5.16 41.43 23.52
CA TYR C 564 -6.30 40.99 24.32
C TYR C 564 -6.32 39.47 24.47
N MET C 565 -5.96 38.77 23.40
CA MET C 565 -5.84 37.32 23.44
C MET C 565 -4.68 36.92 24.35
N LYS C 566 -3.53 37.58 24.16
CA LYS C 566 -2.32 37.32 24.97
C LYS C 566 -2.65 37.46 26.43
N ALA C 567 -3.43 38.49 26.76
CA ALA C 567 -3.83 38.78 28.13
C ALA C 567 -4.69 37.67 28.73
N GLN C 568 -5.79 37.36 28.05
CA GLN C 568 -6.70 36.32 28.53
C GLN C 568 -5.99 34.99 28.78
N LEU C 569 -5.01 34.69 27.94
CA LEU C 569 -4.17 33.50 28.13
C LEU C 569 -3.43 33.57 29.48
N GLU C 570 -2.76 34.70 29.71
CA GLU C 570 -1.95 34.88 30.90
C GLU C 570 -2.76 35.05 32.20
N LEU C 571 -3.90 35.74 32.12
CA LEU C 571 -4.71 36.02 33.31
C LEU C 571 -5.70 34.91 33.66
N TYR C 572 -5.86 33.94 32.76
CA TYR C 572 -6.78 32.83 32.99
C TYR C 572 -6.12 31.51 32.59
N PRO C 573 -5.14 31.07 33.37
CA PRO C 573 -4.26 29.97 32.98
C PRO C 573 -4.98 28.63 32.89
N ASN C 574 -5.95 28.42 33.76
CA ASN C 574 -6.58 27.12 33.88
C ASN C 574 -8.04 27.16 33.44
N SER C 575 -8.38 28.22 32.71
CA SER C 575 -9.65 28.31 32.02
C SER C 575 -9.56 27.54 30.72
N ARG C 576 -10.68 27.00 30.27
CA ARG C 576 -10.70 26.14 29.09
C ARG C 576 -10.53 26.94 27.80
N ILE C 577 -9.46 27.72 27.72
CA ILE C 577 -9.22 28.53 26.54
C ILE C 577 -8.63 27.73 25.39
N PHE C 578 -9.35 27.70 24.27
CA PHE C 578 -8.84 27.06 23.07
C PHE C 578 -8.61 28.10 21.98
N PRO C 579 -7.64 27.85 21.10
CA PRO C 579 -7.42 28.80 20.00
C PRO C 579 -8.60 28.86 19.04
N ASP C 580 -8.84 30.03 18.45
CA ASP C 580 -9.87 30.15 17.44
C ASP C 580 -9.50 29.26 16.27
N ALA C 581 -10.51 28.68 15.64
CA ALA C 581 -10.32 27.88 14.44
C ALA C 581 -9.60 28.69 13.39
N ASN C 582 -8.79 28.02 12.58
CA ASN C 582 -7.94 28.67 11.58
C ASN C 582 -7.65 27.67 10.47
N SER C 583 -8.67 26.90 10.09
CA SER C 583 -8.59 25.89 9.04
C SER C 583 -7.49 24.87 9.29
N THR C 584 -7.29 24.56 10.55
CA THR C 584 -6.36 23.49 10.89
C THR C 584 -7.10 22.41 11.65
N LEU C 585 -6.53 21.21 11.66
CA LEU C 585 -7.14 20.02 12.26
C LEU C 585 -7.34 20.21 13.74
N ARG C 586 -8.57 19.95 14.17
CA ARG C 586 -8.99 20.11 15.56
C ARG C 586 -9.87 18.97 15.97
N VAL C 587 -9.97 18.79 17.29
CA VAL C 587 -10.81 17.77 17.87
C VAL C 587 -11.82 18.48 18.73
N THR C 588 -13.08 18.12 18.55
CA THR C 588 -14.08 18.56 19.48
C THR C 588 -14.75 17.30 19.97
N TYR C 589 -15.42 17.39 21.10
CA TYR C 589 -16.09 16.22 21.62
C TYR C 589 -17.32 16.61 22.39
N GLY C 590 -18.14 15.61 22.71
CA GLY C 590 -19.39 15.85 23.38
C GLY C 590 -20.20 14.56 23.49
N LYS C 591 -21.53 14.65 23.36
CA LYS C 591 -22.39 13.46 23.39
C LYS C 591 -23.64 13.65 22.54
N VAL C 592 -24.31 12.54 22.21
CA VAL C 592 -25.58 12.60 21.49
C VAL C 592 -26.64 13.10 22.45
N LYS C 593 -27.35 14.14 22.08
CA LYS C 593 -28.30 14.78 23.00
C LYS C 593 -29.31 15.62 22.23
N GLY C 594 -30.59 15.49 22.59
CA GLY C 594 -31.58 16.39 22.02
C GLY C 594 -31.57 17.73 22.74
N TYR C 595 -32.64 18.51 22.55
CA TYR C 595 -32.78 19.80 23.21
C TYR C 595 -34.19 20.36 23.09
N SER C 596 -34.48 21.33 23.93
CA SER C 596 -35.75 22.04 23.90
C SER C 596 -35.57 23.47 23.42
N PRO C 597 -36.11 23.78 22.24
CA PRO C 597 -36.05 25.13 21.70
C PRO C 597 -36.96 26.09 22.46
N LYS C 598 -38.04 25.57 23.03
CA LYS C 598 -39.10 26.41 23.62
C LYS C 598 -39.85 25.64 24.69
N ASP C 599 -40.68 26.33 25.47
CA ASP C 599 -41.50 25.67 26.49
C ASP C 599 -42.33 24.56 25.87
N ALA C 600 -42.23 23.36 26.45
CA ALA C 600 -43.04 22.19 26.12
C ALA C 600 -42.71 21.59 24.78
N ILE C 601 -41.61 22.01 24.16
CA ILE C 601 -41.21 21.35 22.91
C ILE C 601 -39.88 20.64 23.14
N TYR C 602 -39.78 19.39 22.72
CA TYR C 602 -38.49 18.72 22.84
C TYR C 602 -38.10 18.12 21.52
N TYR C 603 -36.86 18.33 21.11
CA TYR C 603 -36.38 17.69 19.91
C TYR C 603 -35.54 16.49 20.28
N ASN C 604 -35.97 15.31 19.83
CA ASN C 604 -35.21 14.09 20.09
C ASN C 604 -33.92 14.09 19.30
N PRO C 605 -32.91 13.38 19.81
CA PRO C 605 -31.60 13.41 19.16
C PRO C 605 -31.49 12.62 17.86
N THR C 606 -32.49 11.84 17.47
CA THR C 606 -32.35 11.11 16.20
C THR C 606 -33.64 11.18 15.32
N THR C 607 -33.45 11.09 14.00
CA THR C 607 -34.53 11.03 13.04
C THR C 607 -34.53 9.71 12.29
N TYR C 608 -35.66 9.44 11.66
CA TYR C 608 -35.90 8.15 11.01
C TYR C 608 -36.49 8.37 9.63
N LEU C 609 -36.51 7.33 8.80
CA LEU C 609 -36.87 7.53 7.40
C LEU C 609 -38.36 7.92 7.27
N ASP C 610 -39.18 7.52 8.23
CA ASP C 610 -40.60 7.85 8.15
C ASP C 610 -40.76 9.36 8.35
N GLY C 611 -39.75 9.99 8.94
CA GLY C 611 -39.71 11.44 9.05
C GLY C 611 -39.44 12.15 7.72
N ALA C 612 -38.63 11.54 6.87
CA ALA C 612 -38.48 12.09 5.51
C ALA C 612 -39.76 11.86 4.71
N ILE C 613 -40.37 10.69 4.88
CA ILE C 613 -41.59 10.39 4.15
C ILE C 613 -42.69 11.40 4.54
N GLU C 614 -42.77 11.76 5.81
CA GLU C 614 -43.69 12.83 6.23
C GLU C 614 -43.51 14.13 5.48
N LYS C 615 -42.28 14.44 5.07
CA LYS C 615 -41.99 15.70 4.42
C LYS C 615 -42.17 15.61 2.92
N TYR C 616 -42.25 14.37 2.42
CA TYR C 616 -42.28 14.08 1.00
C TYR C 616 -43.40 14.84 0.29
N ILE C 617 -43.06 15.53 -0.80
CA ILE C 617 -44.06 16.14 -1.66
C ILE C 617 -43.75 15.74 -3.10
N PRO C 618 -44.65 14.95 -3.71
CA PRO C 618 -44.41 14.41 -5.05
C PRO C 618 -43.98 15.47 -6.04
N GLY C 619 -42.86 15.25 -6.71
CA GLY C 619 -42.39 16.18 -7.74
C GLY C 619 -41.92 17.54 -7.25
N ASP C 620 -41.86 17.75 -5.94
CA ASP C 620 -41.43 19.05 -5.43
C ASP C 620 -39.92 19.28 -5.63
N TYR C 621 -39.48 20.52 -5.79
CA TYR C 621 -38.06 20.73 -6.11
C TYR C 621 -37.13 20.42 -4.96
N GLU C 622 -37.58 20.60 -3.71
CA GLU C 622 -36.68 20.18 -2.61
C GLU C 622 -37.16 18.95 -1.82
N PHE C 623 -38.44 18.58 -1.91
CA PHE C 623 -38.94 17.51 -1.04
C PHE C 623 -39.49 16.31 -1.80
N ASP C 624 -39.16 16.22 -3.08
CA ASP C 624 -39.44 14.98 -3.80
C ASP C 624 -38.53 13.88 -3.23
N VAL C 625 -38.90 12.63 -3.45
CA VAL C 625 -38.09 11.48 -2.97
C VAL C 625 -38.04 10.46 -4.09
N PRO C 626 -36.84 9.93 -4.41
CA PRO C 626 -36.71 8.95 -5.50
C PRO C 626 -37.63 7.71 -5.34
N LYS C 627 -38.13 7.16 -6.44
CA LYS C 627 -39.10 6.04 -6.31
C LYS C 627 -38.49 4.85 -5.54
N LYS C 628 -37.24 4.54 -5.84
CA LYS C 628 -36.49 3.50 -5.14
C LYS C 628 -36.52 3.64 -3.62
N LEU C 629 -36.32 4.85 -3.10
CA LEU C 629 -36.35 5.08 -1.65
C LEU C 629 -37.75 4.92 -1.06
N ILE C 630 -38.76 5.36 -1.79
CA ILE C 630 -40.13 5.15 -1.34
C ILE C 630 -40.43 3.65 -1.25
N ASP C 631 -40.02 2.93 -2.29
CA ASP C 631 -40.18 1.48 -2.33
C ASP C 631 -39.44 0.76 -1.21
N LEU C 632 -38.23 1.23 -0.87
CA LEU C 632 -37.44 0.61 0.20
C LEU C 632 -38.13 0.88 1.53
N TYR C 633 -38.66 2.09 1.68
CA TYR C 633 -39.41 2.47 2.87
C TYR C 633 -40.70 1.65 3.05
N ASN C 634 -41.50 1.58 2.01
CA ASN C 634 -42.76 0.81 2.10
C ASN C 634 -42.48 -0.66 2.35
N ASN C 635 -41.43 -1.17 1.70
CA ASN C 635 -41.04 -2.56 1.91
C ASN C 635 -40.27 -2.81 3.22
N LYS C 636 -39.95 -1.74 3.94
CA LYS C 636 -39.17 -1.84 5.19
C LYS C 636 -37.88 -2.66 4.95
N ASP C 637 -37.27 -2.47 3.79
CA ASP C 637 -36.17 -3.32 3.36
C ASP C 637 -34.83 -2.76 3.82
N TYR C 638 -34.54 -2.91 5.12
CA TYR C 638 -33.44 -2.17 5.73
C TYR C 638 -32.21 -3.05 5.98
N GLY C 639 -32.41 -4.37 5.94
CA GLY C 639 -31.37 -5.33 6.27
C GLY C 639 -30.61 -4.97 7.53
N GLN C 640 -29.28 -4.98 7.44
CA GLN C 640 -28.48 -4.85 8.66
C GLN C 640 -28.47 -3.39 9.18
N TYR C 641 -29.07 -2.48 8.44
CA TYR C 641 -28.97 -1.08 8.80
C TYR C 641 -30.12 -0.65 9.66
N GLY C 642 -31.16 -1.49 9.63
CA GLY C 642 -32.41 -1.22 10.32
C GLY C 642 -32.40 -1.46 11.82
N GLU C 643 -33.36 -0.81 12.46
CA GLU C 643 -33.52 -0.83 13.91
C GLU C 643 -34.99 -1.06 14.26
N ASN C 644 -35.36 -2.30 14.59
CA ASN C 644 -36.76 -2.63 14.89
C ASN C 644 -37.72 -2.18 13.78
N GLY C 645 -37.35 -2.38 12.53
CA GLY C 645 -38.21 -1.96 11.44
C GLY C 645 -38.23 -0.46 11.17
N LYS C 646 -37.32 0.30 11.77
CA LYS C 646 -37.16 1.72 11.42
C LYS C 646 -35.73 1.99 10.95
N LEU C 647 -35.55 2.97 10.08
CA LEU C 647 -34.21 3.26 9.57
C LEU C 647 -33.73 4.63 10.04
N PRO C 648 -32.67 4.67 10.87
CA PRO C 648 -32.15 5.97 11.31
C PRO C 648 -31.63 6.81 10.14
N VAL C 649 -31.80 8.13 10.20
CA VAL C 649 -31.28 8.99 9.12
C VAL C 649 -30.22 10.00 9.62
N CYS C 650 -30.52 10.75 10.67
CA CYS C 650 -29.58 11.74 11.22
C CYS C 650 -29.63 11.72 12.74
N PHE C 651 -28.65 12.34 13.39
CA PHE C 651 -28.66 12.52 14.82
C PHE C 651 -27.85 13.78 15.18
N ILE C 652 -28.07 14.31 16.37
CA ILE C 652 -27.41 15.54 16.77
C ILE C 652 -26.60 15.31 18.02
N GLY C 653 -25.60 16.16 18.27
CA GLY C 653 -24.75 16.00 19.43
C GLY C 653 -24.24 17.33 19.94
N THR C 654 -23.53 17.33 21.06
CA THR C 654 -23.11 18.57 21.70
C THR C 654 -21.70 18.99 21.31
N ASN C 655 -21.27 18.58 20.12
CA ASN C 655 -19.97 18.93 19.59
C ASN C 655 -19.89 20.34 19.07
N HIS C 656 -18.73 20.98 19.25
CA HIS C 656 -18.54 22.36 18.84
C HIS C 656 -17.95 22.42 17.44
N THR C 657 -18.77 22.77 16.47
CA THR C 657 -18.33 22.78 15.08
C THR C 657 -18.60 24.12 14.40
N THR C 658 -18.05 24.31 13.20
CA THR C 658 -18.31 25.52 12.43
C THR C 658 -17.98 25.22 10.97
N GLY C 659 -18.18 26.19 10.08
CA GLY C 659 -17.84 26.02 8.68
C GLY C 659 -16.41 25.49 8.57
N GLY C 660 -16.24 24.41 7.81
CA GLY C 660 -14.96 23.72 7.73
C GLY C 660 -15.13 22.30 8.19
N ASN C 661 -16.04 22.12 9.16
CA ASN C 661 -16.35 20.80 9.68
C ASN C 661 -17.29 19.99 8.80
N SER C 662 -17.72 20.54 7.66
CA SER C 662 -18.51 19.75 6.70
C SER C 662 -17.74 18.50 6.34
N GLY C 663 -18.39 17.35 6.50
CA GLY C 663 -17.82 16.09 6.12
C GLY C 663 -16.95 15.43 7.21
N SER C 664 -16.95 15.98 8.42
CA SER C 664 -16.11 15.48 9.52
C SER C 664 -16.62 14.19 10.09
N PRO C 665 -15.70 13.27 10.44
CA PRO C 665 -16.18 12.06 11.09
C PRO C 665 -16.64 12.36 12.50
N ALA C 666 -17.71 11.72 12.89
CA ALA C 666 -18.03 11.60 14.29
C ALA C 666 -17.74 10.17 14.69
N VAL C 667 -16.79 10.01 15.61
CA VAL C 667 -16.47 8.68 16.08
C VAL C 667 -17.01 8.49 17.46
N ASP C 668 -17.25 7.23 17.80
CA ASP C 668 -17.74 6.84 19.09
C ASP C 668 -16.59 6.64 20.09
N ALA C 669 -16.91 6.03 21.22
CA ALA C 669 -15.94 5.85 22.32
C ALA C 669 -14.71 5.01 21.96
N GLN C 670 -14.80 4.20 20.92
CA GLN C 670 -13.72 3.30 20.52
C GLN C 670 -13.04 3.74 19.21
N GLY C 671 -13.33 4.93 18.75
CA GLY C 671 -12.82 5.37 17.46
C GLY C 671 -13.50 4.80 16.21
N ASN C 672 -14.69 4.24 16.34
CA ASN C 672 -15.46 3.80 15.18
C ASN C 672 -16.32 4.93 14.66
N LEU C 673 -16.42 5.03 13.34
CA LEU C 673 -17.26 6.03 12.70
C LEU C 673 -18.75 5.78 12.98
N ILE C 674 -19.45 6.74 13.58
CA ILE C 674 -20.91 6.58 13.79
C ILE C 674 -21.73 7.62 13.03
N GLY C 675 -21.09 8.70 12.61
CA GLY C 675 -21.82 9.78 11.98
C GLY C 675 -20.94 10.59 11.06
N LEU C 676 -21.59 11.31 10.16
CA LEU C 676 -20.90 12.21 9.24
C LEU C 676 -21.43 13.61 9.43
N ASN C 677 -20.61 14.51 10.00
CA ASN C 677 -21.07 15.87 10.31
C ASN C 677 -21.44 16.68 9.07
N PHE C 678 -22.50 17.48 9.12
CA PHE C 678 -22.79 18.28 7.93
C PHE C 678 -23.48 19.60 8.17
N ASP C 679 -23.90 19.88 9.40
CA ASP C 679 -24.58 21.13 9.69
C ASP C 679 -24.58 21.42 11.19
N ARG C 680 -25.09 22.60 11.55
CA ARG C 680 -25.39 23.00 12.92
C ARG C 680 -26.86 23.34 13.02
N VAL C 681 -27.47 23.22 14.20
CA VAL C 681 -28.86 23.63 14.31
C VAL C 681 -29.00 25.15 14.47
N TRP C 682 -30.18 25.62 14.11
CA TRP C 682 -30.53 27.05 14.12
C TRP C 682 -30.16 27.81 15.38
N GLU C 683 -30.60 27.26 16.50
CA GLU C 683 -30.47 27.89 17.80
C GLU C 683 -29.01 28.12 18.21
N GLY C 684 -28.08 27.44 17.54
CA GLY C 684 -26.67 27.49 17.90
C GLY C 684 -25.79 28.11 16.82
N THR C 685 -26.44 28.81 15.89
CA THR C 685 -25.78 29.52 14.81
C THR C 685 -24.85 30.62 15.34
N MET C 686 -25.04 30.99 16.59
CA MET C 686 -24.20 31.95 17.28
C MET C 686 -22.83 31.39 17.69
N SER C 687 -22.61 30.08 17.51
CA SER C 687 -21.53 29.42 18.27
C SER C 687 -20.11 29.87 17.90
N ASP C 688 -19.97 30.63 16.80
CA ASP C 688 -18.67 31.21 16.42
C ASP C 688 -18.28 32.39 17.31
N ILE C 689 -19.26 32.97 17.98
CA ILE C 689 -19.02 34.11 18.86
C ILE C 689 -19.26 33.68 20.29
N HIS C 690 -20.24 32.80 20.49
CA HIS C 690 -20.60 32.35 21.83
C HIS C 690 -21.18 30.91 21.78
N TYR C 691 -20.50 29.99 22.45
CA TYR C 691 -20.94 28.59 22.52
C TYR C 691 -21.69 28.35 23.82
N ASP C 692 -22.87 27.75 23.72
CA ASP C 692 -23.68 27.41 24.88
C ASP C 692 -24.19 25.98 24.70
N PRO C 693 -23.62 25.03 25.46
CA PRO C 693 -23.79 23.59 25.20
C PRO C 693 -25.21 23.09 25.44
N SER C 694 -26.06 23.89 26.08
CA SER C 694 -27.45 23.49 26.27
C SER C 694 -28.30 23.64 24.99
N ILE C 695 -27.90 24.50 24.06
CA ILE C 695 -28.66 24.59 22.81
C ILE C 695 -27.84 24.40 21.54
N CYS C 696 -26.51 24.49 21.64
CA CYS C 696 -25.69 24.31 20.43
C CYS C 696 -25.57 22.80 20.09
N ARG C 697 -25.80 22.50 18.83
CA ARG C 697 -25.78 21.12 18.38
C ARG C 697 -25.25 20.99 16.99
N ASN C 698 -24.36 20.02 16.75
CA ASN C 698 -24.01 19.72 15.38
C ASN C 698 -24.92 18.59 14.86
N VAL C 699 -25.10 18.59 13.54
CA VAL C 699 -25.95 17.61 12.87
C VAL C 699 -25.12 16.65 12.03
N MET C 700 -25.41 15.36 12.19
CA MET C 700 -24.66 14.29 11.56
C MET C 700 -25.58 13.33 10.81
N VAL C 701 -25.19 12.89 9.61
CA VAL C 701 -25.84 11.72 9.00
C VAL C 701 -25.46 10.46 9.78
N ASP C 702 -26.45 9.60 10.06
CA ASP C 702 -26.19 8.31 10.68
C ASP C 702 -25.47 7.42 9.66
N MET C 703 -24.39 6.75 10.08
CA MET C 703 -23.67 5.90 9.13
C MET C 703 -24.56 4.74 8.68
N ARG C 704 -25.47 4.34 9.52
CA ARG C 704 -26.41 3.31 9.08
C ARG C 704 -27.14 3.77 7.82
N TYR C 705 -27.52 5.05 7.76
CA TYR C 705 -28.23 5.58 6.60
C TYR C 705 -27.31 5.69 5.40
N VAL C 706 -26.07 6.10 5.64
CA VAL C 706 -25.14 6.20 4.53
C VAL C 706 -24.92 4.86 3.88
N LEU C 707 -24.71 3.82 4.69
CA LEU C 707 -24.42 2.50 4.16
C LEU C 707 -25.71 1.89 3.57
N PHE C 708 -26.83 2.19 4.20
CA PHE C 708 -28.13 1.80 3.60
C PHE C 708 -28.24 2.40 2.20
N ILE C 709 -27.78 3.63 2.01
CA ILE C 709 -27.95 4.28 0.70
C ILE C 709 -26.98 3.65 -0.30
N VAL C 710 -25.75 3.43 0.13
CA VAL C 710 -24.78 2.73 -0.70
C VAL C 710 -25.24 1.33 -1.07
N ASP C 711 -25.74 0.62 -0.06
CA ASP C 711 -26.03 -0.80 -0.21
C ASP C 711 -27.44 -1.03 -0.84
N LYS C 712 -28.50 -0.73 -0.10
CA LYS C 712 -29.87 -1.04 -0.55
C LYS C 712 -30.31 -0.16 -1.70
N PHE C 713 -29.94 1.11 -1.68
CA PHE C 713 -30.41 2.03 -2.70
C PHE C 713 -29.63 1.86 -3.99
N ALA C 714 -28.31 2.00 -3.91
CA ALA C 714 -27.46 2.10 -5.07
C ALA C 714 -26.98 0.75 -5.55
N GLY C 715 -27.01 -0.25 -4.66
CA GLY C 715 -26.54 -1.58 -5.01
C GLY C 715 -25.02 -1.65 -5.08
N ALA C 716 -24.33 -0.68 -4.47
CA ALA C 716 -22.86 -0.58 -4.56
C ALA C 716 -22.16 -1.39 -3.46
N LYS C 717 -22.40 -2.70 -3.48
CA LYS C 717 -22.00 -3.54 -2.37
C LYS C 717 -20.49 -3.75 -2.26
N HIS C 718 -19.77 -3.66 -3.39
CA HIS C 718 -18.33 -3.78 -3.41
C HIS C 718 -17.70 -2.72 -2.48
N LEU C 719 -18.31 -1.54 -2.43
CA LEU C 719 -17.85 -0.47 -1.54
C LEU C 719 -17.97 -0.85 -0.09
N ILE C 720 -19.07 -1.53 0.27
CA ILE C 720 -19.29 -1.94 1.65
C ILE C 720 -18.25 -2.99 2.06
N ASN C 721 -17.98 -3.91 1.13
CA ASN C 721 -17.03 -5.00 1.36
C ASN C 721 -15.59 -4.53 1.67
N GLU C 722 -15.25 -3.36 1.15
CA GLU C 722 -13.97 -2.66 1.37
C GLU C 722 -13.85 -2.03 2.76
N MET C 723 -15.00 -1.77 3.37
CA MET C 723 -15.03 -1.20 4.72
C MET C 723 -14.91 -2.28 5.77
N LYS C 724 -14.75 -1.83 7.00
CA LYS C 724 -14.67 -2.71 8.14
C LYS C 724 -15.85 -2.37 9.00
N LEU C 725 -16.85 -3.25 8.97
CA LEU C 725 -18.06 -3.07 9.75
C LEU C 725 -17.88 -3.70 11.12
N VAL C 726 -18.23 -2.99 12.17
CA VAL C 726 -18.02 -3.56 13.50
C VAL C 726 -19.26 -3.39 14.37
N HIS C 727 -19.27 -4.12 15.49
CA HIS C 727 -20.34 -4.08 16.48
C HIS C 727 -19.82 -3.78 17.87
N PRO C 728 -19.45 -2.51 18.13
CA PRO C 728 -18.86 -2.18 19.43
C PRO C 728 -19.85 -2.27 20.58
N LYS C 729 -21.12 -2.49 20.29
CA LYS C 729 -22.10 -2.58 21.37
C LYS C 729 -22.52 -4.01 21.63
N LYS C 730 -21.80 -4.97 21.05
CA LYS C 730 -22.09 -6.38 21.29
C LYS C 730 -21.19 -6.92 22.39
N THR D 34 53.12 2.72 -21.55
CA THR D 34 53.51 3.88 -20.75
C THR D 34 52.43 4.23 -19.72
N LEU D 35 52.82 4.26 -18.46
CA LEU D 35 51.94 4.65 -17.36
C LEU D 35 51.88 6.19 -17.26
N GLN D 36 50.70 6.74 -17.50
CA GLN D 36 50.48 8.19 -17.46
C GLN D 36 50.78 8.77 -16.07
N GLN D 37 51.46 9.89 -16.04
CA GLN D 37 51.77 10.59 -14.78
C GLN D 37 50.87 11.81 -14.62
N GLY D 38 50.75 12.30 -13.38
CA GLY D 38 49.88 13.43 -13.09
C GLY D 38 48.41 13.04 -13.07
N GLY D 39 47.57 13.95 -13.54
CA GLY D 39 46.15 13.67 -13.58
C GLY D 39 45.22 14.80 -13.18
N MET D 40 44.19 15.00 -14.00
CA MET D 40 43.12 15.94 -13.73
C MET D 40 41.83 15.16 -13.76
N TRP D 41 41.29 14.85 -12.59
CA TRP D 41 40.27 13.83 -12.48
C TRP D 41 38.87 14.42 -12.34
N ILE D 42 37.90 13.76 -12.98
CA ILE D 42 36.50 14.11 -12.77
C ILE D 42 36.13 13.77 -11.32
N PRO D 43 35.73 14.79 -10.54
CA PRO D 43 35.47 14.73 -9.09
C PRO D 43 34.43 13.67 -8.67
N SER D 44 33.62 13.19 -9.60
CA SER D 44 32.62 12.18 -9.26
C SER D 44 33.13 10.73 -9.43
N LEU D 45 34.31 10.58 -10.02
CA LEU D 45 34.84 9.26 -10.32
C LEU D 45 36.10 9.02 -9.52
N LEU D 46 36.11 9.48 -8.28
CA LEU D 46 37.31 9.37 -7.45
C LEU D 46 37.48 8.03 -6.76
N SER D 47 36.37 7.33 -6.48
CA SER D 47 36.45 6.00 -5.88
C SER D 47 37.35 5.10 -6.72
N GLY D 48 37.88 4.04 -6.11
CA GLY D 48 38.79 3.17 -6.81
C GLY D 48 40.19 3.74 -6.78
N MET D 49 40.88 3.67 -7.92
CA MET D 49 42.29 4.07 -8.02
C MET D 49 42.57 5.39 -7.33
N ASN D 50 41.82 6.41 -7.71
CA ASN D 50 42.11 7.77 -7.26
C ASN D 50 42.16 7.92 -5.74
N GLU D 51 41.08 7.51 -5.08
CA GLU D 51 40.97 7.60 -3.63
C GLU D 51 42.05 6.81 -2.91
N THR D 52 42.44 5.68 -3.50
CA THR D 52 43.51 4.86 -2.93
C THR D 52 44.82 5.63 -2.96
N GLU D 53 45.11 6.27 -4.09
CA GLU D 53 46.31 7.08 -4.20
C GLU D 53 46.30 8.22 -3.21
N MET D 54 45.16 8.89 -3.10
CA MET D 54 45.07 10.07 -2.26
C MET D 54 45.29 9.71 -0.80
N LYS D 55 44.63 8.65 -0.36
CA LYS D 55 44.75 8.25 1.03
C LYS D 55 46.14 7.73 1.32
N ASN D 56 46.80 7.16 0.31
CA ASN D 56 48.20 6.75 0.47
C ASN D 56 49.14 7.94 0.41
N LEU D 57 48.63 9.06 -0.10
CA LEU D 57 49.39 10.31 -0.11
C LEU D 57 49.14 11.10 1.17
N GLY D 58 48.16 10.65 1.96
CA GLY D 58 47.94 11.20 3.28
C GLY D 58 46.54 11.75 3.52
N MET D 59 45.72 11.79 2.48
CA MET D 59 44.38 12.38 2.61
C MET D 59 43.58 11.65 3.68
N LYS D 60 42.82 12.42 4.44
CA LYS D 60 42.01 11.88 5.52
C LYS D 60 40.53 11.85 5.17
N ILE D 61 40.07 12.82 4.38
CA ILE D 61 38.66 12.86 4.00
C ILE D 61 38.36 11.81 2.94
N SER D 62 37.07 11.61 2.67
CA SER D 62 36.64 10.62 1.70
C SER D 62 36.35 11.24 0.34
N ALA D 63 36.20 10.38 -0.66
CA ALA D 63 35.71 10.80 -1.96
C ALA D 63 34.35 11.50 -1.79
N ASP D 64 33.52 10.99 -0.88
CA ASP D 64 32.17 11.51 -0.64
C ASP D 64 32.15 12.95 -0.19
N ASP D 65 33.18 13.33 0.59
CA ASP D 65 33.32 14.70 1.08
C ASP D 65 33.67 15.66 -0.04
N ILE D 66 34.25 15.11 -1.10
CA ILE D 66 34.76 15.92 -2.21
C ILE D 66 33.65 16.18 -3.24
N TYR D 67 32.83 15.16 -3.50
CA TYR D 67 31.68 15.26 -4.40
C TYR D 67 30.51 14.44 -3.86
N SER D 68 29.30 14.97 -3.99
CA SER D 68 28.08 14.22 -3.74
C SER D 68 26.90 15.02 -4.26
N VAL D 69 25.90 14.32 -4.79
CA VAL D 69 24.67 14.99 -5.19
C VAL D 69 23.75 15.10 -3.98
N ASN D 70 23.92 14.17 -3.04
CA ASN D 70 23.05 14.06 -1.88
C ASN D 70 23.29 15.11 -0.80
N HIS D 71 24.55 15.28 -0.41
CA HIS D 71 24.90 16.21 0.66
C HIS D 71 25.98 17.25 0.24
N SER D 72 26.20 18.24 1.11
CA SER D 72 27.19 19.28 0.83
C SER D 72 28.60 18.71 0.80
N SER D 73 29.31 18.97 -0.30
CA SER D 73 30.65 18.45 -0.49
C SER D 73 31.60 19.60 -0.85
N LEU D 74 32.87 19.28 -1.14
CA LEU D 74 33.84 20.35 -1.45
C LEU D 74 33.48 21.10 -2.74
N LYS D 75 32.94 20.38 -3.73
CA LYS D 75 32.61 20.99 -5.02
C LYS D 75 31.66 22.20 -4.87
N ASP D 76 30.85 22.21 -3.82
CA ASP D 76 29.90 23.31 -3.60
C ASP D 76 30.60 24.60 -3.18
N ALA D 77 31.87 24.47 -2.78
CA ALA D 77 32.67 25.64 -2.42
C ALA D 77 33.65 26.06 -3.51
N VAL D 78 33.52 25.46 -4.69
CA VAL D 78 34.50 25.69 -5.75
C VAL D 78 33.85 26.03 -7.08
N PRO D 79 33.46 27.31 -7.24
CA PRO D 79 32.79 27.71 -8.48
C PRO D 79 33.73 28.19 -9.60
N HIS D 80 33.23 28.05 -10.83
CA HIS D 80 33.93 28.53 -12.01
C HIS D 80 33.84 30.05 -12.00
N PHE D 81 34.97 30.73 -12.21
CA PHE D 81 35.05 32.19 -12.13
C PHE D 81 35.16 32.81 -13.54
N ASN D 82 34.08 33.47 -13.96
CA ASN D 82 34.00 34.12 -15.28
C ASN D 82 34.36 33.23 -16.46
N GLY D 83 34.09 31.93 -16.32
CA GLY D 83 34.33 30.95 -17.38
C GLY D 83 35.77 30.61 -17.71
N GLY D 84 36.72 31.30 -17.10
CA GLY D 84 38.12 31.09 -17.41
C GLY D 84 39.05 30.83 -16.24
N CYS D 85 38.53 30.97 -15.01
CA CYS D 85 39.34 30.83 -13.81
C CYS D 85 38.59 30.08 -12.72
N THR D 86 39.24 29.94 -11.57
CA THR D 86 38.65 29.21 -10.45
C THR D 86 38.52 30.16 -9.26
N SER D 87 37.58 29.87 -8.36
CA SER D 87 37.51 30.61 -7.11
C SER D 87 37.02 29.68 -6.04
N GLU D 88 37.02 30.11 -4.80
CA GLU D 88 36.50 29.25 -3.75
C GLU D 88 35.86 30.02 -2.60
N VAL D 89 34.74 29.46 -2.11
CA VAL D 89 33.99 30.04 -1.00
C VAL D 89 34.68 29.82 0.34
N ILE D 90 34.82 30.89 1.13
CA ILE D 90 35.58 30.82 2.38
C ILE D 90 34.83 31.43 3.54
N SER D 91 33.52 31.60 3.37
CA SER D 91 32.66 32.05 4.45
C SER D 91 31.24 31.66 4.10
N PRO D 92 30.36 31.54 5.11
CA PRO D 92 28.97 31.16 4.85
C PRO D 92 28.13 32.32 4.32
N LYS D 93 28.77 33.47 4.07
CA LYS D 93 28.11 34.64 3.50
C LYS D 93 28.63 34.93 2.10
N GLY D 94 29.05 33.88 1.40
CA GLY D 94 29.41 34.01 0.00
C GLY D 94 30.72 34.70 -0.35
N LEU D 95 31.58 34.95 0.63
CA LEU D 95 32.91 35.49 0.35
C LEU D 95 33.73 34.48 -0.48
N ILE D 96 34.25 34.91 -1.62
CA ILE D 96 35.06 34.01 -2.42
C ILE D 96 36.46 34.56 -2.66
N LEU D 97 37.40 33.63 -2.80
CA LEU D 97 38.80 33.96 -3.01
C LEU D 97 39.23 33.55 -4.43
N THR D 98 39.92 34.43 -5.15
CA THR D 98 40.57 34.02 -6.40
C THR D 98 41.93 34.72 -6.52
N ASN D 99 42.57 34.63 -7.68
CA ASN D 99 43.87 35.32 -7.84
C ASN D 99 43.66 36.78 -8.08
N HIS D 100 44.70 37.54 -7.79
CA HIS D 100 44.72 38.94 -8.18
C HIS D 100 44.58 39.09 -9.69
N HIS D 101 45.24 38.23 -10.48
CA HIS D 101 45.13 38.38 -11.94
C HIS D 101 43.81 37.81 -12.52
N CYS D 102 43.01 37.16 -11.68
CA CYS D 102 41.68 36.75 -12.09
C CYS D 102 40.71 37.92 -11.93
N GLY D 103 40.86 38.65 -10.82
CA GLY D 103 40.04 39.80 -10.57
C GLY D 103 40.64 41.08 -11.12
N PHE D 104 41.80 40.98 -11.77
CA PHE D 104 42.48 42.17 -12.32
C PHE D 104 41.53 43.08 -13.16
N ASP D 105 40.86 42.48 -14.14
CA ASP D 105 39.96 43.25 -15.02
C ASP D 105 38.87 43.99 -14.26
N ALA D 106 38.23 43.33 -13.30
CA ALA D 106 37.20 44.01 -12.50
C ALA D 106 37.83 45.16 -11.71
N ILE D 107 39.01 44.91 -11.15
CA ILE D 107 39.70 45.93 -10.37
C ILE D 107 40.12 47.13 -11.23
N GLN D 108 40.71 46.83 -12.38
CA GLN D 108 41.10 47.87 -13.31
C GLN D 108 39.89 48.65 -13.85
N ASN D 109 38.79 47.95 -14.07
CA ASN D 109 37.54 48.59 -14.49
C ASN D 109 37.02 49.58 -13.45
N HIS D 110 37.24 49.29 -12.17
CA HIS D 110 36.76 50.16 -11.10
C HIS D 110 37.79 51.20 -10.69
N SER D 111 38.92 51.24 -11.36
CA SER D 111 39.94 52.19 -10.96
C SER D 111 40.19 53.26 -12.02
N SER D 112 40.61 54.43 -11.54
CA SER D 112 40.95 55.59 -12.36
C SER D 112 42.02 56.39 -11.60
N VAL D 113 42.33 57.60 -12.07
CA VAL D 113 43.30 58.44 -11.38
C VAL D 113 42.75 59.09 -10.12
N ASP D 114 41.43 59.02 -9.95
CA ASP D 114 40.82 59.44 -8.70
C ASP D 114 40.85 58.29 -7.71
N HIS D 115 40.37 57.14 -8.16
CA HIS D 115 40.29 55.96 -7.33
C HIS D 115 41.16 54.86 -7.89
N ASP D 116 42.47 54.98 -7.72
CA ASP D 116 43.43 54.05 -8.33
C ASP D 116 43.58 52.77 -7.52
N TYR D 117 42.60 51.88 -7.68
CA TYR D 117 42.56 50.66 -6.88
C TYR D 117 43.70 49.71 -7.25
N LEU D 118 44.10 49.73 -8.52
CA LEU D 118 45.21 48.86 -8.95
C LEU D 118 46.43 49.07 -8.08
N THR D 119 46.74 50.33 -7.82
CA THR D 119 47.92 50.69 -7.06
C THR D 119 47.72 50.56 -5.55
N ASN D 120 46.61 51.08 -5.03
CA ASN D 120 46.42 51.20 -3.59
C ASN D 120 45.80 49.99 -2.93
N GLY D 121 45.23 49.11 -3.76
CA GLY D 121 44.41 48.02 -3.27
C GLY D 121 42.96 48.52 -3.15
N PHE D 122 42.06 47.67 -2.69
CA PHE D 122 40.67 48.07 -2.44
C PHE D 122 40.09 47.20 -1.36
N TRP D 123 39.41 47.83 -0.41
CA TRP D 123 38.81 47.09 0.67
C TRP D 123 37.42 47.66 1.00
N ALA D 124 36.41 46.80 0.97
CA ALA D 124 35.06 47.17 1.41
C ALA D 124 34.92 46.93 2.91
N MET D 125 34.84 48.01 3.68
CA MET D 125 34.63 47.89 5.12
C MET D 125 33.24 47.37 5.44
N LYS D 126 32.26 47.73 4.62
CA LYS D 126 30.90 47.21 4.76
C LYS D 126 30.52 46.43 3.51
N MET D 127 29.51 45.58 3.63
CA MET D 127 29.07 44.79 2.47
C MET D 127 28.40 45.67 1.41
N GLU D 128 27.86 46.81 1.84
CA GLU D 128 27.15 47.67 0.92
C GLU D 128 28.16 48.49 0.12
N ASP D 129 29.42 48.40 0.53
CA ASP D 129 30.50 49.14 -0.10
C ASP D 129 31.18 48.28 -1.17
N GLU D 130 30.66 47.07 -1.35
CA GLU D 130 31.21 46.14 -2.32
C GLU D 130 30.76 46.55 -3.72
N LEU D 131 31.69 46.52 -4.66
CA LEU D 131 31.45 47.10 -5.98
C LEU D 131 30.99 46.07 -7.00
N PRO D 132 29.75 46.25 -7.51
CA PRO D 132 29.17 45.41 -8.56
C PRO D 132 30.02 45.33 -9.81
N ASN D 133 29.94 44.21 -10.53
CA ASN D 133 30.71 44.04 -11.75
C ASN D 133 29.86 43.55 -12.89
N GLU D 134 29.80 44.36 -13.94
CA GLU D 134 29.08 43.95 -15.13
C GLU D 134 29.87 42.88 -15.87
N ASN D 135 29.16 41.88 -16.39
CA ASN D 135 29.77 40.79 -17.16
C ASN D 135 30.75 39.92 -16.34
N LEU D 136 30.46 39.77 -15.05
CA LEU D 136 31.21 38.86 -14.20
C LEU D 136 30.26 37.81 -13.67
N VAL D 137 30.46 36.54 -14.03
CA VAL D 137 29.61 35.48 -13.48
C VAL D 137 30.43 34.42 -12.79
N VAL D 138 29.81 33.80 -11.81
CA VAL D 138 30.42 32.76 -11.00
C VAL D 138 29.48 31.56 -11.05
N THR D 139 30.00 30.39 -11.42
CA THR D 139 29.15 29.22 -11.71
C THR D 139 29.41 28.02 -10.78
N PHE D 140 28.35 27.54 -10.14
CA PHE D 140 28.43 26.38 -9.25
C PHE D 140 27.92 25.10 -9.93
N ILE D 141 28.63 24.00 -9.70
CA ILE D 141 28.23 22.71 -10.23
C ILE D 141 27.29 21.98 -9.27
N VAL D 142 26.05 21.78 -9.69
CA VAL D 142 25.10 21.02 -8.91
C VAL D 142 25.39 19.54 -9.04
N SER D 143 25.58 19.11 -10.28
CA SER D 143 25.65 17.68 -10.55
C SER D 143 26.39 17.35 -11.84
N ILE D 144 27.08 16.22 -11.81
CA ILE D 144 27.86 15.74 -12.94
C ILE D 144 27.25 14.46 -13.47
N ASN D 145 26.78 14.49 -14.72
CA ASN D 145 25.95 13.41 -15.26
C ASN D 145 26.40 12.89 -16.63
N ASP D 146 26.81 11.63 -16.68
CA ASP D 146 27.16 11.00 -17.94
C ASP D 146 25.94 10.87 -18.86
N VAL D 147 26.03 11.43 -20.07
CA VAL D 147 24.96 11.31 -21.06
C VAL D 147 25.50 10.83 -22.40
N THR D 148 26.61 10.09 -22.38
CA THR D 148 27.27 9.63 -23.59
C THR D 148 26.34 8.84 -24.52
N ALA D 149 25.51 7.98 -23.92
CA ALA D 149 24.52 7.21 -24.67
C ALA D 149 23.55 8.10 -25.46
N GLN D 150 22.96 9.07 -24.79
CA GLN D 150 21.94 9.90 -25.43
C GLN D 150 22.54 10.75 -26.55
N ILE D 151 23.77 11.23 -26.34
CA ILE D 151 24.42 12.06 -27.35
C ILE D 151 24.84 11.23 -28.56
N LEU D 152 25.20 9.98 -28.33
CA LEU D 152 25.79 9.16 -29.38
C LEU D 152 24.78 8.27 -30.13
N ASP D 153 24.12 8.87 -31.11
CA ASP D 153 23.37 8.11 -32.10
C ASP D 153 23.96 8.41 -33.47
N GLY D 154 25.28 8.58 -33.46
CA GLY D 154 26.03 9.02 -34.64
C GLY D 154 26.40 7.92 -35.60
N VAL D 155 27.27 7.00 -35.18
CA VAL D 155 27.74 5.93 -36.05
C VAL D 155 26.58 5.05 -36.53
N ALA D 156 26.84 4.29 -37.59
CA ALA D 156 25.84 3.63 -38.43
C ALA D 156 25.09 4.70 -39.25
N SER D 157 25.87 5.44 -40.05
CA SER D 157 25.33 6.50 -40.92
C SER D 157 26.22 6.68 -42.15
N THR D 162 30.16 11.01 -43.19
CA THR D 162 30.88 11.81 -42.20
C THR D 162 30.05 12.99 -41.71
N GLU D 163 28.83 13.11 -42.21
CA GLU D 163 28.10 14.36 -42.08
C GLU D 163 27.08 14.40 -40.95
N LYS D 164 27.43 13.84 -39.79
CA LYS D 164 26.53 13.96 -38.67
C LYS D 164 27.25 13.73 -37.31
N GLN D 165 28.27 14.56 -37.03
CA GLN D 165 28.49 15.08 -35.67
C GLN D 165 27.69 16.37 -35.64
N ASN D 166 27.06 16.56 -36.79
CA ASN D 166 25.99 17.48 -37.10
C ASN D 166 24.70 16.93 -36.45
N LYS D 167 24.76 15.65 -36.09
CA LYS D 167 23.70 14.97 -35.36
C LYS D 167 23.88 14.99 -33.86
N ILE D 168 25.13 15.08 -33.40
CA ILE D 168 25.30 15.08 -31.97
C ILE D 168 25.13 16.53 -31.51
N GLN D 169 25.47 17.51 -32.35
CA GLN D 169 25.05 18.90 -32.10
C GLN D 169 23.52 18.95 -31.99
N GLU D 170 22.84 18.19 -32.85
CA GLU D 170 21.41 17.95 -32.76
C GLU D 170 21.04 17.39 -31.38
N ASN D 171 21.67 16.27 -31.04
CA ASN D 171 21.34 15.55 -29.81
C ASN D 171 21.72 16.30 -28.54
N ILE D 172 22.79 17.08 -28.60
CA ILE D 172 23.21 17.86 -27.45
C ILE D 172 22.15 18.88 -27.10
N THR D 173 21.76 19.69 -28.08
CA THR D 173 20.67 20.64 -27.90
C THR D 173 19.41 19.90 -27.37
N LYS D 174 19.12 18.75 -27.96
CA LYS D 174 18.00 17.90 -27.53
C LYS D 174 18.08 17.56 -26.05
N VAL D 175 19.18 16.92 -25.63
CA VAL D 175 19.34 16.44 -24.25
C VAL D 175 19.49 17.60 -23.25
N THR D 176 20.10 18.69 -23.69
CA THR D 176 20.26 19.89 -22.85
C THR D 176 18.92 20.39 -22.27
N ALA D 177 17.94 20.60 -23.14
CA ALA D 177 16.60 21.04 -22.73
C ALA D 177 15.85 19.96 -21.98
N SER D 178 16.18 18.70 -22.28
CA SER D 178 15.45 17.54 -21.76
C SER D 178 15.85 17.12 -20.33
N PHE D 179 17.13 17.18 -20.01
CA PHE D 179 17.63 16.69 -18.73
C PHE D 179 17.01 17.42 -17.52
N ALA D 180 16.76 16.64 -16.46
CA ALA D 180 16.15 17.11 -15.21
C ALA D 180 16.90 18.30 -14.58
N LYS D 181 16.28 19.46 -14.62
CA LYS D 181 16.90 20.71 -14.17
C LYS D 181 15.90 21.54 -13.34
N GLU D 182 16.39 22.26 -12.33
CA GLU D 182 15.57 23.22 -11.59
C GLU D 182 15.42 24.50 -12.41
N ALA D 183 14.28 25.19 -12.21
CA ALA D 183 13.97 26.41 -12.96
C ALA D 183 15.13 27.41 -13.04
N TRP D 184 15.82 27.59 -11.93
CA TRP D 184 16.90 28.57 -11.85
C TRP D 184 18.28 27.96 -12.10
N GLN D 185 18.31 26.83 -12.81
CA GLN D 185 19.57 26.14 -13.13
C GLN D 185 19.77 26.02 -14.64
N GLU D 186 21.00 25.74 -15.09
CA GLU D 186 21.25 25.59 -16.51
C GLU D 186 22.04 24.32 -16.82
N ASN D 187 21.78 23.75 -17.99
CA ASN D 187 22.38 22.49 -18.40
C ASN D 187 23.49 22.67 -19.41
N LYS D 188 24.63 22.02 -19.17
CA LYS D 188 25.74 22.14 -20.08
C LYS D 188 26.29 20.76 -20.43
N VAL D 189 26.36 20.46 -21.73
CA VAL D 189 26.94 19.21 -22.18
C VAL D 189 28.36 19.42 -22.69
N ARG D 190 29.29 18.67 -22.13
CA ARG D 190 30.70 18.83 -22.49
C ARG D 190 31.29 17.58 -23.17
N THR D 191 32.19 17.79 -24.10
CA THR D 191 32.87 16.70 -24.80
C THR D 191 34.15 16.25 -24.07
N PHE D 192 34.14 15.01 -23.60
CA PHE D 192 35.31 14.41 -22.94
C PHE D 192 36.00 13.39 -23.85
N PHE D 193 37.31 13.23 -23.67
CA PHE D 193 38.07 12.20 -24.39
C PHE D 193 37.95 12.31 -25.90
N GLU D 194 38.01 13.52 -26.45
CA GLU D 194 38.01 13.71 -27.90
C GLU D 194 36.71 13.24 -28.55
N GLY D 195 35.66 13.04 -27.77
CA GLY D 195 34.37 12.67 -28.34
C GLY D 195 33.96 11.23 -28.12
N ASN D 196 34.57 10.59 -27.12
CA ASN D 196 34.21 9.23 -26.74
C ASN D 196 33.30 9.22 -25.49
N GLN D 197 33.16 10.38 -24.86
CA GLN D 197 32.31 10.53 -23.69
C GLN D 197 31.69 11.92 -23.64
N TYR D 198 30.40 11.95 -23.31
CA TYR D 198 29.69 13.21 -23.14
C TYR D 198 29.06 13.30 -21.75
N ILE D 199 29.34 14.40 -21.07
CA ILE D 199 28.84 14.61 -19.70
C ILE D 199 28.10 15.92 -19.57
N LEU D 200 26.88 15.85 -19.04
CA LEU D 200 26.05 17.01 -18.81
C LEU D 200 26.26 17.52 -17.38
N PHE D 201 26.53 18.81 -17.26
CA PHE D 201 26.65 19.46 -15.95
C PHE D 201 25.37 20.22 -15.64
N VAL D 202 24.88 20.08 -14.41
CA VAL D 202 23.76 20.88 -13.95
C VAL D 202 24.36 21.97 -13.09
N THR D 203 24.14 23.21 -13.51
CA THR D 203 24.85 24.33 -12.90
C THR D 203 23.92 25.46 -12.48
N GLU D 204 24.46 26.36 -11.66
CA GLU D 204 23.80 27.61 -11.31
C GLU D 204 24.78 28.74 -11.58
N VAL D 205 24.35 29.67 -12.42
CA VAL D 205 25.17 30.77 -12.89
C VAL D 205 24.81 32.04 -12.15
N PHE D 206 25.57 32.38 -11.10
CA PHE D 206 25.32 33.64 -10.41
C PHE D 206 25.91 34.84 -11.18
N LYS D 207 25.06 35.84 -11.41
CA LYS D 207 25.42 36.99 -12.25
C LYS D 207 25.61 38.31 -11.48
N ASP D 208 25.67 38.22 -10.16
CA ASP D 208 25.89 39.40 -9.31
C ASP D 208 27.07 39.17 -8.36
N VAL D 209 28.28 39.47 -8.84
CA VAL D 209 29.52 39.18 -8.08
C VAL D 209 30.27 40.49 -7.86
N ARG D 210 30.46 40.85 -6.60
CA ARG D 210 30.91 42.20 -6.26
C ARG D 210 32.32 42.18 -5.69
N LEU D 211 33.12 43.19 -6.03
CA LEU D 211 34.50 43.24 -5.55
C LEU D 211 34.52 43.53 -4.06
N VAL D 212 35.21 42.68 -3.30
CA VAL D 212 35.28 42.85 -1.85
C VAL D 212 36.66 43.33 -1.42
N GLY D 213 37.71 42.74 -1.98
CA GLY D 213 39.05 43.16 -1.58
C GLY D 213 40.16 42.78 -2.52
N ALA D 214 41.14 43.67 -2.65
CA ALA D 214 42.34 43.36 -3.43
C ALA D 214 43.57 44.03 -2.84
N PRO D 215 44.70 43.32 -2.77
CA PRO D 215 45.90 44.02 -2.32
C PRO D 215 46.40 45.00 -3.37
N PRO D 216 47.32 45.90 -3.00
CA PRO D 216 47.98 46.71 -4.02
C PRO D 216 48.69 45.82 -5.03
N SER D 217 48.80 46.28 -6.27
CA SER D 217 49.45 45.51 -7.32
C SER D 217 50.88 45.11 -6.96
N LEU D 218 51.61 45.97 -6.26
CA LEU D 218 52.98 45.65 -5.87
C LEU D 218 53.01 44.34 -5.09
N ILE D 219 51.97 44.07 -4.33
CA ILE D 219 51.86 42.79 -3.62
C ILE D 219 51.23 41.73 -4.52
N GLY D 220 50.08 42.04 -5.12
CA GLY D 220 49.34 41.06 -5.91
C GLY D 220 50.03 40.59 -7.19
N LYS D 221 50.91 41.40 -7.73
CA LYS D 221 51.75 40.95 -8.84
C LYS D 221 53.20 41.33 -8.61
N PHE D 222 53.67 41.13 -7.38
CA PHE D 222 55.08 41.38 -7.03
C PHE D 222 55.98 40.65 -8.01
N GLY D 223 56.88 41.37 -8.68
CA GLY D 223 57.84 40.74 -9.57
C GLY D 223 57.29 40.48 -10.97
N SER D 224 56.11 41.07 -11.21
CA SER D 224 55.34 41.01 -12.46
C SER D 224 55.82 40.06 -13.56
N ASP D 225 56.35 40.65 -14.64
CA ASP D 225 56.97 39.91 -15.74
C ASP D 225 58.17 39.05 -15.35
N THR D 226 59.09 39.64 -14.57
CA THR D 226 60.34 38.96 -14.20
C THR D 226 60.06 37.61 -13.52
N ASP D 227 59.10 37.57 -12.61
CA ASP D 227 58.82 36.36 -11.85
C ASP D 227 57.67 35.51 -12.41
N ASN D 228 57.19 35.87 -13.59
CA ASN D 228 56.16 35.08 -14.27
C ASN D 228 56.68 33.67 -14.62
N TRP D 229 55.89 32.65 -14.30
CA TRP D 229 56.32 31.24 -14.42
C TRP D 229 57.58 30.89 -13.59
N VAL D 230 57.93 31.70 -12.59
CA VAL D 230 59.18 31.52 -11.85
C VAL D 230 58.96 31.03 -10.43
N TRP D 231 59.82 30.10 -10.02
CA TRP D 231 60.02 29.71 -8.65
C TRP D 231 61.52 29.85 -8.36
N PRO D 232 61.92 30.29 -7.15
CA PRO D 232 61.13 30.76 -6.00
C PRO D 232 60.23 31.96 -6.35
N ARG D 233 59.02 31.97 -5.77
CA ARG D 233 58.05 33.03 -6.04
C ARG D 233 57.64 33.65 -4.70
N HIS D 234 57.42 34.96 -4.66
CA HIS D 234 56.99 35.64 -3.44
C HIS D 234 55.77 36.57 -3.64
N THR D 235 54.85 36.15 -4.51
CA THR D 235 53.70 36.99 -4.88
C THR D 235 52.42 36.65 -4.12
N GLY D 236 51.87 37.65 -3.43
CA GLY D 236 50.54 37.55 -2.82
C GLY D 236 49.47 37.74 -3.88
N ASP D 237 49.36 36.77 -4.78
CA ASP D 237 48.45 36.84 -5.91
C ASP D 237 47.04 36.44 -5.46
N PHE D 238 46.29 37.38 -4.88
CA PHE D 238 44.89 37.10 -4.55
C PHE D 238 43.94 38.31 -4.71
N SER D 239 42.65 38.03 -4.72
CA SER D 239 41.64 39.09 -4.61
C SER D 239 40.36 38.46 -4.13
N MET D 240 39.45 39.27 -3.59
CA MET D 240 38.23 38.73 -3.03
C MET D 240 36.99 39.38 -3.64
N PHE D 241 35.95 38.55 -3.76
CA PHE D 241 34.65 38.95 -4.24
C PHE D 241 33.60 38.30 -3.36
N ARG D 242 32.35 38.73 -3.50
CA ARG D 242 31.23 38.12 -2.81
C ARG D 242 30.13 37.85 -3.81
N VAL D 243 29.58 36.63 -3.73
CA VAL D 243 28.52 36.18 -4.60
C VAL D 243 27.18 36.64 -4.04
N TYR D 244 26.36 37.29 -4.87
CA TYR D 244 25.06 37.78 -4.43
C TYR D 244 23.92 37.04 -5.13
N ALA D 245 22.79 36.94 -4.44
CA ALA D 245 21.65 36.19 -4.92
C ALA D 245 20.36 36.88 -4.51
N ASN D 246 19.22 36.38 -4.97
CA ASN D 246 17.97 36.99 -4.56
C ASN D 246 17.48 36.40 -3.22
N LYS D 247 16.28 36.78 -2.83
CA LYS D 247 15.72 36.40 -1.54
C LYS D 247 15.56 34.90 -1.38
N ASN D 248 15.53 34.18 -2.49
CA ASN D 248 15.47 32.72 -2.47
C ASN D 248 16.84 32.03 -2.60
N ASN D 249 17.93 32.78 -2.40
CA ASN D 249 19.30 32.27 -2.51
C ASN D 249 19.56 31.63 -3.88
N HIS D 250 18.91 32.20 -4.90
CA HIS D 250 19.03 31.75 -6.29
C HIS D 250 19.82 32.75 -7.13
N PRO D 251 20.41 32.28 -8.25
CA PRO D 251 21.07 33.13 -9.24
C PRO D 251 20.18 34.24 -9.78
N ALA D 252 20.74 35.45 -9.87
CA ALA D 252 19.99 36.61 -10.37
C ALA D 252 20.93 37.66 -10.95
N ALA D 253 20.39 38.47 -11.85
CA ALA D 253 21.11 39.66 -12.33
C ALA D 253 21.26 40.65 -11.18
N TYR D 254 22.08 41.68 -11.39
CA TYR D 254 22.25 42.71 -10.37
C TYR D 254 20.93 43.37 -9.99
N SER D 255 20.60 43.32 -8.70
CA SER D 255 19.58 44.19 -8.11
C SER D 255 20.19 44.88 -6.92
N LYS D 256 19.75 46.09 -6.66
CA LYS D 256 20.28 46.88 -5.56
C LYS D 256 19.94 46.27 -4.19
N ASP D 257 19.00 45.32 -4.16
CA ASP D 257 18.71 44.62 -2.93
C ASP D 257 18.79 43.09 -3.04
N ASN D 258 19.63 42.59 -3.95
CA ASN D 258 20.11 41.21 -3.87
C ASN D 258 20.83 41.05 -2.53
N VAL D 259 20.97 39.81 -2.08
CA VAL D 259 21.57 39.54 -0.78
C VAL D 259 22.79 38.63 -0.94
N PRO D 260 23.70 38.62 0.06
CA PRO D 260 24.84 37.70 0.00
C PRO D 260 24.37 36.26 -0.16
N TYR D 261 25.00 35.53 -1.05
CA TYR D 261 24.66 34.13 -1.26
C TYR D 261 25.10 33.27 -0.07
N ILE D 262 24.26 32.32 0.31
CA ILE D 262 24.66 31.39 1.35
C ILE D 262 25.03 30.05 0.72
N PRO D 263 26.32 29.69 0.78
CA PRO D 263 26.82 28.45 0.17
C PRO D 263 26.34 27.18 0.88
N LYS D 264 26.34 26.07 0.15
CA LYS D 264 26.10 24.76 0.74
C LYS D 264 27.32 24.28 1.53
N HIS D 265 28.50 24.75 1.12
CA HIS D 265 29.74 24.47 1.85
C HIS D 265 30.76 25.58 1.64
N PHE D 266 31.57 25.84 2.67
CA PHE D 266 32.68 26.78 2.52
C PHE D 266 33.91 26.22 3.21
N LEU D 267 35.08 26.58 2.69
CA LEU D 267 36.33 25.99 3.13
C LEU D 267 36.89 26.73 4.33
N PRO D 268 37.09 26.01 5.44
CA PRO D 268 37.80 26.55 6.60
C PRO D 268 39.28 26.80 6.27
N VAL D 269 39.86 27.88 6.77
CA VAL D 269 41.25 28.23 6.46
C VAL D 269 42.21 27.78 7.57
N SER D 270 43.15 26.89 7.24
CA SER D 270 44.15 26.44 8.22
C SER D 270 45.12 27.56 8.58
N LEU D 271 45.47 27.68 9.86
CA LEU D 271 46.52 28.61 10.28
C LEU D 271 47.85 27.90 10.52
N ASP D 272 47.87 26.58 10.41
CA ASP D 272 49.03 25.79 10.81
C ASP D 272 50.13 25.73 9.77
N GLY D 273 49.78 26.02 8.52
CA GLY D 273 50.76 26.07 7.46
C GLY D 273 51.03 24.72 6.82
N VAL D 274 52.06 24.67 5.97
CA VAL D 274 52.40 23.43 5.28
C VAL D 274 53.84 23.03 5.50
N GLN D 275 54.12 21.75 5.28
CA GLN D 275 55.47 21.19 5.37
C GLN D 275 55.73 20.35 4.16
N GLU D 276 57.01 20.07 3.91
CA GLU D 276 57.37 19.14 2.85
C GLU D 276 56.63 17.82 3.05
N ASP D 277 56.15 17.25 1.95
CA ASP D 277 55.44 15.96 1.90
C ASP D 277 53.99 16.00 2.45
N ASP D 278 53.55 17.17 2.91
CA ASP D 278 52.12 17.38 3.22
C ASP D 278 51.25 17.05 2.01
N PHE D 279 50.19 16.28 2.22
CA PHE D 279 49.24 16.04 1.13
C PHE D 279 48.56 17.36 0.73
N THR D 280 48.46 17.61 -0.57
CA THR D 280 47.65 18.72 -1.11
C THR D 280 46.67 18.28 -2.19
N MET D 281 45.51 18.92 -2.19
CA MET D 281 44.53 18.71 -3.25
C MET D 281 44.08 20.02 -3.91
N VAL D 282 44.11 20.01 -5.24
CA VAL D 282 43.74 21.18 -6.01
C VAL D 282 42.47 20.89 -6.81
N MET D 283 41.47 21.74 -6.66
CA MET D 283 40.20 21.55 -7.38
C MET D 283 39.93 22.79 -8.22
N GLY D 284 39.63 22.60 -9.50
CA GLY D 284 39.47 23.73 -10.38
C GLY D 284 38.98 23.40 -11.77
N TYR D 285 39.17 24.35 -12.68
CA TYR D 285 38.60 24.23 -14.03
C TYR D 285 39.69 24.37 -15.09
N PRO D 286 40.63 23.40 -15.14
CA PRO D 286 41.68 23.41 -16.17
C PRO D 286 41.08 23.51 -17.58
N GLY D 287 41.63 24.43 -18.37
CA GLY D 287 41.09 24.75 -19.67
C GLY D 287 41.37 23.73 -20.77
N LYS D 288 42.64 23.41 -20.99
CA LYS D 288 42.98 22.50 -22.08
C LYS D 288 44.32 21.78 -21.89
N THR D 289 44.30 20.46 -22.04
CA THR D 289 45.52 19.69 -22.14
C THR D 289 45.45 18.87 -23.42
N GLN D 290 46.57 18.31 -23.83
CA GLN D 290 46.62 17.42 -24.99
C GLN D 290 47.68 16.35 -24.73
N GLU D 291 47.34 15.43 -23.83
CA GLU D 291 48.31 14.48 -23.28
C GLU D 291 48.42 13.19 -24.09
N TYR D 292 47.61 13.08 -25.14
CA TYR D 292 47.57 11.83 -25.88
C TYR D 292 47.85 12.08 -27.35
N LEU D 293 48.55 13.18 -27.62
CA LEU D 293 49.00 13.47 -28.96
C LEU D 293 50.01 12.44 -29.44
N PRO D 294 50.01 12.16 -30.75
CA PRO D 294 51.02 11.26 -31.31
C PRO D 294 52.36 11.97 -31.45
N SER D 295 53.42 11.24 -31.75
CA SER D 295 54.77 11.81 -31.85
C SER D 295 54.87 12.87 -32.94
N PHE D 296 54.18 12.64 -34.05
CA PHE D 296 54.17 13.57 -35.18
C PHE D 296 53.59 14.96 -34.81
N ALA D 297 52.61 14.96 -33.92
CA ALA D 297 52.01 16.20 -33.46
C ALA D 297 53.01 16.98 -32.61
N VAL D 298 53.69 16.25 -31.72
CA VAL D 298 54.65 16.86 -30.81
C VAL D 298 55.88 17.38 -31.56
N ALA D 299 56.28 16.66 -32.62
CA ALA D 299 57.37 17.09 -33.48
C ALA D 299 57.04 18.40 -34.18
N GLN D 300 55.78 18.55 -34.58
CA GLN D 300 55.33 19.76 -35.26
C GLN D 300 55.35 20.94 -34.30
N ILE D 301 55.00 20.68 -33.04
CA ILE D 301 55.10 21.72 -32.01
C ILE D 301 56.56 22.17 -31.82
N VAL D 302 57.43 21.22 -31.49
CA VAL D 302 58.81 21.55 -31.13
C VAL D 302 59.65 22.09 -32.29
N ASN D 303 59.45 21.53 -33.49
CA ASN D 303 60.30 21.81 -34.65
C ASN D 303 59.74 22.84 -35.64
N GLU D 304 58.44 23.16 -35.55
CA GLU D 304 57.84 24.06 -36.53
C GLU D 304 56.96 25.17 -35.96
N THR D 305 55.84 24.80 -35.35
CA THR D 305 54.87 25.80 -34.90
C THR D 305 55.38 26.67 -33.76
N ASN D 306 55.92 26.06 -32.71
CA ASN D 306 56.48 26.82 -31.60
C ASN D 306 57.64 27.74 -32.02
N PRO D 307 58.64 27.20 -32.76
CA PRO D 307 59.70 28.13 -33.18
C PRO D 307 59.18 29.30 -34.01
N ALA D 308 58.17 29.03 -34.83
CA ALA D 308 57.53 30.05 -35.66
C ALA D 308 56.98 31.22 -34.83
N LYS D 309 56.05 30.93 -33.93
CA LYS D 309 55.44 31.92 -33.04
C LYS D 309 56.47 32.55 -32.09
N ILE D 310 57.39 31.74 -31.59
CA ILE D 310 58.40 32.23 -30.65
C ILE D 310 59.26 33.36 -31.22
N GLU D 311 59.69 33.21 -32.47
CA GLU D 311 60.49 34.24 -33.12
C GLU D 311 59.69 35.52 -33.36
N ILE D 312 58.41 35.35 -33.70
CA ILE D 312 57.53 36.47 -33.97
C ILE D 312 57.34 37.36 -32.76
N ARG D 313 56.92 36.77 -31.64
CA ARG D 313 56.71 37.56 -30.44
C ARG D 313 58.05 38.08 -29.90
N GLU D 314 59.12 37.32 -30.09
CA GLU D 314 60.44 37.78 -29.67
C GLU D 314 60.87 39.03 -30.42
N ALA D 315 60.51 39.09 -31.70
CA ALA D 315 60.76 40.28 -32.51
C ALA D 315 59.98 41.48 -31.95
N ALA D 316 58.66 41.31 -31.79
CA ALA D 316 57.79 42.36 -31.25
C ALA D 316 58.26 42.83 -29.89
N LEU D 317 58.84 41.91 -29.12
CA LEU D 317 59.34 42.18 -27.77
C LEU D 317 60.67 42.94 -27.71
N LYS D 318 61.65 42.50 -28.49
CA LYS D 318 62.98 43.11 -28.45
C LYS D 318 62.91 44.56 -28.92
N VAL D 319 62.00 44.81 -29.86
CA VAL D 319 61.84 46.15 -30.43
C VAL D 319 60.97 47.03 -29.52
N GLN D 320 60.07 46.41 -28.77
CA GLN D 320 59.30 47.13 -27.77
C GLN D 320 60.18 47.55 -26.60
N ASP D 321 61.05 46.62 -26.16
CA ASP D 321 61.97 46.86 -25.06
C ASP D 321 63.07 47.85 -25.43
N GLY D 322 63.23 48.12 -26.72
CA GLY D 322 64.21 49.09 -27.17
C GLY D 322 63.83 50.52 -26.81
N PHE D 323 62.55 50.84 -26.96
CA PHE D 323 62.03 52.18 -26.64
C PHE D 323 61.71 52.33 -25.15
N MET D 324 61.38 51.20 -24.53
CA MET D 324 61.11 51.15 -23.09
C MET D 324 62.39 51.32 -22.28
N ARG D 325 63.52 51.17 -22.97
CA ARG D 325 64.84 51.31 -22.37
C ARG D 325 65.30 52.78 -22.50
N LYS D 326 64.50 53.59 -23.20
CA LYS D 326 64.80 54.99 -23.44
C LYS D 326 63.87 55.96 -22.69
N ASP D 327 62.57 55.87 -22.94
CA ASP D 327 61.57 56.75 -22.30
C ASP D 327 60.82 55.97 -21.20
N ASN D 328 60.50 56.66 -20.11
CA ASN D 328 59.81 56.03 -18.96
C ASN D 328 58.29 56.21 -19.01
N ALA D 329 57.82 57.14 -19.83
CA ALA D 329 56.40 57.35 -20.03
C ALA D 329 55.86 56.30 -20.99
N ILE D 330 56.73 55.83 -21.88
CA ILE D 330 56.41 54.71 -22.77
C ILE D 330 56.51 53.40 -21.98
N LYS D 331 57.45 53.35 -21.04
CA LYS D 331 57.66 52.16 -20.21
C LYS D 331 56.44 51.82 -19.35
N ILE D 332 55.75 52.85 -18.87
CA ILE D 332 54.54 52.65 -18.08
C ILE D 332 53.38 52.34 -19.01
N GLN D 333 53.44 52.95 -20.19
CA GLN D 333 52.48 52.72 -21.25
C GLN D 333 52.37 51.26 -21.64
N TYR D 334 53.46 50.72 -22.18
CA TYR D 334 53.46 49.41 -22.82
C TYR D 334 53.85 48.28 -21.88
N ALA D 335 53.81 48.54 -20.58
CA ALA D 335 54.22 47.55 -19.59
C ALA D 335 53.20 46.42 -19.46
N SER D 336 51.92 46.79 -19.44
CA SER D 336 50.85 45.81 -19.34
C SER D 336 50.74 44.99 -20.61
N LYS D 337 51.17 45.58 -21.72
CA LYS D 337 51.08 44.93 -23.02
C LYS D 337 52.33 44.11 -23.35
N TYR D 338 53.50 44.64 -23.00
CA TYR D 338 54.74 43.87 -23.05
C TYR D 338 54.55 42.60 -22.23
N ALA D 339 53.90 42.76 -21.08
CA ALA D 339 53.52 41.64 -20.20
C ALA D 339 52.66 40.60 -20.91
N GLY D 340 51.53 41.04 -21.46
CA GLY D 340 50.56 40.16 -22.09
C GLY D 340 51.15 39.34 -23.22
N VAL D 341 52.11 39.90 -23.93
CA VAL D 341 52.73 39.19 -25.04
C VAL D 341 53.91 38.31 -24.61
N ALA D 342 54.78 38.83 -23.73
CA ALA D 342 55.94 38.05 -23.27
C ALA D 342 55.51 36.87 -22.40
N ASN D 343 54.29 36.91 -21.89
CA ASN D 343 53.76 35.81 -21.09
C ASN D 343 53.76 34.50 -21.88
N TYR D 344 53.20 34.54 -23.09
CA TYR D 344 53.11 33.33 -23.89
C TYR D 344 54.44 33.08 -24.59
N TRP D 345 55.21 34.14 -24.80
CA TRP D 345 56.56 34.00 -25.31
C TRP D 345 57.35 33.10 -24.38
N LYS D 346 57.19 33.34 -23.07
CA LYS D 346 57.88 32.54 -22.07
C LYS D 346 57.33 31.13 -22.00
N LYS D 347 56.00 31.01 -22.00
CA LYS D 347 55.40 29.68 -21.87
C LYS D 347 55.89 28.74 -22.97
N TRP D 348 55.95 29.24 -24.20
CA TRP D 348 56.30 28.43 -25.38
C TRP D 348 57.78 28.03 -25.37
N ILE D 349 58.63 28.94 -24.89
CA ILE D 349 60.03 28.64 -24.73
C ILE D 349 60.13 27.53 -23.69
N GLY D 350 59.43 27.71 -22.58
CA GLY D 350 59.34 26.70 -21.54
C GLY D 350 58.92 25.35 -22.08
N GLU D 351 57.88 25.34 -22.90
CA GLU D 351 57.32 24.09 -23.44
C GLU D 351 58.33 23.38 -24.36
N SER D 352 58.89 24.13 -25.30
CA SER D 352 59.89 23.60 -26.21
C SER D 352 61.09 22.99 -25.47
N GLN D 353 61.64 23.78 -24.54
CA GLN D 353 62.81 23.35 -23.77
C GLN D 353 62.48 22.13 -22.91
N GLY D 354 61.32 22.19 -22.25
CA GLY D 354 60.86 21.07 -21.47
C GLY D 354 60.73 19.83 -22.33
N LEU D 355 60.10 19.97 -23.49
CA LEU D 355 59.85 18.83 -24.36
C LEU D 355 61.15 18.29 -24.95
N LYS D 356 62.03 19.21 -25.35
CA LYS D 356 63.34 18.80 -25.83
C LYS D 356 64.12 18.10 -24.72
N LYS D 357 64.20 18.76 -23.55
CA LYS D 357 64.99 18.22 -22.44
C LYS D 357 64.53 16.85 -22.01
N SER D 358 63.22 16.62 -22.06
CA SER D 358 62.67 15.39 -21.52
C SER D 358 62.60 14.27 -22.57
N ASN D 359 62.95 14.61 -23.81
CA ASN D 359 62.79 13.71 -24.95
C ASN D 359 61.34 13.21 -25.11
N ALA D 360 60.38 14.13 -25.08
CA ALA D 360 58.97 13.78 -25.25
C ALA D 360 58.70 13.06 -26.57
N ILE D 361 59.12 13.69 -27.68
CA ILE D 361 59.02 13.07 -28.99
C ILE D 361 59.48 11.61 -28.96
N GLY D 362 60.66 11.36 -28.40
CA GLY D 362 61.18 10.01 -28.29
C GLY D 362 60.41 9.10 -27.36
N LEU D 363 59.90 9.63 -26.25
CA LEU D 363 59.07 8.83 -25.35
C LEU D 363 57.76 8.47 -26.06
N LYS D 364 57.24 9.42 -26.84
CA LYS D 364 56.03 9.20 -27.61
C LYS D 364 56.27 8.05 -28.59
N GLN D 365 57.48 8.00 -29.16
CA GLN D 365 57.78 6.98 -30.16
C GLN D 365 57.89 5.58 -29.54
N ASN D 366 58.52 5.47 -28.38
CA ASN D 366 58.55 4.20 -27.66
C ASN D 366 57.13 3.73 -27.39
N PHE D 367 56.26 4.66 -27.00
CA PHE D 367 54.87 4.33 -26.77
C PHE D 367 54.21 3.80 -28.05
N GLU D 368 54.52 4.41 -29.17
CA GLU D 368 53.83 4.08 -30.42
C GLU D 368 54.33 2.75 -30.96
N LYS D 369 55.55 2.38 -30.60
CA LYS D 369 56.05 1.06 -30.93
C LYS D 369 55.31 0.01 -30.10
N ASP D 370 55.07 0.32 -28.82
CA ASP D 370 54.29 -0.57 -27.97
C ASP D 370 52.81 -0.63 -28.36
N PHE D 371 52.24 0.53 -28.69
CA PHE D 371 50.84 0.63 -29.11
C PHE D 371 50.54 -0.32 -30.26
N GLN D 372 51.33 -0.19 -31.33
CA GLN D 372 51.20 -1.02 -32.52
C GLN D 372 51.23 -2.50 -32.16
N GLN D 373 52.13 -2.88 -31.24
CA GLN D 373 52.22 -4.27 -30.80
C GLN D 373 50.96 -4.73 -30.08
N LYS D 374 50.44 -3.86 -29.22
CA LYS D 374 49.22 -4.15 -28.46
C LYS D 374 48.00 -4.30 -29.37
N VAL D 375 47.91 -3.45 -30.40
CA VAL D 375 46.86 -3.55 -31.41
C VAL D 375 46.94 -4.91 -32.12
N ILE D 376 48.16 -5.26 -32.49
CA ILE D 376 48.42 -6.47 -33.24
C ILE D 376 48.05 -7.70 -32.42
N ALA D 377 48.40 -7.69 -31.14
CA ALA D 377 48.11 -8.81 -30.25
C ALA D 377 46.65 -8.86 -29.82
N ALA D 378 45.94 -7.73 -29.94
CA ALA D 378 44.53 -7.68 -29.59
C ALA D 378 43.64 -8.10 -30.78
N GLY D 379 44.27 -8.28 -31.93
CA GLY D 379 43.54 -8.49 -33.17
C GLY D 379 42.66 -7.32 -33.58
N LYS D 380 43.14 -6.09 -33.40
CA LYS D 380 42.35 -4.90 -33.73
C LYS D 380 42.98 -4.04 -34.83
N GLN D 381 43.77 -4.65 -35.71
CA GLN D 381 44.41 -3.92 -36.82
C GLN D 381 43.40 -3.30 -37.77
N ASN D 382 42.24 -3.94 -37.87
CA ASN D 382 41.19 -3.42 -38.75
C ASN D 382 40.57 -2.10 -38.25
N GLU D 383 40.53 -1.92 -36.93
CA GLU D 383 40.08 -0.66 -36.37
C GLU D 383 41.22 0.36 -36.19
N TYR D 384 42.37 -0.12 -35.70
CA TYR D 384 43.42 0.79 -35.24
C TYR D 384 44.74 0.65 -35.98
N GLY D 385 44.83 -0.36 -36.85
CA GLY D 385 46.09 -0.75 -37.45
C GLY D 385 46.86 0.34 -38.18
N ASN D 386 46.14 1.29 -38.77
CA ASN D 386 46.75 2.31 -39.59
C ASN D 386 46.72 3.69 -38.97
N LEU D 387 46.28 3.79 -37.71
CA LEU D 387 46.19 5.09 -37.03
C LEU D 387 47.47 5.91 -37.10
N LEU D 388 48.60 5.27 -36.79
CA LEU D 388 49.88 5.97 -36.71
C LEU D 388 50.40 6.38 -38.08
N ALA D 389 50.21 5.51 -39.07
CA ALA D 389 50.61 5.82 -40.44
C ALA D 389 49.76 6.94 -41.06
N ASP D 390 48.47 6.99 -40.69
CA ASP D 390 47.59 8.06 -41.19
C ASP D 390 47.96 9.39 -40.54
N PHE D 391 48.25 9.35 -39.24
CA PHE D 391 48.70 10.53 -38.51
C PHE D 391 49.89 11.20 -39.20
N GLN D 392 50.90 10.40 -39.53
CA GLN D 392 52.15 10.94 -40.04
C GLN D 392 51.97 11.72 -41.34
N LYS D 393 51.08 11.21 -42.19
CA LYS D 393 50.91 11.77 -43.53
C LYS D 393 50.07 13.04 -43.47
N TYR D 394 49.05 13.04 -42.64
CA TYR D 394 48.21 14.23 -42.48
C TYR D 394 48.95 15.32 -41.73
N TYR D 395 49.79 14.92 -40.78
CA TYR D 395 50.54 15.89 -40.01
C TYR D 395 51.68 16.46 -40.84
N THR D 396 52.30 15.63 -41.66
CA THR D 396 53.35 16.09 -42.56
C THR D 396 52.77 17.12 -43.50
N GLU D 397 51.52 16.87 -43.91
CA GLU D 397 50.87 17.67 -44.92
C GLU D 397 50.31 18.99 -44.38
N ILE D 398 49.77 18.96 -43.16
CA ILE D 398 49.11 20.15 -42.59
C ILE D 398 50.12 21.20 -42.14
N THR D 399 51.40 20.83 -42.14
CA THR D 399 52.47 21.69 -41.63
C THR D 399 52.55 23.09 -42.26
N PRO D 400 52.62 23.18 -43.61
CA PRO D 400 52.74 24.54 -44.16
C PRO D 400 51.53 25.40 -43.85
N TYR D 401 50.35 24.80 -43.82
CA TYR D 401 49.14 25.54 -43.49
C TYR D 401 49.17 26.01 -42.05
N ALA D 402 49.53 25.10 -41.15
CA ALA D 402 49.57 25.39 -39.72
C ALA D 402 50.56 26.52 -39.41
N VAL D 403 51.76 26.46 -39.99
CA VAL D 403 52.76 27.52 -39.79
C VAL D 403 52.32 28.87 -40.43
N SER D 404 51.79 28.80 -41.65
CA SER D 404 51.30 29.99 -42.31
C SER D 404 50.14 30.60 -41.53
N ARG D 405 49.30 29.73 -40.97
CA ARG D 405 48.11 30.14 -40.22
C ARG D 405 48.46 31.01 -39.02
N ASP D 406 49.36 30.55 -38.17
CA ASP D 406 49.68 31.31 -36.98
C ASP D 406 50.77 32.36 -37.23
N TYR D 407 51.33 32.40 -38.43
CA TYR D 407 52.10 33.59 -38.83
C TYR D 407 51.10 34.72 -39.08
N PHE D 408 50.00 34.39 -39.76
CA PHE D 408 48.91 35.35 -39.94
C PHE D 408 48.40 35.81 -38.59
N ASN D 409 48.08 34.84 -37.74
CA ASN D 409 47.58 35.14 -36.38
C ASN D 409 48.55 36.00 -35.58
N GLU D 410 49.79 35.54 -35.46
CA GLU D 410 50.78 36.22 -34.62
C GLU D 410 51.35 37.52 -35.21
N VAL D 411 51.04 37.84 -36.46
CA VAL D 411 51.53 39.09 -37.04
C VAL D 411 50.39 40.04 -37.35
N VAL D 412 49.32 39.52 -37.93
CA VAL D 412 48.19 40.35 -38.31
C VAL D 412 47.17 40.49 -37.16
N VAL D 413 46.76 39.37 -36.59
CA VAL D 413 45.63 39.38 -35.68
C VAL D 413 45.93 39.86 -34.25
N LYS D 414 47.15 39.67 -33.74
CA LYS D 414 47.39 39.98 -32.34
C LYS D 414 48.58 40.88 -31.98
N ASN D 415 49.71 40.75 -32.68
CA ASN D 415 50.94 41.42 -32.22
C ASN D 415 51.26 42.79 -32.85
N THR D 416 50.94 42.95 -34.13
CA THR D 416 51.07 44.26 -34.76
C THR D 416 49.76 44.99 -34.56
N GLU D 417 49.78 45.98 -33.68
CA GLU D 417 48.56 46.55 -33.13
C GLU D 417 47.68 47.26 -34.17
N LEU D 418 48.27 47.76 -35.25
CA LEU D 418 47.48 48.34 -36.35
C LEU D 418 46.81 47.25 -37.19
N LEU D 419 47.60 46.27 -37.61
CA LEU D 419 47.09 45.12 -38.34
C LEU D 419 45.98 44.43 -37.54
N SER D 420 46.12 44.46 -36.23
CA SER D 420 45.12 43.90 -35.33
C SER D 420 43.89 44.80 -35.29
N LEU D 421 44.13 46.11 -35.33
CA LEU D 421 43.05 47.07 -35.43
C LEU D 421 42.35 46.93 -36.78
N GLY D 422 43.15 46.87 -37.84
CA GLY D 422 42.62 46.72 -39.18
C GLY D 422 41.94 45.38 -39.38
N TYR D 423 42.37 44.37 -38.62
CA TYR D 423 41.75 43.06 -38.69
C TYR D 423 40.39 43.04 -38.01
N LYS D 424 40.28 43.75 -36.89
CA LYS D 424 39.02 43.89 -36.18
C LYS D 424 37.99 44.55 -37.09
N LEU D 425 38.48 45.48 -37.92
CA LEU D 425 37.65 46.16 -38.91
C LEU D 425 37.23 45.20 -40.02
N TYR D 426 38.12 44.26 -40.35
CA TYR D 426 37.88 43.33 -41.45
C TYR D 426 36.76 42.34 -41.14
N GLN D 427 36.64 41.93 -39.88
CA GLN D 427 35.68 40.90 -39.51
C GLN D 427 34.27 41.44 -39.35
N LEU D 428 34.13 42.75 -39.23
CA LEU D 428 32.79 43.32 -39.21
C LEU D 428 32.33 43.60 -40.63
N GLU D 429 33.26 43.48 -41.58
CA GLU D 429 32.96 43.71 -42.98
C GLU D 429 31.97 42.69 -43.54
N GLN D 430 32.24 41.41 -43.30
CA GLN D 430 31.33 40.38 -43.80
C GLN D 430 30.49 39.77 -42.68
N VAL D 431 29.98 40.63 -41.81
CA VAL D 431 28.79 40.30 -41.05
C VAL D 431 27.69 40.16 -42.08
N PHE D 432 27.83 40.94 -43.17
CA PHE D 432 27.02 40.76 -44.36
C PHE D 432 27.68 39.75 -45.30
N GLN D 438 21.41 45.35 -42.21
CA GLN D 438 22.44 46.32 -41.85
C GLN D 438 22.62 46.44 -40.35
N ALA D 439 21.60 46.02 -39.61
CA ALA D 439 21.57 46.17 -38.14
C ALA D 439 22.76 45.53 -37.46
N PHE D 440 23.07 44.31 -37.89
CA PHE D 440 24.16 43.54 -37.31
C PHE D 440 25.51 44.25 -37.50
N ASN D 441 25.61 45.04 -38.56
CA ASN D 441 26.81 45.81 -38.85
C ASN D 441 26.95 47.02 -37.92
N ASP D 442 25.85 47.75 -37.75
CA ASP D 442 25.85 48.96 -36.94
C ASP D 442 25.93 48.66 -35.44
N ARG D 443 25.27 47.59 -35.01
CA ARG D 443 25.34 47.16 -33.62
C ARG D 443 26.78 46.82 -33.26
N LYS D 444 27.46 46.15 -34.18
CA LYS D 444 28.85 45.77 -33.99
C LYS D 444 29.76 46.98 -34.02
N GLU D 445 29.31 48.05 -34.67
CA GLU D 445 30.16 49.21 -34.91
C GLU D 445 30.10 50.24 -33.78
N ASN D 446 28.96 50.30 -33.10
CA ASN D 446 28.86 51.11 -31.89
C ASN D 446 29.78 50.58 -30.80
N LEU D 447 30.02 49.26 -30.81
CA LEU D 447 30.91 48.62 -29.87
C LEU D 447 32.38 48.78 -30.28
N ILE D 448 32.62 48.82 -31.59
CA ILE D 448 33.97 48.96 -32.15
C ILE D 448 34.49 50.40 -32.05
N LYS D 449 33.58 51.36 -31.95
CA LYS D 449 33.96 52.75 -31.75
C LYS D 449 34.48 52.98 -30.33
N SER D 450 34.02 52.13 -29.41
CA SER D 450 34.46 52.20 -28.01
C SER D 450 35.82 51.56 -27.77
N GLN D 451 36.78 51.85 -28.64
CA GLN D 451 38.15 51.44 -28.41
C GLN D 451 38.94 52.66 -27.95
N ALA D 452 38.43 53.29 -26.88
CA ALA D 452 39.03 54.48 -26.32
C ALA D 452 40.32 54.16 -25.56
N ASP D 453 40.30 53.08 -24.79
CA ASP D 453 41.41 52.75 -23.90
C ASP D 453 42.69 52.23 -24.57
N PHE D 454 42.64 51.97 -25.87
CA PHE D 454 43.81 51.41 -26.54
C PHE D 454 44.54 52.48 -27.35
N PHE D 455 43.81 53.35 -28.04
CA PHE D 455 44.45 54.54 -28.60
C PHE D 455 45.06 55.36 -27.47
N LYS D 456 44.31 55.46 -26.38
CA LYS D 456 44.85 55.98 -25.14
C LYS D 456 45.98 55.04 -24.74
N ASP D 457 47.19 55.59 -24.61
CA ASP D 457 48.40 54.80 -24.36
C ASP D 457 48.72 53.86 -25.52
N PHE D 458 48.81 54.44 -26.71
CA PHE D 458 49.26 53.74 -27.92
C PHE D 458 50.17 54.64 -28.73
N ASN D 459 51.40 54.22 -28.91
CA ASN D 459 52.34 54.97 -29.73
C ASN D 459 52.46 54.35 -31.12
N SER D 460 52.00 55.07 -32.13
CA SER D 460 52.12 54.60 -33.51
C SER D 460 53.55 54.74 -34.00
N THR D 461 54.36 55.46 -33.23
CA THR D 461 55.80 55.50 -33.47
C THR D 461 56.35 54.12 -33.14
N VAL D 462 55.90 53.60 -32.01
CA VAL D 462 56.22 52.24 -31.59
C VAL D 462 55.68 51.20 -32.55
N ASP D 463 54.43 51.36 -32.97
CA ASP D 463 53.80 50.41 -33.86
C ASP D 463 54.59 50.24 -35.15
N GLU D 464 55.02 51.35 -35.75
CA GLU D 464 55.83 51.35 -36.98
C GLU D 464 57.04 50.43 -36.87
N LYS D 465 57.55 50.27 -35.65
CA LYS D 465 58.67 49.38 -35.40
C LYS D 465 58.28 47.91 -35.55
N VAL D 466 57.16 47.51 -34.95
CA VAL D 466 56.74 46.11 -34.96
C VAL D 466 56.29 45.65 -36.37
N PHE D 467 55.55 46.50 -37.07
CA PHE D 467 55.12 46.22 -38.45
C PHE D 467 56.32 45.94 -39.36
N GLU D 468 57.40 46.70 -39.18
CA GLU D 468 58.62 46.52 -39.96
C GLU D 468 59.22 45.14 -39.75
N GLN D 469 59.51 44.82 -38.49
CA GLN D 469 60.16 43.55 -38.14
C GLN D 469 59.30 42.32 -38.39
N LEU D 470 58.01 42.40 -38.01
CA LEU D 470 57.11 41.26 -38.08
C LEU D 470 56.66 40.93 -39.50
N VAL D 471 56.38 41.94 -40.31
CA VAL D 471 55.98 41.70 -41.70
C VAL D 471 57.19 41.25 -42.52
N ALA D 472 58.38 41.63 -42.08
CA ALA D 472 59.61 41.17 -42.71
C ALA D 472 59.76 39.67 -42.52
N LEU D 473 59.60 39.23 -41.27
CA LEU D 473 59.65 37.82 -40.91
C LEU D 473 58.70 36.98 -41.75
N TYR D 474 57.49 37.50 -41.96
CA TYR D 474 56.45 36.79 -42.70
C TYR D 474 56.83 36.57 -44.16
N ALA D 475 57.61 37.49 -44.70
CA ALA D 475 58.02 37.40 -46.10
C ALA D 475 59.25 36.51 -46.29
N THR D 476 60.16 36.51 -45.32
CA THR D 476 61.43 35.80 -45.46
C THR D 476 61.53 34.51 -44.66
N LYS D 477 60.45 34.09 -44.01
CA LYS D 477 60.50 32.86 -43.20
C LYS D 477 59.25 31.98 -43.38
N ALA D 478 58.08 32.59 -43.50
CA ALA D 478 56.84 31.84 -43.75
C ALA D 478 56.92 31.08 -45.07
N PRO D 479 56.34 29.87 -45.11
CA PRO D 479 56.22 29.04 -46.32
C PRO D 479 55.81 29.85 -47.55
N LYS D 480 56.73 29.98 -48.50
CA LYS D 480 56.58 30.90 -49.62
C LYS D 480 55.40 30.59 -50.55
N GLU D 481 54.81 29.41 -50.43
CA GLU D 481 53.73 29.01 -51.33
C GLU D 481 52.35 29.50 -50.90
N PHE D 482 52.28 30.13 -49.73
CA PHE D 482 51.01 30.62 -49.23
C PHE D 482 51.09 32.10 -48.90
N LEU D 483 52.27 32.68 -49.13
CA LEU D 483 52.50 34.11 -49.02
C LEU D 483 51.64 34.86 -50.05
N PRO D 484 50.99 35.96 -49.64
CA PRO D 484 50.33 36.90 -50.53
C PRO D 484 51.20 38.12 -50.88
N ILE D 485 50.65 39.33 -50.75
CA ILE D 485 51.27 40.60 -51.16
C ILE D 485 52.70 40.86 -50.67
N SER D 486 53.38 39.82 -50.18
CA SER D 486 54.83 39.80 -50.22
C SER D 486 55.27 39.28 -51.59
N LEU D 487 56.58 38.99 -51.66
CA LEU D 487 57.36 38.44 -52.79
C LEU D 487 58.68 39.18 -52.95
N GLU D 491 59.00 42.57 -53.64
CA GLU D 491 59.50 43.04 -52.36
C GLU D 491 58.99 44.44 -52.04
N TYR D 492 58.34 44.58 -50.89
CA TYR D 492 57.82 45.87 -50.43
C TYR D 492 58.34 46.22 -49.04
N LYS D 493 59.62 46.55 -48.97
CA LYS D 493 60.27 47.01 -47.74
C LYS D 493 59.73 48.40 -47.37
N LYS D 494 59.09 49.05 -48.35
CA LYS D 494 58.36 50.29 -48.12
C LYS D 494 56.96 49.98 -47.58
N PHE D 495 56.05 50.93 -47.74
CA PHE D 495 54.74 50.88 -47.10
C PHE D 495 54.89 50.58 -45.60
N ALA D 496 55.95 51.10 -44.99
CA ALA D 496 56.18 50.92 -43.56
C ALA D 496 55.83 52.20 -42.77
N PRO D 497 56.66 53.27 -42.82
CA PRO D 497 55.98 54.42 -42.18
C PRO D 497 54.90 55.01 -43.09
N SER D 498 54.82 54.55 -44.34
CA SER D 498 53.79 54.99 -45.29
C SER D 498 52.37 54.58 -44.90
N ILE D 499 52.24 53.42 -44.27
CA ILE D 499 50.93 52.96 -43.82
C ILE D 499 50.53 53.68 -42.54
N TYR D 500 51.46 53.88 -41.61
CA TYR D 500 51.16 54.71 -40.45
C TYR D 500 51.12 56.21 -40.80
N SER D 501 51.23 56.53 -42.10
CA SER D 501 51.23 57.93 -42.54
C SER D 501 50.01 58.28 -43.39
N LYS D 502 49.04 57.37 -43.47
CA LYS D 502 47.90 57.58 -44.36
C LYS D 502 46.67 56.87 -43.84
N SER D 503 46.89 55.92 -42.95
CA SER D 503 45.78 55.14 -42.41
C SER D 503 44.97 55.96 -41.43
N LYS D 504 43.65 55.90 -41.59
CA LYS D 504 42.74 56.53 -40.65
C LYS D 504 42.59 55.67 -39.40
N LEU D 505 43.63 54.92 -39.07
CA LEU D 505 43.63 54.01 -37.92
C LEU D 505 44.79 54.26 -36.96
N VAL D 506 45.40 55.45 -37.02
CA VAL D 506 46.52 55.78 -36.14
C VAL D 506 46.09 56.56 -34.90
N ASP D 507 45.11 57.45 -35.06
CA ASP D 507 44.49 58.15 -33.93
C ASP D 507 43.01 57.79 -33.86
N TYR D 508 42.35 58.10 -32.75
CA TYR D 508 40.99 57.64 -32.49
C TYR D 508 39.92 58.56 -33.07
N ALA D 509 40.12 59.86 -32.95
CA ALA D 509 39.15 60.83 -33.45
C ALA D 509 38.98 60.68 -34.96
N ASN D 510 40.10 60.52 -35.66
CA ASN D 510 40.08 60.34 -37.11
C ASN D 510 39.69 58.90 -37.46
N PHE D 511 39.82 58.00 -36.50
CA PHE D 511 39.32 56.63 -36.64
C PHE D 511 37.80 56.64 -36.61
N LYS D 512 37.22 57.53 -35.80
CA LYS D 512 35.78 57.77 -35.79
C LYS D 512 35.34 58.39 -37.11
N ALA D 513 36.22 59.21 -37.70
CA ALA D 513 35.91 59.96 -38.91
C ALA D 513 35.88 59.05 -40.15
N LEU D 514 36.49 57.87 -40.04
CA LEU D 514 36.48 56.90 -41.13
C LEU D 514 35.24 56.03 -41.04
N LEU D 515 34.81 55.75 -39.81
CA LEU D 515 33.65 54.90 -39.56
C LEU D 515 32.36 55.71 -39.63
N SER D 516 32.48 57.02 -39.80
CA SER D 516 31.33 57.88 -40.05
C SER D 516 30.74 57.61 -41.43
N GLY D 517 29.47 57.96 -41.62
CA GLY D 517 28.77 57.66 -42.84
C GLY D 517 27.68 56.61 -42.72
N ASP D 518 26.79 56.56 -43.72
CA ASP D 518 25.66 55.63 -43.71
C ASP D 518 26.11 54.17 -43.67
N ALA D 519 25.16 53.25 -43.72
CA ALA D 519 25.45 51.81 -43.72
C ALA D 519 26.47 51.47 -44.82
N LYS D 520 26.31 52.11 -45.97
CA LYS D 520 27.25 51.98 -47.08
C LYS D 520 28.28 53.12 -47.09
N ALA D 521 29.10 53.16 -48.13
CA ALA D 521 30.11 54.21 -48.35
C ALA D 521 31.17 54.25 -47.25
N VAL D 522 30.78 53.95 -46.02
CA VAL D 522 31.74 53.75 -44.94
C VAL D 522 32.59 52.55 -45.29
N LEU D 523 31.98 51.57 -45.96
CA LEU D 523 32.71 50.44 -46.49
C LEU D 523 33.61 50.93 -47.62
N LYS D 524 33.05 51.78 -48.47
CA LYS D 524 33.80 52.40 -49.55
C LYS D 524 34.93 53.25 -48.98
N LYS D 525 34.71 53.80 -47.79
CA LYS D 525 35.71 54.60 -47.12
C LYS D 525 36.74 53.70 -46.43
N ILE D 526 36.29 52.53 -46.00
CA ILE D 526 37.16 51.57 -45.30
C ILE D 526 38.17 50.91 -46.24
N SER D 527 37.76 50.64 -47.47
CA SER D 527 38.65 50.05 -48.46
C SER D 527 39.55 51.11 -49.10
N LEU D 528 39.25 52.38 -48.83
CA LEU D 528 40.07 53.48 -49.30
C LEU D 528 41.38 53.53 -48.54
N ASP D 529 41.36 53.05 -47.30
CA ASP D 529 42.50 53.12 -46.40
C ASP D 529 43.59 52.10 -46.78
N LYS D 530 44.83 52.56 -46.86
CA LYS D 530 45.97 51.71 -47.21
C LYS D 530 46.28 50.71 -46.09
N GLY D 531 45.96 51.08 -44.85
CA GLY D 531 46.16 50.21 -43.72
C GLY D 531 45.22 49.04 -43.81
N TYR D 532 43.93 49.32 -43.93
CA TYR D 532 42.95 48.25 -44.04
C TYR D 532 43.13 47.43 -45.31
N ALA D 533 43.52 48.09 -46.40
CA ALA D 533 43.72 47.40 -47.67
C ALA D 533 44.80 46.34 -47.55
N PHE D 534 45.77 46.59 -46.67
CA PHE D 534 46.86 45.65 -46.44
C PHE D 534 46.45 44.56 -45.43
N VAL D 535 45.46 44.84 -44.60
CA VAL D 535 44.95 43.82 -43.67
C VAL D 535 44.01 42.89 -44.41
N LYS D 536 43.06 43.49 -45.12
CA LYS D 536 42.22 42.78 -46.07
C LYS D 536 43.06 41.82 -46.88
N SER D 537 44.00 42.38 -47.66
CA SER D 537 44.90 41.63 -48.54
C SER D 537 45.34 40.29 -47.94
N LEU D 538 46.01 40.33 -46.79
CA LEU D 538 46.53 39.12 -46.15
C LEU D 538 45.41 38.25 -45.60
N ALA D 539 44.37 38.89 -45.06
CA ALA D 539 43.20 38.18 -44.57
C ALA D 539 42.45 37.46 -45.70
N ASP D 540 42.27 38.09 -46.86
CA ASP D 540 41.59 37.41 -47.96
C ASP D 540 42.39 36.16 -48.29
N ASN D 541 43.70 36.30 -48.35
CA ASN D 541 44.60 35.22 -48.71
C ASN D 541 44.51 34.03 -47.76
N TYR D 542 44.54 34.30 -46.47
CA TYR D 542 44.44 33.23 -45.50
C TYR D 542 43.07 32.53 -45.59
N SER D 543 42.03 33.32 -45.85
CA SER D 543 40.65 32.83 -45.81
C SER D 543 40.28 31.99 -47.04
N LYS D 544 41.09 32.07 -48.10
CA LYS D 544 40.82 31.30 -49.31
C LYS D 544 41.94 30.30 -49.64
N ASN D 545 43.18 30.67 -49.35
CA ASN D 545 44.33 29.85 -49.73
C ASN D 545 44.88 29.00 -48.59
N ILE D 546 44.40 29.23 -47.37
CA ILE D 546 44.91 28.50 -46.23
C ILE D 546 43.80 27.87 -45.39
N ALA D 547 42.79 28.65 -45.04
CA ALA D 547 41.75 28.14 -44.15
C ALA D 547 40.95 26.97 -44.76
N PRO D 548 40.51 27.06 -46.03
CA PRO D 548 39.79 25.95 -46.65
C PRO D 548 40.43 24.57 -46.50
N ARG D 549 41.76 24.47 -46.44
CA ARG D 549 42.39 23.17 -46.42
C ARG D 549 43.08 22.85 -45.09
N TYR D 550 43.40 23.87 -44.30
CA TYR D 550 43.82 23.64 -42.93
C TYR D 550 42.69 22.96 -42.16
N ASP D 551 41.52 23.59 -42.20
CA ASP D 551 40.31 23.09 -41.53
C ASP D 551 39.93 21.68 -41.98
N GLU D 552 40.13 21.39 -43.26
CA GLU D 552 39.86 20.06 -43.78
C GLU D 552 40.77 19.02 -43.13
N ILE D 553 42.09 19.18 -43.26
CA ILE D 553 43.03 18.25 -42.64
C ILE D 553 42.83 18.22 -41.14
N ASN D 554 42.44 19.36 -40.57
CA ASN D 554 42.21 19.43 -39.14
C ASN D 554 41.12 18.47 -38.69
N LEU D 555 40.06 18.35 -39.48
CA LEU D 555 38.97 17.44 -39.14
C LEU D 555 39.38 15.99 -39.32
N LYS D 556 40.23 15.71 -40.31
CA LYS D 556 40.75 14.37 -40.55
C LYS D 556 41.58 13.94 -39.34
N ILE D 557 42.35 14.89 -38.82
CA ILE D 557 43.24 14.62 -37.70
C ILE D 557 42.45 14.48 -36.40
N ASN D 558 41.44 15.32 -36.21
CA ASN D 558 40.58 15.20 -35.05
C ASN D 558 39.87 13.85 -35.05
N ALA D 559 39.41 13.42 -36.22
CA ALA D 559 38.77 12.12 -36.34
C ALA D 559 39.73 11.00 -35.95
N LEU D 560 40.94 11.05 -36.49
CA LEU D 560 42.00 10.13 -36.12
C LEU D 560 42.24 10.13 -34.60
N GLN D 561 42.45 11.31 -34.03
CA GLN D 561 42.71 11.44 -32.60
C GLN D 561 41.62 10.80 -31.74
N ARG D 562 40.35 10.95 -32.12
CA ARG D 562 39.31 10.38 -31.26
C ARG D 562 39.37 8.85 -31.31
N ILE D 563 39.70 8.28 -32.48
CA ILE D 563 39.94 6.85 -32.60
C ILE D 563 41.20 6.41 -31.81
N TYR D 564 42.23 7.26 -31.82
CA TYR D 564 43.49 7.00 -31.10
C TYR D 564 43.25 6.92 -29.59
N MET D 565 42.54 7.93 -29.07
CA MET D 565 42.14 8.00 -27.68
C MET D 565 41.29 6.79 -27.28
N LYS D 566 40.33 6.43 -28.13
CA LYS D 566 39.51 5.25 -27.93
C LYS D 566 40.39 4.00 -27.89
N ALA D 567 41.35 3.91 -28.80
CA ALA D 567 42.27 2.78 -28.84
C ALA D 567 43.11 2.69 -27.57
N GLN D 568 43.60 3.84 -27.08
CA GLN D 568 44.43 3.83 -25.88
C GLN D 568 43.62 3.39 -24.67
N LEU D 569 42.42 3.96 -24.50
CA LEU D 569 41.56 3.61 -23.38
C LEU D 569 41.24 2.11 -23.35
N GLU D 570 41.02 1.54 -24.52
CA GLU D 570 40.73 0.12 -24.66
C GLU D 570 41.95 -0.75 -24.34
N LEU D 571 43.10 -0.39 -24.91
CA LEU D 571 44.27 -1.25 -24.86
C LEU D 571 45.10 -1.05 -23.60
N TYR D 572 44.91 0.08 -22.93
CA TYR D 572 45.70 0.40 -21.74
C TYR D 572 44.86 0.74 -20.53
N PRO D 573 44.07 -0.22 -20.06
CA PRO D 573 43.35 0.06 -18.81
C PRO D 573 44.38 0.00 -17.68
N ASN D 574 44.02 0.47 -16.49
CA ASN D 574 44.96 0.46 -15.37
C ASN D 574 46.29 1.15 -15.70
N SER D 575 46.24 2.23 -16.47
CA SER D 575 47.45 3.01 -16.73
C SER D 575 47.22 4.51 -16.45
N ARG D 576 46.23 4.79 -15.61
CA ARG D 576 45.92 6.14 -15.12
C ARG D 576 45.63 7.13 -16.25
N ILE D 577 44.89 6.69 -17.26
CA ILE D 577 44.44 7.62 -18.29
C ILE D 577 43.29 8.51 -17.79
N PHE D 578 43.47 9.82 -17.87
CA PHE D 578 42.49 10.81 -17.44
C PHE D 578 42.11 11.67 -18.62
N PRO D 579 40.85 12.14 -18.67
CA PRO D 579 40.41 12.91 -19.84
C PRO D 579 41.18 14.22 -19.92
N ASP D 580 41.55 14.65 -21.12
CA ASP D 580 42.20 15.95 -21.30
C ASP D 580 41.31 17.02 -20.69
N ALA D 581 41.93 18.08 -20.16
CA ALA D 581 41.19 19.22 -19.64
C ALA D 581 40.23 19.79 -20.69
N ASN D 582 39.06 20.25 -20.25
CA ASN D 582 38.11 20.88 -21.17
C ASN D 582 37.22 21.93 -20.48
N SER D 583 37.84 22.74 -19.62
CA SER D 583 37.19 23.77 -18.82
C SER D 583 36.09 23.22 -17.92
N THR D 584 36.24 21.97 -17.49
CA THR D 584 35.31 21.44 -16.50
C THR D 584 36.00 21.19 -15.17
N LEU D 585 35.17 21.08 -14.12
CA LEU D 585 35.66 20.89 -12.77
C LEU D 585 36.46 19.59 -12.66
N ARG D 586 37.71 19.72 -12.23
CA ARG D 586 38.57 18.57 -12.04
C ARG D 586 39.24 18.58 -10.68
N VAL D 587 39.68 17.41 -10.26
CA VAL D 587 40.48 17.26 -9.05
C VAL D 587 41.87 16.75 -9.40
N THR D 588 42.89 17.40 -8.87
CA THR D 588 44.23 16.83 -8.90
C THR D 588 44.83 16.85 -7.50
N TYR D 589 45.88 16.06 -7.31
CA TYR D 589 46.44 15.90 -5.98
C TYR D 589 47.93 15.57 -6.08
N GLY D 590 48.62 15.68 -4.96
CA GLY D 590 50.08 15.58 -4.97
C GLY D 590 50.59 15.96 -3.61
N LYS D 591 51.80 16.53 -3.52
CA LYS D 591 52.30 16.92 -2.22
C LYS D 591 53.20 18.15 -2.31
N VAL D 592 53.42 18.78 -1.16
CA VAL D 592 54.39 19.86 -1.08
C VAL D 592 55.77 19.25 -1.31
N LYS D 593 56.43 19.66 -2.38
CA LYS D 593 57.71 19.07 -2.71
C LYS D 593 58.57 20.02 -3.52
N GLY D 594 59.85 20.12 -3.14
CA GLY D 594 60.78 20.92 -3.91
C GLY D 594 61.12 20.23 -5.21
N TYR D 595 62.04 20.81 -5.97
CA TYR D 595 62.52 20.16 -7.19
C TYR D 595 63.90 20.67 -7.61
N SER D 596 64.52 19.97 -8.55
CA SER D 596 65.79 20.41 -9.12
C SER D 596 65.62 20.82 -10.58
N PRO D 597 65.98 22.07 -10.89
CA PRO D 597 65.85 22.57 -12.26
C PRO D 597 67.09 22.35 -13.10
N LYS D 598 68.26 22.30 -12.45
CA LYS D 598 69.53 22.14 -13.11
C LYS D 598 70.48 21.34 -12.21
N ASP D 599 71.46 20.71 -12.83
CA ASP D 599 72.52 20.04 -12.08
C ASP D 599 72.98 20.87 -10.86
N ALA D 600 72.97 20.24 -9.68
CA ALA D 600 73.43 20.79 -8.39
C ALA D 600 72.59 21.95 -7.85
N ILE D 601 71.44 22.20 -8.46
CA ILE D 601 70.55 23.23 -7.93
C ILE D 601 69.26 22.60 -7.43
N TYR D 602 68.93 22.84 -6.17
CA TYR D 602 67.66 22.40 -5.61
C TYR D 602 66.87 23.60 -5.09
N TYR D 603 65.57 23.62 -5.43
CA TYR D 603 64.62 24.61 -4.92
C TYR D 603 63.77 24.03 -3.80
N ASN D 604 63.81 24.64 -2.62
CA ASN D 604 63.00 24.13 -1.52
C ASN D 604 61.51 24.48 -1.76
N PRO D 605 60.59 23.76 -1.12
CA PRO D 605 59.21 23.95 -1.57
C PRO D 605 58.47 25.14 -0.95
N THR D 606 59.13 26.00 -0.16
CA THR D 606 58.43 27.10 0.50
C THR D 606 59.31 28.34 0.55
N THR D 607 58.67 29.50 0.42
CA THR D 607 59.34 30.79 0.51
C THR D 607 58.86 31.58 1.73
N TYR D 608 59.56 32.68 2.00
CA TYR D 608 59.29 33.51 3.18
C TYR D 608 59.46 35.01 2.84
N LEU D 609 58.92 35.87 3.70
CA LEU D 609 58.89 37.31 3.44
C LEU D 609 60.33 37.83 3.32
N ASP D 610 61.21 37.15 4.04
CA ASP D 610 62.64 37.40 3.95
C ASP D 610 63.05 37.43 2.46
N GLY D 611 62.56 36.45 1.70
CA GLY D 611 62.91 36.34 0.29
C GLY D 611 62.40 37.46 -0.59
N ALA D 612 61.30 38.09 -0.17
CA ALA D 612 60.74 39.21 -0.91
C ALA D 612 61.56 40.46 -0.64
N ILE D 613 61.92 40.64 0.64
CA ILE D 613 62.81 41.74 1.01
C ILE D 613 64.15 41.60 0.28
N GLU D 614 64.60 40.38 0.03
CA GLU D 614 65.83 40.17 -0.75
C GLU D 614 65.67 40.69 -2.19
N LYS D 615 64.45 40.63 -2.72
CA LYS D 615 64.19 41.07 -4.09
C LYS D 615 63.78 42.54 -4.15
N TYR D 616 63.61 43.15 -2.99
CA TYR D 616 63.10 44.51 -2.87
C TYR D 616 63.99 45.56 -3.53
N ILE D 617 63.40 46.31 -4.45
CA ILE D 617 64.09 47.41 -5.09
C ILE D 617 63.22 48.65 -4.99
N PRO D 618 63.66 49.64 -4.19
CA PRO D 618 62.95 50.90 -3.96
C PRO D 618 62.54 51.56 -5.26
N GLY D 619 61.23 51.82 -5.39
CA GLY D 619 60.70 52.51 -6.55
C GLY D 619 60.62 51.75 -7.86
N ASP D 620 61.04 50.47 -7.85
CA ASP D 620 60.98 49.65 -9.06
C ASP D 620 59.53 49.33 -9.42
N TYR D 621 59.22 49.28 -10.71
CA TYR D 621 57.85 49.04 -11.18
C TYR D 621 57.38 47.63 -10.80
N GLU D 622 58.33 46.70 -10.69
CA GLU D 622 58.04 45.31 -10.37
C GLU D 622 58.33 44.94 -8.93
N PHE D 623 59.49 45.37 -8.41
CA PHE D 623 59.96 44.86 -7.12
C PHE D 623 59.97 45.87 -5.99
N ASP D 624 59.23 46.96 -6.15
CA ASP D 624 58.97 47.86 -5.02
C ASP D 624 58.05 47.14 -4.03
N VAL D 625 58.11 47.53 -2.77
CA VAL D 625 57.31 46.94 -1.70
C VAL D 625 56.67 48.09 -0.93
N PRO D 626 55.36 47.99 -0.67
CA PRO D 626 54.70 49.12 -0.01
C PRO D 626 55.27 49.33 1.39
N LYS D 627 55.28 50.58 1.83
CA LYS D 627 55.87 50.99 3.10
C LYS D 627 55.39 50.19 4.32
N LYS D 628 54.08 49.97 4.43
CA LYS D 628 53.56 49.25 5.60
C LYS D 628 54.05 47.81 5.63
N LEU D 629 54.28 47.21 4.47
CA LEU D 629 54.78 45.84 4.45
C LEU D 629 56.23 45.78 4.91
N ILE D 630 57.04 46.74 4.47
CA ILE D 630 58.41 46.85 4.95
C ILE D 630 58.46 47.19 6.44
N ASP D 631 57.54 48.04 6.90
CA ASP D 631 57.42 48.28 8.34
C ASP D 631 57.04 47.00 9.06
N LEU D 632 56.08 46.28 8.49
CA LEU D 632 55.59 45.05 9.11
C LEU D 632 56.68 44.00 9.17
N TYR D 633 57.54 43.98 8.16
CA TYR D 633 58.65 43.05 8.15
C TYR D 633 59.67 43.39 9.23
N ASN D 634 60.04 44.66 9.33
CA ASN D 634 61.14 45.07 10.20
C ASN D 634 60.83 44.87 11.69
N ASN D 635 59.53 44.86 12.01
CA ASN D 635 59.08 44.63 13.38
C ASN D 635 58.52 43.24 13.58
N LYS D 636 58.66 42.39 12.57
CA LYS D 636 58.20 40.99 12.60
C LYS D 636 56.77 40.86 13.14
N ASP D 637 55.98 41.90 12.91
CA ASP D 637 54.59 41.99 13.32
C ASP D 637 53.74 41.01 12.50
N TYR D 638 53.83 39.74 12.83
CA TYR D 638 53.21 38.70 12.00
C TYR D 638 51.93 38.11 12.60
N GLY D 639 51.62 38.48 13.83
CA GLY D 639 50.47 37.92 14.53
C GLY D 639 50.41 36.40 14.48
N GLN D 640 49.19 35.88 14.39
CA GLN D 640 48.97 34.42 14.38
C GLN D 640 49.36 33.81 13.05
N TYR D 641 49.86 34.64 12.15
CA TYR D 641 50.18 34.20 10.81
C TYR D 641 51.64 33.82 10.71
N GLY D 642 52.42 34.30 11.67
CA GLY D 642 53.85 34.03 11.72
C GLY D 642 54.18 32.60 12.11
N GLU D 643 55.45 32.24 11.90
CA GLU D 643 55.96 30.92 12.17
C GLU D 643 57.41 31.06 12.63
N ASN D 644 57.61 31.12 13.95
CA ASN D 644 58.94 31.24 14.52
C ASN D 644 59.69 32.49 14.07
N GLY D 645 59.00 33.63 14.09
CA GLY D 645 59.63 34.90 13.73
C GLY D 645 59.79 35.13 12.23
N LYS D 646 59.27 34.23 11.42
CA LYS D 646 59.29 34.38 9.97
C LYS D 646 57.88 34.24 9.39
N LEU D 647 57.67 34.79 8.21
CA LEU D 647 56.35 34.74 7.61
C LEU D 647 56.39 34.02 6.27
N PRO D 648 55.67 32.90 6.18
CA PRO D 648 55.53 32.15 4.93
C PRO D 648 54.80 32.96 3.86
N VAL D 649 55.18 32.77 2.60
CA VAL D 649 54.58 33.53 1.50
C VAL D 649 53.92 32.59 0.49
N CYS D 650 54.74 31.75 -0.13
CA CYS D 650 54.29 30.80 -1.15
C CYS D 650 54.80 29.39 -0.90
N PHE D 651 54.21 28.43 -1.60
CA PHE D 651 54.78 27.08 -1.66
C PHE D 651 54.44 26.39 -2.98
N ILE D 652 55.11 25.27 -3.26
CA ILE D 652 54.88 24.56 -4.52
C ILE D 652 54.54 23.11 -4.29
N GLY D 653 53.80 22.54 -5.24
CA GLY D 653 53.30 21.18 -5.10
C GLY D 653 53.41 20.36 -6.36
N THR D 654 53.19 19.05 -6.22
CA THR D 654 53.22 18.16 -7.38
C THR D 654 51.84 18.01 -8.04
N ASN D 655 50.95 18.98 -7.86
CA ASN D 655 49.62 18.91 -8.47
C ASN D 655 49.65 19.22 -9.96
N HIS D 656 48.80 18.55 -10.74
CA HIS D 656 48.80 18.78 -12.18
C HIS D 656 47.78 19.84 -12.61
N THR D 657 48.28 21.06 -12.83
CA THR D 657 47.41 22.18 -13.19
C THR D 657 47.74 22.67 -14.59
N THR D 658 46.88 23.52 -15.12
CA THR D 658 47.11 24.22 -16.38
C THR D 658 46.23 25.47 -16.40
N GLY D 659 46.32 26.25 -17.46
CA GLY D 659 45.58 27.49 -17.57
C GLY D 659 44.10 27.19 -17.35
N GLY D 660 43.46 28.00 -16.50
CA GLY D 660 42.12 27.73 -16.02
C GLY D 660 42.14 27.41 -14.53
N ASN D 661 43.30 26.96 -14.03
CA ASN D 661 43.43 26.61 -12.61
C ASN D 661 43.82 27.82 -11.75
N SER D 662 44.03 28.96 -12.39
CA SER D 662 44.18 30.23 -11.67
C SER D 662 43.10 30.40 -10.61
N GLY D 663 43.52 30.75 -9.40
CA GLY D 663 42.60 30.92 -8.29
C GLY D 663 42.09 29.65 -7.64
N SER D 664 42.52 28.47 -8.08
CA SER D 664 42.09 27.19 -7.50
C SER D 664 42.53 27.00 -6.03
N PRO D 665 41.62 26.47 -5.21
CA PRO D 665 41.90 26.15 -3.81
C PRO D 665 42.87 24.97 -3.72
N ALA D 666 43.81 25.03 -2.78
CA ALA D 666 44.58 23.86 -2.40
C ALA D 666 44.23 23.54 -0.97
N VAL D 667 43.68 22.36 -0.75
CA VAL D 667 43.27 21.96 0.59
C VAL D 667 44.22 20.92 1.16
N ASP D 668 44.25 20.81 2.48
CA ASP D 668 45.06 19.79 3.15
C ASP D 668 44.25 18.50 3.24
N ALA D 669 44.82 17.51 3.93
CA ALA D 669 44.19 16.21 4.11
C ALA D 669 42.80 16.26 4.78
N GLN D 670 42.55 17.30 5.57
CA GLN D 670 41.27 17.44 6.28
C GLN D 670 40.28 18.31 5.49
N GLY D 671 40.70 18.80 4.33
CA GLY D 671 39.83 19.61 3.50
C GLY D 671 39.88 21.10 3.82
N ASN D 672 40.89 21.51 4.57
CA ASN D 672 41.04 22.92 4.90
C ASN D 672 41.92 23.66 3.91
N LEU D 673 41.53 24.88 3.58
CA LEU D 673 42.33 25.70 2.69
C LEU D 673 43.72 25.95 3.28
N ILE D 674 44.75 25.61 2.52
CA ILE D 674 46.13 25.90 2.94
C ILE D 674 46.83 26.78 1.93
N GLY D 675 46.38 26.69 0.68
CA GLY D 675 47.02 27.43 -0.38
C GLY D 675 46.08 27.89 -1.46
N LEU D 676 46.59 28.84 -2.25
CA LEU D 676 45.85 29.41 -3.36
C LEU D 676 46.67 29.32 -4.63
N ASN D 677 46.24 28.50 -5.59
CA ASN D 677 47.01 28.30 -6.82
C ASN D 677 47.02 29.48 -7.80
N PHE D 678 48.21 29.86 -8.27
CA PHE D 678 48.28 30.95 -9.22
C PHE D 678 49.29 30.78 -10.35
N ASP D 679 50.12 29.74 -10.30
CA ASP D 679 51.03 29.52 -11.42
C ASP D 679 51.57 28.11 -11.52
N ARG D 680 52.36 27.88 -12.57
CA ARG D 680 53.15 26.66 -12.74
C ARG D 680 54.61 27.08 -12.81
N VAL D 681 55.52 26.25 -12.30
CA VAL D 681 56.93 26.59 -12.45
C VAL D 681 57.34 26.42 -13.92
N TRP D 682 58.37 27.18 -14.28
CA TRP D 682 58.87 27.28 -15.64
C TRP D 682 59.31 25.95 -16.27
N GLU D 683 60.02 25.16 -15.50
CA GLU D 683 60.56 23.90 -16.00
C GLU D 683 59.47 22.86 -16.37
N GLY D 684 58.22 23.13 -16.01
CA GLY D 684 57.15 22.20 -16.29
C GLY D 684 55.98 22.80 -17.05
N THR D 685 56.24 23.89 -17.76
CA THR D 685 55.20 24.54 -18.56
C THR D 685 54.80 23.67 -19.74
N MET D 686 55.58 22.62 -19.95
CA MET D 686 55.29 21.57 -20.90
C MET D 686 54.16 20.65 -20.46
N SER D 687 53.63 20.86 -19.27
CA SER D 687 52.80 19.83 -18.62
C SER D 687 51.52 19.47 -19.36
N ASP D 688 51.12 20.25 -20.36
CA ASP D 688 49.91 19.96 -21.16
C ASP D 688 50.19 18.87 -22.19
N ILE D 689 51.44 18.79 -22.62
CA ILE D 689 51.83 17.81 -23.63
C ILE D 689 52.50 16.60 -22.98
N HIS D 690 53.31 16.87 -21.97
CA HIS D 690 54.05 15.85 -21.24
C HIS D 690 54.25 16.23 -19.79
N TYR D 691 53.65 15.45 -18.89
CA TYR D 691 53.83 15.64 -17.45
C TYR D 691 55.03 14.84 -16.94
N ASP D 692 55.93 15.52 -16.23
CA ASP D 692 57.15 14.93 -15.65
C ASP D 692 57.08 15.19 -14.16
N PRO D 693 56.83 14.14 -13.36
CA PRO D 693 56.60 14.32 -11.92
C PRO D 693 57.83 14.85 -11.17
N SER D 694 58.99 14.80 -11.81
CA SER D 694 60.20 15.25 -11.16
C SER D 694 60.32 16.77 -11.18
N ILE D 695 59.75 17.42 -12.21
CA ILE D 695 59.91 18.86 -12.30
C ILE D 695 58.64 19.66 -12.50
N CYS D 696 57.50 19.00 -12.68
CA CYS D 696 56.25 19.75 -12.82
C CYS D 696 55.76 20.17 -11.44
N ARG D 697 55.60 21.47 -11.26
CA ARG D 697 55.10 21.97 -9.99
C ARG D 697 54.12 23.10 -10.21
N ASN D 698 53.13 23.16 -9.32
CA ASN D 698 52.20 24.27 -9.28
C ASN D 698 52.59 25.15 -8.11
N VAL D 699 52.34 26.44 -8.25
CA VAL D 699 52.72 27.43 -7.26
C VAL D 699 51.51 28.01 -6.57
N MET D 700 51.57 28.05 -5.25
CA MET D 700 50.42 28.47 -4.46
C MET D 700 50.81 29.55 -3.49
N VAL D 701 49.90 30.48 -3.23
CA VAL D 701 50.09 31.46 -2.15
C VAL D 701 49.82 30.76 -0.82
N ASP D 702 50.69 31.00 0.16
CA ASP D 702 50.42 30.47 1.50
C ASP D 702 49.22 31.23 2.10
N MET D 703 48.19 30.51 2.55
CA MET D 703 47.02 31.21 3.08
C MET D 703 47.35 32.05 4.30
N ARG D 704 48.40 31.67 5.03
CA ARG D 704 48.88 32.50 6.13
C ARG D 704 49.31 33.86 5.60
N TYR D 705 49.81 33.88 4.37
CA TYR D 705 50.22 35.13 3.77
C TYR D 705 49.00 35.94 3.38
N VAL D 706 47.99 35.25 2.85
CA VAL D 706 46.76 35.93 2.43
C VAL D 706 46.19 36.66 3.64
N LEU D 707 45.83 35.91 4.66
CA LEU D 707 45.24 36.47 5.87
C LEU D 707 46.13 37.56 6.49
N PHE D 708 47.44 37.33 6.51
CA PHE D 708 48.37 38.38 6.95
C PHE D 708 48.16 39.72 6.21
N ILE D 709 48.11 39.67 4.89
CA ILE D 709 47.88 40.86 4.07
C ILE D 709 46.49 41.47 4.34
N VAL D 710 45.47 40.61 4.40
CA VAL D 710 44.12 41.08 4.70
C VAL D 710 44.06 41.74 6.08
N ASP D 711 44.80 41.17 7.03
CA ASP D 711 44.72 41.60 8.42
C ASP D 711 45.71 42.71 8.76
N LYS D 712 46.99 42.35 8.90
CA LYS D 712 47.99 43.29 9.37
C LYS D 712 48.29 44.40 8.36
N PHE D 713 47.98 44.17 7.09
CA PHE D 713 48.26 45.17 6.05
C PHE D 713 47.03 46.03 5.71
N ALA D 714 45.90 45.38 5.43
CA ALA D 714 44.70 46.10 5.02
C ALA D 714 43.91 46.58 6.24
N GLY D 715 44.04 45.88 7.35
CA GLY D 715 43.29 46.19 8.55
C GLY D 715 41.84 45.79 8.38
N ALA D 716 41.61 44.80 7.52
CA ALA D 716 40.25 44.33 7.20
C ALA D 716 39.89 43.07 7.96
N LYS D 717 40.05 43.12 9.29
CA LYS D 717 39.83 41.94 10.15
C LYS D 717 38.41 41.39 10.06
N HIS D 718 37.46 42.20 9.60
CA HIS D 718 36.08 41.76 9.56
C HIS D 718 35.86 40.72 8.48
N LEU D 719 36.73 40.73 7.46
CA LEU D 719 36.67 39.70 6.44
C LEU D 719 37.10 38.35 7.02
N ILE D 720 38.04 38.42 7.97
CA ILE D 720 38.59 37.22 8.60
C ILE D 720 37.64 36.62 9.65
N ASN D 721 36.97 37.48 10.43
CA ASN D 721 35.98 37.01 11.41
C ASN D 721 34.84 36.26 10.71
N GLU D 722 34.68 36.57 9.43
CA GLU D 722 33.69 35.96 8.57
C GLU D 722 34.15 34.55 8.16
N MET D 723 35.45 34.31 8.28
CA MET D 723 36.03 33.01 7.95
C MET D 723 36.04 32.04 9.14
N LYS D 724 36.31 30.76 8.84
CA LYS D 724 36.56 29.76 9.86
C LYS D 724 38.05 29.43 9.92
N LEU D 725 38.72 29.94 10.95
CA LEU D 725 40.13 29.66 11.16
C LEU D 725 40.32 28.44 12.06
N VAL D 726 41.03 27.43 11.54
CA VAL D 726 41.19 26.15 12.23
C VAL D 726 42.67 25.77 12.39
N HIS D 727 42.92 24.74 13.19
CA HIS D 727 44.28 24.21 13.40
C HIS D 727 44.30 22.70 13.22
N PRO D 728 44.50 22.23 11.98
CA PRO D 728 44.42 20.80 11.69
C PRO D 728 45.55 20.00 12.32
N LYS D 729 46.72 20.63 12.48
CA LYS D 729 47.86 19.96 13.09
C LYS D 729 47.79 20.08 14.60
N LYS D 730 47.13 19.09 15.23
CA LYS D 730 46.89 19.03 16.68
C LYS D 730 45.79 20.00 17.08
N ARG E . 24.47 -20.50 15.95
CA ARG E . 23.46 -19.86 15.12
C ARG E . 22.08 -20.25 15.69
O ARG E . 21.77 -21.43 15.80
CB ARG E . 23.60 -20.29 13.66
CG ARG E . 24.90 -19.82 12.99
CD ARG E . 25.03 -20.36 11.57
NE ARG E . 25.00 -21.82 11.53
CZ ARG E . 26.09 -22.60 11.58
NH1 ARG E . 27.30 -22.05 11.66
NH2 ARG E . 25.97 -23.93 11.55
N ASP F . 21.27 -19.25 16.05
CA ASP F . 19.98 -19.50 16.68
C ASP F . 18.80 -19.50 15.72
O ASP F . 17.74 -18.93 16.02
CB ASP F . 19.73 -18.47 17.80
CG ASP F . 20.34 -18.89 19.13
OD1 ASP F . 20.58 -20.09 19.33
OD2 ASP F . 20.56 -18.00 19.99
N ARG G . -49.97 -34.86 -6.23
CA ARG G . -49.75 -34.65 -4.83
C ARG G . -48.46 -33.84 -4.68
O ARG G . -47.45 -34.19 -5.27
CB ARG G . -49.65 -35.99 -4.08
CG ARG G . -50.91 -36.87 -4.19
CD ARG G . -50.70 -38.18 -3.47
NE ARG G . -49.77 -39.06 -4.17
CZ ARG G . -50.15 -40.04 -4.99
NH1 ARG G . -51.45 -40.26 -5.18
NH2 ARG G . -49.25 -40.81 -5.58
N ASP H . -48.48 -32.78 -3.89
CA ASP H . -47.28 -31.94 -3.82
C ASP H . -46.37 -32.24 -2.63
O ASP H . -46.10 -33.41 -2.33
CB ASP H . -47.69 -30.49 -3.82
CG ASP H . -47.74 -29.93 -5.20
OD1 ASP H . -47.05 -30.50 -6.07
OD2 ASP H . -48.46 -28.95 -5.41
CL CL I . -35.37 -3.52 10.49
CL CL J . 56.24 35.35 14.38
CL CL K . 48.29 26.82 -13.25
NA NA L . 61.68 19.10 -1.16
#